data_8QBD
#
_entry.id   8QBD
#
_cell.length_a   1.00
_cell.length_b   1.00
_cell.length_c   1.00
_cell.angle_alpha   90.00
_cell.angle_beta   90.00
_cell.angle_gamma   90.00
#
_symmetry.space_group_name_H-M   'P 1'
#
loop_
_entity.id
_entity.type
_entity.pdbx_description
1 polymer 'Sphingolipid long chain base-responsive protein PIL1'
2 non-polymer D-MYO-INOSITOL-1,4,5-TRIPHOSPHATE
3 non-polymer O-[(R)-{[(2R)-2,3-bis(octadecanoyloxy)propyl]oxy}(hydroxy)phosphoryl]-L-serine
#
_entity_poly.entity_id   1
_entity_poly.type   'polypeptide(L)'
_entity_poly.pdbx_seq_one_letter_code
;MHRTYSLRNSRAPTASQLQNPPPPPSTTKGRFFGKGGLAYSFRRSAAGAFGPELSRKLSQLVKIEKNVLRSMELTANERR
DAAKQLSIWGLENDDDVSDITDKLGVLIYEVSELDDQFIDRYDQYRLTLKSIRDIEGSVQPSRDRKDKITDKIAYLKYKD
PQSPKIEVLEQELVRAEAESLVAEAQLSNITRSKLRAAFNYQFDSIIEHSEKIALIAGYGKALLELLDDSPVTPGETRPA
YDGYEASKQIIIDAESALNEWTLDSAQVKPTLSFKQDYEDFEPEEGEEEEEEDGQGRWSEDEQEDGQIEEPEQEEEGAVE
EHEQVGHQQSESLPQQTTA
;
_entity_poly.pdbx_strand_id   A,B,C,I,D,J,E,K,F,L,G,M,H,N
#
# COMPACT_ATOMS: atom_id res chain seq x y z
N MET A 1 15.27 -34.20 -4.14
CA MET A 1 15.99 -33.24 -4.98
C MET A 1 15.66 -33.43 -6.45
N HIS A 2 14.45 -33.02 -6.85
CA HIS A 2 14.06 -33.13 -8.24
C HIS A 2 14.84 -32.15 -9.12
N ARG A 3 15.07 -30.94 -8.62
CA ARG A 3 15.78 -29.93 -9.40
C ARG A 3 17.22 -30.33 -9.65
N THR A 4 17.89 -30.89 -8.65
CA THR A 4 19.32 -31.16 -8.78
C THR A 4 19.59 -32.25 -9.80
N TYR A 5 18.90 -33.39 -9.69
CA TYR A 5 19.27 -34.57 -10.45
C TYR A 5 18.60 -34.64 -11.81
N SER A 6 17.83 -33.64 -12.20
CA SER A 6 17.18 -33.62 -13.50
C SER A 6 16.96 -32.18 -13.93
N LEU A 7 17.14 -31.91 -15.23
CA LEU A 7 16.91 -30.57 -15.75
C LEU A 7 15.44 -30.19 -15.71
N ARG A 8 14.54 -31.15 -15.56
CA ARG A 8 13.12 -30.86 -15.48
C ARG A 8 12.79 -30.13 -14.18
N ASN A 9 11.80 -29.23 -14.27
CA ASN A 9 11.31 -28.51 -13.11
C ASN A 9 10.10 -29.18 -12.47
N SER A 10 9.67 -30.33 -12.99
CA SER A 10 8.52 -31.05 -12.47
C SER A 10 8.94 -31.92 -11.30
N ARG A 11 8.05 -32.80 -10.86
CA ARG A 11 8.28 -33.67 -9.72
C ARG A 11 8.41 -35.11 -10.20
N ALA A 12 9.51 -35.76 -9.81
CA ALA A 12 9.71 -37.15 -10.19
C ALA A 12 8.77 -38.06 -9.38
N PRO A 13 8.34 -39.17 -9.98
CA PRO A 13 7.47 -40.10 -9.24
C PRO A 13 8.16 -40.67 -8.02
N THR A 14 7.39 -40.89 -6.97
CA THR A 14 7.88 -41.46 -5.71
C THR A 14 6.83 -42.42 -5.18
N ALA A 15 7.08 -42.95 -3.98
CA ALA A 15 6.14 -43.89 -3.38
C ALA A 15 4.79 -43.23 -3.10
N SER A 16 4.82 -42.02 -2.55
CA SER A 16 3.57 -41.30 -2.30
C SER A 16 2.88 -40.95 -3.61
N GLN A 17 3.64 -40.54 -4.62
CA GLN A 17 3.05 -40.23 -5.92
C GLN A 17 2.44 -41.47 -6.56
N LEU A 18 3.12 -42.61 -6.45
CA LEU A 18 2.57 -43.85 -7.00
C LEU A 18 1.30 -44.26 -6.26
N GLN A 19 1.29 -44.14 -4.94
CA GLN A 19 0.11 -44.51 -4.16
C GLN A 19 -1.07 -43.58 -4.48
N ASN A 20 -0.81 -42.28 -4.56
CA ASN A 20 -1.84 -41.29 -4.84
C ASN A 20 -1.30 -40.26 -5.83
N PRO A 21 -1.98 -40.01 -6.94
CA PRO A 21 -1.50 -39.03 -7.91
C PRO A 21 -1.43 -37.65 -7.28
N PRO A 22 -0.43 -36.85 -7.65
CA PRO A 22 -0.28 -35.51 -7.08
C PRO A 22 -1.47 -34.62 -7.43
N PRO A 23 -1.90 -33.77 -6.52
CA PRO A 23 -3.02 -32.87 -6.81
C PRO A 23 -2.60 -31.79 -7.79
N PRO A 24 -3.55 -31.19 -8.52
CA PRO A 24 -3.19 -30.11 -9.43
C PRO A 24 -2.69 -28.90 -8.65
N PRO A 25 -1.87 -28.05 -9.28
CA PRO A 25 -1.36 -26.88 -8.57
C PRO A 25 -2.47 -25.93 -8.18
N SER A 26 -2.25 -25.20 -7.09
CA SER A 26 -3.25 -24.29 -6.57
C SER A 26 -3.57 -23.20 -7.59
N THR A 27 -4.87 -22.94 -7.77
CA THR A 27 -5.32 -21.96 -8.74
C THR A 27 -5.09 -20.52 -8.29
N THR A 28 -5.03 -20.28 -6.98
CA THR A 28 -4.86 -18.92 -6.45
C THR A 28 -3.39 -18.57 -6.25
N LYS A 29 -2.59 -18.76 -7.30
CA LYS A 29 -1.17 -18.41 -7.31
C LYS A 29 -0.97 -17.39 -8.43
N GLY A 30 -1.17 -16.12 -8.12
CA GLY A 30 -1.06 -15.09 -9.12
C GLY A 30 0.37 -14.81 -9.54
N ARG A 31 0.50 -14.18 -10.71
CA ARG A 31 1.82 -13.85 -11.23
C ARG A 31 2.48 -12.76 -10.38
N PHE A 32 1.71 -11.77 -9.93
CA PHE A 32 2.26 -10.70 -9.13
C PHE A 32 2.64 -11.20 -7.75
N PHE A 33 3.85 -10.84 -7.29
CA PHE A 33 4.32 -11.31 -6.00
C PHE A 33 3.49 -10.72 -4.85
N GLY A 34 3.31 -9.41 -4.85
CA GLY A 34 2.59 -8.76 -3.77
C GLY A 34 3.21 -8.99 -2.40
N LYS A 35 4.55 -8.89 -2.31
CA LYS A 35 5.27 -9.21 -1.10
C LYS A 35 5.29 -8.00 -0.16
N GLY A 36 4.10 -7.62 0.29
CA GLY A 36 3.95 -6.51 1.22
C GLY A 36 4.46 -5.19 0.71
N GLY A 37 4.21 -4.89 -0.57
CA GLY A 37 4.70 -3.64 -1.12
C GLY A 37 6.20 -3.64 -1.30
N LEU A 38 6.78 -2.45 -1.30
CA LEU A 38 8.21 -2.27 -1.47
C LEU A 38 8.97 -2.20 -0.15
N ALA A 39 8.28 -2.33 0.98
CA ALA A 39 8.95 -2.28 2.27
C ALA A 39 9.94 -3.42 2.44
N TYR A 40 9.55 -4.63 2.02
CA TYR A 40 10.45 -5.77 2.11
C TYR A 40 11.70 -5.55 1.25
N SER A 41 11.50 -5.06 0.01
CA SER A 41 12.64 -4.82 -0.87
C SER A 41 13.56 -3.75 -0.32
N PHE A 42 12.98 -2.69 0.26
CA PHE A 42 13.80 -1.62 0.83
C PHE A 42 14.60 -2.13 2.03
N ARG A 43 13.95 -2.87 2.93
CA ARG A 43 14.66 -3.44 4.06
C ARG A 43 15.75 -4.40 3.60
N ARG A 44 15.52 -5.08 2.48
CA ARG A 44 16.47 -6.04 1.95
C ARG A 44 17.68 -5.36 1.32
N SER A 45 17.45 -4.25 0.61
CA SER A 45 18.51 -3.61 -0.17
C SER A 45 19.30 -2.60 0.64
N ALA A 46 18.64 -1.82 1.50
CA ALA A 46 19.35 -0.77 2.24
C ALA A 46 20.36 -1.35 3.23
N ALA A 47 20.09 -2.54 3.77
CA ALA A 47 20.97 -3.13 4.77
C ALA A 47 22.28 -3.65 4.17
N GLY A 48 22.31 -3.96 2.88
CA GLY A 48 23.46 -4.54 2.26
C GLY A 48 24.46 -3.58 1.65
N ALA A 49 24.26 -2.27 1.82
CA ALA A 49 25.18 -1.29 1.22
C ALA A 49 25.46 -0.12 2.14
N PHE A 50 25.43 -0.31 3.46
CA PHE A 50 25.63 0.79 4.40
C PHE A 50 26.83 0.57 5.31
N GLY A 51 26.95 -0.61 5.91
CA GLY A 51 27.99 -0.87 6.88
C GLY A 51 29.28 -1.37 6.28
N PRO A 52 30.14 -1.97 7.10
CA PRO A 52 31.41 -2.49 6.59
C PRO A 52 31.21 -3.63 5.60
N GLU A 53 32.17 -3.78 4.70
CA GLU A 53 32.04 -4.75 3.63
C GLU A 53 32.05 -6.19 4.16
N LEU A 54 32.79 -6.44 5.25
CA LEU A 54 32.92 -7.81 5.75
C LEU A 54 31.59 -8.36 6.24
N SER A 55 30.81 -7.54 6.94
CA SER A 55 29.55 -7.98 7.55
C SER A 55 28.33 -7.55 6.75
N ARG A 56 28.46 -7.43 5.44
CA ARG A 56 27.32 -7.00 4.62
C ARG A 56 26.31 -8.13 4.40
N LYS A 57 26.79 -9.36 4.23
CA LYS A 57 25.88 -10.46 3.91
C LYS A 57 25.05 -10.89 5.11
N LEU A 58 25.66 -10.95 6.28
CA LEU A 58 24.95 -11.42 7.46
C LEU A 58 23.82 -10.48 7.86
N SER A 59 23.97 -9.18 7.60
CA SER A 59 22.87 -8.25 7.85
C SER A 59 21.68 -8.56 6.95
N GLN A 60 21.95 -8.85 5.67
CA GLN A 60 20.88 -9.22 4.75
C GLN A 60 20.21 -10.52 5.21
N LEU A 61 21.00 -11.50 5.66
CA LEU A 61 20.43 -12.73 6.16
C LEU A 61 19.56 -12.49 7.38
N VAL A 62 20.00 -11.61 8.28
CA VAL A 62 19.21 -11.29 9.47
C VAL A 62 17.89 -10.64 9.08
N LYS A 63 17.93 -9.71 8.13
CA LYS A 63 16.70 -9.06 7.67
C LYS A 63 15.74 -10.08 7.04
N ILE A 64 16.28 -10.99 6.23
CA ILE A 64 15.42 -11.99 5.59
C ILE A 64 14.82 -12.93 6.63
N GLU A 65 15.62 -13.29 7.64
CA GLU A 65 15.09 -14.11 8.73
C GLU A 65 13.99 -13.37 9.48
N LYS A 66 14.15 -12.05 9.66
CA LYS A 66 13.10 -11.27 10.30
C LYS A 66 11.82 -11.31 9.48
N ASN A 67 11.92 -11.18 8.16
CA ASN A 67 10.73 -11.26 7.31
C ASN A 67 10.07 -12.64 7.43
N VAL A 68 10.89 -13.70 7.41
CA VAL A 68 10.37 -15.04 7.56
C VAL A 68 9.62 -15.21 8.87
N LEU A 69 10.20 -14.72 9.97
CA LEU A 69 9.53 -14.83 11.27
C LEU A 69 8.26 -13.99 11.31
N ARG A 70 8.26 -12.84 10.62
CA ARG A 70 7.09 -11.97 10.62
C ARG A 70 5.92 -12.63 9.91
N SER A 71 6.19 -13.34 8.81
CA SER A 71 5.10 -13.95 8.05
C SER A 71 4.33 -14.98 8.86
N MET A 72 5.03 -15.79 9.65
CA MET A 72 4.37 -16.88 10.37
C MET A 72 3.39 -16.35 11.42
N GLU A 73 3.64 -15.17 11.98
CA GLU A 73 2.70 -14.60 12.94
C GLU A 73 1.36 -14.31 12.28
N LEU A 74 1.39 -13.70 11.10
CA LEU A 74 0.16 -13.45 10.35
C LEU A 74 -0.53 -14.77 9.98
N THR A 75 0.26 -15.76 9.56
CA THR A 75 -0.32 -17.06 9.23
C THR A 75 -1.06 -17.65 10.42
N ALA A 76 -0.42 -17.62 11.60
CA ALA A 76 -1.03 -18.20 12.79
C ALA A 76 -2.28 -17.45 13.21
N ASN A 77 -2.24 -16.11 13.14
CA ASN A 77 -3.42 -15.32 13.47
C ASN A 77 -4.59 -15.65 12.54
N GLU A 78 -4.32 -15.75 11.25
CA GLU A 78 -5.37 -16.07 10.30
C GLU A 78 -5.94 -17.47 10.55
N ARG A 79 -5.08 -18.44 10.86
CA ARG A 79 -5.57 -19.78 11.13
C ARG A 79 -6.43 -19.82 12.38
N ARG A 80 -6.01 -19.12 13.44
CA ARG A 80 -6.81 -19.08 14.66
C ARG A 80 -8.17 -18.46 14.40
N ASP A 81 -8.20 -17.37 13.63
CA ASP A 81 -9.48 -16.71 13.38
C ASP A 81 -10.36 -17.58 12.47
N ALA A 82 -9.74 -18.34 11.58
CA ALA A 82 -10.49 -19.31 10.78
C ALA A 82 -11.13 -20.37 11.66
N ALA A 83 -10.40 -20.87 12.66
CA ALA A 83 -10.98 -21.82 13.59
C ALA A 83 -12.16 -21.21 14.35
N LYS A 84 -12.00 -19.96 14.79
CA LYS A 84 -13.10 -19.28 15.48
C LYS A 84 -14.32 -19.16 14.58
N GLN A 85 -14.11 -18.79 13.31
CA GLN A 85 -15.23 -18.64 12.39
C GLN A 85 -15.92 -19.98 12.13
N LEU A 86 -15.15 -21.06 12.00
CA LEU A 86 -15.76 -22.38 11.82
C LEU A 86 -16.59 -22.77 13.04
N SER A 87 -16.06 -22.50 14.24
CA SER A 87 -16.81 -22.80 15.45
C SER A 87 -18.11 -21.98 15.51
N ILE A 88 -18.04 -20.72 15.09
CA ILE A 88 -19.25 -19.89 15.08
C ILE A 88 -20.27 -20.43 14.10
N TRP A 89 -19.82 -20.82 12.90
CA TRP A 89 -20.71 -21.34 11.87
C TRP A 89 -21.35 -22.67 12.25
N GLY A 90 -20.64 -23.53 12.97
CA GLY A 90 -21.18 -24.84 13.29
C GLY A 90 -22.34 -24.85 14.26
N LEU A 91 -22.71 -23.72 14.83
CA LEU A 91 -23.75 -23.70 15.87
C LEU A 91 -25.12 -24.04 15.30
N GLU A 92 -25.48 -23.46 14.16
CA GLU A 92 -26.85 -23.56 13.64
C GLU A 92 -26.99 -24.77 12.72
N ASN A 93 -26.77 -25.95 13.31
CA ASN A 93 -26.90 -27.20 12.60
C ASN A 93 -27.38 -28.27 13.57
N ASP A 94 -27.25 -29.53 13.18
CA ASP A 94 -27.69 -30.62 14.02
C ASP A 94 -26.84 -30.73 15.27
N ASP A 95 -27.33 -31.50 16.25
CA ASP A 95 -26.66 -31.59 17.54
C ASP A 95 -25.25 -32.17 17.40
N ASP A 96 -25.10 -33.25 16.64
CA ASP A 96 -23.78 -33.87 16.49
C ASP A 96 -22.82 -32.94 15.75
N VAL A 97 -23.31 -32.26 14.70
CA VAL A 97 -22.47 -31.32 13.96
C VAL A 97 -22.13 -30.09 14.79
N SER A 98 -23.05 -29.60 15.61
CA SER A 98 -22.80 -28.44 16.46
C SER A 98 -21.80 -28.73 17.57
N ASP A 99 -21.45 -29.99 17.78
CA ASP A 99 -20.46 -30.37 18.79
C ASP A 99 -19.15 -30.79 18.15
N ILE A 100 -19.18 -31.57 17.07
CA ILE A 100 -17.96 -31.98 16.40
C ILE A 100 -17.22 -30.77 15.84
N THR A 101 -17.98 -29.83 15.26
CA THR A 101 -17.36 -28.61 14.73
C THR A 101 -16.68 -27.80 15.82
N ASP A 102 -17.34 -27.65 16.97
CA ASP A 102 -16.75 -26.91 18.07
C ASP A 102 -15.48 -27.60 18.58
N LYS A 103 -15.52 -28.93 18.71
CA LYS A 103 -14.34 -29.65 19.18
C LYS A 103 -13.18 -29.53 18.20
N LEU A 104 -13.48 -29.61 16.89
CA LEU A 104 -12.44 -29.43 15.89
C LEU A 104 -11.86 -28.03 15.91
N GLY A 105 -12.69 -27.01 16.11
CA GLY A 105 -12.17 -25.66 16.25
C GLY A 105 -11.27 -25.53 17.46
N VAL A 106 -11.67 -26.12 18.58
CA VAL A 106 -10.85 -26.09 19.78
C VAL A 106 -9.50 -26.76 19.53
N LEU A 107 -9.51 -27.91 18.85
CA LEU A 107 -8.25 -28.60 18.56
C LEU A 107 -7.37 -27.79 17.61
N ILE A 108 -7.97 -27.15 16.61
CA ILE A 108 -7.22 -26.40 15.61
C ILE A 108 -6.61 -25.16 16.26
N TYR A 109 -7.26 -24.66 17.31
CA TYR A 109 -6.85 -23.43 17.96
C TYR A 109 -5.42 -23.46 18.51
N GLU A 110 -4.84 -24.64 18.75
CA GLU A 110 -3.53 -24.73 19.38
C GLU A 110 -2.36 -24.60 18.41
N VAL A 111 -2.63 -24.61 17.10
CA VAL A 111 -1.55 -24.44 16.13
C VAL A 111 -0.90 -23.07 16.27
N SER A 112 -1.72 -22.03 16.47
CA SER A 112 -1.18 -20.69 16.70
C SER A 112 -0.38 -20.63 18.00
N GLU A 113 -0.85 -21.32 19.04
CA GLU A 113 -0.11 -21.35 20.30
C GLU A 113 1.26 -21.97 20.11
N LEU A 114 1.34 -23.07 19.36
CA LEU A 114 2.64 -23.66 19.07
C LEU A 114 3.50 -22.73 18.22
N ASP A 115 2.89 -22.06 17.23
CA ASP A 115 3.63 -21.18 16.34
C ASP A 115 4.22 -19.99 17.09
N ASP A 116 3.57 -19.54 18.15
CA ASP A 116 4.11 -18.42 18.92
C ASP A 116 5.44 -18.79 19.57
N GLN A 117 5.50 -19.97 20.20
CA GLN A 117 6.75 -20.43 20.80
C GLN A 117 7.81 -20.69 19.73
N PHE A 118 7.38 -21.23 18.58
CA PHE A 118 8.33 -21.42 17.49
C PHE A 118 8.91 -20.09 17.03
N ILE A 119 8.08 -19.05 16.96
CA ILE A 119 8.55 -17.73 16.56
C ILE A 119 9.53 -17.18 17.59
N ASP A 120 9.25 -17.38 18.87
CA ASP A 120 10.17 -16.91 19.91
C ASP A 120 11.54 -17.57 19.77
N ARG A 121 11.56 -18.89 19.56
CA ARG A 121 12.83 -19.58 19.39
C ARG A 121 13.54 -19.13 18.12
N TYR A 122 12.77 -18.85 17.06
CA TYR A 122 13.35 -18.31 15.83
C TYR A 122 14.03 -16.96 16.09
N ASP A 123 13.39 -16.10 16.87
CA ASP A 123 13.99 -14.82 17.20
C ASP A 123 15.27 -14.99 18.00
N GLN A 124 15.28 -15.96 18.93
CA GLN A 124 16.51 -16.24 19.67
C GLN A 124 17.64 -16.65 18.73
N TYR A 125 17.34 -17.52 17.77
CA TYR A 125 18.36 -17.94 16.81
C TYR A 125 18.84 -16.76 15.96
N ARG A 126 17.92 -15.88 15.57
CA ARG A 126 18.30 -14.71 14.80
C ARG A 126 19.25 -13.81 15.58
N LEU A 127 18.96 -13.61 16.87
CA LEU A 127 19.87 -12.82 17.71
C LEU A 127 21.24 -13.47 17.80
N THR A 128 21.27 -14.81 17.94
CA THR A 128 22.55 -15.51 18.00
C THR A 128 23.37 -15.27 16.75
N LEU A 129 22.73 -15.28 15.57
CA LEU A 129 23.47 -14.98 14.34
C LEU A 129 23.90 -13.52 14.28
N LYS A 130 23.04 -12.61 14.77
CA LYS A 130 23.39 -11.20 14.78
C LYS A 130 24.65 -10.93 15.59
N SER A 131 24.87 -11.71 16.65
CA SER A 131 26.09 -11.55 17.43
C SER A 131 27.34 -11.80 16.58
N ILE A 132 27.33 -12.87 15.78
CA ILE A 132 28.45 -13.16 14.90
C ILE A 132 28.63 -12.04 13.88
N ARG A 133 27.52 -11.57 13.31
CA ARG A 133 27.60 -10.46 12.37
C ARG A 133 28.32 -9.26 13.01
N ASP A 134 27.92 -8.91 14.24
CA ASP A 134 28.50 -7.76 14.90
C ASP A 134 29.99 -7.94 15.16
N ILE A 135 30.39 -9.12 15.63
CA ILE A 135 31.80 -9.30 15.98
C ILE A 135 32.68 -9.27 14.73
N GLU A 136 32.21 -9.87 13.62
CA GLU A 136 33.03 -9.82 12.40
C GLU A 136 33.11 -8.41 11.84
N GLY A 137 32.00 -7.66 11.91
CA GLY A 137 32.02 -6.27 11.48
C GLY A 137 32.97 -5.43 12.30
N SER A 138 33.08 -5.72 13.60
CA SER A 138 34.05 -5.01 14.43
C SER A 138 35.48 -5.46 14.14
N VAL A 139 35.65 -6.71 13.71
CA VAL A 139 37.00 -7.23 13.46
C VAL A 139 37.62 -6.59 12.23
N GLN A 140 36.82 -6.38 11.18
CA GLN A 140 37.37 -5.94 9.88
C GLN A 140 38.29 -4.71 9.92
N PRO A 141 38.00 -3.63 10.66
CA PRO A 141 38.84 -2.43 10.56
C PRO A 141 40.31 -2.63 10.88
N SER A 142 40.66 -3.61 11.72
CA SER A 142 42.07 -3.85 12.02
C SER A 142 42.83 -4.25 10.76
N ARG A 143 42.30 -5.22 10.01
CA ARG A 143 42.93 -5.61 8.76
C ARG A 143 42.88 -4.47 7.75
N ASP A 144 41.83 -3.65 7.77
CA ASP A 144 41.80 -2.49 6.89
C ASP A 144 42.98 -1.55 7.17
N ARG A 145 43.22 -1.25 8.45
CA ARG A 145 44.32 -0.37 8.83
C ARG A 145 45.66 -0.98 8.48
N LYS A 146 45.82 -2.28 8.69
CA LYS A 146 47.08 -2.94 8.34
C LYS A 146 47.35 -2.84 6.85
N ASP A 147 46.33 -3.06 6.01
CA ASP A 147 46.51 -2.94 4.57
C ASP A 147 46.87 -1.51 4.19
N LYS A 148 46.23 -0.52 4.82
CA LYS A 148 46.55 0.87 4.53
C LYS A 148 48.01 1.19 4.87
N ILE A 149 48.48 0.71 6.03
CA ILE A 149 49.86 0.97 6.43
C ILE A 149 50.83 0.30 5.46
N THR A 150 50.53 -0.93 5.04
CA THR A 150 51.40 -1.61 4.08
C THR A 150 51.47 -0.85 2.77
N ASP A 151 50.34 -0.36 2.27
CA ASP A 151 50.33 0.40 1.03
C ASP A 151 51.13 1.69 1.18
N LYS A 152 50.98 2.37 2.32
CA LYS A 152 51.75 3.60 2.53
C LYS A 152 53.24 3.33 2.53
N ILE A 153 53.67 2.25 3.21
CA ILE A 153 55.08 1.89 3.22
C ILE A 153 55.58 1.61 1.81
N ALA A 154 54.80 0.84 1.05
CA ALA A 154 55.21 0.48 -0.31
C ALA A 154 55.33 1.71 -1.20
N TYR A 155 54.43 2.67 -1.07
CA TYR A 155 54.51 3.88 -1.89
C TYR A 155 55.68 4.76 -1.47
N LEU A 156 55.87 4.94 -0.16
CA LEU A 156 56.93 5.84 0.30
C LEU A 156 58.31 5.27 0.03
N LYS A 157 58.45 3.94 0.02
CA LYS A 157 59.73 3.36 -0.37
C LYS A 157 60.06 3.66 -1.82
N TYR A 158 59.06 3.59 -2.71
CA TYR A 158 59.29 3.91 -4.11
C TYR A 158 59.60 5.40 -4.29
N LYS A 159 58.90 6.27 -3.57
CA LYS A 159 59.06 7.71 -3.80
C LYS A 159 60.49 8.15 -3.53
N ASP A 160 61.03 7.81 -2.37
CA ASP A 160 62.43 8.09 -2.05
C ASP A 160 62.89 7.22 -0.90
N PRO A 161 63.98 6.46 -1.07
CA PRO A 161 64.44 5.58 0.01
C PRO A 161 65.15 6.30 1.14
N GLN A 162 65.44 7.59 1.00
CA GLN A 162 66.19 8.34 2.00
C GLN A 162 65.32 9.01 3.05
N SER A 163 64.00 8.82 2.98
CA SER A 163 63.12 9.42 3.96
C SER A 163 63.34 8.80 5.34
N PRO A 164 63.27 9.60 6.40
CA PRO A 164 63.42 9.06 7.76
C PRO A 164 62.16 8.41 8.32
N LYS A 165 61.09 8.33 7.54
CA LYS A 165 59.83 7.75 8.00
C LYS A 165 59.74 6.25 7.77
N ILE A 166 60.79 5.63 7.23
CA ILE A 166 60.75 4.19 6.97
C ILE A 166 60.72 3.41 8.28
N GLU A 167 61.55 3.80 9.25
CA GLU A 167 61.67 3.03 10.48
C GLU A 167 60.39 3.07 11.30
N VAL A 168 59.82 4.27 11.47
CA VAL A 168 58.60 4.40 12.26
C VAL A 168 57.44 3.67 11.59
N LEU A 169 57.33 3.78 10.26
CA LEU A 169 56.28 3.08 9.55
C LEU A 169 56.45 1.58 9.65
N GLU A 170 57.69 1.08 9.58
CA GLU A 170 57.92 -0.35 9.72
C GLU A 170 57.56 -0.84 11.11
N GLN A 171 57.89 -0.05 12.15
CA GLN A 171 57.51 -0.42 13.51
C GLN A 171 55.99 -0.44 13.66
N GLU A 172 55.30 0.54 13.08
CA GLU A 172 53.84 0.54 13.12
C GLU A 172 53.27 -0.67 12.39
N LEU A 173 53.88 -1.05 11.27
CA LEU A 173 53.42 -2.21 10.51
C LEU A 173 53.59 -3.49 11.32
N VAL A 174 54.74 -3.65 11.99
CA VAL A 174 54.95 -4.86 12.78
C VAL A 174 54.00 -4.89 13.99
N ARG A 175 53.70 -3.72 14.56
CA ARG A 175 52.74 -3.65 15.65
C ARG A 175 51.35 -4.06 15.18
N ALA A 176 50.94 -3.56 14.00
CA ALA A 176 49.64 -3.92 13.46
C ALA A 176 49.57 -5.40 13.11
N GLU A 177 50.67 -5.96 12.60
CA GLU A 177 50.71 -7.40 12.31
C GLU A 177 50.56 -8.21 13.59
N ALA A 178 51.26 -7.80 14.66
CA ALA A 178 51.13 -8.50 15.93
C ALA A 178 49.71 -8.43 16.48
N GLU A 179 49.04 -7.29 16.29
CA GLU A 179 47.65 -7.16 16.71
C GLU A 179 46.73 -8.07 15.89
N SER A 180 46.90 -8.05 14.55
CA SER A 180 46.03 -8.85 13.69
C SER A 180 46.24 -10.34 13.89
N LEU A 181 47.43 -10.75 14.33
CA LEU A 181 47.70 -12.17 14.55
C LEU A 181 46.75 -12.73 15.61
N VAL A 182 46.47 -11.97 16.66
CA VAL A 182 45.50 -12.42 17.66
C VAL A 182 44.07 -12.04 17.27
N ALA A 183 43.89 -10.97 16.48
CA ALA A 183 42.55 -10.60 16.05
C ALA A 183 41.92 -11.69 15.20
N GLU A 184 42.68 -12.25 14.26
CA GLU A 184 42.14 -13.31 13.40
C GLU A 184 41.78 -14.54 14.22
N ALA A 185 42.63 -14.91 15.18
CA ALA A 185 42.35 -16.09 16.00
C ALA A 185 41.10 -15.88 16.83
N GLN A 186 40.95 -14.71 17.45
CA GLN A 186 39.76 -14.45 18.26
C GLN A 186 38.52 -14.30 17.41
N LEU A 187 38.65 -13.92 16.14
CA LEU A 187 37.50 -13.91 15.25
C LEU A 187 37.08 -15.32 14.88
N SER A 188 38.04 -16.18 14.54
CA SER A 188 37.73 -17.52 14.09
C SER A 188 37.36 -18.47 15.22
N ASN A 189 37.68 -18.12 16.47
CA ASN A 189 37.40 -19.04 17.58
C ASN A 189 35.91 -19.21 17.82
N ILE A 190 35.13 -18.14 17.74
CA ILE A 190 33.75 -18.18 18.22
C ILE A 190 32.71 -18.49 17.14
N THR A 191 33.07 -18.34 15.86
CA THR A 191 32.09 -18.54 14.80
C THR A 191 31.60 -19.99 14.75
N ARG A 192 32.54 -20.94 14.74
CA ARG A 192 32.18 -22.35 14.64
C ARG A 192 31.43 -22.85 15.85
N SER A 193 31.50 -22.13 16.98
CA SER A 193 30.75 -22.50 18.17
C SER A 193 29.35 -21.89 18.16
N LYS A 194 29.26 -20.59 17.90
CA LYS A 194 27.95 -19.94 17.93
C LYS A 194 27.04 -20.44 16.81
N LEU A 195 27.60 -20.66 15.61
CA LEU A 195 26.80 -21.20 14.52
C LEU A 195 26.24 -22.57 14.87
N ARG A 196 27.11 -23.43 15.42
CA ARG A 196 26.67 -24.78 15.80
C ARG A 196 25.59 -24.72 16.86
N ALA A 197 25.77 -23.89 17.89
CA ALA A 197 24.76 -23.79 18.95
C ALA A 197 23.43 -23.29 18.40
N ALA A 198 23.46 -22.24 17.58
CA ALA A 198 22.23 -21.69 17.03
C ALA A 198 21.50 -22.71 16.17
N PHE A 199 22.23 -23.42 15.32
CA PHE A 199 21.59 -24.39 14.43
C PHE A 199 21.05 -25.58 15.21
N ASN A 200 21.75 -26.02 16.25
CA ASN A 200 21.23 -27.09 17.09
C ASN A 200 19.93 -26.66 17.78
N TYR A 201 19.90 -25.42 18.30
CA TYR A 201 18.68 -24.93 18.93
C TYR A 201 17.53 -24.88 17.92
N GLN A 202 17.80 -24.37 16.72
CA GLN A 202 16.77 -24.28 15.70
C GLN A 202 16.22 -25.65 15.32
N PHE A 203 17.12 -26.63 15.14
CA PHE A 203 16.67 -27.97 14.77
C PHE A 203 15.87 -28.62 15.88
N ASP A 204 16.29 -28.43 17.14
CA ASP A 204 15.51 -28.96 18.26
C ASP A 204 14.11 -28.36 18.30
N SER A 205 14.02 -27.04 18.10
CA SER A 205 12.71 -26.38 18.08
C SER A 205 11.84 -26.92 16.96
N ILE A 206 12.43 -27.10 15.77
CA ILE A 206 11.66 -27.62 14.63
C ILE A 206 11.14 -29.01 14.93
N ILE A 207 11.99 -29.87 15.50
CA ILE A 207 11.57 -31.24 15.80
C ILE A 207 10.42 -31.23 16.80
N GLU A 208 10.55 -30.44 17.87
CA GLU A 208 9.51 -30.40 18.89
C GLU A 208 8.19 -29.92 18.31
N HIS A 209 8.23 -28.83 17.53
CA HIS A 209 7.01 -28.28 16.95
C HIS A 209 6.34 -29.27 16.01
N SER A 210 7.14 -29.92 15.16
CA SER A 210 6.57 -30.87 14.20
C SER A 210 5.94 -32.06 14.92
N GLU A 211 6.61 -32.59 15.94
CA GLU A 211 6.05 -33.74 16.66
C GLU A 211 4.75 -33.36 17.37
N LYS A 212 4.71 -32.18 17.99
CA LYS A 212 3.48 -31.75 18.66
C LYS A 212 2.34 -31.59 17.65
N ILE A 213 2.63 -31.00 16.48
CA ILE A 213 1.60 -30.84 15.46
C ILE A 213 1.10 -32.19 14.99
N ALA A 214 2.01 -33.14 14.77
CA ALA A 214 1.60 -34.47 14.31
C ALA A 214 0.72 -35.16 15.35
N LEU A 215 1.08 -35.06 16.63
CA LEU A 215 0.26 -35.67 17.68
C LEU A 215 -1.13 -35.05 17.72
N ILE A 216 -1.20 -33.71 17.62
CA ILE A 216 -2.49 -33.04 17.64
C ILE A 216 -3.35 -33.49 16.47
N ALA A 217 -2.75 -33.59 15.27
CA ALA A 217 -3.50 -34.02 14.10
C ALA A 217 -4.00 -35.45 14.24
N GLY A 218 -3.16 -36.34 14.79
CA GLY A 218 -3.59 -37.71 15.00
C GLY A 218 -4.77 -37.81 15.95
N TYR A 219 -4.71 -37.07 17.07
CA TYR A 219 -5.84 -37.11 18.00
C TYR A 219 -7.07 -36.45 17.41
N GLY A 220 -6.89 -35.44 16.55
CA GLY A 220 -8.03 -34.86 15.85
C GLY A 220 -8.72 -35.86 14.94
N LYS A 221 -7.93 -36.64 14.20
CA LYS A 221 -8.50 -37.71 13.38
C LYS A 221 -9.22 -38.73 14.25
N ALA A 222 -8.62 -39.08 15.39
CA ALA A 222 -9.27 -40.03 16.29
C ALA A 222 -10.63 -39.51 16.76
N LEU A 223 -10.70 -38.22 17.09
CA LEU A 223 -11.97 -37.63 17.51
C LEU A 223 -12.97 -37.62 16.35
N LEU A 224 -12.52 -37.22 15.16
CA LEU A 224 -13.42 -37.15 14.01
C LEU A 224 -13.94 -38.52 13.59
N GLU A 225 -13.23 -39.59 13.93
CA GLU A 225 -13.68 -40.93 13.58
C GLU A 225 -15.02 -41.25 14.22
N LEU A 226 -15.39 -40.52 15.26
CA LEU A 226 -16.63 -40.74 15.99
C LEU A 226 -17.86 -40.21 15.26
N LEU A 227 -17.67 -39.28 14.32
CA LEU A 227 -18.78 -38.65 13.62
C LEU A 227 -19.39 -39.68 12.67
N ASP A 228 -20.54 -40.22 13.07
CA ASP A 228 -21.21 -41.24 12.27
C ASP A 228 -22.02 -40.57 11.16
N ASP A 229 -21.99 -41.17 9.97
CA ASP A 229 -22.77 -40.71 8.83
C ASP A 229 -23.47 -41.89 8.17
N SER A 230 -24.70 -41.66 7.74
CA SER A 230 -25.48 -42.65 7.00
C SER A 230 -26.51 -41.91 6.18
N PRO A 231 -26.79 -42.36 4.95
CA PRO A 231 -27.82 -41.70 4.15
C PRO A 231 -29.20 -41.83 4.79
N VAL A 232 -29.98 -40.77 4.69
CA VAL A 232 -31.32 -40.72 5.28
C VAL A 232 -32.33 -40.50 4.16
N THR A 233 -33.41 -41.28 4.20
CA THR A 233 -34.48 -41.13 3.23
C THR A 233 -35.40 -39.98 3.62
N PRO A 234 -36.08 -39.38 2.64
CA PRO A 234 -36.99 -38.27 2.95
C PRO A 234 -38.08 -38.72 3.92
N GLY A 235 -38.40 -37.84 4.87
CA GLY A 235 -39.41 -38.11 5.88
C GLY A 235 -38.90 -38.82 7.11
N GLU A 236 -37.69 -39.37 7.08
CA GLU A 236 -37.15 -40.08 8.23
C GLU A 236 -36.52 -39.11 9.22
N THR A 237 -36.41 -39.56 10.46
CA THR A 237 -35.79 -38.78 11.53
C THR A 237 -34.58 -39.54 12.05
N ARG A 238 -33.43 -38.87 12.08
CA ARG A 238 -32.22 -39.50 12.57
C ARG A 238 -32.33 -39.76 14.08
N PRO A 239 -31.75 -40.85 14.58
CA PRO A 239 -31.77 -41.10 16.02
C PRO A 239 -31.02 -40.03 16.78
N ALA A 240 -31.45 -39.77 18.01
CA ALA A 240 -30.81 -38.77 18.84
C ALA A 240 -29.36 -39.14 19.08
N TYR A 241 -28.47 -38.17 18.87
CA TYR A 241 -27.03 -38.41 19.02
C TYR A 241 -26.63 -38.26 20.49
N ASP A 242 -25.96 -39.28 21.02
CA ASP A 242 -25.47 -39.28 22.40
C ASP A 242 -23.99 -39.70 22.37
N GLY A 243 -23.11 -38.73 22.21
CA GLY A 243 -21.69 -38.98 22.22
C GLY A 243 -20.91 -37.87 22.89
N TYR A 244 -21.58 -37.16 23.81
CA TYR A 244 -20.96 -36.01 24.47
C TYR A 244 -19.77 -36.42 25.32
N GLU A 245 -19.87 -37.54 26.03
CA GLU A 245 -18.84 -37.95 26.98
C GLU A 245 -17.54 -38.35 26.28
N ALA A 246 -17.65 -39.07 25.17
CA ALA A 246 -16.47 -39.60 24.47
C ALA A 246 -15.56 -38.48 23.98
N SER A 247 -16.16 -37.41 23.43
CA SER A 247 -15.36 -36.29 22.94
C SER A 247 -14.61 -35.61 24.07
N LYS A 248 -15.25 -35.47 25.24
CA LYS A 248 -14.57 -34.88 26.39
C LYS A 248 -13.36 -35.71 26.80
N GLN A 249 -13.52 -37.04 26.84
CA GLN A 249 -12.39 -37.91 27.16
C GLN A 249 -11.30 -37.79 26.11
N ILE A 250 -11.67 -37.68 24.83
CA ILE A 250 -10.69 -37.57 23.77
C ILE A 250 -9.86 -36.30 23.92
N ILE A 251 -10.53 -35.16 24.17
CA ILE A 251 -9.78 -33.91 24.29
C ILE A 251 -8.98 -33.88 25.58
N ILE A 252 -9.47 -34.50 26.65
CA ILE A 252 -8.69 -34.60 27.87
C ILE A 252 -7.43 -35.42 27.64
N ASP A 253 -7.55 -36.53 26.91
CA ASP A 253 -6.37 -37.33 26.56
C ASP A 253 -5.41 -36.54 25.70
N ALA A 254 -5.94 -35.71 24.78
CA ALA A 254 -5.08 -34.87 23.97
C ALA A 254 -4.29 -33.89 24.82
N GLU A 255 -4.96 -33.25 25.78
CA GLU A 255 -4.28 -32.33 26.69
C GLU A 255 -3.21 -33.06 27.50
N SER A 256 -3.53 -34.25 28.02
CA SER A 256 -2.56 -35.00 28.81
C SER A 256 -1.35 -35.39 27.98
N ALA A 257 -1.57 -35.85 26.74
CA ALA A 257 -0.46 -36.24 25.88
C ALA A 257 0.39 -35.03 25.51
N LEU A 258 -0.24 -33.88 25.23
CA LEU A 258 0.52 -32.69 24.89
C LEU A 258 1.35 -32.21 26.07
N ASN A 259 0.79 -32.25 27.28
CA ASN A 259 1.52 -31.78 28.44
C ASN A 259 2.65 -32.73 28.82
N GLU A 260 2.41 -34.04 28.71
CA GLU A 260 3.37 -35.04 29.15
C GLU A 260 4.59 -35.13 28.23
N TRP A 261 4.44 -34.80 26.95
CA TRP A 261 5.51 -35.00 25.99
C TRP A 261 6.75 -34.19 26.36
N THR A 262 7.91 -34.84 26.27
CA THR A 262 9.20 -34.21 26.50
C THR A 262 10.10 -34.44 25.28
N LEU A 263 11.17 -33.65 25.21
CA LEU A 263 12.11 -33.78 24.11
C LEU A 263 12.79 -35.15 24.12
N ASP A 264 13.17 -35.63 25.31
CA ASP A 264 13.81 -36.94 25.42
C ASP A 264 12.88 -38.08 25.04
N SER A 265 11.57 -37.87 25.09
CA SER A 265 10.58 -38.88 24.74
C SER A 265 10.06 -38.71 23.32
N ALA A 266 10.93 -38.29 22.40
CA ALA A 266 10.52 -38.08 21.02
C ALA A 266 10.11 -39.40 20.38
N GLN A 267 8.96 -39.40 19.71
CA GLN A 267 8.47 -40.61 19.08
C GLN A 267 9.23 -40.92 17.79
N VAL A 268 9.60 -39.90 17.04
CA VAL A 268 10.30 -40.10 15.77
C VAL A 268 11.77 -40.43 16.06
N LYS A 269 12.23 -41.53 15.50
CA LYS A 269 13.63 -41.97 15.65
C LYS A 269 14.29 -42.03 14.28
N PRO A 270 15.02 -40.99 13.88
CA PRO A 270 15.68 -41.02 12.57
C PRO A 270 16.69 -42.16 12.48
N THR A 271 16.77 -42.76 11.30
CA THR A 271 17.69 -43.86 11.07
C THR A 271 19.09 -43.37 10.74
N MET B 1 -4.37 -25.82 26.88
CA MET B 1 -5.45 -24.84 26.97
C MET B 1 -5.25 -23.91 28.17
N HIS B 2 -4.27 -23.00 28.06
CA HIS B 2 -4.03 -22.05 29.14
C HIS B 2 -5.17 -21.05 29.26
N ARG B 3 -5.69 -20.59 28.12
CA ARG B 3 -6.76 -19.59 28.14
C ARG B 3 -8.03 -20.14 28.76
N THR B 4 -8.38 -21.39 28.44
CA THR B 4 -9.66 -21.94 28.88
C THR B 4 -9.71 -22.12 30.39
N TYR B 5 -8.71 -22.77 30.96
CA TYR B 5 -8.77 -23.23 32.34
C TYR B 5 -8.27 -22.19 33.33
N SER B 6 -7.90 -21.00 32.89
CA SER B 6 -7.44 -19.95 33.78
C SER B 6 -7.71 -18.59 33.14
N LEU B 7 -8.13 -17.63 33.97
CA LEU B 7 -8.38 -16.28 33.47
C LEU B 7 -7.10 -15.59 33.02
N ARG B 8 -5.94 -16.09 33.43
CA ARG B 8 -4.67 -15.51 33.02
C ARG B 8 -4.43 -15.73 31.52
N ASN B 9 -3.78 -14.75 30.90
CA ASN B 9 -3.40 -14.85 29.50
C ASN B 9 -1.98 -15.36 29.32
N SER B 10 -1.29 -15.69 30.40
CA SER B 10 0.09 -16.18 30.35
C SER B 10 0.09 -17.69 30.07
N ARG B 11 1.26 -18.30 30.20
CA ARG B 11 1.42 -19.73 29.93
C ARG B 11 1.69 -20.47 31.24
N ALA B 12 0.89 -21.50 31.50
CA ALA B 12 1.07 -22.29 32.70
C ALA B 12 2.33 -23.16 32.58
N PRO B 13 3.01 -23.42 33.69
CA PRO B 13 4.20 -24.28 33.64
C PRO B 13 3.85 -25.69 33.17
N THR B 14 4.79 -26.28 32.42
CA THR B 14 4.64 -27.64 31.91
C THR B 14 5.98 -28.34 32.00
N ALA B 15 6.05 -29.57 31.48
CA ALA B 15 7.29 -30.32 31.52
C ALA B 15 8.40 -29.63 30.73
N SER B 16 8.07 -29.15 29.52
CA SER B 16 9.05 -28.42 28.73
C SER B 16 9.46 -27.12 29.40
N GLN B 17 8.49 -26.42 30.00
CA GLN B 17 8.81 -25.18 30.70
C GLN B 17 9.69 -25.45 31.92
N LEU B 18 9.40 -26.52 32.66
CA LEU B 18 10.24 -26.86 33.81
C LEU B 18 11.65 -27.25 33.37
N GLN B 19 11.77 -28.02 32.29
CA GLN B 19 13.09 -28.41 31.81
C GLN B 19 13.88 -27.21 31.31
N ASN B 20 13.22 -26.31 30.56
CA ASN B 20 13.88 -25.13 30.02
C ASN B 20 12.93 -23.94 30.16
N PRO B 21 13.38 -22.84 30.76
CA PRO B 21 12.51 -21.67 30.90
C PRO B 21 12.09 -21.13 29.54
N PRO B 22 10.87 -20.64 29.42
CA PRO B 22 10.39 -20.12 28.13
C PRO B 22 11.20 -18.91 27.70
N PRO B 23 11.46 -18.76 26.40
CA PRO B 23 12.20 -17.61 25.91
C PRO B 23 11.36 -16.35 26.00
N PRO B 24 11.99 -15.18 26.06
CA PRO B 24 11.22 -13.93 26.08
C PRO B 24 10.48 -13.74 24.77
N PRO B 25 9.36 -13.00 24.79
CA PRO B 25 8.60 -12.79 23.56
C PRO B 25 9.42 -12.04 22.52
N SER B 26 9.11 -12.30 21.24
CA SER B 26 9.84 -11.70 20.15
C SER B 26 9.70 -10.18 20.18
N THR B 27 10.83 -9.48 19.99
CA THR B 27 10.84 -8.03 20.05
C THR B 27 10.24 -7.39 18.80
N THR B 28 10.25 -8.07 17.66
CA THR B 28 9.75 -7.52 16.41
C THR B 28 8.27 -7.87 16.21
N LYS B 29 7.45 -7.56 17.21
CA LYS B 29 6.01 -7.73 17.14
C LYS B 29 5.37 -6.37 17.37
N GLY B 30 5.20 -5.62 16.27
CA GLY B 30 4.68 -4.28 16.37
C GLY B 30 3.19 -4.24 16.68
N ARG B 31 2.75 -3.10 17.17
CA ARG B 31 1.33 -2.93 17.50
C ARG B 31 0.47 -2.91 16.23
N PHE B 32 0.96 -2.28 15.16
CA PHE B 32 0.19 -2.20 13.93
C PHE B 32 0.16 -3.58 13.26
N PHE B 33 -1.04 -3.98 12.82
CA PHE B 33 -1.19 -5.30 12.20
C PHE B 33 -0.45 -5.37 10.87
N GLY B 34 -0.68 -4.40 9.99
CA GLY B 34 -0.07 -4.43 8.66
C GLY B 34 -0.44 -5.66 7.86
N LYS B 35 -1.72 -6.04 7.89
CA LYS B 35 -2.17 -7.29 7.25
C LYS B 35 -2.45 -7.04 5.77
N GLY B 36 -1.38 -6.71 5.05
CA GLY B 36 -1.46 -6.50 3.62
C GLY B 36 -2.41 -5.39 3.21
N GLY B 37 -2.41 -4.28 3.94
CA GLY B 37 -3.31 -3.19 3.61
C GLY B 37 -4.77 -3.54 3.92
N LEU B 38 -5.68 -2.88 3.21
CA LEU B 38 -7.11 -3.08 3.39
C LEU B 38 -7.69 -4.12 2.44
N ALA B 39 -6.85 -4.73 1.59
CA ALA B 39 -7.36 -5.73 0.65
C ALA B 39 -7.93 -6.94 1.39
N TYR B 40 -7.24 -7.40 2.43
CA TYR B 40 -7.75 -8.53 3.21
C TYR B 40 -9.08 -8.19 3.87
N SER B 41 -9.19 -7.00 4.46
CA SER B 41 -10.44 -6.61 5.11
C SER B 41 -11.58 -6.48 4.09
N PHE B 42 -11.28 -5.95 2.90
CA PHE B 42 -12.32 -5.82 1.88
C PHE B 42 -12.78 -7.18 1.40
N ARG B 43 -11.84 -8.09 1.13
CA ARG B 43 -12.21 -9.45 0.72
C ARG B 43 -13.00 -10.14 1.83
N ARG B 44 -12.70 -9.82 3.08
CA ARG B 44 -13.37 -10.45 4.21
C ARG B 44 -14.79 -9.93 4.38
N SER B 45 -14.99 -8.63 4.18
CA SER B 45 -16.28 -7.99 4.46
C SER B 45 -17.25 -8.05 3.29
N ALA B 46 -16.76 -7.86 2.06
CA ALA B 46 -17.66 -7.83 0.91
C ALA B 46 -18.32 -9.18 0.67
N ALA B 47 -17.64 -10.27 1.00
CA ALA B 47 -18.19 -11.59 0.72
C ALA B 47 -19.33 -11.98 1.65
N GLY B 48 -19.41 -11.36 2.83
CA GLY B 48 -20.41 -11.72 3.82
C GLY B 48 -21.71 -10.96 3.76
N ALA B 49 -21.90 -10.08 2.77
CA ALA B 49 -23.13 -9.31 2.70
C ALA B 49 -23.65 -9.15 1.27
N PHE B 50 -23.41 -10.13 0.39
CA PHE B 50 -23.83 -10.04 -0.99
C PHE B 50 -24.78 -11.15 -1.40
N GLY B 51 -24.47 -12.40 -1.07
CA GLY B 51 -25.26 -13.52 -1.52
C GLY B 51 -26.40 -13.86 -0.60
N PRO B 52 -26.93 -15.08 -0.72
CA PRO B 52 -28.03 -15.51 0.14
C PRO B 52 -27.62 -15.59 1.60
N GLU B 53 -28.59 -15.41 2.49
CA GLU B 53 -28.30 -15.36 3.92
C GLU B 53 -27.81 -16.71 4.45
N LEU B 54 -28.30 -17.81 3.87
CA LEU B 54 -27.95 -19.14 4.39
C LEU B 54 -26.47 -19.43 4.22
N SER B 55 -25.88 -19.07 3.08
CA SER B 55 -24.50 -19.40 2.76
C SER B 55 -23.57 -18.21 2.93
N ARG B 56 -23.87 -17.31 3.86
CA ARG B 56 -23.02 -16.14 4.08
C ARG B 56 -21.76 -16.48 4.85
N LYS B 57 -21.85 -17.38 5.83
CA LYS B 57 -20.70 -17.66 6.68
C LYS B 57 -19.64 -18.48 5.97
N LEU B 58 -20.06 -19.48 5.18
CA LEU B 58 -19.11 -20.35 4.52
C LEU B 58 -18.28 -19.60 3.48
N SER B 59 -18.85 -18.57 2.85
CA SER B 59 -18.07 -17.75 1.93
C SER B 59 -16.95 -17.02 2.67
N GLN B 60 -17.27 -16.48 3.85
CA GLN B 60 -16.24 -15.83 4.67
C GLN B 60 -15.16 -16.82 5.08
N LEU B 61 -15.57 -18.03 5.47
CA LEU B 61 -14.59 -19.05 5.83
C LEU B 61 -13.70 -19.41 4.65
N VAL B 62 -14.28 -19.51 3.45
CA VAL B 62 -13.50 -19.82 2.26
C VAL B 62 -12.49 -18.70 1.97
N LYS B 63 -12.93 -17.44 2.10
CA LYS B 63 -12.01 -16.33 1.88
C LYS B 63 -10.86 -16.34 2.89
N ILE B 64 -11.19 -16.62 4.16
CA ILE B 64 -10.15 -16.63 5.19
C ILE B 64 -9.18 -17.78 4.95
N GLU B 65 -9.69 -18.94 4.52
CA GLU B 65 -8.83 -20.05 4.16
C GLU B 65 -7.92 -19.69 2.98
N LYS B 66 -8.45 -18.93 2.02
CA LYS B 66 -7.62 -18.48 0.91
C LYS B 66 -6.50 -17.58 1.39
N ASN B 67 -6.79 -16.66 2.32
CA ASN B 67 -5.74 -15.82 2.88
C ASN B 67 -4.69 -16.65 3.61
N VAL B 68 -5.14 -17.63 4.39
CA VAL B 68 -4.22 -18.52 5.10
C VAL B 68 -3.31 -19.25 4.13
N LEU B 69 -3.86 -19.80 3.05
CA LEU B 69 -3.06 -20.51 2.07
C LEU B 69 -2.11 -19.56 1.35
N ARG B 70 -2.54 -18.32 1.11
CA ARG B 70 -1.69 -17.35 0.42
C ARG B 70 -0.47 -16.99 1.24
N SER B 71 -0.63 -16.87 2.57
CA SER B 71 0.49 -16.46 3.41
C SER B 71 1.64 -17.47 3.39
N MET B 72 1.30 -18.77 3.39
CA MET B 72 2.35 -19.80 3.47
C MET B 72 3.23 -19.81 2.23
N GLU B 73 2.70 -19.42 1.07
CA GLU B 73 3.53 -19.35 -0.13
C GLU B 73 4.63 -18.31 0.02
N LEU B 74 4.28 -17.13 0.53
CA LEU B 74 5.28 -16.10 0.79
C LEU B 74 6.28 -16.57 1.84
N THR B 75 5.80 -17.24 2.89
CA THR B 75 6.71 -17.75 3.91
C THR B 75 7.72 -18.72 3.31
N ALA B 76 7.24 -19.66 2.48
CA ALA B 76 8.13 -20.64 1.88
C ALA B 76 9.13 -20.00 0.93
N ASN B 77 8.68 -19.03 0.12
CA ASN B 77 9.60 -18.35 -0.77
C ASN B 77 10.69 -17.63 0.00
N GLU B 78 10.31 -16.92 1.08
CA GLU B 78 11.30 -16.21 1.88
C GLU B 78 12.28 -17.18 2.53
N ARG B 79 11.81 -18.32 3.03
CA ARG B 79 12.71 -19.30 3.63
C ARG B 79 13.69 -19.87 2.62
N ARG B 80 13.19 -20.19 1.41
CA ARG B 80 14.07 -20.71 0.37
C ARG B 80 15.15 -19.70 0.00
N ASP B 81 14.76 -18.42 -0.12
CA ASP B 81 15.74 -17.41 -0.51
C ASP B 81 16.73 -17.16 0.63
N ALA B 82 16.26 -17.30 1.87
CA ALA B 82 17.18 -17.24 3.01
C ALA B 82 18.22 -18.35 2.96
N ALA B 83 17.79 -19.57 2.62
CA ALA B 83 18.73 -20.67 2.47
C ALA B 83 19.74 -20.37 1.37
N LYS B 84 19.27 -19.83 0.24
CA LYS B 84 20.18 -19.47 -0.85
C LYS B 84 21.20 -18.42 -0.40
N GLN B 85 20.74 -17.42 0.36
CA GLN B 85 21.64 -16.37 0.83
C GLN B 85 22.68 -16.93 1.80
N LEU B 86 22.26 -17.83 2.69
CA LEU B 86 23.21 -18.45 3.61
C LEU B 86 24.26 -19.27 2.85
N SER B 87 23.82 -20.01 1.83
CA SER B 87 24.76 -20.78 1.02
C SER B 87 25.74 -19.85 0.30
N ILE B 88 25.25 -18.72 -0.20
CA ILE B 88 26.13 -17.76 -0.86
C ILE B 88 27.16 -17.20 0.12
N TRP B 89 26.71 -16.83 1.32
CA TRP B 89 27.59 -16.25 2.33
C TRP B 89 28.64 -17.24 2.82
N GLY B 90 28.31 -18.52 2.92
CA GLY B 90 29.26 -19.48 3.46
C GLY B 90 30.48 -19.76 2.62
N LEU B 91 30.54 -19.22 1.40
CA LEU B 91 31.64 -19.57 0.49
C LEU B 91 32.97 -19.02 0.97
N GLU B 92 33.00 -17.78 1.41
CA GLU B 92 34.27 -17.09 1.72
C GLU B 92 34.66 -17.30 3.18
N ASN B 93 34.88 -18.56 3.51
CA ASN B 93 35.31 -18.94 4.85
C ASN B 93 36.20 -20.18 4.75
N ASP B 94 36.42 -20.84 5.88
CA ASP B 94 37.26 -22.02 5.91
C ASP B 94 36.64 -23.17 5.13
N ASP B 95 37.45 -24.18 4.83
CA ASP B 95 36.98 -25.29 3.99
C ASP B 95 35.82 -26.03 4.64
N ASP B 96 35.92 -26.34 5.93
CA ASP B 96 34.83 -27.07 6.59
C ASP B 96 33.56 -26.24 6.66
N VAL B 97 33.69 -24.95 6.96
CA VAL B 97 32.54 -24.05 7.00
C VAL B 97 31.93 -23.84 5.63
N SER B 98 32.74 -23.75 4.58
CA SER B 98 32.25 -23.56 3.23
C SER B 98 31.53 -24.78 2.68
N ASP B 99 31.59 -25.91 3.38
CA ASP B 99 30.90 -27.13 2.99
C ASP B 99 29.70 -27.40 3.88
N ILE B 100 29.85 -27.24 5.20
CA ILE B 100 28.74 -27.47 6.12
C ILE B 100 27.62 -26.48 5.84
N THR B 101 27.97 -25.21 5.57
CA THR B 101 26.96 -24.21 5.27
C THR B 101 26.19 -24.56 4.00
N ASP B 102 26.91 -25.00 2.95
CA ASP B 102 26.25 -25.38 1.71
C ASP B 102 25.32 -26.57 1.92
N LYS B 103 25.77 -27.57 2.68
CA LYS B 103 24.93 -28.74 2.93
C LYS B 103 23.69 -28.36 3.73
N LEU B 104 23.85 -27.49 4.73
CA LEU B 104 22.69 -27.03 5.49
C LEU B 104 21.71 -26.24 4.63
N GLY B 105 22.22 -25.39 3.73
CA GLY B 105 21.33 -24.71 2.81
C GLY B 105 20.58 -25.67 1.91
N VAL B 106 21.27 -26.69 1.41
CA VAL B 106 20.62 -27.70 0.58
C VAL B 106 19.52 -28.40 1.36
N LEU B 107 19.80 -28.77 2.61
CA LEU B 107 18.79 -29.45 3.42
C LEU B 107 17.60 -28.54 3.72
N ILE B 108 17.86 -27.26 3.98
CA ILE B 108 16.80 -26.31 4.35
C ILE B 108 15.93 -26.05 3.12
N TYR B 109 16.52 -26.18 1.93
CA TYR B 109 15.81 -25.88 0.69
C TYR B 109 14.54 -26.68 0.46
N GLU B 110 14.38 -27.84 1.11
CA GLU B 110 13.25 -28.71 0.85
C GLU B 110 11.98 -28.34 1.63
N VAL B 111 12.09 -27.41 2.59
CA VAL B 111 10.90 -27.01 3.35
C VAL B 111 9.90 -26.33 2.42
N SER B 112 10.38 -25.49 1.50
CA SER B 112 9.48 -24.87 0.53
C SER B 112 8.85 -25.90 -0.39
N GLU B 113 9.63 -26.91 -0.79
CA GLU B 113 9.10 -27.98 -1.63
C GLU B 113 7.96 -28.71 -0.94
N LEU B 114 8.13 -29.02 0.35
CA LEU B 114 7.04 -29.64 1.11
C LEU B 114 5.85 -28.69 1.24
N ASP B 115 6.12 -27.41 1.49
CA ASP B 115 5.04 -26.44 1.67
C ASP B 115 4.21 -26.28 0.41
N ASP B 116 4.81 -26.44 -0.76
CA ASP B 116 4.05 -26.32 -2.01
C ASP B 116 2.98 -27.41 -2.09
N GLN B 117 3.35 -28.66 -1.81
CA GLN B 117 2.38 -29.75 -1.82
C GLN B 117 1.34 -29.55 -0.72
N PHE B 118 1.76 -29.07 0.45
CA PHE B 118 0.80 -28.78 1.50
C PHE B 118 -0.20 -27.73 1.06
N ILE B 119 0.26 -26.70 0.35
CA ILE B 119 -0.64 -25.66 -0.15
C ILE B 119 -1.61 -26.24 -1.18
N ASP B 120 -1.14 -27.13 -2.04
CA ASP B 120 -2.03 -27.75 -3.03
C ASP B 120 -3.14 -28.54 -2.33
N ARG B 121 -2.77 -29.33 -1.32
CA ARG B 121 -3.79 -30.09 -0.60
C ARG B 121 -4.75 -29.16 0.15
N TYR B 122 -4.23 -28.04 0.68
CA TYR B 122 -5.09 -27.05 1.32
C TYR B 122 -6.10 -26.49 0.35
N ASP B 123 -5.66 -26.19 -0.88
CA ASP B 123 -6.59 -25.69 -1.90
C ASP B 123 -7.65 -26.72 -2.24
N GLN B 124 -7.27 -28.00 -2.31
CA GLN B 124 -8.26 -29.04 -2.54
C GLN B 124 -9.31 -29.07 -1.45
N TYR B 125 -8.88 -28.98 -0.18
CA TYR B 125 -9.82 -28.96 0.93
C TYR B 125 -10.73 -27.73 0.86
N ARG B 126 -10.17 -26.58 0.48
CA ARG B 126 -10.98 -25.37 0.34
C ARG B 126 -12.05 -25.54 -0.72
N LEU B 127 -11.70 -26.15 -1.85
CA LEU B 127 -12.70 -26.41 -2.89
C LEU B 127 -13.79 -27.36 -2.38
N THR B 128 -13.39 -28.37 -1.61
CA THR B 128 -14.38 -29.29 -1.06
C THR B 128 -15.38 -28.56 -0.17
N LEU B 129 -14.91 -27.62 0.64
CA LEU B 129 -15.83 -26.83 1.47
C LEU B 129 -16.69 -25.90 0.61
N LYS B 130 -16.11 -25.33 -0.44
CA LYS B 130 -16.87 -24.44 -1.33
C LYS B 130 -18.04 -25.18 -1.96
N SER B 131 -17.89 -26.48 -2.23
CA SER B 131 -19.01 -27.24 -2.78
C SER B 131 -20.20 -27.23 -1.84
N ILE B 132 -19.95 -27.47 -0.54
CA ILE B 132 -21.04 -27.44 0.45
C ILE B 132 -21.66 -26.06 0.51
N ARG B 133 -20.82 -25.02 0.50
CA ARG B 133 -21.35 -23.66 0.49
C ARG B 133 -22.32 -23.45 -0.66
N ASP B 134 -21.90 -23.87 -1.86
CA ASP B 134 -22.72 -23.68 -3.05
C ASP B 134 -24.04 -24.42 -2.95
N ILE B 135 -24.01 -25.69 -2.49
CA ILE B 135 -25.25 -26.46 -2.48
C ILE B 135 -26.24 -25.89 -1.46
N GLU B 136 -25.74 -25.46 -0.29
CA GLU B 136 -26.67 -24.89 0.69
C GLU B 136 -27.23 -23.55 0.21
N GLY B 137 -26.40 -22.73 -0.45
CA GLY B 137 -26.90 -21.50 -1.03
C GLY B 137 -27.96 -21.73 -2.08
N SER B 138 -27.82 -22.80 -2.86
CA SER B 138 -28.86 -23.14 -3.83
C SER B 138 -30.10 -23.71 -3.15
N VAL B 139 -29.95 -24.35 -2.00
CA VAL B 139 -31.09 -24.96 -1.33
C VAL B 139 -32.01 -23.90 -0.73
N GLN B 140 -31.44 -22.84 -0.16
CA GLN B 140 -32.24 -21.86 0.59
C GLN B 140 -33.49 -21.30 -0.14
N PRO B 141 -33.46 -20.95 -1.42
CA PRO B 141 -34.62 -20.28 -2.03
C PRO B 141 -35.91 -21.09 -1.97
N SER B 142 -35.86 -22.41 -1.92
CA SER B 142 -37.08 -23.21 -1.83
C SER B 142 -37.82 -22.91 -0.54
N ARG B 143 -37.11 -22.94 0.59
CA ARG B 143 -37.73 -22.59 1.86
C ARG B 143 -38.15 -21.13 1.89
N ASP B 144 -37.40 -20.24 1.21
CA ASP B 144 -37.83 -18.86 1.12
C ASP B 144 -39.20 -18.74 0.44
N ARG B 145 -39.36 -19.43 -0.68
CA ARG B 145 -40.63 -19.39 -1.42
C ARG B 145 -41.77 -20.00 -0.60
N LYS B 146 -41.48 -21.10 0.10
CA LYS B 146 -42.52 -21.71 0.93
C LYS B 146 -42.98 -20.77 2.02
N ASP B 147 -42.03 -20.07 2.67
CA ASP B 147 -42.41 -19.10 3.70
C ASP B 147 -43.24 -17.96 3.11
N LYS B 148 -42.86 -17.49 1.91
CA LYS B 148 -43.62 -16.42 1.27
C LYS B 148 -45.05 -16.86 0.98
N ILE B 149 -45.21 -18.09 0.47
CA ILE B 149 -46.56 -18.59 0.17
C ILE B 149 -47.39 -18.72 1.44
N THR B 150 -46.77 -19.21 2.51
CA THR B 150 -47.50 -19.35 3.78
C THR B 150 -47.95 -17.98 4.29
N ASP B 151 -47.07 -16.97 4.21
CA ASP B 151 -47.45 -15.64 4.65
C ASP B 151 -48.58 -15.07 3.80
N LYS B 152 -48.53 -15.29 2.49
CA LYS B 152 -49.59 -14.81 1.61
C LYS B 152 -50.92 -15.46 1.96
N ILE B 153 -50.92 -16.76 2.21
CA ILE B 153 -52.15 -17.46 2.59
C ILE B 153 -52.69 -16.89 3.89
N ALA B 154 -51.81 -16.69 4.88
CA ALA B 154 -52.25 -16.19 6.18
C ALA B 154 -52.85 -14.80 6.06
N TYR B 155 -52.26 -13.94 5.24
CA TYR B 155 -52.80 -12.59 5.09
C TYR B 155 -54.13 -12.60 4.33
N LEU B 156 -54.21 -13.38 3.25
CA LEU B 156 -55.42 -13.37 2.45
C LEU B 156 -56.59 -14.01 3.19
N LYS B 157 -56.32 -14.97 4.07
CA LYS B 157 -57.40 -15.52 4.89
C LYS B 157 -57.97 -14.47 5.82
N TYR B 158 -57.11 -13.64 6.42
CA TYR B 158 -57.59 -12.58 7.28
C TYR B 158 -58.35 -11.51 6.51
N LYS B 159 -57.86 -11.16 5.32
CA LYS B 159 -58.49 -10.05 4.57
C LYS B 159 -59.94 -10.35 4.25
N ASP B 160 -60.21 -11.51 3.65
CA ASP B 160 -61.59 -11.94 3.41
C ASP B 160 -61.63 -13.45 3.15
N PRO B 161 -62.44 -14.19 3.89
CA PRO B 161 -62.49 -15.65 3.71
C PRO B 161 -63.25 -16.09 2.47
N GLN B 162 -63.94 -15.17 1.78
CA GLN B 162 -64.76 -15.54 0.63
C GLN B 162 -64.00 -15.48 -0.70
N SER B 163 -62.71 -15.17 -0.68
CA SER B 163 -61.95 -15.11 -1.91
C SER B 163 -61.80 -16.51 -2.51
N PRO B 164 -61.85 -16.61 -3.85
CA PRO B 164 -61.69 -17.91 -4.50
C PRO B 164 -60.24 -18.35 -4.66
N LYS B 165 -59.28 -17.58 -4.13
CA LYS B 165 -57.86 -17.90 -4.26
C LYS B 165 -57.35 -18.77 -3.13
N ILE B 166 -58.21 -19.16 -2.19
CA ILE B 166 -57.78 -19.99 -1.07
C ILE B 166 -57.35 -21.38 -1.55
N GLU B 167 -58.15 -21.99 -2.44
CA GLU B 167 -57.88 -23.37 -2.85
C GLU B 167 -56.59 -23.47 -3.65
N VAL B 168 -56.39 -22.57 -4.61
CA VAL B 168 -55.19 -22.62 -5.44
C VAL B 168 -53.95 -22.34 -4.60
N LEU B 169 -54.03 -21.38 -3.68
CA LEU B 169 -52.91 -21.08 -2.81
C LEU B 169 -52.60 -22.25 -1.88
N GLU B 170 -53.63 -22.93 -1.37
CA GLU B 170 -53.40 -24.10 -0.53
C GLU B 170 -52.75 -25.22 -1.32
N GLN B 171 -53.17 -25.44 -2.55
CA GLN B 171 -52.55 -26.46 -3.39
C GLN B 171 -51.09 -26.11 -3.66
N GLU B 172 -50.80 -24.84 -3.94
CA GLU B 172 -49.41 -24.42 -4.14
C GLU B 172 -48.59 -24.63 -2.87
N LEU B 173 -49.19 -24.35 -1.71
CA LEU B 173 -48.48 -24.55 -0.45
C LEU B 173 -48.17 -26.01 -0.21
N VAL B 174 -49.13 -26.91 -0.48
CA VAL B 174 -48.86 -28.33 -0.27
C VAL B 174 -47.82 -28.83 -1.26
N ARG B 175 -47.83 -28.30 -2.49
CA ARG B 175 -46.80 -28.67 -3.46
C ARG B 175 -45.42 -28.22 -2.99
N ALA B 176 -45.33 -26.98 -2.50
CA ALA B 176 -44.05 -26.48 -2.00
C ALA B 176 -43.57 -27.28 -0.78
N GLU B 177 -44.50 -27.68 0.09
CA GLU B 177 -44.13 -28.50 1.23
C GLU B 177 -43.59 -29.86 0.78
N ALA B 178 -44.26 -30.47 -0.20
CA ALA B 178 -43.78 -31.75 -0.73
C ALA B 178 -42.39 -31.61 -1.34
N GLU B 179 -42.13 -30.49 -2.02
CA GLU B 179 -40.81 -30.25 -2.58
C GLU B 179 -39.76 -30.07 -1.48
N SER B 180 -40.08 -29.25 -0.47
CA SER B 180 -39.11 -28.99 0.60
C SER B 180 -38.83 -30.23 1.43
N LEU B 181 -39.79 -31.15 1.51
CA LEU B 181 -39.58 -32.37 2.29
C LEU B 181 -38.39 -33.17 1.76
N VAL B 182 -38.24 -33.23 0.43
CA VAL B 182 -37.07 -33.89 -0.15
C VAL B 182 -35.87 -32.94 -0.26
N ALA B 183 -36.12 -31.64 -0.38
CA ALA B 183 -35.01 -30.68 -0.45
C ALA B 183 -34.18 -30.70 0.82
N GLU B 184 -34.84 -30.72 1.98
CA GLU B 184 -34.11 -30.75 3.25
C GLU B 184 -33.30 -32.02 3.40
N ALA B 185 -33.88 -33.16 3.01
CA ALA B 185 -33.16 -34.43 3.11
C ALA B 185 -31.94 -34.44 2.21
N GLN B 186 -32.09 -33.98 0.97
CA GLN B 186 -30.95 -33.97 0.05
C GLN B 186 -29.91 -32.93 0.46
N LEU B 187 -30.31 -31.88 1.18
CA LEU B 187 -29.33 -30.94 1.71
C LEU B 187 -28.54 -31.56 2.86
N SER B 188 -29.24 -32.24 3.78
CA SER B 188 -28.57 -32.79 4.96
C SER B 188 -27.80 -34.07 4.67
N ASN B 189 -28.07 -34.73 3.53
CA ASN B 189 -27.40 -36.01 3.26
C ASN B 189 -25.91 -35.84 3.02
N ILE B 190 -25.51 -34.79 2.30
CA ILE B 190 -24.14 -34.71 1.80
C ILE B 190 -23.19 -33.91 2.69
N THR B 191 -23.72 -33.10 3.61
CA THR B 191 -22.84 -32.24 4.42
C THR B 191 -21.96 -33.08 5.34
N ARG B 192 -22.55 -34.03 6.06
CA ARG B 192 -21.80 -34.82 7.01
C ARG B 192 -20.79 -35.74 6.33
N SER B 193 -20.95 -35.98 5.03
CA SER B 193 -19.99 -36.78 4.29
C SER B 193 -18.85 -35.93 3.73
N LYS B 194 -19.19 -34.82 3.08
CA LYS B 194 -18.15 -33.98 2.48
C LYS B 194 -17.27 -33.34 3.56
N LEU B 195 -17.87 -32.89 4.66
CA LEU B 195 -17.08 -32.31 5.74
C LEU B 195 -16.10 -33.33 6.30
N ARG B 196 -16.57 -34.56 6.54
CA ARG B 196 -15.72 -35.60 7.07
C ARG B 196 -14.58 -35.93 6.12
N ALA B 197 -14.89 -36.05 4.82
CA ALA B 197 -13.84 -36.38 3.84
C ALA B 197 -12.80 -35.27 3.77
N ALA B 198 -13.25 -34.01 3.72
CA ALA B 198 -12.31 -32.90 3.63
C ALA B 198 -11.41 -32.82 4.86
N PHE B 199 -11.99 -33.00 6.04
CA PHE B 199 -11.18 -32.90 7.26
C PHE B 199 -10.22 -34.08 7.39
N ASN B 200 -10.64 -35.28 6.97
CA ASN B 200 -9.71 -36.41 6.97
C ASN B 200 -8.54 -36.16 6.02
N TYR B 201 -8.83 -35.62 4.84
CA TYR B 201 -7.76 -35.31 3.89
C TYR B 201 -6.80 -34.27 4.47
N GLN B 202 -7.35 -33.22 5.10
CA GLN B 202 -6.51 -32.18 5.68
C GLN B 202 -5.63 -32.74 6.79
N PHE B 203 -6.20 -33.58 7.66
CA PHE B 203 -5.41 -34.13 8.76
C PHE B 203 -4.32 -35.06 8.25
N ASP B 204 -4.63 -35.88 7.22
CA ASP B 204 -3.60 -36.73 6.63
C ASP B 204 -2.46 -35.91 6.05
N SER B 205 -2.80 -34.83 5.34
CA SER B 205 -1.76 -33.96 4.78
C SER B 205 -0.91 -33.34 5.87
N ILE B 206 -1.54 -32.87 6.95
CA ILE B 206 -0.79 -32.28 8.06
C ILE B 206 0.16 -33.29 8.67
N ILE B 207 -0.32 -34.51 8.90
CA ILE B 207 0.53 -35.54 9.50
C ILE B 207 1.73 -35.83 8.61
N GLU B 208 1.48 -36.01 7.32
CA GLU B 208 2.58 -36.32 6.40
C GLU B 208 3.62 -35.20 6.37
N HIS B 209 3.15 -33.95 6.26
CA HIS B 209 4.08 -32.82 6.19
C HIS B 209 4.90 -32.70 7.47
N SER B 210 4.24 -32.85 8.63
CA SER B 210 4.96 -32.73 9.89
C SER B 210 5.99 -33.82 10.05
N GLU B 211 5.64 -35.06 9.70
CA GLU B 211 6.60 -36.15 9.83
C GLU B 211 7.80 -35.96 8.90
N LYS B 212 7.55 -35.53 7.67
CA LYS B 212 8.66 -35.27 6.75
C LYS B 212 9.58 -34.17 7.28
N ILE B 213 8.99 -33.09 7.80
CA ILE B 213 9.79 -32.00 8.35
C ILE B 213 10.63 -32.49 9.53
N ALA B 214 10.03 -33.30 10.41
CA ALA B 214 10.77 -33.80 11.56
C ALA B 214 11.93 -34.69 11.12
N LEU B 215 11.71 -35.56 10.13
CA LEU B 215 12.79 -36.40 9.65
C LEU B 215 13.92 -35.58 9.04
N ILE B 216 13.56 -34.56 8.26
CA ILE B 216 14.59 -33.70 7.65
C ILE B 216 15.39 -33.00 8.73
N ALA B 217 14.72 -32.49 9.77
CA ALA B 217 15.43 -31.80 10.84
C ALA B 217 16.36 -32.75 11.60
N GLY B 218 15.89 -33.97 11.86
CA GLY B 218 16.74 -34.94 12.54
C GLY B 218 18.00 -35.26 11.74
N TYR B 219 17.85 -35.49 10.44
CA TYR B 219 19.03 -35.77 9.63
C TYR B 219 19.93 -34.55 9.50
N GLY B 220 19.35 -33.34 9.52
CA GLY B 220 20.18 -32.14 9.53
C GLY B 220 21.01 -32.04 10.79
N LYS B 221 20.42 -32.35 11.95
CA LYS B 221 21.19 -32.39 13.19
C LYS B 221 22.29 -33.45 13.11
N ALA B 222 21.96 -34.62 12.56
CA ALA B 222 22.97 -35.66 12.41
C ALA B 222 24.14 -35.19 11.57
N LEU B 223 23.86 -34.48 10.47
CA LEU B 223 24.93 -33.95 9.63
C LEU B 223 25.74 -32.90 10.37
N LEU B 224 25.05 -31.97 11.07
CA LEU B 224 25.75 -30.92 11.78
C LEU B 224 26.60 -31.44 12.93
N GLU B 225 26.30 -32.63 13.45
CA GLU B 225 27.09 -33.20 14.53
C GLU B 225 28.54 -33.43 14.10
N LEU B 226 28.78 -33.48 12.79
CA LEU B 226 30.11 -33.74 12.25
C LEU B 226 31.02 -32.51 12.31
N LEU B 227 30.45 -31.32 12.44
CA LEU B 227 31.22 -30.07 12.44
C LEU B 227 32.00 -30.01 13.73
N ASP B 228 33.30 -30.29 13.66
CA ASP B 228 34.15 -30.28 14.84
C ASP B 228 34.59 -28.85 15.16
N ASP B 229 34.61 -28.51 16.43
CA ASP B 229 35.07 -27.21 16.91
C ASP B 229 36.01 -27.39 18.08
N SER B 230 37.07 -26.59 18.13
CA SER B 230 38.01 -26.56 19.23
C SER B 230 38.68 -25.19 19.25
N PRO B 231 38.93 -24.63 20.43
CA PRO B 231 39.61 -23.34 20.49
C PRO B 231 41.02 -23.42 19.94
N VAL B 232 41.43 -22.38 19.24
CA VAL B 232 42.75 -22.32 18.60
C VAL B 232 43.51 -21.14 19.18
N THR B 233 44.77 -21.37 19.54
CA THR B 233 45.63 -20.32 20.06
C THR B 233 46.19 -19.49 18.91
N PRO B 234 46.54 -18.23 19.17
CA PRO B 234 47.11 -17.39 18.12
C PRO B 234 48.39 -17.99 17.54
N GLY B 235 48.53 -17.89 16.22
CA GLY B 235 49.67 -18.42 15.53
C GLY B 235 49.56 -19.88 15.12
N GLU B 236 48.57 -20.60 15.64
CA GLU B 236 48.41 -22.01 15.29
C GLU B 236 47.63 -22.16 13.99
N THR B 237 47.81 -23.31 13.35
CA THR B 237 47.12 -23.65 12.12
C THR B 237 46.26 -24.89 12.36
N ARG B 238 44.97 -24.79 12.04
CA ARG B 238 44.08 -25.91 12.21
C ARG B 238 44.42 -27.03 11.24
N PRO B 239 44.27 -28.29 11.64
CA PRO B 239 44.54 -29.39 10.70
C PRO B 239 43.58 -29.37 9.53
N ALA B 240 44.07 -29.85 8.39
CA ALA B 240 43.24 -29.88 7.18
C ALA B 240 42.01 -30.74 7.40
N TYR B 241 40.85 -30.21 7.04
CA TYR B 241 39.58 -30.90 7.24
C TYR B 241 39.32 -31.86 6.09
N ASP B 242 39.07 -33.12 6.43
CA ASP B 242 38.76 -34.16 5.45
C ASP B 242 37.49 -34.89 5.91
N GLY B 243 36.34 -34.38 5.50
CA GLY B 243 35.07 -34.98 5.83
C GLY B 243 34.08 -34.89 4.68
N TYR B 244 34.60 -34.78 3.46
CA TYR B 244 33.74 -34.59 2.30
C TYR B 244 32.84 -35.79 2.05
N GLU B 245 33.36 -37.00 2.23
CA GLU B 245 32.62 -38.22 1.91
C GLU B 245 31.43 -38.44 2.84
N ALA B 246 31.62 -38.19 4.14
CA ALA B 246 30.59 -38.47 5.13
C ALA B 246 29.34 -37.64 4.89
N SER B 247 29.51 -36.36 4.54
CA SER B 247 28.36 -35.50 4.27
C SER B 247 27.57 -35.99 3.07
N LYS B 248 28.26 -36.45 2.03
CA LYS B 248 27.58 -36.99 0.86
C LYS B 248 26.74 -38.20 1.22
N GLN B 249 27.29 -39.09 2.03
CA GLN B 249 26.53 -40.26 2.48
C GLN B 249 25.33 -39.83 3.32
N ILE B 250 25.51 -38.82 4.17
CA ILE B 250 24.41 -38.35 5.01
C ILE B 250 23.27 -37.81 4.16
N ILE B 251 23.58 -36.98 3.18
CA ILE B 251 22.52 -36.40 2.37
C ILE B 251 21.89 -37.47 1.47
N ILE B 252 22.68 -38.44 1.00
CA ILE B 252 22.12 -39.55 0.23
C ILE B 252 21.13 -40.35 1.09
N ASP B 253 21.50 -40.61 2.34
CA ASP B 253 20.59 -41.30 3.26
C ASP B 253 19.33 -40.48 3.50
N ALA B 254 19.48 -39.15 3.60
CA ALA B 254 18.31 -38.29 3.77
C ALA B 254 17.38 -38.40 2.58
N GLU B 255 17.93 -38.38 1.37
CA GLU B 255 17.11 -38.54 0.17
C GLU B 255 16.41 -39.89 0.16
N SER B 256 17.13 -40.95 0.50
CA SER B 256 16.55 -42.28 0.50
C SER B 256 15.42 -42.39 1.52
N ALA B 257 15.62 -41.84 2.72
CA ALA B 257 14.59 -41.89 3.75
C ALA B 257 13.37 -41.07 3.34
N LEU B 258 13.59 -39.90 2.75
CA LEU B 258 12.46 -39.07 2.32
C LEU B 258 11.67 -39.75 1.22
N ASN B 259 12.36 -40.39 0.26
CA ASN B 259 11.66 -41.04 -0.84
C ASN B 259 10.93 -42.29 -0.37
N GLU B 260 11.53 -43.06 0.53
CA GLU B 260 10.97 -44.34 0.95
C GLU B 260 9.76 -44.18 1.85
N TRP B 261 9.64 -43.07 2.58
CA TRP B 261 8.58 -42.91 3.56
C TRP B 261 7.20 -42.97 2.90
N THR B 262 6.29 -43.71 3.53
CA THR B 262 4.91 -43.81 3.09
C THR B 262 3.99 -43.46 4.26
N LEU B 263 2.73 -43.19 3.93
CA LEU B 263 1.75 -42.86 4.96
C LEU B 263 1.53 -44.02 5.91
N ASP B 264 1.45 -45.25 5.37
CA ASP B 264 1.25 -46.42 6.20
C ASP B 264 2.44 -46.71 7.11
N SER B 265 3.62 -46.17 6.79
CA SER B 265 4.82 -46.37 7.60
C SER B 265 5.09 -45.17 8.50
N ALA B 266 4.04 -44.54 9.02
CA ALA B 266 4.20 -43.38 9.87
C ALA B 266 4.91 -43.76 11.16
N GLN B 267 5.93 -42.98 11.53
CA GLN B 267 6.69 -43.26 12.74
C GLN B 267 5.91 -42.89 14.00
N VAL B 268 5.17 -41.79 13.95
CA VAL B 268 4.42 -41.32 15.11
C VAL B 268 3.17 -42.19 15.28
N LYS B 269 2.99 -42.75 16.47
CA LYS B 269 1.83 -43.57 16.80
C LYS B 269 1.07 -42.93 17.95
N PRO B 270 0.02 -42.16 17.67
CA PRO B 270 -0.75 -41.53 18.75
C PRO B 270 -1.37 -42.58 19.66
N THR B 271 -1.42 -42.26 20.96
CA THR B 271 -1.97 -43.17 21.95
C THR B 271 -3.49 -43.03 22.04
N MET C 1 -18.70 -24.70 33.15
CA MET C 1 -17.77 -23.88 32.41
C MET C 1 -18.02 -23.95 30.90
N HIS C 2 -19.10 -23.31 30.46
CA HIS C 2 -19.43 -23.30 29.04
C HIS C 2 -18.42 -22.47 28.25
N ARG C 3 -18.01 -21.33 28.81
CA ARG C 3 -17.08 -20.43 28.12
C ARG C 3 -15.73 -21.08 27.93
N THR C 4 -15.23 -21.79 28.95
CA THR C 4 -13.87 -22.33 28.90
C THR C 4 -13.74 -23.42 27.84
N TYR C 5 -14.63 -24.40 27.87
CA TYR C 5 -14.44 -25.61 27.07
C TYR C 5 -15.01 -25.52 25.67
N SER C 6 -15.56 -24.37 25.29
CA SER C 6 -16.12 -24.20 23.96
C SER C 6 -16.04 -22.72 23.57
N LEU C 7 -15.72 -22.46 22.31
CA LEU C 7 -15.68 -21.08 21.83
C LEU C 7 -17.06 -20.44 21.79
N ARG C 8 -18.12 -21.23 21.86
CA ARG C 8 -19.46 -20.68 21.86
C ARG C 8 -19.74 -19.94 23.16
N ASN C 9 -20.54 -18.87 23.06
CA ASN C 9 -20.96 -18.12 24.23
C ASN C 9 -22.32 -18.56 24.75
N SER C 10 -22.91 -19.61 24.16
CA SER C 10 -24.20 -20.11 24.58
C SER C 10 -24.03 -21.09 25.74
N ARG C 11 -25.10 -21.80 26.09
CA ARG C 11 -25.09 -22.73 27.21
C ARG C 11 -25.20 -24.15 26.68
N ALA C 12 -24.26 -25.01 27.09
CA ALA C 12 -24.29 -26.40 26.68
C ALA C 12 -25.43 -27.14 27.38
N PRO C 13 -26.02 -28.14 26.72
CA PRO C 13 -27.09 -28.91 27.36
C PRO C 13 -26.59 -29.64 28.60
N THR C 14 -27.47 -29.74 29.59
CA THR C 14 -27.16 -30.43 30.84
C THR C 14 -28.41 -31.20 31.27
N ALA C 15 -28.34 -31.81 32.46
CA ALA C 15 -29.46 -32.57 32.97
C ALA C 15 -30.68 -31.69 33.19
N SER C 16 -30.48 -30.53 33.80
CA SER C 16 -31.58 -29.60 34.00
C SER C 16 -32.12 -29.08 32.68
N GLN C 17 -31.23 -28.79 31.72
CA GLN C 17 -31.67 -28.34 30.41
C GLN C 17 -32.46 -29.42 29.68
N LEU C 18 -32.00 -30.67 29.78
CA LEU C 18 -32.72 -31.77 29.15
C LEU C 18 -34.10 -31.96 29.80
N GLN C 19 -34.16 -31.88 31.13
CA GLN C 19 -35.45 -32.04 31.81
C GLN C 19 -36.41 -30.91 31.47
N ASN C 20 -35.91 -29.68 31.44
CA ASN C 20 -36.73 -28.51 31.15
C ASN C 20 -35.94 -27.57 30.24
N PRO C 21 -36.49 -27.17 29.11
CA PRO C 21 -35.79 -26.24 28.21
C PRO C 21 -35.50 -24.92 28.90
N PRO C 22 -34.35 -24.31 28.62
CA PRO C 22 -34.01 -23.04 29.27
C PRO C 22 -34.99 -21.95 28.87
N PRO C 23 -35.32 -21.06 29.80
CA PRO C 23 -36.23 -19.96 29.48
C PRO C 23 -35.55 -18.94 28.57
N PRO C 24 -36.33 -18.16 27.82
CA PRO C 24 -35.73 -17.13 26.98
C PRO C 24 -35.07 -16.06 27.83
N PRO C 25 -34.07 -15.36 27.30
CA PRO C 25 -33.39 -14.33 28.08
C PRO C 25 -34.35 -13.19 28.44
N SER C 26 -34.06 -12.56 29.58
CA SER C 26 -34.91 -11.49 30.08
C SER C 26 -34.97 -10.33 29.09
N THR C 27 -36.18 -9.84 28.85
CA THR C 27 -36.38 -8.75 27.89
C THR C 27 -35.93 -7.39 28.41
N THR C 28 -35.90 -7.21 29.73
CA THR C 28 -35.53 -5.93 30.33
C THR C 28 -34.04 -5.87 30.63
N LYS C 29 -33.21 -6.16 29.62
CA LYS C 29 -31.76 -6.08 29.71
C LYS C 29 -31.30 -5.07 28.65
N GLY C 30 -31.28 -3.80 29.00
CA GLY C 30 -30.93 -2.77 28.05
C GLY C 30 -29.45 -2.75 27.73
N ARG C 31 -29.13 -2.13 26.59
CA ARG C 31 -27.74 -2.01 26.17
C ARG C 31 -26.95 -1.10 27.09
N PHE C 32 -27.56 0.00 27.54
CA PHE C 32 -26.88 0.93 28.42
C PHE C 32 -26.69 0.32 29.81
N PHE C 33 -25.47 0.44 30.34
CA PHE C 33 -25.17 -0.15 31.64
C PHE C 33 -25.95 0.55 32.75
N GLY C 34 -25.89 1.87 32.81
CA GLY C 34 -26.55 2.61 33.88
C GLY C 34 -26.07 2.22 35.26
N LYS C 35 -24.75 2.08 35.43
CA LYS C 35 -24.17 1.58 36.69
C LYS C 35 -24.00 2.75 37.66
N GLY C 36 -25.14 3.32 38.05
CA GLY C 36 -25.14 4.40 39.03
C GLY C 36 -24.35 5.62 38.60
N GLY C 37 -24.47 6.01 37.33
CA GLY C 37 -23.73 7.17 36.86
C GLY C 37 -22.24 6.88 36.76
N LEU C 38 -21.45 7.96 36.85
CA LEU C 38 -20.00 7.87 36.77
C LEU C 38 -19.34 7.76 38.14
N ALA C 39 -20.12 7.73 39.22
CA ALA C 39 -19.53 7.62 40.55
C ALA C 39 -18.77 6.30 40.72
N TYR C 40 -19.35 5.20 40.23
CA TYR C 40 -18.67 3.92 40.32
C TYR C 40 -17.36 3.94 39.55
N SER C 41 -17.38 4.48 38.33
CA SER C 41 -16.17 4.54 37.52
C SER C 41 -15.11 5.41 38.17
N PHE C 42 -15.52 6.54 38.76
CA PHE C 42 -14.55 7.41 39.42
C PHE C 42 -13.94 6.73 40.64
N ARG C 43 -14.77 6.09 41.47
CA ARG C 43 -14.25 5.36 42.61
C ARG C 43 -13.33 4.24 42.17
N ARG C 44 -13.61 3.65 41.01
CA ARG C 44 -12.81 2.54 40.51
C ARG C 44 -11.46 3.01 39.97
N SER C 45 -11.43 4.16 39.30
CA SER C 45 -10.23 4.62 38.62
C SER C 45 -9.32 5.45 39.52
N ALA C 46 -9.88 6.32 40.36
CA ALA C 46 -9.04 7.18 41.19
C ALA C 46 -8.22 6.39 42.20
N ALA C 47 -8.74 5.26 42.67
CA ALA C 47 -8.05 4.49 43.70
C ALA C 47 -6.82 3.76 43.16
N GLY C 48 -6.77 3.49 41.87
CA GLY C 48 -5.69 2.72 41.28
C GLY C 48 -4.50 3.51 40.78
N ALA C 49 -4.47 4.83 40.98
CA ALA C 49 -3.35 5.62 40.48
C ALA C 49 -2.93 6.71 41.47
N PHE C 50 -3.08 6.48 42.77
CA PHE C 50 -2.73 7.50 43.77
C PHE C 50 -1.66 7.03 44.74
N GLY C 51 -1.80 5.83 45.30
CA GLY C 51 -0.89 5.35 46.32
C GLY C 51 0.32 4.65 45.77
N PRO C 52 1.00 3.87 46.61
CA PRO C 52 2.20 3.14 46.16
C PRO C 52 1.85 2.10 45.11
N GLU C 53 2.84 1.79 44.26
CA GLU C 53 2.60 0.89 43.14
C GLU C 53 2.32 -0.53 43.61
N LEU C 54 2.92 -0.94 44.73
CA LEU C 54 2.77 -2.33 45.18
C LEU C 54 1.33 -2.64 45.57
N SER C 55 0.65 -1.71 46.25
CA SER C 55 -0.69 -1.94 46.77
C SER C 55 -1.77 -1.26 45.92
N ARG C 56 -1.53 -1.13 44.62
CA ARG C 56 -2.51 -0.48 43.76
C ARG C 56 -3.68 -1.39 43.43
N LYS C 57 -3.44 -2.68 43.24
CA LYS C 57 -4.50 -3.58 42.81
C LYS C 57 -5.48 -3.89 43.94
N LEU C 58 -4.97 -4.10 45.15
CA LEU C 58 -5.83 -4.47 46.27
C LEU C 58 -6.79 -3.35 46.63
N SER C 59 -6.39 -2.10 46.44
CA SER C 59 -7.31 -0.98 46.67
C SER C 59 -8.48 -1.03 45.68
N GLN C 60 -8.18 -1.33 44.41
CA GLN C 60 -9.24 -1.48 43.42
C GLN C 60 -10.17 -2.64 43.79
N LEU C 61 -9.59 -3.76 44.23
CA LEU C 61 -10.41 -4.90 44.64
C LEU C 61 -11.30 -4.54 45.82
N VAL C 62 -10.76 -3.77 46.78
CA VAL C 62 -11.56 -3.35 47.94
C VAL C 62 -12.71 -2.46 47.50
N LYS C 63 -12.44 -1.52 46.58
CA LYS C 63 -13.51 -0.65 46.09
C LYS C 63 -14.58 -1.44 45.36
N ILE C 64 -14.18 -2.41 44.55
CA ILE C 64 -15.15 -3.21 43.82
C ILE C 64 -15.98 -4.07 44.77
N GLU C 65 -15.33 -4.60 45.81
CA GLU C 65 -16.07 -5.34 46.85
C GLU C 65 -17.06 -4.43 47.56
N LYS C 66 -16.68 -3.17 47.80
CA LYS C 66 -17.60 -2.22 48.41
C LYS C 66 -18.82 -2.01 47.52
N ASN C 67 -18.60 -1.86 46.21
CA ASN C 67 -19.73 -1.69 45.30
C ASN C 67 -20.64 -2.92 45.31
N VAL C 68 -20.03 -4.12 45.29
CA VAL C 68 -20.79 -5.36 45.36
C VAL C 68 -21.64 -5.42 46.62
N LEU C 69 -21.07 -5.09 47.77
CA LEU C 69 -21.82 -5.10 49.02
C LEU C 69 -22.92 -4.05 49.02
N ARG C 70 -22.66 -2.89 48.39
CA ARG C 70 -23.65 -1.83 48.36
C ARG C 70 -24.88 -2.24 47.54
N SER C 71 -24.67 -2.96 46.44
CA SER C 71 -25.79 -3.33 45.58
C SER C 71 -26.80 -4.22 46.30
N MET C 72 -26.31 -5.17 47.11
CA MET C 72 -27.20 -6.14 47.73
C MET C 72 -28.14 -5.48 48.74
N GLU C 73 -27.71 -4.39 49.37
CA GLU C 73 -28.59 -3.67 50.30
C GLU C 73 -29.81 -3.13 49.57
N LEU C 74 -29.59 -2.50 48.41
CA LEU C 74 -30.70 -2.00 47.62
C LEU C 74 -31.59 -3.15 47.15
N THR C 75 -30.98 -4.26 46.73
CA THR C 75 -31.77 -5.42 46.31
C THR C 75 -32.67 -5.91 47.44
N ALA C 76 -32.12 -6.04 48.65
CA ALA C 76 -32.90 -6.53 49.78
C ALA C 76 -34.01 -5.57 50.15
N ASN C 77 -33.73 -4.26 50.14
CA ASN C 77 -34.77 -3.28 50.44
C ASN C 77 -35.91 -3.37 49.44
N GLU C 78 -35.57 -3.46 48.15
CA GLU C 78 -36.61 -3.56 47.13
C GLU C 78 -37.43 -4.83 47.28
N ARG C 79 -36.78 -5.96 47.60
CA ARG C 79 -37.52 -7.20 47.78
C ARG C 79 -38.46 -7.12 48.99
N ARG C 80 -37.99 -6.53 50.09
CA ARG C 80 -38.84 -6.38 51.26
C ARG C 80 -40.05 -5.52 50.95
N ASP C 81 -39.84 -4.42 50.23
CA ASP C 81 -40.95 -3.53 49.94
C ASP C 81 -41.91 -4.19 48.95
N ALA C 82 -41.38 -5.03 48.05
CA ALA C 82 -42.24 -5.81 47.17
C ALA C 82 -43.14 -6.76 47.97
N ALA C 83 -42.56 -7.42 48.98
CA ALA C 83 -43.37 -8.28 49.84
C ALA C 83 -44.46 -7.49 50.55
N LYS C 84 -44.11 -6.30 51.05
CA LYS C 84 -45.11 -5.46 51.71
C LYS C 84 -46.23 -5.07 50.74
N GLN C 85 -45.87 -4.72 49.51
CA GLN C 85 -46.88 -4.34 48.52
C GLN C 85 -47.79 -5.51 48.18
N LEU C 86 -47.22 -6.72 48.04
CA LEU C 86 -48.04 -7.89 47.77
C LEU C 86 -49.00 -8.16 48.92
N SER C 87 -48.52 -8.04 50.16
CA SER C 87 -49.39 -8.23 51.31
C SER C 87 -50.51 -7.19 51.33
N ILE C 88 -50.19 -5.95 50.98
CA ILE C 88 -51.22 -4.91 50.92
C ILE C 88 -52.26 -5.23 49.85
N TRP C 89 -51.81 -5.66 48.67
CA TRP C 89 -52.72 -5.96 47.58
C TRP C 89 -53.61 -7.17 47.86
N GLY C 90 -53.12 -8.16 48.58
CA GLY C 90 -53.90 -9.35 48.82
C GLY C 90 -55.11 -9.20 49.71
N LEU C 91 -55.30 -8.02 50.31
CA LEU C 91 -56.37 -7.85 51.29
C LEU C 91 -57.75 -7.92 50.62
N GLU C 92 -57.92 -7.24 49.49
CA GLU C 92 -59.25 -7.07 48.89
C GLU C 92 -59.55 -8.21 47.91
N ASN C 93 -59.59 -9.42 48.46
CA ASN C 93 -59.89 -10.61 47.69
C ASN C 93 -60.63 -11.60 48.59
N ASP C 94 -60.70 -12.85 48.15
CA ASP C 94 -61.39 -13.88 48.91
C ASP C 94 -60.66 -14.17 50.21
N ASP C 95 -61.34 -14.87 51.12
CA ASP C 95 -60.78 -15.13 52.44
C ASP C 95 -59.50 -15.95 52.36
N ASP C 96 -59.49 -17.02 51.57
CA ASP C 96 -58.31 -17.85 51.47
C ASP C 96 -57.14 -17.10 50.83
N VAL C 97 -57.42 -16.31 49.78
CA VAL C 97 -56.39 -15.52 49.13
C VAL C 97 -55.88 -14.40 50.03
N SER C 98 -56.75 -13.77 50.82
CA SER C 98 -56.36 -12.71 51.73
C SER C 98 -55.50 -13.20 52.88
N ASP C 99 -55.39 -14.51 53.05
CA ASP C 99 -54.56 -15.11 54.10
C ASP C 99 -53.29 -15.73 53.53
N ILE C 100 -53.41 -16.46 52.41
CA ILE C 100 -52.23 -17.06 51.80
C ILE C 100 -51.26 -15.99 51.33
N THR C 101 -51.79 -14.91 50.75
CA THR C 101 -50.92 -13.81 50.31
C THR C 101 -50.18 -13.17 51.47
N ASP C 102 -50.89 -12.95 52.59
CA ASP C 102 -50.24 -12.36 53.76
C ASP C 102 -49.16 -13.29 54.31
N LYS C 103 -49.44 -14.59 54.37
CA LYS C 103 -48.44 -15.53 54.88
C LYS C 103 -47.22 -15.59 53.97
N LEU C 104 -47.44 -15.57 52.65
CA LEU C 104 -46.32 -15.56 51.72
C LEU C 104 -45.50 -14.29 51.84
N GLY C 105 -46.15 -13.14 52.03
CA GLY C 105 -45.41 -11.92 52.25
C GLY C 105 -44.57 -11.98 53.52
N VAL C 106 -45.15 -12.53 54.59
CA VAL C 106 -44.41 -12.69 55.84
C VAL C 106 -43.20 -13.58 55.64
N LEU C 107 -43.36 -14.69 54.91
CA LEU C 107 -42.24 -15.59 54.66
C LEU C 107 -41.17 -14.94 53.81
N ILE C 108 -41.58 -14.17 52.80
CA ILE C 108 -40.64 -13.53 51.88
C ILE C 108 -39.87 -12.44 52.61
N TYR C 109 -40.47 -11.87 53.64
CA TYR C 109 -39.88 -10.75 54.37
C TYR C 109 -38.52 -11.06 55.00
N GLU C 110 -38.19 -12.34 55.22
CA GLU C 110 -36.96 -12.68 55.93
C GLU C 110 -35.73 -12.74 55.02
N VAL C 111 -35.91 -12.65 53.70
CA VAL C 111 -34.75 -12.66 52.80
C VAL C 111 -33.88 -11.44 53.05
N SER C 112 -34.51 -10.27 53.25
CA SER C 112 -33.74 -9.07 53.56
C SER C 112 -33.03 -9.20 54.91
N GLU C 113 -33.69 -9.82 55.88
CA GLU C 113 -33.05 -10.02 57.18
C GLU C 113 -31.81 -10.88 57.06
N LEU C 114 -31.88 -11.95 56.26
CA LEU C 114 -30.69 -12.77 56.01
C LEU C 114 -29.62 -11.98 55.26
N ASP C 115 -30.04 -11.18 54.27
CA ASP C 115 -29.09 -10.43 53.46
C ASP C 115 -28.34 -9.39 54.29
N ASP C 116 -28.98 -8.85 55.33
CA ASP C 116 -28.29 -7.88 56.18
C ASP C 116 -27.09 -8.51 56.88
N GLN C 117 -27.29 -9.69 57.48
CA GLN C 117 -26.19 -10.40 58.12
C GLN C 117 -25.13 -10.81 57.11
N PHE C 118 -25.56 -11.23 55.92
CA PHE C 118 -24.60 -11.56 54.87
C PHE C 118 -23.75 -10.34 54.50
N ILE C 119 -24.38 -9.17 54.43
CA ILE C 119 -23.66 -7.94 54.12
C ILE C 119 -22.66 -7.61 55.22
N ASP C 120 -23.05 -7.80 56.47
CA ASP C 120 -22.13 -7.54 57.59
C ASP C 120 -20.90 -8.44 57.49
N ARG C 121 -21.12 -9.72 57.23
CA ARG C 121 -19.97 -10.64 57.11
C ARG C 121 -19.11 -10.28 55.89
N TYR C 122 -19.74 -9.83 54.82
CA TYR C 122 -19.00 -9.38 53.65
C TYR C 122 -18.11 -8.18 53.99
N ASP C 123 -18.63 -7.24 54.78
CA ASP C 123 -17.83 -6.09 55.20
C ASP C 123 -16.65 -6.53 56.06
N GLN C 124 -16.88 -7.51 56.94
CA GLN C 124 -15.77 -8.04 57.74
C GLN C 124 -14.68 -8.61 56.86
N TYR C 125 -15.06 -9.40 55.84
CA TYR C 125 -14.07 -9.96 54.92
C TYR C 125 -13.34 -8.86 54.16
N ARG C 126 -14.06 -7.82 53.75
CA ARG C 126 -13.42 -6.71 53.05
C ARG C 126 -12.39 -6.02 53.93
N LEU C 127 -12.70 -5.82 55.21
CA LEU C 127 -11.73 -5.23 56.13
C LEU C 127 -10.50 -6.13 56.27
N THR C 128 -10.73 -7.45 56.35
CA THR C 128 -9.62 -8.37 56.46
C THR C 128 -8.68 -8.26 55.26
N LEU C 129 -9.23 -8.11 54.06
CA LEU C 129 -8.37 -7.91 52.89
C LEU C 129 -7.68 -6.55 52.91
N LYS C 130 -8.39 -5.52 53.39
CA LYS C 130 -7.79 -4.19 53.48
C LYS C 130 -6.56 -4.19 54.38
N SER C 131 -6.55 -5.03 55.41
CA SER C 131 -5.37 -5.12 56.28
C SER C 131 -4.14 -5.57 55.49
N ILE C 132 -4.30 -6.59 54.64
CA ILE C 132 -3.19 -7.06 53.81
C ILE C 132 -2.74 -5.96 52.86
N ARG C 133 -3.70 -5.27 52.24
CA ARG C 133 -3.36 -4.17 51.36
C ARG C 133 -2.48 -3.14 52.08
N ASP C 134 -2.89 -2.76 53.30
CA ASP C 134 -2.16 -1.76 54.06
C ASP C 134 -0.75 -2.22 54.39
N ILE C 135 -0.60 -3.47 54.83
CA ILE C 135 0.73 -3.91 55.24
C ILE C 135 1.67 -4.01 54.05
N GLU C 136 1.19 -4.48 52.90
CA GLU C 136 2.07 -4.54 51.73
C GLU C 136 2.44 -3.15 51.23
N GLY C 137 1.48 -2.21 51.27
CA GLY C 137 1.79 -0.84 50.90
C GLY C 137 2.82 -0.21 51.82
N SER C 138 2.78 -0.56 53.10
CA SER C 138 3.81 -0.06 54.01
C SER C 138 5.15 -0.76 53.79
N VAL C 139 5.13 -2.01 53.33
CA VAL C 139 6.37 -2.76 53.14
C VAL C 139 7.17 -2.20 51.96
N GLN C 140 6.51 -1.82 50.87
CA GLN C 140 7.21 -1.45 49.64
C GLN C 140 8.33 -0.41 49.79
N PRO C 141 8.18 0.68 50.55
CA PRO C 141 9.23 1.72 50.55
C PRO C 141 10.63 1.24 50.95
N SER C 142 10.74 0.19 51.76
CA SER C 142 12.05 -0.31 52.13
C SER C 142 12.81 -0.83 50.90
N ARG C 143 12.16 -1.64 50.08
CA ARG C 143 12.78 -2.10 48.86
C ARG C 143 13.01 -0.95 47.90
N ASP C 144 12.13 0.06 47.89
CA ASP C 144 12.37 1.23 47.06
C ASP C 144 13.68 1.92 47.45
N ARG C 145 13.88 2.13 48.75
CA ARG C 145 15.09 2.79 49.22
C ARG C 145 16.34 1.95 48.93
N LYS C 146 16.24 0.63 49.10
CA LYS C 146 17.38 -0.24 48.79
C LYS C 146 17.76 -0.14 47.32
N ASP C 147 16.76 -0.15 46.43
CA ASP C 147 17.06 0.00 45.00
C ASP C 147 17.70 1.35 44.71
N LYS C 148 17.20 2.42 45.34
CA LYS C 148 17.80 3.73 45.13
C LYS C 148 19.26 3.76 45.56
N ILE C 149 19.56 3.17 46.73
CA ILE C 149 20.94 3.16 47.22
C ILE C 149 21.84 2.36 46.28
N THR C 150 21.34 1.22 45.79
CA THR C 150 22.13 0.41 44.86
C THR C 150 22.43 1.20 43.58
N ASP C 151 21.42 1.90 43.05
CA ASP C 151 21.64 2.68 41.83
C ASP C 151 22.65 3.79 42.08
N LYS C 152 22.57 4.46 43.23
CA LYS C 152 23.52 5.52 43.55
C LYS C 152 24.94 4.98 43.63
N ILE C 153 25.12 3.82 44.27
CA ILE C 153 26.44 3.20 44.36
C ILE C 153 26.97 2.88 42.98
N ALA C 154 26.11 2.29 42.13
CA ALA C 154 26.54 1.91 40.79
C ALA C 154 26.94 3.12 39.96
N TYR C 155 26.21 4.23 40.08
CA TYR C 155 26.56 5.43 39.31
C TYR C 155 27.85 6.06 39.84
N LEU C 156 27.98 6.16 41.17
CA LEU C 156 29.15 6.84 41.73
C LEU C 156 30.42 6.03 41.50
N LYS C 157 30.32 4.70 41.45
CA LYS C 157 31.50 3.91 41.11
C LYS C 157 31.97 4.19 39.70
N TYR C 158 31.03 4.33 38.76
CA TYR C 158 31.40 4.65 37.39
C TYR C 158 31.99 6.06 37.28
N LYS C 159 31.41 7.02 38.00
CA LYS C 159 31.85 8.42 37.85
C LYS C 159 33.32 8.58 38.21
N ASP C 160 33.71 8.11 39.39
CA ASP C 160 35.11 8.11 39.79
C ASP C 160 35.33 7.13 40.93
N PRO C 161 36.27 6.20 40.79
CA PRO C 161 36.50 5.21 41.86
C PRO C 161 37.25 5.76 43.06
N GLN C 162 37.78 6.98 42.99
CA GLN C 162 38.59 7.54 44.06
C GLN C 162 37.78 8.32 45.09
N SER C 163 36.46 8.38 44.93
CA SER C 163 35.64 9.11 45.89
C SER C 163 35.65 8.41 47.25
N PRO C 164 35.66 9.18 48.34
CA PRO C 164 35.62 8.57 49.68
C PRO C 164 34.24 8.16 50.14
N LYS C 165 33.22 8.29 49.30
CA LYS C 165 31.85 7.94 49.66
C LYS C 165 31.51 6.49 49.36
N ILE C 166 32.45 5.70 48.85
CA ILE C 166 32.18 4.31 48.53
C ILE C 166 31.91 3.50 49.80
N GLU C 167 32.74 3.71 50.83
CA GLU C 167 32.63 2.88 52.04
C GLU C 167 31.33 3.15 52.78
N VAL C 168 30.98 4.41 52.96
CA VAL C 168 29.75 4.75 53.69
C VAL C 168 28.53 4.26 52.92
N LEU C 169 28.53 4.43 51.60
CA LEU C 169 27.41 3.95 50.79
C LEU C 169 27.30 2.45 50.84
N GLU C 170 28.43 1.73 50.81
CA GLU C 170 28.40 0.28 50.92
C GLU C 170 27.86 -0.18 52.27
N GLN C 171 28.26 0.51 53.34
CA GLN C 171 27.73 0.17 54.66
C GLN C 171 26.22 0.42 54.72
N GLU C 172 25.76 1.53 54.14
CA GLU C 172 24.33 1.80 54.10
C GLU C 172 23.60 0.73 53.29
N LEU C 173 24.20 0.28 52.19
CA LEU C 173 23.58 -0.75 51.37
C LEU C 173 23.47 -2.06 52.13
N VAL C 174 24.52 -2.45 52.86
CA VAL C 174 24.46 -3.70 53.60
C VAL C 174 23.45 -3.60 54.74
N ARG C 175 23.33 -2.41 55.36
CA ARG C 175 22.32 -2.20 56.39
C ARG C 175 20.91 -2.34 55.81
N ALA C 176 20.68 -1.72 54.64
CA ALA C 176 19.37 -1.82 54.00
C ALA C 176 19.06 -3.26 53.60
N GLU C 177 20.07 -3.99 53.12
CA GLU C 177 19.86 -5.39 52.78
C GLU C 177 19.48 -6.21 54.01
N ALA C 178 20.17 -5.97 55.13
CA ALA C 178 19.84 -6.68 56.37
C ALA C 178 18.43 -6.36 56.82
N GLU C 179 17.99 -5.11 56.65
CA GLU C 179 16.62 -4.76 56.99
C GLU C 179 15.62 -5.44 56.08
N SER C 180 15.87 -5.42 54.77
CA SER C 180 14.93 -6.01 53.81
C SER C 180 14.84 -7.52 53.97
N LEU C 181 15.92 -8.15 54.45
CA LEU C 181 15.90 -9.60 54.63
C LEU C 181 14.80 -10.02 55.60
N VAL C 182 14.59 -9.25 56.67
CA VAL C 182 13.51 -9.55 57.59
C VAL C 182 12.19 -8.90 57.14
N ALA C 183 12.26 -7.80 56.39
CA ALA C 183 11.03 -7.16 55.90
C ALA C 183 10.27 -8.10 54.96
N GLU C 184 10.98 -8.76 54.05
CA GLU C 184 10.32 -9.68 53.12
C GLU C 184 9.68 -10.85 53.85
N ALA C 185 10.39 -11.40 54.84
CA ALA C 185 9.85 -12.52 55.60
C ALA C 185 8.59 -12.11 56.37
N GLN C 186 8.63 -10.95 57.02
CA GLN C 186 7.46 -10.51 57.78
C GLN C 186 6.31 -10.11 56.86
N LEU C 187 6.61 -9.72 55.61
CA LEU C 187 5.53 -9.47 54.66
C LEU C 187 4.89 -10.77 54.20
N SER C 188 5.70 -11.78 53.88
CA SER C 188 5.17 -13.03 53.36
C SER C 188 4.57 -13.92 54.42
N ASN C 189 4.86 -13.67 55.71
CA ASN C 189 4.36 -14.56 56.76
C ASN C 189 2.84 -14.47 56.90
N ILE C 190 2.28 -13.26 56.82
CA ILE C 190 0.88 -13.07 57.22
C ILE C 190 -0.11 -13.14 56.06
N THR C 191 0.34 -13.03 54.82
CA THR C 191 -0.59 -13.01 53.70
C THR C 191 -1.32 -14.34 53.56
N ARG C 192 -0.58 -15.44 53.56
CA ARG C 192 -1.18 -16.76 53.37
C ARG C 192 -2.09 -17.15 54.52
N SER C 193 -1.97 -16.49 55.67
CA SER C 193 -2.84 -16.76 56.81
C SER C 193 -4.10 -15.90 56.75
N LYS C 194 -3.94 -14.60 56.54
CA LYS C 194 -5.11 -13.71 56.51
C LYS C 194 -6.01 -14.01 55.33
N LEU C 195 -5.43 -14.29 54.15
CA LEU C 195 -6.25 -14.63 52.99
C LEU C 195 -7.06 -15.89 53.26
N ARG C 196 -6.41 -16.92 53.82
CA ARG C 196 -7.10 -18.17 54.11
C ARG C 196 -8.22 -17.96 55.11
N ALA C 197 -7.96 -17.19 56.17
CA ALA C 197 -9.00 -16.96 57.18
C ALA C 197 -10.18 -16.20 56.58
N ALA C 198 -9.91 -15.15 55.80
CA ALA C 198 -10.98 -14.36 55.22
C ALA C 198 -11.82 -15.20 54.27
N PHE C 199 -11.18 -16.02 53.43
CA PHE C 199 -11.93 -16.81 52.47
C PHE C 199 -12.73 -17.91 53.16
N ASN C 200 -12.18 -18.51 54.22
CA ASN C 200 -12.95 -19.48 54.99
C ASN C 200 -14.18 -18.84 55.61
N TYR C 201 -14.03 -17.65 56.18
CA TYR C 201 -15.17 -16.94 56.76
C TYR C 201 -16.22 -16.65 55.70
N GLN C 202 -15.78 -16.17 54.52
CA GLN C 202 -16.73 -15.86 53.45
C GLN C 202 -17.47 -17.10 52.99
N PHE C 203 -16.77 -18.22 52.82
CA PHE C 203 -17.43 -19.44 52.36
C PHE C 203 -18.41 -19.96 53.40
N ASP C 204 -18.05 -19.89 54.69
CA ASP C 204 -18.98 -20.31 55.73
C ASP C 204 -20.24 -19.45 55.71
N SER C 205 -20.08 -18.13 55.57
CA SER C 205 -21.24 -17.25 55.50
C SER C 205 -22.12 -17.59 54.30
N ILE C 206 -21.50 -17.83 53.15
CA ILE C 206 -22.26 -18.16 51.95
C ILE C 206 -23.05 -19.45 52.15
N ILE C 207 -22.42 -20.47 52.73
CA ILE C 207 -23.09 -21.74 52.96
C ILE C 207 -24.28 -21.57 53.89
N GLU C 208 -24.08 -20.84 55.00
CA GLU C 208 -25.16 -20.64 55.95
C GLU C 208 -26.33 -19.90 55.31
N HIS C 209 -26.04 -18.81 54.58
CA HIS C 209 -27.11 -18.04 53.96
C HIS C 209 -27.88 -18.85 52.94
N SER C 210 -27.15 -19.61 52.11
CA SER C 210 -27.82 -20.41 51.08
C SER C 210 -28.71 -21.49 51.70
N GLU C 211 -28.22 -22.16 52.75
CA GLU C 211 -29.01 -23.21 53.38
C GLU C 211 -30.27 -22.62 54.04
N LYS C 212 -30.13 -21.48 54.70
CA LYS C 212 -31.30 -20.85 55.31
C LYS C 212 -32.33 -20.45 54.25
N ILE C 213 -31.86 -19.89 53.12
CA ILE C 213 -32.78 -19.51 52.05
C ILE C 213 -33.49 -20.73 51.49
N ALA C 214 -32.75 -21.83 51.29
CA ALA C 214 -33.37 -23.04 50.76
C ALA C 214 -34.43 -23.59 51.71
N LEU C 215 -34.13 -23.60 53.01
CA LEU C 215 -35.12 -24.08 53.98
C LEU C 215 -36.37 -23.21 53.97
N ILE C 216 -36.19 -21.89 53.92
CA ILE C 216 -37.34 -20.98 53.89
C ILE C 216 -38.18 -21.23 52.65
N ALA C 217 -37.53 -21.41 51.49
CA ALA C 217 -38.27 -21.65 50.26
C ALA C 217 -39.03 -22.97 50.32
N GLY C 218 -38.41 -24.02 50.87
CA GLY C 218 -39.09 -25.29 51.01
C GLY C 218 -40.32 -25.20 51.87
N TYR C 219 -40.21 -24.53 53.02
CA TYR C 219 -41.38 -24.38 53.88
C TYR C 219 -42.44 -23.49 53.25
N GLY C 220 -42.02 -22.50 52.45
CA GLY C 220 -42.99 -21.71 51.71
C GLY C 220 -43.77 -22.53 50.71
N LYS C 221 -43.10 -23.42 49.98
CA LYS C 221 -43.80 -24.34 49.09
C LYS C 221 -44.75 -25.24 49.87
N ALA C 222 -44.31 -25.73 51.02
CA ALA C 222 -45.17 -26.57 51.85
C ALA C 222 -46.44 -25.82 52.26
N LEU C 223 -46.29 -24.55 52.64
CA LEU C 223 -47.46 -23.75 53.00
C LEU C 223 -48.37 -23.52 51.81
N LEU C 224 -47.78 -23.18 50.65
CA LEU C 224 -48.57 -22.90 49.46
C LEU C 224 -49.30 -24.14 48.95
N GLU C 225 -48.81 -25.33 49.29
CA GLU C 225 -49.47 -26.56 48.85
C GLU C 225 -50.90 -26.65 49.40
N LEU C 226 -51.19 -25.89 50.46
CA LEU C 226 -52.50 -25.91 51.09
C LEU C 226 -53.55 -25.14 50.31
N LEU C 227 -53.14 -24.23 49.43
CA LEU C 227 -54.07 -23.37 48.68
C LEU C 227 -54.80 -24.26 47.67
N ASP C 228 -56.05 -24.60 47.97
CA ASP C 228 -56.84 -25.43 47.09
C ASP C 228 -57.45 -24.60 45.97
N ASP C 229 -57.44 -25.15 44.76
CA ASP C 229 -58.04 -24.52 43.59
C ASP C 229 -58.90 -25.53 42.85
N SER C 230 -60.05 -25.07 42.36
CA SER C 230 -60.93 -25.88 41.53
C SER C 230 -61.77 -24.93 40.68
N PRO C 231 -62.05 -25.29 39.43
CA PRO C 231 -62.88 -24.42 38.59
C PRO C 231 -64.29 -24.31 39.14
N VAL C 232 -64.87 -23.12 39.04
CA VAL C 232 -66.21 -22.84 39.56
C VAL C 232 -67.09 -22.41 38.39
N THR C 233 -68.29 -22.98 38.32
CA THR C 233 -69.25 -22.62 37.31
C THR C 233 -69.97 -21.32 37.69
N PRO C 234 -70.47 -20.57 36.70
CA PRO C 234 -71.19 -19.34 37.01
C PRO C 234 -72.40 -19.60 37.90
N GLY C 235 -72.61 -18.70 38.86
CA GLY C 235 -73.71 -18.82 39.79
C GLY C 235 -73.43 -19.65 41.02
N GLU C 236 -72.33 -20.41 41.03
CA GLU C 236 -72.01 -21.24 42.18
C GLU C 236 -71.28 -20.43 43.25
N THR C 237 -71.34 -20.93 44.48
CA THR C 237 -70.66 -20.33 45.61
C THR C 237 -69.63 -21.31 46.17
N ARG C 238 -68.40 -20.86 46.29
CA ARG C 238 -67.35 -21.71 46.82
C ARG C 238 -67.60 -22.00 48.31
N PRO C 239 -67.26 -23.19 48.79
CA PRO C 239 -67.42 -23.48 50.22
C PRO C 239 -66.53 -22.59 51.06
N ALA C 240 -67.01 -22.30 52.28
CA ALA C 240 -66.25 -21.45 53.19
C ALA C 240 -64.89 -22.09 53.51
N TYR C 241 -63.83 -21.30 53.39
CA TYR C 241 -62.48 -21.79 53.61
C TYR C 241 -62.15 -21.77 55.10
N ASP C 242 -61.72 -22.91 55.63
CA ASP C 242 -61.32 -23.05 57.03
C ASP C 242 -59.95 -23.74 57.08
N GLY C 243 -58.89 -22.93 57.01
CA GLY C 243 -57.54 -23.44 57.09
C GLY C 243 -56.63 -22.51 57.86
N TYR C 244 -57.21 -21.73 58.76
CA TYR C 244 -56.43 -20.73 59.50
C TYR C 244 -55.39 -21.37 60.40
N GLU C 245 -55.75 -22.48 61.05
CA GLU C 245 -54.87 -23.11 62.04
C GLU C 245 -53.63 -23.71 61.40
N ALA C 246 -53.79 -24.37 60.26
CA ALA C 246 -52.68 -25.08 59.61
C ALA C 246 -51.56 -24.13 59.22
N SER C 247 -51.91 -22.96 58.68
CA SER C 247 -50.91 -21.98 58.29
C SER C 247 -50.11 -21.49 59.48
N LYS C 248 -50.78 -21.28 60.61
CA LYS C 248 -50.09 -20.86 61.83
C LYS C 248 -49.08 -21.90 62.28
N GLN C 249 -49.49 -23.18 62.25
CA GLN C 249 -48.56 -24.25 62.60
C GLN C 249 -47.39 -24.30 61.62
N ILE C 250 -47.66 -24.08 60.33
CA ILE C 250 -46.60 -24.13 59.34
C ILE C 250 -45.56 -23.03 59.60
N ILE C 251 -46.03 -21.80 59.84
CA ILE C 251 -45.08 -20.72 60.05
C ILE C 251 -44.37 -20.88 61.40
N ILE C 252 -45.04 -21.43 62.41
CA ILE C 252 -44.38 -21.71 63.68
C ILE C 252 -43.26 -22.74 63.47
N ASP C 253 -43.53 -23.78 62.69
CA ASP C 253 -42.50 -24.76 62.38
C ASP C 253 -41.35 -24.13 61.61
N ALA C 254 -41.66 -23.21 60.71
CA ALA C 254 -40.62 -22.50 59.97
C ALA C 254 -39.73 -21.71 60.92
N GLU C 255 -40.33 -21.00 61.87
CA GLU C 255 -39.55 -20.26 62.84
C GLU C 255 -38.69 -21.19 63.69
N SER C 256 -39.26 -22.31 64.13
CA SER C 256 -38.49 -23.26 64.94
C SER C 256 -37.31 -23.83 64.17
N ALA C 257 -37.53 -24.20 62.90
CA ALA C 257 -36.46 -24.76 62.09
C ALA C 257 -35.38 -23.72 61.82
N LEU C 258 -35.77 -22.47 61.55
CA LEU C 258 -34.79 -21.42 61.31
C LEU C 258 -33.96 -21.14 62.55
N ASN C 259 -34.60 -21.12 63.72
CA ASN C 259 -33.87 -20.82 64.95
C ASN C 259 -32.97 -21.98 65.36
N GLU C 260 -33.43 -23.23 65.16
CA GLU C 260 -32.69 -24.39 65.63
C GLU C 260 -31.45 -24.67 64.78
N TRP C 261 -31.46 -24.28 63.50
CA TRP C 261 -30.38 -24.64 62.60
C TRP C 261 -29.04 -24.09 63.08
N THR C 262 -28.01 -24.94 63.02
CA THR C 262 -26.64 -24.56 63.35
C THR C 262 -25.73 -24.91 62.19
N LEU C 263 -24.53 -24.34 62.22
CA LEU C 263 -23.55 -24.61 61.15
C LEU C 263 -23.15 -26.07 61.15
N ASP C 264 -22.95 -26.66 62.34
CA ASP C 264 -22.55 -28.06 62.44
C ASP C 264 -23.65 -29.00 61.96
N SER C 265 -24.90 -28.54 61.93
CA SER C 265 -26.04 -29.35 61.49
C SER C 265 -26.41 -29.04 60.05
N ALA C 266 -25.43 -28.76 59.20
CA ALA C 266 -25.70 -28.44 57.81
C ALA C 266 -26.30 -29.63 57.08
N GLN C 267 -27.39 -29.40 56.36
CA GLN C 267 -28.06 -30.48 55.64
C GLN C 267 -27.27 -30.89 54.39
N VAL C 268 -26.67 -29.93 53.69
CA VAL C 268 -25.93 -30.22 52.47
C VAL C 268 -24.58 -30.82 52.83
N LYS C 269 -24.28 -31.97 52.25
CA LYS C 269 -23.01 -32.66 52.47
C LYS C 269 -22.29 -32.79 51.14
N PRO C 270 -21.35 -31.90 50.82
CA PRO C 270 -20.63 -32.01 49.55
C PRO C 270 -19.84 -33.31 49.47
N THR C 271 -19.78 -33.88 48.28
CA THR C 271 -19.07 -35.13 48.05
C THR C 271 -17.58 -34.89 47.83
N MET D 1 -38.50 -13.82 63.29
CA MET D 1 -39.38 -12.67 63.36
C MET D 1 -39.09 -11.83 64.61
N HIS D 2 -37.97 -11.12 64.60
CA HIS D 2 -37.62 -10.26 65.73
C HIS D 2 -38.57 -9.07 65.82
N ARG D 3 -38.92 -8.48 64.68
CA ARG D 3 -39.79 -7.31 64.68
C ARG D 3 -41.18 -7.63 65.20
N THR D 4 -41.72 -8.79 64.80
CA THR D 4 -43.11 -9.11 65.14
C THR D 4 -43.29 -9.31 66.64
N TYR D 5 -42.46 -10.16 67.24
CA TYR D 5 -42.69 -10.64 68.60
C TYR D 5 -42.09 -9.75 69.66
N SER D 6 -41.47 -8.63 69.28
CA SER D 6 -40.89 -7.71 70.25
C SER D 6 -40.87 -6.31 69.66
N LEU D 7 -41.15 -5.32 70.51
CA LEU D 7 -41.12 -3.93 70.05
C LEU D 7 -39.71 -3.47 69.71
N ARG D 8 -38.69 -4.19 70.16
CA ARG D 8 -37.31 -3.83 69.85
C ARG D 8 -37.02 -4.05 68.37
N ASN D 9 -36.17 -3.19 67.82
CA ASN D 9 -35.72 -3.31 66.44
C ASN D 9 -34.40 -4.06 66.32
N SER D 10 -33.86 -4.56 67.43
CA SER D 10 -32.59 -5.28 67.42
C SER D 10 -32.85 -6.76 67.09
N ARG D 11 -31.83 -7.58 67.26
CA ARG D 11 -31.90 -9.01 66.94
C ARG D 11 -31.87 -9.81 68.23
N ALA D 12 -32.85 -10.70 68.40
CA ALA D 12 -32.89 -11.55 69.58
C ALA D 12 -31.81 -12.63 69.48
N PRO D 13 -31.26 -13.05 70.62
CA PRO D 13 -30.25 -14.11 70.60
C PRO D 13 -30.81 -15.42 70.05
N THR D 14 -29.95 -16.14 69.34
CA THR D 14 -30.32 -17.43 68.75
C THR D 14 -29.13 -18.37 68.90
N ALA D 15 -29.25 -19.57 68.32
CA ALA D 15 -28.18 -20.55 68.40
C ALA D 15 -26.92 -20.05 67.71
N SER D 16 -27.06 -19.47 66.52
CA SER D 16 -25.92 -18.92 65.81
C SER D 16 -25.33 -17.73 66.56
N GLN D 17 -26.19 -16.88 67.13
CA GLN D 17 -25.70 -15.74 67.90
C GLN D 17 -24.96 -16.21 69.16
N LEU D 18 -25.49 -17.24 69.83
CA LEU D 18 -24.80 -17.77 71.01
C LEU D 18 -23.47 -18.39 70.64
N GLN D 19 -23.41 -19.14 69.53
CA GLN D 19 -22.15 -19.75 69.12
C GLN D 19 -21.13 -18.69 68.72
N ASN D 20 -21.56 -17.67 67.97
CA ASN D 20 -20.66 -16.62 67.52
C ASN D 20 -21.39 -15.28 67.65
N PRO D 21 -20.80 -14.30 68.33
CA PRO D 21 -21.43 -12.98 68.47
C PRO D 21 -21.66 -12.34 67.12
N PRO D 22 -22.76 -11.62 66.94
CA PRO D 22 -23.06 -10.99 65.65
C PRO D 22 -22.02 -9.93 65.32
N PRO D 23 -21.65 -9.80 64.05
CA PRO D 23 -20.68 -8.78 63.65
C PRO D 23 -21.27 -7.39 63.74
N PRO D 24 -20.44 -6.36 63.89
CA PRO D 24 -20.97 -5.00 63.93
C PRO D 24 -21.60 -4.63 62.59
N PRO D 25 -22.55 -3.69 62.57
CA PRO D 25 -23.18 -3.31 61.30
C PRO D 25 -22.18 -2.69 60.35
N SER D 26 -22.44 -2.86 59.06
CA SER D 26 -21.54 -2.36 58.03
C SER D 26 -21.41 -0.84 58.11
N THR D 27 -20.16 -0.36 58.02
CA THR D 27 -19.90 1.07 58.14
C THR D 27 -20.28 1.85 56.89
N THR D 28 -20.31 1.20 55.73
CA THR D 28 -20.64 1.88 54.46
C THR D 28 -22.13 1.82 54.16
N LYS D 29 -22.94 2.25 55.13
CA LYS D 29 -24.39 2.34 54.98
C LYS D 29 -24.77 3.79 55.22
N GLY D 30 -24.73 4.59 54.15
CA GLY D 30 -25.01 6.01 54.28
C GLY D 30 -26.48 6.30 54.50
N ARG D 31 -26.75 7.51 55.02
CA ARG D 31 -28.12 7.92 55.26
C ARG D 31 -28.88 8.13 53.96
N PHE D 32 -28.22 8.70 52.95
CA PHE D 32 -28.86 8.95 51.67
C PHE D 32 -29.12 7.63 50.94
N PHE D 33 -30.33 7.47 50.42
CA PHE D 33 -30.69 6.23 49.73
C PHE D 33 -29.89 6.06 48.44
N GLY D 34 -29.88 7.08 47.59
CA GLY D 34 -29.20 6.98 46.32
C GLY D 34 -29.73 5.87 45.44
N LYS D 35 -31.05 5.72 45.37
CA LYS D 35 -31.68 4.61 44.66
C LYS D 35 -31.81 4.94 43.17
N GLY D 36 -30.66 5.11 42.54
CA GLY D 36 -30.61 5.36 41.10
C GLY D 36 -31.32 6.64 40.69
N GLY D 37 -31.16 7.71 41.47
CA GLY D 37 -31.83 8.95 41.13
C GLY D 37 -33.33 8.87 41.35
N LEU D 38 -34.06 9.71 40.61
CA LEU D 38 -35.51 9.77 40.70
C LEU D 38 -36.20 8.89 39.67
N ALA D 39 -35.44 8.16 38.84
CA ALA D 39 -36.07 7.30 37.84
C ALA D 39 -36.90 6.20 38.49
N TYR D 40 -36.37 5.58 39.55
CA TYR D 40 -37.11 4.55 40.26
C TYR D 40 -38.41 5.10 40.83
N SER D 41 -38.34 6.27 41.47
CA SER D 41 -39.53 6.87 42.06
C SER D 41 -40.55 7.24 40.99
N PHE D 42 -40.09 7.75 39.85
CA PHE D 42 -41.02 8.09 38.77
C PHE D 42 -41.69 6.85 38.21
N ARG D 43 -40.91 5.80 37.95
CA ARG D 43 -41.50 4.54 37.47
C ARG D 43 -42.47 3.97 38.48
N ARG D 44 -42.20 4.20 39.77
CA ARG D 44 -43.05 3.67 40.83
C ARG D 44 -44.35 4.44 40.94
N SER D 45 -44.30 5.76 40.78
CA SER D 45 -45.47 6.60 41.02
C SER D 45 -46.35 6.77 39.80
N ALA D 46 -45.77 6.90 38.60
CA ALA D 46 -46.56 7.14 37.40
C ALA D 46 -47.44 5.94 37.06
N ALA D 47 -47.00 4.73 37.39
CA ALA D 47 -47.75 3.54 37.02
C ALA D 47 -49.00 3.35 37.86
N GLY D 48 -49.05 3.92 39.07
CA GLY D 48 -50.16 3.72 39.97
C GLY D 48 -51.29 4.72 39.88
N ALA D 49 -51.26 5.64 38.92
CA ALA D 49 -52.31 6.63 38.81
C ALA D 49 -52.70 6.93 37.36
N PHE D 50 -52.58 5.95 36.46
CA PHE D 50 -52.89 6.16 35.05
C PHE D 50 -54.00 5.26 34.54
N GLY D 51 -53.95 3.97 34.83
CA GLY D 51 -54.90 3.02 34.28
C GLY D 51 -56.14 2.86 35.14
N PRO D 52 -56.87 1.77 34.92
CA PRO D 52 -58.10 1.53 35.70
C PRO D 52 -57.79 1.32 37.18
N GLU D 53 -58.78 1.64 38.01
CA GLU D 53 -58.57 1.60 39.46
C GLU D 53 -58.37 0.16 39.95
N LEU D 54 -59.01 -0.81 39.30
CA LEU D 54 -58.95 -2.19 39.78
C LEU D 54 -57.53 -2.75 39.69
N SER D 55 -56.82 -2.47 38.59
CA SER D 55 -55.50 -3.03 38.34
C SER D 55 -54.38 -2.04 38.62
N ARG D 56 -54.58 -1.13 39.58
CA ARG D 56 -53.55 -0.14 39.88
C ARG D 56 -52.41 -0.73 40.72
N LYS D 57 -52.72 -1.64 41.65
CA LYS D 57 -51.71 -2.15 42.56
C LYS D 57 -50.77 -3.13 41.86
N LEU D 58 -51.32 -4.01 41.02
CA LEU D 58 -50.50 -5.02 40.36
C LEU D 58 -49.48 -4.40 39.42
N SER D 59 -49.81 -3.26 38.81
CA SER D 59 -48.84 -2.57 37.97
C SER D 59 -47.66 -2.08 38.80
N GLN D 60 -47.94 -1.52 39.98
CA GLN D 60 -46.87 -1.11 40.89
C GLN D 60 -46.02 -2.29 41.32
N LEU D 61 -46.67 -3.43 41.63
CA LEU D 61 -45.91 -4.61 42.01
C LEU D 61 -45.04 -5.09 40.86
N VAL D 62 -45.54 -5.04 39.62
CA VAL D 62 -44.75 -5.46 38.46
C VAL D 62 -43.54 -4.54 38.29
N LYS D 63 -43.74 -3.22 38.45
CA LYS D 63 -42.62 -2.29 38.33
C LYS D 63 -41.58 -2.54 39.41
N ILE D 64 -42.02 -2.80 40.64
CA ILE D 64 -41.08 -3.04 41.73
C ILE D 64 -40.32 -4.34 41.49
N GLU D 65 -41.01 -5.36 40.98
CA GLU D 65 -40.34 -6.60 40.62
C GLU D 65 -39.30 -6.37 39.52
N LYS D 66 -39.62 -5.50 38.57
CA LYS D 66 -38.66 -5.17 37.52
C LYS D 66 -37.42 -4.52 38.11
N ASN D 67 -37.60 -3.60 39.05
CA ASN D 67 -36.45 -2.98 39.72
C ASN D 67 -35.62 -4.01 40.47
N VAL D 68 -36.28 -4.92 41.19
CA VAL D 68 -35.60 -5.98 41.90
C VAL D 68 -34.77 -6.84 40.95
N LEU D 69 -35.35 -7.24 39.82
CA LEU D 69 -34.62 -8.05 38.85
C LEU D 69 -33.47 -7.27 38.23
N ARG D 70 -33.65 -5.96 38.03
CA ARG D 70 -32.60 -5.14 37.43
C ARG D 70 -31.38 -5.04 38.35
N SER D 71 -31.61 -4.94 39.65
CA SER D 71 -30.49 -4.77 40.59
C SER D 71 -29.55 -5.97 40.57
N MET D 72 -30.11 -7.19 40.50
CA MET D 72 -29.28 -8.39 40.60
C MET D 72 -28.33 -8.53 39.42
N GLU D 73 -28.71 -8.01 38.25
CA GLU D 73 -27.81 -8.06 37.10
C GLU D 73 -26.55 -7.25 37.37
N LEU D 74 -26.71 -6.04 37.90
CA LEU D 74 -25.55 -5.22 38.25
C LEU D 74 -24.73 -5.90 39.34
N THR D 75 -25.39 -6.50 40.33
CA THR D 75 -24.66 -7.19 41.37
C THR D 75 -23.81 -8.32 40.79
N ALA D 76 -24.38 -9.12 39.90
CA ALA D 76 -23.66 -10.24 39.31
C ALA D 76 -22.49 -9.76 38.46
N ASN D 77 -22.71 -8.70 37.67
CA ASN D 77 -21.63 -8.16 36.85
C ASN D 77 -20.47 -7.69 37.72
N GLU D 78 -20.78 -6.96 38.80
CA GLU D 78 -19.74 -6.48 39.70
C GLU D 78 -18.99 -7.62 40.35
N ARG D 79 -19.70 -8.67 40.78
CA ARG D 79 -19.03 -9.82 41.39
C ARG D 79 -18.12 -10.53 40.40
N ARG D 80 -18.57 -10.71 39.16
CA ARG D 80 -17.74 -11.35 38.16
C ARG D 80 -16.48 -10.54 37.89
N ASP D 81 -16.61 -9.22 37.80
CA ASP D 81 -15.45 -8.39 37.52
C ASP D 81 -14.51 -8.36 38.72
N ALA D 82 -15.07 -8.46 39.93
CA ALA D 82 -14.24 -8.60 41.13
C ALA D 82 -13.41 -9.89 41.08
N ALA D 83 -14.04 -10.99 40.66
CA ALA D 83 -13.29 -12.24 40.51
C ALA D 83 -12.18 -12.10 39.49
N LYS D 84 -12.47 -11.43 38.37
CA LYS D 84 -11.43 -11.22 37.35
C LYS D 84 -10.29 -10.39 37.91
N GLN D 85 -10.59 -9.34 38.67
CA GLN D 85 -9.54 -8.50 39.24
C GLN D 85 -8.70 -9.28 40.24
N LEU D 86 -9.34 -10.11 41.07
CA LEU D 86 -8.57 -10.93 42.02
C LEU D 86 -7.65 -11.89 41.28
N SER D 87 -8.14 -12.51 40.20
CA SER D 87 -7.30 -13.41 39.43
C SER D 87 -6.13 -12.66 38.80
N ILE D 88 -6.37 -11.44 38.33
CA ILE D 88 -5.29 -10.64 37.76
C ILE D 88 -4.25 -10.30 38.81
N TRP D 89 -4.70 -9.90 40.00
CA TRP D 89 -3.79 -9.54 41.09
C TRP D 89 -2.97 -10.71 41.61
N GLY D 90 -3.53 -11.91 41.62
CA GLY D 90 -2.82 -13.04 42.18
C GLY D 90 -1.62 -13.52 41.39
N LEU D 91 -1.37 -12.96 40.20
CA LEU D 91 -0.31 -13.47 39.34
C LEU D 91 1.07 -13.21 39.93
N GLU D 92 1.31 -11.99 40.43
CA GLU D 92 2.65 -11.56 40.83
C GLU D 92 2.90 -11.89 42.31
N ASN D 93 2.86 -13.19 42.60
CA ASN D 93 3.12 -13.68 43.94
C ASN D 93 3.78 -15.05 43.83
N ASP D 94 3.79 -15.78 44.94
CA ASP D 94 4.42 -17.09 44.97
C ASP D 94 3.63 -18.07 44.11
N ASP D 95 4.26 -19.22 43.82
CA ASP D 95 3.67 -20.19 42.91
C ASP D 95 2.34 -20.72 43.44
N ASP D 96 2.30 -21.09 44.72
CA ASP D 96 1.07 -21.63 45.29
C ASP D 96 -0.04 -20.58 45.32
N VAL D 97 0.31 -19.34 45.69
CA VAL D 97 -0.67 -18.25 45.70
C VAL D 97 -1.14 -17.88 44.30
N SER D 98 -0.25 -17.91 43.31
CA SER D 98 -0.61 -17.59 41.93
C SER D 98 -1.50 -18.64 41.29
N ASP D 99 -1.69 -19.78 41.95
CA ASP D 99 -2.58 -20.84 41.47
C ASP D 99 -3.85 -20.93 42.27
N ILE D 100 -3.76 -20.83 43.61
CA ILE D 100 -4.96 -20.88 44.44
C ILE D 100 -5.85 -19.69 44.15
N THR D 101 -5.27 -18.51 43.96
CA THR D 101 -6.06 -17.33 43.64
C THR D 101 -6.78 -17.49 42.30
N ASP D 102 -6.09 -18.02 41.29
CA ASP D 102 -6.73 -18.23 40.00
C ASP D 102 -7.87 -19.23 40.10
N LYS D 103 -7.66 -20.32 40.84
CA LYS D 103 -8.71 -21.32 40.99
C LYS D 103 -9.91 -20.75 41.74
N LEU D 104 -9.67 -19.94 42.77
CA LEU D 104 -10.77 -19.32 43.49
C LEU D 104 -11.53 -18.34 42.60
N GLY D 105 -10.81 -17.57 41.77
CA GLY D 105 -11.50 -16.69 40.83
C GLY D 105 -12.36 -17.48 39.86
N VAL D 106 -11.83 -18.58 39.34
CA VAL D 106 -12.60 -19.42 38.43
C VAL D 106 -13.86 -19.95 39.11
N LEU D 107 -13.73 -20.39 40.37
CA LEU D 107 -14.90 -20.90 41.10
C LEU D 107 -15.92 -19.80 41.35
N ILE D 108 -15.45 -18.60 41.69
CA ILE D 108 -16.34 -17.49 42.03
C ILE D 108 -17.07 -17.04 40.77
N TYR D 109 -16.44 -17.23 39.61
CA TYR D 109 -16.99 -16.76 38.35
C TYR D 109 -18.37 -17.31 38.01
N GLU D 110 -18.78 -18.44 38.60
CA GLU D 110 -20.05 -19.07 38.23
C GLU D 110 -21.25 -18.50 38.95
N VAL D 111 -21.05 -17.65 39.96
CA VAL D 111 -22.18 -17.05 40.66
C VAL D 111 -22.99 -16.18 39.71
N SER D 112 -22.31 -15.40 38.85
CA SER D 112 -23.02 -14.59 37.86
C SER D 112 -23.76 -15.46 36.86
N GLU D 113 -23.15 -16.59 36.47
CA GLU D 113 -23.81 -17.51 35.54
C GLU D 113 -25.11 -18.04 36.15
N LEU D 114 -25.08 -18.41 37.42
CA LEU D 114 -26.30 -18.85 38.09
C LEU D 114 -27.32 -17.71 38.20
N ASP D 115 -26.84 -16.50 38.50
CA ASP D 115 -27.72 -15.36 38.68
C ASP D 115 -28.43 -15.00 37.37
N ASP D 116 -27.79 -15.23 36.23
CA ASP D 116 -28.45 -14.95 34.95
C ASP D 116 -29.69 -15.81 34.75
N GLN D 117 -29.56 -17.11 35.01
CA GLN D 117 -30.71 -18.00 34.89
C GLN D 117 -31.77 -17.66 35.94
N PHE D 118 -31.34 -17.29 37.15
CA PHE D 118 -32.30 -16.87 38.16
C PHE D 118 -33.07 -15.64 37.70
N ILE D 119 -32.38 -14.70 37.06
CA ILE D 119 -33.04 -13.49 36.56
C ILE D 119 -34.03 -13.83 35.45
N ASP D 120 -33.67 -14.77 34.57
CA ASP D 120 -34.60 -15.19 33.52
C ASP D 120 -35.87 -15.78 34.12
N ARG D 121 -35.72 -16.65 35.11
CA ARG D 121 -36.91 -17.24 35.74
C ARG D 121 -37.73 -16.18 36.46
N TYR D 122 -37.05 -15.20 37.07
CA TYR D 122 -37.75 -14.09 37.71
C TYR D 122 -38.58 -13.31 36.69
N ASP D 123 -38.02 -13.06 35.51
CA ASP D 123 -38.77 -12.36 34.47
C ASP D 123 -39.98 -13.17 34.02
N GLN D 124 -39.83 -14.49 33.92
CA GLN D 124 -40.97 -15.33 33.58
C GLN D 124 -42.08 -15.19 34.62
N TYR D 125 -41.72 -15.22 35.90
CA TYR D 125 -42.72 -15.06 36.96
C TYR D 125 -43.39 -13.69 36.89
N ARG D 126 -42.61 -12.65 36.60
CA ARG D 126 -43.16 -11.30 36.47
C ARG D 126 -44.18 -11.24 35.33
N LEU D 127 -43.87 -11.87 34.20
CA LEU D 127 -44.84 -11.91 33.10
C LEU D 127 -46.10 -12.65 33.50
N THR D 128 -45.95 -13.75 34.24
CA THR D 128 -47.12 -14.50 34.70
C THR D 128 -48.02 -13.62 35.56
N LEU D 129 -47.44 -12.80 36.43
CA LEU D 129 -48.26 -11.89 37.23
C LEU D 129 -48.88 -10.78 36.38
N LYS D 130 -48.14 -10.30 35.38
CA LYS D 130 -48.66 -9.27 34.50
C LYS D 130 -49.90 -9.74 33.76
N SER D 131 -49.98 -11.04 33.45
CA SER D 131 -51.17 -11.56 32.80
C SER D 131 -52.41 -11.37 33.67
N ILE D 132 -52.30 -11.69 34.97
CA ILE D 132 -53.41 -11.49 35.89
C ILE D 132 -53.79 -10.02 35.97
N ARG D 133 -52.77 -9.16 36.05
CA ARG D 133 -53.04 -7.72 36.09
C ARG D 133 -53.87 -7.30 34.88
N ASP D 134 -53.47 -7.76 33.69
CA ASP D 134 -54.15 -7.38 32.46
C ASP D 134 -55.60 -7.87 32.46
N ILE D 135 -55.82 -9.13 32.86
CA ILE D 135 -57.18 -9.66 32.77
C ILE D 135 -58.10 -8.95 33.75
N GLU D 136 -57.62 -8.65 34.97
CA GLU D 136 -58.49 -7.96 35.91
C GLU D 136 -58.78 -6.52 35.46
N GLY D 137 -57.77 -5.85 34.88
CA GLY D 137 -57.99 -4.52 34.34
C GLY D 137 -59.01 -4.53 33.22
N SER D 138 -59.01 -5.58 32.40
CA SER D 138 -60.04 -5.68 31.36
C SER D 138 -61.40 -6.04 31.93
N VAL D 139 -61.44 -6.73 33.07
CA VAL D 139 -62.71 -7.15 33.64
C VAL D 139 -63.47 -5.96 34.23
N GLN D 140 -62.75 -5.03 34.87
CA GLN D 140 -63.41 -3.95 35.62
C GLN D 140 -64.48 -3.15 34.85
N PRO D 141 -64.29 -2.76 33.58
CA PRO D 141 -65.28 -1.88 32.94
C PRO D 141 -66.70 -2.43 32.89
N SER D 142 -66.89 -3.75 32.87
CA SER D 142 -68.24 -4.30 32.86
C SER D 142 -69.00 -3.91 34.12
N ARG D 143 -68.37 -4.11 35.29
CA ARG D 143 -69.00 -3.70 36.54
C ARG D 143 -69.15 -2.18 36.60
N ASP D 144 -68.21 -1.43 36.01
CA ASP D 144 -68.37 0.02 35.96
C ASP D 144 -69.65 0.40 35.21
N ARG D 145 -69.87 -0.21 34.04
CA ARG D 145 -71.05 0.09 33.25
C ARG D 145 -72.33 -0.33 33.96
N LYS D 146 -72.30 -1.49 34.63
CA LYS D 146 -73.48 -1.92 35.37
C LYS D 146 -73.83 -0.94 36.47
N ASP D 147 -72.82 -0.45 37.21
CA ASP D 147 -73.08 0.54 38.25
C ASP D 147 -73.64 1.82 37.66
N LYS D 148 -73.11 2.27 36.52
CA LYS D 148 -73.63 3.47 35.87
C LYS D 148 -75.09 3.31 35.48
N ILE D 149 -75.44 2.15 34.92
CA ILE D 149 -76.82 1.92 34.51
C ILE D 149 -77.74 1.90 35.72
N THR D 150 -77.30 1.26 36.81
CA THR D 150 -78.12 1.24 38.02
C THR D 150 -78.36 2.63 38.56
N ASP D 151 -77.31 3.47 38.58
CA ASP D 151 -77.46 4.84 39.06
C ASP D 151 -78.41 5.62 38.17
N LYS D 152 -78.30 5.45 36.85
CA LYS D 152 -79.21 6.14 35.94
C LYS D 152 -80.66 5.74 36.18
N ILE D 153 -80.91 4.45 36.37
CA ILE D 153 -82.26 3.98 36.64
C ILE D 153 -82.78 4.60 37.94
N ALA D 154 -81.94 4.59 38.98
CA ALA D 154 -82.37 5.12 40.27
C ALA D 154 -82.69 6.61 40.19
N TYR D 155 -81.90 7.38 39.44
CA TYR D 155 -82.18 8.80 39.32
C TYR D 155 -83.43 9.06 38.49
N LEU D 156 -83.59 8.35 37.37
CA LEU D 156 -84.72 8.61 36.49
C LEU D 156 -86.03 8.17 37.14
N LYS D 157 -86.00 7.14 37.99
CA LYS D 157 -87.21 6.78 38.71
C LYS D 157 -87.64 7.89 39.66
N TYR D 158 -86.69 8.52 40.34
CA TYR D 158 -87.01 9.63 41.23
C TYR D 158 -87.52 10.84 40.46
N LYS D 159 -86.90 11.13 39.31
CA LYS D 159 -87.26 12.35 38.58
C LYS D 159 -88.73 12.34 38.16
N ASP D 160 -89.17 11.28 37.50
CA ASP D 160 -90.57 11.11 37.15
C ASP D 160 -90.87 9.66 36.83
N PRO D 161 -91.86 9.04 37.49
CA PRO D 161 -92.16 7.63 37.25
C PRO D 161 -92.90 7.38 35.94
N GLN D 162 -93.36 8.42 35.25
CA GLN D 162 -94.15 8.26 34.04
C GLN D 162 -93.32 8.22 32.77
N SER D 163 -92.00 8.28 32.88
CA SER D 163 -91.16 8.24 31.70
C SER D 163 -91.24 6.86 31.04
N PRO D 164 -91.21 6.81 29.70
CA PRO D 164 -91.24 5.52 29.00
C PRO D 164 -89.89 4.83 28.91
N LYS D 165 -88.85 5.39 29.52
CA LYS D 165 -87.51 4.82 29.47
C LYS D 165 -87.24 3.83 30.59
N ILE D 166 -88.22 3.57 31.46
CA ILE D 166 -88.01 2.65 32.56
C ILE D 166 -87.82 1.22 32.05
N GLU D 167 -88.64 0.81 31.09
CA GLU D 167 -88.61 -0.58 30.63
C GLU D 167 -87.30 -0.91 29.90
N VAL D 168 -86.89 -0.03 28.99
CA VAL D 168 -85.65 -0.27 28.23
C VAL D 168 -84.45 -0.26 29.17
N LEU D 169 -84.42 0.68 30.11
CA LEU D 169 -83.32 0.74 31.06
C LEU D 169 -83.29 -0.51 31.95
N GLU D 170 -84.45 -0.99 32.37
CA GLU D 170 -84.50 -2.21 33.17
C GLU D 170 -84.01 -3.41 32.39
N GLN D 171 -84.39 -3.50 31.11
CA GLN D 171 -83.89 -4.60 30.28
C GLN D 171 -82.38 -4.52 30.10
N GLU D 172 -81.86 -3.31 29.89
CA GLU D 172 -80.41 -3.14 29.79
C GLU D 172 -79.73 -3.54 31.10
N LEU D 173 -80.33 -3.19 32.23
CA LEU D 173 -79.76 -3.56 33.52
C LEU D 173 -79.73 -5.07 33.72
N VAL D 174 -80.81 -5.76 33.35
CA VAL D 174 -80.83 -7.21 33.52
C VAL D 174 -79.83 -7.87 32.56
N ARG D 175 -79.66 -7.30 31.37
CA ARG D 175 -78.67 -7.82 30.44
C ARG D 175 -77.26 -7.65 31.00
N ALA D 176 -76.97 -6.47 31.56
CA ALA D 176 -75.66 -6.23 32.16
C ALA D 176 -75.41 -7.14 33.35
N GLU D 177 -76.45 -7.38 34.16
CA GLU D 177 -76.32 -8.31 35.29
C GLU D 177 -76.01 -9.71 34.80
N ALA D 178 -76.70 -10.17 33.75
CA ALA D 178 -76.44 -11.49 33.20
C ALA D 178 -75.01 -11.60 32.67
N GLU D 179 -74.51 -10.52 32.07
CA GLU D 179 -73.12 -10.51 31.60
C GLU D 179 -72.14 -10.56 32.77
N SER D 180 -72.36 -9.73 33.79
CA SER D 180 -71.45 -9.68 34.92
C SER D 180 -71.45 -10.98 35.71
N LEU D 181 -72.56 -11.72 35.69
CA LEU D 181 -72.62 -12.97 36.43
C LEU D 181 -71.57 -13.96 35.94
N VAL D 182 -71.34 -14.01 34.62
CA VAL D 182 -70.28 -14.85 34.08
C VAL D 182 -68.93 -14.14 34.08
N ALA D 183 -68.93 -12.80 34.00
CA ALA D 183 -67.66 -12.07 34.04
C ALA D 183 -66.93 -12.29 35.36
N GLU D 184 -67.66 -12.22 36.48
CA GLU D 184 -67.04 -12.41 37.77
C GLU D 184 -66.48 -13.83 37.92
N ALA D 185 -67.23 -14.83 37.45
CA ALA D 185 -66.76 -16.21 37.53
C ALA D 185 -65.50 -16.41 36.70
N GLN D 186 -65.49 -15.89 35.48
CA GLN D 186 -64.31 -16.06 34.63
C GLN D 186 -63.12 -15.25 35.15
N LEU D 187 -63.36 -14.17 35.89
CA LEU D 187 -62.27 -13.45 36.52
C LEU D 187 -61.68 -14.24 37.68
N SER D 188 -62.55 -14.80 38.53
CA SER D 188 -62.08 -15.50 39.72
C SER D 188 -61.54 -16.90 39.41
N ASN D 189 -61.84 -17.46 38.24
CA ASN D 189 -61.41 -18.82 37.95
C ASN D 189 -59.89 -18.92 37.81
N ILE D 190 -59.26 -17.94 37.16
CA ILE D 190 -57.87 -18.11 36.74
C ILE D 190 -56.85 -17.52 37.73
N THR D 191 -57.28 -16.65 38.64
CA THR D 191 -56.33 -16.01 39.54
C THR D 191 -55.66 -17.02 40.46
N ARG D 192 -56.47 -17.87 41.11
CA ARG D 192 -55.94 -18.81 42.08
C ARG D 192 -55.07 -19.88 41.41
N SER D 193 -55.18 -20.05 40.09
CA SER D 193 -54.34 -20.99 39.37
C SER D 193 -53.03 -20.34 38.93
N LYS D 194 -53.12 -19.17 38.30
CA LYS D 194 -51.91 -18.52 37.80
C LYS D 194 -51.00 -18.08 38.95
N LEU D 195 -51.57 -17.56 40.04
CA LEU D 195 -50.76 -17.18 41.18
C LEU D 195 -50.03 -18.38 41.76
N ARG D 196 -50.73 -19.50 41.91
CA ARG D 196 -50.11 -20.70 42.45
C ARG D 196 -49.00 -21.20 41.55
N ALA D 197 -49.24 -21.23 40.23
CA ALA D 197 -48.21 -21.71 39.31
C ALA D 197 -46.98 -20.80 39.35
N ALA D 198 -47.18 -19.48 39.32
CA ALA D 198 -46.05 -18.57 39.33
C ALA D 198 -45.24 -18.70 40.62
N PHE D 199 -45.92 -18.80 41.76
CA PHE D 199 -45.18 -18.89 43.02
C PHE D 199 -44.47 -20.23 43.16
N ASN D 200 -45.07 -21.32 42.66
CA ASN D 200 -44.36 -22.60 42.66
C ASN D 200 -43.11 -22.54 41.80
N TYR D 201 -43.21 -21.92 40.62
CA TYR D 201 -42.04 -21.78 39.75
C TYR D 201 -40.96 -20.96 40.44
N GLN D 202 -41.34 -19.85 41.07
CA GLN D 202 -40.37 -18.99 41.75
C GLN D 202 -39.68 -19.74 42.89
N PHE D 203 -40.44 -20.49 43.68
CA PHE D 203 -39.85 -21.22 44.80
C PHE D 203 -38.91 -22.32 44.31
N ASP D 204 -39.29 -23.02 43.23
CA ASP D 204 -38.40 -24.03 42.68
C ASP D 204 -37.10 -23.41 42.19
N SER D 205 -37.18 -22.26 41.50
CA SER D 205 -35.98 -21.59 41.05
C SER D 205 -35.10 -21.18 42.22
N ILE D 206 -35.70 -20.64 43.29
CA ILE D 206 -34.93 -20.21 44.44
C ILE D 206 -34.22 -21.41 45.08
N ILE D 207 -34.93 -22.53 45.22
CA ILE D 207 -34.32 -23.72 45.83
C ILE D 207 -33.14 -24.20 45.00
N GLU D 208 -33.32 -24.28 43.67
CA GLU D 208 -32.24 -24.76 42.81
C GLU D 208 -31.03 -23.85 42.90
N HIS D 209 -31.25 -22.53 42.81
CA HIS D 209 -30.12 -21.60 42.85
C HIS D 209 -29.39 -21.67 44.17
N SER D 210 -30.14 -21.72 45.29
CA SER D 210 -29.50 -21.78 46.59
C SER D 210 -28.68 -23.06 46.77
N GLU D 211 -29.23 -24.20 46.33
CA GLU D 211 -28.49 -25.45 46.48
C GLU D 211 -27.23 -25.46 45.64
N LYS D 212 -27.31 -24.94 44.40
CA LYS D 212 -26.12 -24.87 43.57
C LYS D 212 -25.05 -23.97 44.19
N ILE D 213 -25.47 -22.82 44.74
CA ILE D 213 -24.52 -21.91 45.36
C ILE D 213 -23.86 -22.58 46.57
N ALA D 214 -24.65 -23.29 47.38
CA ALA D 214 -24.09 -23.96 48.55
C ALA D 214 -23.08 -25.04 48.14
N LEU D 215 -23.40 -25.81 47.11
CA LEU D 215 -22.47 -26.84 46.64
C LEU D 215 -21.17 -26.22 46.15
N ILE D 216 -21.27 -25.11 45.39
CA ILE D 216 -20.08 -24.45 44.88
C ILE D 216 -19.22 -23.94 46.04
N ALA D 217 -19.86 -23.34 47.04
CA ALA D 217 -19.11 -22.83 48.19
C ALA D 217 -18.42 -23.95 48.96
N GLY D 218 -19.12 -25.08 49.14
CA GLY D 218 -18.51 -26.21 49.82
C GLY D 218 -17.28 -26.73 49.09
N TYR D 219 -17.38 -26.88 47.77
CA TYR D 219 -16.23 -27.36 47.02
C TYR D 219 -15.11 -26.32 47.00
N GLY D 220 -15.46 -25.03 47.04
CA GLY D 220 -14.43 -24.01 47.15
C GLY D 220 -13.67 -24.10 48.46
N LYS D 221 -14.39 -24.33 49.57
CA LYS D 221 -13.72 -24.55 50.85
C LYS D 221 -12.84 -25.79 50.79
N ALA D 222 -13.33 -26.85 50.16
CA ALA D 222 -12.52 -28.07 50.03
C ALA D 222 -11.23 -27.80 49.27
N LEU D 223 -11.31 -27.01 48.19
CA LEU D 223 -10.10 -26.66 47.45
C LEU D 223 -9.16 -25.79 48.28
N LEU D 224 -9.71 -24.79 48.98
CA LEU D 224 -8.89 -23.89 49.77
C LEU D 224 -8.21 -24.61 50.94
N GLU D 225 -8.77 -25.73 51.39
CA GLU D 225 -8.16 -26.47 52.49
C GLU D 225 -6.76 -26.96 52.14
N LEU D 226 -6.44 -27.01 50.84
CA LEU D 226 -5.15 -27.49 50.36
C LEU D 226 -4.04 -26.46 50.53
N LEU D 227 -4.39 -25.17 50.68
CA LEU D 227 -3.40 -24.10 50.78
C LEU D 227 -2.71 -24.22 52.12
N ASP D 228 -1.48 -24.74 52.11
CA ASP D 228 -0.73 -24.92 53.34
C ASP D 228 -0.05 -23.61 53.73
N ASP D 229 -0.06 -23.31 55.03
CA ASP D 229 0.59 -22.14 55.58
C ASP D 229 1.41 -22.53 56.81
N SER D 230 2.59 -21.93 56.94
CA SER D 230 3.45 -22.11 58.11
C SER D 230 4.35 -20.90 58.22
N PRO D 231 4.63 -20.43 59.44
CA PRO D 231 5.53 -19.28 59.59
C PRO D 231 6.93 -19.62 59.12
N VAL D 232 7.57 -18.64 58.49
CA VAL D 232 8.91 -18.81 57.94
C VAL D 232 9.84 -17.80 58.61
N THR D 233 11.01 -18.28 59.03
CA THR D 233 12.00 -17.42 59.64
C THR D 233 12.78 -16.67 58.57
N PRO D 234 13.34 -15.51 58.91
CA PRO D 234 14.12 -14.75 57.92
C PRO D 234 15.30 -15.56 57.40
N GLY D 235 15.55 -15.45 56.09
CA GLY D 235 16.61 -16.16 55.45
C GLY D 235 16.26 -17.55 54.96
N GLU D 236 15.13 -18.10 55.39
CA GLU D 236 14.74 -19.44 54.98
C GLU D 236 14.04 -19.40 53.63
N THR D 237 14.04 -20.55 52.95
CA THR D 237 13.38 -20.72 51.67
C THR D 237 12.29 -21.77 51.81
N ARG D 238 11.08 -21.43 51.40
CA ARG D 238 9.98 -22.38 51.49
C ARG D 238 10.18 -23.51 50.48
N PRO D 239 9.78 -24.73 50.81
CA PRO D 239 9.90 -25.84 49.86
C PRO D 239 9.04 -25.59 48.62
N ALA D 240 9.50 -26.12 47.49
CA ALA D 240 8.77 -25.97 46.24
C ALA D 240 7.38 -26.58 46.35
N TYR D 241 6.37 -25.83 45.94
CA TYR D 241 4.99 -26.28 46.05
C TYR D 241 4.63 -27.14 44.84
N ASP D 242 4.13 -28.35 45.11
CA ASP D 242 3.71 -29.28 44.06
C ASP D 242 2.30 -29.78 44.42
N GLY D 243 1.29 -29.04 43.97
CA GLY D 243 -0.10 -29.42 44.19
C GLY D 243 -0.97 -29.11 43.01
N TYR D 244 -0.37 -29.06 41.81
CA TYR D 244 -1.10 -28.68 40.62
C TYR D 244 -2.19 -29.68 40.27
N GLU D 245 -1.91 -30.98 40.42
CA GLU D 245 -2.83 -32.02 40.00
C GLU D 245 -4.10 -32.05 40.85
N ALA D 246 -3.95 -31.88 42.17
CA ALA D 246 -5.08 -32.00 43.09
C ALA D 246 -6.14 -30.94 42.81
N SER D 247 -5.71 -29.71 42.53
CA SER D 247 -6.67 -28.65 42.24
C SER D 247 -7.45 -28.93 40.97
N LYS D 248 -6.79 -29.48 39.95
CA LYS D 248 -7.48 -29.84 38.72
C LYS D 248 -8.55 -30.89 38.97
N GLN D 249 -8.22 -31.91 39.78
CA GLN D 249 -9.21 -32.92 40.14
C GLN D 249 -10.36 -32.30 40.92
N ILE D 250 -10.06 -31.37 41.81
CA ILE D 250 -11.10 -30.73 42.62
C ILE D 250 -12.07 -29.98 41.73
N ILE D 251 -11.56 -29.17 40.80
CA ILE D 251 -12.45 -28.39 39.95
C ILE D 251 -13.19 -29.28 38.97
N ILE D 252 -12.57 -30.38 38.52
CA ILE D 252 -13.28 -31.33 37.66
C ILE D 252 -14.43 -31.96 38.43
N ASP D 253 -14.20 -32.33 39.69
CA ASP D 253 -15.28 -32.88 40.51
C ASP D 253 -16.38 -31.85 40.73
N ALA D 254 -16.00 -30.57 40.89
CA ALA D 254 -17.00 -29.51 41.03
C ALA D 254 -17.86 -29.42 39.78
N GLU D 255 -17.23 -29.44 38.61
CA GLU D 255 -18.00 -29.41 37.35
C GLU D 255 -18.92 -30.61 37.24
N SER D 256 -18.43 -31.80 37.58
CA SER D 256 -19.25 -33.01 37.48
C SER D 256 -20.44 -32.93 38.43
N ALA D 257 -20.22 -32.47 39.67
CA ALA D 257 -21.31 -32.36 40.62
C ALA D 257 -22.33 -31.32 40.20
N LEU D 258 -21.86 -30.18 39.66
CA LEU D 258 -22.78 -29.16 39.20
C LEU D 258 -23.62 -29.64 38.03
N ASN D 259 -22.99 -30.36 37.08
CA ASN D 259 -23.73 -30.84 35.92
C ASN D 259 -24.71 -31.95 36.29
N GLU D 260 -24.30 -32.84 37.19
CA GLU D 260 -25.11 -34.01 37.52
C GLU D 260 -26.35 -33.66 38.35
N TRP D 261 -26.30 -32.57 39.12
CA TRP D 261 -27.38 -32.25 40.04
C TRP D 261 -28.69 -32.03 39.30
N THR D 262 -29.77 -32.61 39.84
CA THR D 262 -31.11 -32.44 39.33
C THR D 262 -32.03 -31.97 40.45
N LEU D 263 -33.20 -31.46 40.06
CA LEU D 263 -34.17 -30.98 41.05
C LEU D 263 -34.66 -32.12 41.92
N ASP D 264 -34.91 -33.29 41.33
CA ASP D 264 -35.38 -34.44 42.10
C ASP D 264 -34.33 -34.96 43.07
N SER D 265 -33.06 -34.65 42.84
CA SER D 265 -31.96 -35.08 43.70
C SER D 265 -31.53 -33.98 44.67
N ALA D 266 -32.49 -33.19 45.15
CA ALA D 266 -32.17 -32.10 46.06
C ALA D 266 -31.63 -32.66 47.38
N GLN D 267 -30.51 -32.09 47.84
CA GLN D 267 -29.89 -32.55 49.08
C GLN D 267 -30.66 -32.07 50.30
N VAL D 268 -31.20 -30.85 50.26
CA VAL D 268 -31.93 -30.30 51.39
C VAL D 268 -33.32 -30.92 51.45
N LYS D 269 -33.67 -31.48 52.60
CA LYS D 269 -34.98 -32.08 52.82
C LYS D 269 -35.69 -31.34 53.95
N PRO D 270 -36.56 -30.39 53.65
CA PRO D 270 -37.28 -29.67 54.71
C PRO D 270 -38.14 -30.61 55.54
N THR D 271 -38.21 -30.32 56.84
CA THR D 271 -38.98 -31.15 57.77
C THR D 271 -40.44 -30.73 57.76
N MET E 1 93.98 25.90 5.43
CA MET E 1 93.80 26.93 4.42
C MET E 1 93.39 26.33 3.08
N HIS E 2 92.15 25.87 2.98
CA HIS E 2 91.65 25.30 1.73
C HIS E 2 91.50 26.39 0.67
N ARG E 3 91.00 27.56 1.07
CA ARG E 3 90.77 28.64 0.11
C ARG E 3 92.08 29.15 -0.49
N THR E 4 93.12 29.28 0.33
CA THR E 4 94.36 29.89 -0.14
C THR E 4 95.05 29.02 -1.18
N TYR E 5 95.25 27.74 -0.87
CA TYR E 5 96.12 26.89 -1.67
C TYR E 5 95.41 26.20 -2.83
N SER E 6 94.13 26.48 -3.03
CA SER E 6 93.39 25.87 -4.12
C SER E 6 92.25 26.80 -4.52
N LEU E 7 91.99 26.90 -5.83
CA LEU E 7 90.89 27.71 -6.31
C LEU E 7 89.53 27.15 -5.91
N ARG E 8 89.48 25.88 -5.52
CA ARG E 8 88.22 25.27 -5.09
C ARG E 8 87.74 25.88 -3.77
N ASN E 9 86.43 25.98 -3.63
CA ASN E 9 85.82 26.45 -2.40
C ASN E 9 85.42 25.31 -1.47
N SER E 10 85.72 24.07 -1.84
CA SER E 10 85.37 22.91 -1.03
C SER E 10 86.45 22.68 0.02
N ARG E 11 86.39 21.52 0.69
CA ARG E 11 87.32 21.18 1.76
C ARG E 11 88.22 20.05 1.29
N ALA E 12 89.54 20.25 1.40
CA ALA E 12 90.48 19.22 1.03
C ALA E 12 90.48 18.09 2.05
N PRO E 13 90.73 16.86 1.62
CA PRO E 13 90.77 15.74 2.57
C PRO E 13 91.88 15.91 3.59
N THR E 14 91.61 15.46 4.82
CA THR E 14 92.57 15.52 5.91
C THR E 14 92.47 14.24 6.72
N ALA E 15 93.20 14.17 7.83
CA ALA E 15 93.18 12.98 8.67
C ALA E 15 91.79 12.74 9.25
N SER E 16 91.16 13.81 9.76
CA SER E 16 89.81 13.67 10.29
C SER E 16 88.81 13.31 9.19
N GLN E 17 88.97 13.90 8.01
CA GLN E 17 88.08 13.58 6.89
C GLN E 17 88.27 12.12 6.45
N LEU E 18 89.52 11.65 6.42
CA LEU E 18 89.77 10.26 6.05
C LEU E 18 89.19 9.31 7.09
N GLN E 19 89.35 9.63 8.38
CA GLN E 19 88.81 8.77 9.42
C GLN E 19 87.29 8.74 9.39
N ASN E 20 86.66 9.90 9.20
CA ASN E 20 85.20 10.01 9.17
C ASN E 20 84.81 10.97 8.06
N PRO E 21 83.93 10.56 7.15
CA PRO E 21 83.50 11.45 6.07
C PRO E 21 82.82 12.69 6.63
N PRO E 22 83.02 13.86 6.00
CA PRO E 22 82.40 15.09 6.50
C PRO E 22 80.88 15.02 6.42
N PRO E 23 80.19 15.58 7.40
CA PRO E 23 78.73 15.57 7.37
C PRO E 23 78.20 16.50 6.29
N PRO E 24 76.97 16.27 5.81
CA PRO E 24 76.41 17.18 4.82
C PRO E 24 76.18 18.56 5.41
N PRO E 25 76.17 19.61 4.58
CA PRO E 25 75.97 20.97 5.11
C PRO E 25 74.59 21.11 5.75
N SER E 26 74.51 22.00 6.74
CA SER E 26 73.27 22.21 7.47
C SER E 26 72.17 22.69 6.54
N THR E 27 70.98 22.09 6.68
CA THR E 27 69.85 22.43 5.82
C THR E 27 69.22 23.76 6.18
N THR E 28 69.34 24.22 7.41
CA THR E 28 68.74 25.47 7.86
C THR E 28 69.68 26.66 7.68
N LYS E 29 70.22 26.80 6.46
CA LYS E 29 71.07 27.93 6.10
C LYS E 29 70.40 28.64 4.93
N GLY E 30 69.52 29.59 5.26
CA GLY E 30 68.77 30.29 4.24
C GLY E 30 69.62 31.28 3.47
N ARG E 31 69.11 31.65 2.29
CA ARG E 31 69.82 32.61 1.45
C ARG E 31 69.80 34.01 2.08
N PHE E 32 68.68 34.39 2.69
CA PHE E 32 68.58 35.71 3.30
C PHE E 32 69.44 35.78 4.55
N PHE E 33 70.21 36.85 4.68
CA PHE E 33 71.11 36.99 5.83
C PHE E 33 70.32 37.15 7.12
N GLY E 34 69.36 38.08 7.16
CA GLY E 34 68.61 38.35 8.37
C GLY E 34 69.48 38.77 9.53
N LYS E 35 70.44 39.66 9.28
CA LYS E 35 71.42 40.05 10.30
C LYS E 35 70.84 41.17 11.16
N GLY E 36 69.78 40.83 11.89
CA GLY E 36 69.16 41.77 12.81
C GLY E 36 68.64 43.03 12.14
N GLY E 37 68.03 42.90 10.97
CA GLY E 37 67.52 44.07 10.29
C GLY E 37 68.64 44.93 9.73
N LEU E 38 68.33 46.22 9.57
CA LEU E 38 69.30 47.18 9.04
C LEU E 38 70.07 47.91 10.12
N ALA E 39 69.82 47.59 11.40
CA ALA E 39 70.53 48.26 12.48
C ALA E 39 72.04 47.98 12.41
N TYR E 40 72.40 46.73 12.14
CA TYR E 40 73.82 46.39 12.02
C TYR E 40 74.47 47.15 10.88
N SER E 41 73.81 47.21 9.72
CA SER E 41 74.37 47.92 8.58
C SER E 41 74.49 49.41 8.85
N PHE E 42 73.50 49.99 9.54
CA PHE E 42 73.57 51.41 9.86
C PHE E 42 74.71 51.70 10.83
N ARG E 43 74.84 50.89 11.88
CA ARG E 43 75.95 51.07 12.82
C ARG E 43 77.29 50.88 12.11
N ARG E 44 77.32 50.01 11.10
CA ARG E 44 78.56 49.75 10.38
C ARG E 44 78.94 50.88 9.45
N SER E 45 77.95 51.50 8.79
CA SER E 45 78.21 52.49 7.77
C SER E 45 78.34 53.91 8.33
N ALA E 46 77.50 54.28 9.30
CA ALA E 46 77.54 55.64 9.82
C ALA E 46 78.85 55.95 10.53
N ALA E 47 79.48 54.95 11.15
CA ALA E 47 80.69 55.19 11.91
C ALA E 47 81.90 55.46 11.03
N GLY E 48 81.88 55.01 9.78
CA GLY E 48 83.02 55.14 8.90
C GLY E 48 83.07 56.39 8.04
N ALA E 49 82.13 57.33 8.21
CA ALA E 49 82.13 58.52 7.39
C ALA E 49 81.77 59.78 8.18
N PHE E 50 82.10 59.83 9.47
CA PHE E 50 81.76 60.98 10.31
C PHE E 50 82.97 61.68 10.89
N GLY E 51 83.90 60.93 11.48
CA GLY E 51 85.03 61.51 12.16
C GLY E 51 86.21 61.79 11.26
N PRO E 52 87.39 61.96 11.86
CA PRO E 52 88.60 62.23 11.06
C PRO E 52 88.96 61.04 10.18
N GLU E 53 89.64 61.36 9.07
CA GLU E 53 89.95 60.32 8.08
C GLU E 53 90.93 59.30 8.63
N LEU E 54 91.85 59.73 9.50
CA LEU E 54 92.89 58.82 9.99
C LEU E 54 92.30 57.68 10.81
N SER E 55 91.32 57.97 11.67
CA SER E 55 90.76 56.99 12.58
C SER E 55 89.41 56.46 12.11
N ARG E 56 89.19 56.39 10.79
CA ARG E 56 87.92 55.91 10.27
C ARG E 56 87.81 54.39 10.34
N LYS E 57 88.90 53.67 10.10
CA LYS E 57 88.83 52.22 10.02
C LYS E 57 88.68 51.59 11.41
N LEU E 58 89.40 52.12 12.40
CA LEU E 58 89.36 51.52 13.73
C LEU E 58 87.98 51.65 14.37
N SER E 59 87.25 52.72 14.04
CA SER E 59 85.88 52.85 14.54
C SER E 59 84.99 51.73 13.97
N GLN E 60 85.15 51.45 12.68
CA GLN E 60 84.41 50.36 12.07
C GLN E 60 84.78 49.02 12.70
N LEU E 61 86.07 48.80 12.96
CA LEU E 61 86.50 47.58 13.61
C LEU E 61 85.90 47.45 15.01
N VAL E 62 85.85 48.56 15.75
CA VAL E 62 85.27 48.55 17.09
C VAL E 62 83.79 48.21 17.03
N LYS E 63 83.07 48.80 16.07
CA LYS E 63 81.64 48.49 15.93
C LYS E 63 81.42 47.02 15.58
N ILE E 64 82.26 46.48 14.69
CA ILE E 64 82.10 45.08 14.29
C ILE E 64 82.42 44.16 15.47
N GLU E 65 83.44 44.52 16.26
CA GLU E 65 83.74 43.76 17.48
C GLU E 65 82.57 43.81 18.45
N LYS E 66 81.92 44.97 18.56
CA LYS E 66 80.74 45.07 19.42
C LYS E 66 79.64 44.14 18.95
N ASN E 67 79.40 44.08 17.64
CA ASN E 67 78.39 43.15 17.12
C ASN E 67 78.76 41.70 17.42
N VAL E 68 80.04 41.35 17.23
CA VAL E 68 80.51 40.01 17.53
C VAL E 68 80.28 39.67 19.00
N LEU E 69 80.60 40.57 19.91
CA LEU E 69 80.40 40.32 21.33
C LEU E 69 78.91 40.22 21.67
N ARG E 70 78.09 41.01 20.98
CA ARG E 70 76.65 40.99 21.25
C ARG E 70 76.03 39.65 20.87
N SER E 71 76.48 39.06 19.75
CA SER E 71 75.89 37.82 19.29
C SER E 71 76.09 36.67 20.29
N MET E 72 77.27 36.59 20.91
CA MET E 72 77.57 35.48 21.80
C MET E 72 76.69 35.48 23.04
N GLU E 73 76.26 36.65 23.50
CA GLU E 73 75.35 36.71 24.65
C GLU E 73 74.03 36.01 24.34
N LEU E 74 73.45 36.31 23.16
CA LEU E 74 72.23 35.65 22.75
C LEU E 74 72.45 34.15 22.59
N THR E 75 73.60 33.76 22.02
CA THR E 75 73.89 32.33 21.86
C THR E 75 73.92 31.64 23.22
N ALA E 76 74.61 32.24 24.19
CA ALA E 76 74.72 31.63 25.52
C ALA E 76 73.37 31.55 26.22
N ASN E 77 72.55 32.61 26.10
CA ASN E 77 71.23 32.58 26.71
C ASN E 77 70.37 31.47 26.11
N GLU E 78 70.40 31.33 24.78
CA GLU E 78 69.62 30.29 24.14
C GLU E 78 70.10 28.90 24.55
N ARG E 79 71.42 28.70 24.65
CA ARG E 79 71.93 27.40 25.07
C ARG E 79 71.53 27.07 26.51
N ARG E 80 71.60 28.06 27.41
CA ARG E 80 71.19 27.83 28.79
C ARG E 80 69.72 27.45 28.87
N ASP E 81 68.87 28.16 28.10
CA ASP E 81 67.45 27.87 28.16
C ASP E 81 67.15 26.51 27.52
N ALA E 82 67.93 26.12 26.51
CA ALA E 82 67.82 24.78 25.95
C ALA E 82 68.14 23.72 27.00
N ALA E 83 69.19 23.93 27.78
CA ALA E 83 69.51 23.00 28.86
C ALA E 83 68.38 22.92 29.87
N LYS E 84 67.79 24.06 30.23
CA LYS E 84 66.67 24.06 31.16
C LYS E 84 65.48 23.27 30.59
N GLN E 85 65.19 23.46 29.30
CA GLN E 85 64.08 22.75 28.67
C GLN E 85 64.33 21.24 28.64
N LEU E 86 65.56 20.84 28.34
CA LEU E 86 65.88 19.42 28.34
C LEU E 86 65.72 18.82 29.74
N SER E 87 66.17 19.55 30.77
CA SER E 87 66.00 19.08 32.13
C SER E 87 64.53 18.97 32.50
N ILE E 88 63.71 19.92 32.05
CA ILE E 88 62.28 19.85 32.32
C ILE E 88 61.66 18.64 31.63
N TRP E 89 62.02 18.39 30.37
CA TRP E 89 61.47 17.28 29.60
C TRP E 89 61.88 15.92 30.15
N GLY E 90 63.08 15.79 30.70
CA GLY E 90 63.54 14.51 31.18
C GLY E 90 62.85 13.96 32.40
N LEU E 91 61.96 14.73 33.02
CA LEU E 91 61.35 14.32 34.29
C LEU E 91 60.41 13.13 34.08
N GLU E 92 59.57 13.18 33.06
CA GLU E 92 58.49 12.20 32.90
C GLU E 92 58.97 10.99 32.07
N ASN E 93 59.97 10.31 32.62
CA ASN E 93 60.52 9.12 31.98
C ASN E 93 60.99 8.17 33.08
N ASP E 94 61.81 7.19 32.69
CA ASP E 94 62.30 6.20 33.64
C ASP E 94 63.24 6.85 34.64
N ASP E 95 63.52 6.12 35.73
CA ASP E 95 64.33 6.67 36.81
C ASP E 95 65.73 7.04 36.34
N ASP E 96 66.38 6.14 35.60
CA ASP E 96 67.73 6.42 35.13
C ASP E 96 67.77 7.59 34.15
N VAL E 97 66.79 7.65 33.24
CA VAL E 97 66.70 8.77 32.30
C VAL E 97 66.35 10.08 32.98
N SER E 98 65.50 10.06 34.00
CA SER E 98 65.12 11.25 34.73
C SER E 98 66.25 11.82 35.57
N ASP E 99 67.35 11.08 35.71
CA ASP E 99 68.52 11.54 36.44
C ASP E 99 69.67 11.89 35.52
N ILE E 100 69.93 11.07 34.50
CA ILE E 100 71.00 11.36 33.54
C ILE E 100 70.70 12.66 32.80
N THR E 101 69.45 12.85 32.40
CA THR E 101 69.06 14.07 31.70
C THR E 101 69.27 15.30 32.57
N ASP E 102 68.89 15.22 33.84
CA ASP E 102 69.09 16.35 34.75
C ASP E 102 70.57 16.64 34.95
N LYS E 103 71.39 15.61 35.11
CA LYS E 103 72.82 15.82 35.29
C LYS E 103 73.44 16.44 34.04
N LEU E 104 73.03 15.97 32.86
CA LEU E 104 73.54 16.56 31.62
C LEU E 104 73.12 18.01 31.47
N GLY E 105 71.88 18.35 31.84
CA GLY E 105 71.47 19.74 31.82
C GLY E 105 72.30 20.59 32.76
N VAL E 106 72.55 20.08 33.95
CA VAL E 106 73.39 20.80 34.91
C VAL E 106 74.78 21.04 34.35
N LEU E 107 75.36 20.01 33.72
CA LEU E 107 76.70 20.17 33.14
C LEU E 107 76.70 21.16 31.99
N ILE E 108 75.67 21.14 31.15
CA ILE E 108 75.58 22.00 29.97
C ILE E 108 75.40 23.45 30.43
N TYR E 109 74.78 23.64 31.59
CA TYR E 109 74.46 24.96 32.09
C TYR E 109 75.66 25.89 32.27
N GLU E 110 76.88 25.34 32.38
CA GLU E 110 78.05 26.16 32.67
C GLU E 110 78.67 26.79 31.43
N VAL E 111 78.24 26.40 30.23
CA VAL E 111 78.79 27.01 29.02
C VAL E 111 78.46 28.49 28.97
N SER E 112 77.23 28.86 29.34
CA SER E 112 76.86 30.27 29.39
C SER E 112 77.66 31.02 30.44
N GLU E 113 77.92 30.37 31.59
CA GLU E 113 78.73 31.01 32.63
C GLU E 113 80.13 31.31 32.13
N LEU E 114 80.73 30.36 31.40
CA LEU E 114 82.05 30.62 30.80
C LEU E 114 81.97 31.73 29.75
N ASP E 115 80.91 31.71 28.93
CA ASP E 115 80.77 32.69 27.86
C ASP E 115 80.62 34.10 28.41
N ASP E 116 80.01 34.26 29.59
CA ASP E 116 79.89 35.58 30.18
C ASP E 116 81.25 36.20 30.47
N GLN E 117 82.14 35.42 31.11
CA GLN E 117 83.49 35.90 31.38
C GLN E 117 84.26 36.15 30.09
N PHE E 118 84.07 35.28 29.10
CA PHE E 118 84.71 35.50 27.80
C PHE E 118 84.24 36.81 27.18
N ILE E 119 82.96 37.12 27.30
CA ILE E 119 82.42 38.37 26.76
C ILE E 119 83.01 39.56 27.50
N ASP E 120 83.15 39.45 28.82
CA ASP E 120 83.75 40.55 29.58
C ASP E 120 85.18 40.82 29.13
N ARG E 121 85.97 39.76 28.95
CA ARG E 121 87.34 39.95 28.48
C ARG E 121 87.37 40.51 27.06
N TYR E 122 86.42 40.10 26.22
CA TYR E 122 86.31 40.65 24.88
C TYR E 122 86.04 42.15 24.92
N ASP E 123 85.15 42.58 25.82
CA ASP E 123 84.87 44.01 25.96
C ASP E 123 86.10 44.77 26.42
N GLN E 124 86.88 44.18 27.34
CA GLN E 124 88.13 44.82 27.75
C GLN E 124 89.08 45.01 26.57
N TYR E 125 89.22 43.98 25.74
CA TYR E 125 90.08 44.09 24.56
C TYR E 125 89.57 45.16 23.59
N ARG E 126 88.24 45.24 23.43
CA ARG E 126 87.66 46.24 22.55
C ARG E 126 87.96 47.65 23.07
N LEU E 127 87.87 47.86 24.38
CA LEU E 127 88.22 49.17 24.94
C LEU E 127 89.69 49.49 24.71
N THR E 128 90.55 48.48 24.86
CA THR E 128 91.98 48.70 24.61
C THR E 128 92.23 49.16 23.19
N LEU E 129 91.54 48.57 22.22
CA LEU E 129 91.69 49.03 20.83
C LEU E 129 91.10 50.43 20.63
N LYS E 130 89.97 50.72 21.30
CA LYS E 130 89.36 52.03 21.19
C LYS E 130 90.31 53.14 21.66
N SER E 131 91.16 52.84 22.64
CA SER E 131 92.13 53.83 23.09
C SER E 131 93.07 54.23 21.96
N ILE E 132 93.58 53.24 21.22
CA ILE E 132 94.47 53.52 20.09
C ILE E 132 93.72 54.33 19.03
N ARG E 133 92.48 53.95 18.76
CA ARG E 133 91.68 54.71 17.79
C ARG E 133 91.60 56.18 18.20
N ASP E 134 91.30 56.43 19.48
CA ASP E 134 91.15 57.80 19.96
C ASP E 134 92.45 58.58 19.83
N ILE E 135 93.58 57.98 20.22
CA ILE E 135 94.82 58.74 20.21
C ILE E 135 95.24 59.07 18.78
N GLU E 136 95.06 58.13 17.84
CA GLU E 136 95.44 58.45 16.45
C GLU E 136 94.51 59.51 15.85
N GLY E 137 93.22 59.44 16.18
CA GLY E 137 92.30 60.47 15.73
C GLY E 137 92.65 61.84 16.27
N SER E 138 93.14 61.90 17.51
CA SER E 138 93.60 63.18 18.05
C SER E 138 94.91 63.62 17.43
N VAL E 139 95.75 62.68 17.00
CA VAL E 139 97.05 63.03 16.43
C VAL E 139 96.90 63.69 15.06
N GLN E 140 95.98 63.19 14.24
CA GLN E 140 95.88 63.65 12.84
C GLN E 140 95.83 65.17 12.62
N PRO E 141 95.08 65.97 13.39
CA PRO E 141 94.95 67.39 13.05
C PRO E 141 96.25 68.16 13.00
N SER E 142 97.28 67.75 13.75
CA SER E 142 98.56 68.46 13.69
C SER E 142 99.17 68.38 12.29
N ARG E 143 99.21 67.17 11.72
CA ARG E 143 99.71 67.02 10.36
C ARG E 143 98.79 67.71 9.36
N ASP E 144 97.48 67.73 9.63
CA ASP E 144 96.58 68.48 8.76
C ASP E 144 96.95 69.97 8.71
N ARG E 145 97.18 70.56 9.88
CA ARG E 145 97.53 71.97 9.96
C ARG E 145 98.88 72.25 9.29
N LYS E 146 99.85 71.35 9.50
CA LYS E 146 101.15 71.53 8.86
C LYS E 146 101.03 71.50 7.34
N ASP E 147 100.23 70.58 6.80
CA ASP E 147 100.02 70.54 5.35
C ASP E 147 99.34 71.81 4.86
N LYS E 148 98.35 72.31 5.61
CA LYS E 148 97.69 73.55 5.21
C LYS E 148 98.67 74.71 5.17
N ILE E 149 99.52 74.83 6.19
CA ILE E 149 100.50 75.92 6.23
C ILE E 149 101.47 75.81 5.06
N THR E 150 101.93 74.59 4.75
CA THR E 150 102.84 74.41 3.63
C THR E 150 102.19 74.82 2.31
N ASP E 151 100.93 74.44 2.12
CA ASP E 151 100.22 74.82 0.89
C ASP E 151 100.07 76.33 0.80
N LYS E 152 99.74 76.98 1.93
CA LYS E 152 99.59 78.43 1.92
C LYS E 152 100.91 79.11 1.56
N ILE E 153 102.03 78.63 2.12
CA ILE E 153 103.33 79.20 1.80
C ILE E 153 103.63 79.03 0.31
N ALA E 154 103.37 77.83 -0.22
CA ALA E 154 103.65 77.57 -1.62
C ALA E 154 102.83 78.45 -2.55
N TYR E 155 101.56 78.68 -2.21
CA TYR E 155 100.73 79.53 -3.05
C TYR E 155 101.15 81.00 -2.97
N LEU E 156 101.42 81.48 -1.75
CA LEU E 156 101.75 82.89 -1.58
C LEU E 156 103.11 83.22 -2.18
N LYS E 157 104.04 82.27 -2.20
CA LYS E 157 105.31 82.50 -2.87
C LYS E 157 105.11 82.69 -4.37
N TYR E 158 104.23 81.88 -4.97
CA TYR E 158 103.94 82.03 -6.40
C TYR E 158 103.23 83.35 -6.69
N LYS E 159 102.28 83.74 -5.83
CA LYS E 159 101.48 84.92 -6.12
C LYS E 159 102.34 86.17 -6.24
N ASP E 160 103.18 86.43 -5.23
CA ASP E 160 104.12 87.53 -5.29
C ASP E 160 105.23 87.33 -4.26
N PRO E 161 106.50 87.35 -4.69
CA PRO E 161 107.60 87.12 -3.74
C PRO E 161 107.89 88.31 -2.83
N GLN E 162 107.29 89.47 -3.08
CA GLN E 162 107.59 90.67 -2.31
C GLN E 162 106.69 90.85 -1.09
N SER E 163 105.79 89.91 -0.82
CA SER E 163 104.92 90.03 0.33
C SER E 163 105.73 89.90 1.63
N PRO E 164 105.37 90.67 2.66
CA PRO E 164 106.07 90.58 3.93
C PRO E 164 105.61 89.42 4.82
N LYS E 165 104.71 88.57 4.33
CA LYS E 165 104.19 87.46 5.10
C LYS E 165 105.01 86.18 4.94
N ILE E 166 106.09 86.23 4.15
CA ILE E 166 106.91 85.03 3.96
C ILE E 166 107.61 84.63 5.24
N GLU E 167 108.18 85.59 5.97
CA GLU E 167 108.97 85.27 7.15
C GLU E 167 108.11 84.68 8.27
N VAL E 168 106.96 85.31 8.54
CA VAL E 168 106.10 84.82 9.62
C VAL E 168 105.54 83.44 9.26
N LEU E 169 105.16 83.24 8.00
CA LEU E 169 104.65 81.94 7.59
C LEU E 169 105.74 80.87 7.68
N GLU E 170 106.97 81.22 7.32
CA GLU E 170 108.07 80.26 7.43
C GLU E 170 108.34 79.90 8.88
N GLN E 171 108.29 80.89 9.78
CA GLN E 171 108.47 80.61 11.20
C GLN E 171 107.36 79.70 11.73
N GLU E 172 106.12 79.97 11.31
CA GLU E 172 105.02 79.11 11.71
C GLU E 172 105.21 77.70 11.18
N LEU E 173 105.69 77.57 9.95
CA LEU E 173 105.93 76.25 9.36
C LEU E 173 107.01 75.49 10.13
N VAL E 174 108.09 76.17 10.51
CA VAL E 174 109.15 75.48 11.25
C VAL E 174 108.66 75.09 12.64
N ARG E 175 107.82 75.94 13.24
CA ARG E 175 107.24 75.59 14.54
C ARG E 175 106.34 74.36 14.43
N ALA E 176 105.51 74.32 13.39
CA ALA E 176 104.64 73.16 13.19
C ALA E 176 105.44 71.90 12.91
N GLU E 177 106.53 72.03 12.16
CA GLU E 177 107.40 70.88 11.91
C GLU E 177 108.02 70.37 13.20
N ALA E 178 108.50 71.29 14.05
CA ALA E 178 109.07 70.89 15.33
C ALA E 178 108.03 70.19 16.20
N GLU E 179 106.79 70.65 16.15
CA GLU E 179 105.73 69.99 16.91
C GLU E 179 105.44 68.60 16.36
N SER E 180 105.31 68.47 15.03
CA SER E 180 104.99 67.19 14.43
C SER E 180 106.10 66.18 14.61
N LEU E 181 107.35 66.64 14.75
CA LEU E 181 108.46 65.73 14.93
C LEU E 181 108.30 64.90 16.20
N VAL E 182 107.79 65.52 17.27
CA VAL E 182 107.52 64.76 18.49
C VAL E 182 106.13 64.13 18.46
N ALA E 183 105.18 64.73 17.72
CA ALA E 183 103.85 64.14 17.64
C ALA E 183 103.89 62.76 16.99
N GLU E 184 104.65 62.62 15.90
CA GLU E 184 104.74 61.32 15.23
C GLU E 184 105.38 60.27 16.14
N ALA E 185 106.43 60.66 16.86
CA ALA E 185 107.09 59.72 17.75
C ALA E 185 106.15 59.27 18.87
N GLN E 186 105.43 60.21 19.48
CA GLN E 186 104.52 59.85 20.55
C GLN E 186 103.31 59.07 20.04
N LEU E 187 102.95 59.23 18.77
CA LEU E 187 101.90 58.40 18.18
C LEU E 187 102.38 56.97 17.96
N SER E 188 103.60 56.83 17.42
CA SER E 188 104.11 55.50 17.08
C SER E 188 104.61 54.73 18.30
N ASN E 189 104.87 55.41 19.42
CA ASN E 189 105.43 54.73 20.58
C ASN E 189 104.45 53.73 21.20
N ILE E 190 103.16 54.10 21.28
CA ILE E 190 102.22 53.33 22.09
C ILE E 190 101.43 52.28 21.31
N THR E 191 101.38 52.39 19.98
CA THR E 191 100.56 51.46 19.21
C THR E 191 101.08 50.03 19.32
N ARG E 192 102.39 49.85 19.09
CA ARG E 192 102.96 48.50 19.11
C ARG E 192 102.92 47.87 20.49
N SER E 193 102.72 48.68 21.54
CA SER E 193 102.60 48.15 22.89
C SER E 193 101.15 47.78 23.23
N LYS E 194 100.23 48.70 22.97
CA LYS E 194 98.83 48.44 23.30
C LYS E 194 98.26 47.32 22.46
N LEU E 195 98.60 47.27 21.16
CA LEU E 195 98.11 46.18 20.32
C LEU E 195 98.61 44.84 20.83
N ARG E 196 99.90 44.76 21.17
CA ARG E 196 100.47 43.52 21.67
C ARG E 196 99.81 43.09 22.98
N ALA E 197 99.61 44.03 23.90
CA ALA E 197 98.98 43.69 25.17
C ALA E 197 97.56 43.19 24.96
N ALA E 198 96.78 43.90 24.13
CA ALA E 198 95.39 43.50 23.91
C ALA E 198 95.31 42.12 23.27
N PHE E 199 96.16 41.85 22.27
CA PHE E 199 96.10 40.56 21.61
C PHE E 199 96.58 39.43 22.52
N ASN E 200 97.59 39.69 23.36
CA ASN E 200 97.99 38.68 24.34
C ASN E 200 96.86 38.36 25.31
N TYR E 201 96.17 39.40 25.79
CA TYR E 201 95.04 39.18 26.69
C TYR E 201 93.95 38.36 26.01
N GLN E 202 93.63 38.70 24.77
CA GLN E 202 92.59 37.98 24.03
C GLN E 202 92.97 36.52 23.83
N PHE E 203 94.22 36.26 23.47
CA PHE E 203 94.64 34.87 23.25
C PHE E 203 94.63 34.07 24.54
N ASP E 204 95.06 34.69 25.65
CA ASP E 204 95.00 34.00 26.93
C ASP E 204 93.56 33.65 27.30
N SER E 205 92.64 34.59 27.10
CA SER E 205 91.23 34.33 27.39
C SER E 205 90.70 33.19 26.54
N ILE E 206 91.03 33.19 25.24
CA ILE E 206 90.57 32.14 24.34
C ILE E 206 91.09 30.78 24.81
N ILE E 207 92.38 30.71 25.15
CA ILE E 207 92.97 29.44 25.59
C ILE E 207 92.27 28.93 26.85
N GLU E 208 92.07 29.82 27.82
CA GLU E 208 91.42 29.41 29.07
C GLU E 208 90.02 28.90 28.83
N HIS E 209 89.23 29.64 28.04
CA HIS E 209 87.85 29.24 27.78
C HIS E 209 87.78 27.91 27.04
N SER E 210 88.65 27.72 26.03
CA SER E 210 88.63 26.48 25.28
C SER E 210 89.01 25.30 26.15
N GLU E 211 90.04 25.46 27.00
CA GLU E 211 90.45 24.34 27.85
C GLU E 211 89.37 23.99 28.85
N LYS E 212 88.70 25.00 29.44
CA LYS E 212 87.62 24.71 30.38
C LYS E 212 86.47 23.99 29.69
N ILE E 213 86.11 24.42 28.47
CA ILE E 213 85.04 23.76 27.74
C ILE E 213 85.41 22.31 27.43
N ALA E 214 86.66 22.07 27.02
CA ALA E 214 87.08 20.71 26.72
C ALA E 214 87.03 19.82 27.95
N LEU E 215 87.48 20.34 29.10
CA LEU E 215 87.42 19.55 30.33
C LEU E 215 85.98 19.22 30.71
N ILE E 216 85.08 20.20 30.59
CA ILE E 216 83.68 19.97 30.92
C ILE E 216 83.09 18.90 30.00
N ALA E 217 83.39 18.97 28.70
CA ALA E 217 82.87 17.98 27.77
C ALA E 217 83.41 16.59 28.06
N GLY E 218 84.70 16.49 28.40
CA GLY E 218 85.26 15.19 28.75
C GLY E 218 84.59 14.58 29.97
N TYR E 219 84.38 15.38 31.01
CA TYR E 219 83.72 14.84 32.20
C TYR E 219 82.26 14.53 31.91
N GLY E 220 81.61 15.28 31.02
CA GLY E 220 80.26 14.92 30.61
C GLY E 220 80.19 13.58 29.91
N LYS E 221 81.14 13.31 29.02
CA LYS E 221 81.22 11.99 28.40
C LYS E 221 81.46 10.91 29.43
N ALA E 222 82.34 11.19 30.41
CA ALA E 222 82.60 10.21 31.45
C ALA E 222 81.32 9.90 32.24
N LEU E 223 80.53 10.91 32.55
CA LEU E 223 79.27 10.69 33.25
C LEU E 223 78.29 9.90 32.39
N LEU E 224 78.17 10.28 31.11
CA LEU E 224 77.23 9.60 30.22
C LEU E 224 77.60 8.15 29.97
N GLU E 225 78.88 7.79 30.15
CA GLU E 225 79.30 6.41 29.95
C GLU E 225 78.59 5.46 30.91
N LEU E 226 78.04 6.00 32.01
CA LEU E 226 77.37 5.21 33.03
C LEU E 226 75.97 4.77 32.60
N LEU E 227 75.37 5.45 31.63
CA LEU E 227 74.00 5.16 31.21
C LEU E 227 74.01 3.82 30.47
N ASP E 228 73.54 2.78 31.16
CA ASP E 228 73.51 1.45 30.57
C ASP E 228 72.27 1.29 29.69
N ASP E 229 72.46 0.64 28.54
CA ASP E 229 71.37 0.35 27.62
C ASP E 229 71.44 -1.11 27.18
N SER E 230 70.28 -1.75 27.07
CA SER E 230 70.17 -3.11 26.56
C SER E 230 68.77 -3.29 26.01
N PRO E 231 68.61 -4.01 24.91
CA PRO E 231 67.27 -4.25 24.37
C PRO E 231 66.42 -5.06 25.34
N VAL E 232 65.14 -4.72 25.41
CA VAL E 232 64.20 -5.37 26.32
C VAL E 232 63.09 -6.00 25.48
N THR E 233 62.75 -7.25 25.80
CA THR E 233 61.67 -7.94 25.13
C THR E 233 60.33 -7.52 25.70
N PRO E 234 59.26 -7.62 24.91
CA PRO E 234 57.93 -7.24 25.43
C PRO E 234 57.55 -8.07 26.65
N GLY E 235 56.93 -7.41 27.63
CA GLY E 235 56.52 -8.05 28.85
C GLY E 235 57.57 -8.09 29.94
N GLU E 236 58.83 -7.80 29.61
CA GLU E 236 59.89 -7.85 30.61
C GLU E 236 59.95 -6.53 31.39
N THR E 237 60.53 -6.61 32.58
CA THR E 237 60.73 -5.45 33.44
C THR E 237 62.21 -5.23 33.66
N ARG E 238 62.67 -4.02 33.39
CA ARG E 238 64.09 -3.70 33.58
C ARG E 238 64.43 -3.71 35.06
N PRO E 239 65.64 -4.13 35.42
CA PRO E 239 66.04 -4.10 36.83
C PRO E 239 66.09 -2.67 37.36
N ALA E 240 65.82 -2.52 38.65
CA ALA E 240 65.84 -1.21 39.27
C ALA E 240 67.23 -0.58 39.16
N TYR E 241 67.27 0.67 38.71
CA TYR E 241 68.53 1.36 38.51
C TYR E 241 69.02 1.97 39.81
N ASP E 242 70.26 1.67 40.18
CA ASP E 242 70.88 2.19 41.40
C ASP E 242 72.27 2.73 41.02
N GLY E 243 72.31 4.00 40.62
CA GLY E 243 73.55 4.65 40.27
C GLY E 243 73.57 6.11 40.71
N TYR E 244 72.79 6.42 41.75
CA TYR E 244 72.68 7.80 42.20
C TYR E 244 73.99 8.34 42.74
N GLU E 245 74.74 7.52 43.48
CA GLU E 245 75.95 7.97 44.15
C GLU E 245 77.07 8.31 43.15
N ALA E 246 77.23 7.49 42.11
CA ALA E 246 78.33 7.67 41.17
C ALA E 246 78.23 9.00 40.43
N SER E 247 77.02 9.38 40.03
CA SER E 247 76.84 10.65 39.33
C SER E 247 77.20 11.83 40.22
N LYS E 248 76.84 11.77 41.51
CA LYS E 248 77.19 12.83 42.44
C LYS E 248 78.71 12.97 42.56
N GLN E 249 79.42 11.84 42.66
CA GLN E 249 80.87 11.88 42.71
C GLN E 249 81.45 12.45 41.41
N ILE E 250 80.86 12.09 40.28
CA ILE E 250 81.35 12.58 38.99
C ILE E 250 81.22 14.10 38.92
N ILE E 251 80.05 14.63 39.29
CA ILE E 251 79.87 16.07 39.18
C ILE E 251 80.70 16.81 40.24
N ILE E 252 80.91 16.20 41.41
CA ILE E 252 81.78 16.80 42.41
C ILE E 252 83.21 16.87 41.89
N ASP E 253 83.68 15.81 41.23
CA ASP E 253 85.01 15.82 40.62
C ASP E 253 85.09 16.87 39.52
N ALA E 254 84.01 17.05 38.75
CA ALA E 254 84.00 18.08 37.73
C ALA E 254 84.14 19.47 38.34
N GLU E 255 83.40 19.73 39.42
CA GLU E 255 83.53 21.01 40.10
C GLU E 255 84.94 21.22 40.64
N SER E 256 85.53 20.19 41.25
CA SER E 256 86.87 20.31 41.80
C SER E 256 87.89 20.58 40.69
N ALA E 257 87.78 19.88 39.57
CA ALA E 257 88.71 20.09 38.46
C ALA E 257 88.55 21.48 37.86
N LEU E 258 87.30 21.95 37.72
CA LEU E 258 87.09 23.28 37.17
C LEU E 258 87.63 24.36 38.09
N ASN E 259 87.44 24.20 39.41
CA ASN E 259 87.93 25.21 40.34
C ASN E 259 89.44 25.20 40.45
N GLU E 260 90.05 24.00 40.42
CA GLU E 260 91.50 23.88 40.64
C GLU E 260 92.31 24.37 39.45
N TRP E 261 91.75 24.32 38.25
CA TRP E 261 92.53 24.64 37.04
C TRP E 261 93.04 26.08 37.08
N THR E 262 94.31 26.24 36.71
CA THR E 262 94.94 27.55 36.59
C THR E 262 95.54 27.70 35.21
N LEU E 263 95.86 28.94 34.85
CA LEU E 263 96.47 29.20 33.54
C LEU E 263 97.84 28.53 33.42
N ASP E 264 98.63 28.58 34.49
CA ASP E 264 99.96 27.97 34.47
C ASP E 264 99.89 26.45 34.37
N SER E 265 98.76 25.85 34.72
CA SER E 265 98.57 24.40 34.66
C SER E 265 97.81 23.98 33.42
N ALA E 266 98.04 24.68 32.30
CA ALA E 266 97.35 24.35 31.06
C ALA E 266 97.75 22.97 30.56
N GLN E 267 96.74 22.17 30.21
CA GLN E 267 97.00 20.81 29.74
C GLN E 267 97.54 20.81 28.32
N VAL E 268 97.05 21.70 27.47
CA VAL E 268 97.49 21.75 26.08
C VAL E 268 98.85 22.40 26.01
N LYS E 269 99.80 21.71 25.36
CA LYS E 269 101.15 22.23 25.18
C LYS E 269 101.45 22.34 23.69
N PRO E 270 101.29 23.53 23.09
CA PRO E 270 101.58 23.66 21.66
C PRO E 270 103.03 23.36 21.34
N THR E 271 103.26 22.74 20.19
CA THR E 271 104.60 22.38 19.77
C THR E 271 105.30 23.55 19.08
N MET F 1 79.42 26.08 40.15
CA MET F 1 78.01 26.23 40.50
C MET F 1 77.80 27.27 41.58
N HIS F 2 77.96 28.55 41.21
CA HIS F 2 77.76 29.63 42.18
C HIS F 2 76.28 29.75 42.55
N ARG F 3 75.40 29.61 41.57
CA ARG F 3 73.96 29.77 41.83
C ARG F 3 73.44 28.68 42.76
N THR F 4 73.89 27.43 42.57
CA THR F 4 73.34 26.32 43.33
C THR F 4 73.69 26.41 44.80
N TYR F 5 74.97 26.60 45.12
CA TYR F 5 75.45 26.44 46.48
C TYR F 5 75.37 27.72 47.31
N SER F 6 74.83 28.80 46.75
CA SER F 6 74.70 30.05 47.47
C SER F 6 73.54 30.83 46.89
N LEU F 7 72.77 31.50 47.78
CA LEU F 7 71.66 32.32 47.33
C LEU F 7 72.12 33.54 46.55
N ARG F 8 73.40 33.91 46.68
CA ARG F 8 73.92 35.06 45.95
C ARG F 8 73.97 34.77 44.45
N ASN F 9 73.74 35.81 43.66
CA ASN F 9 73.84 35.72 42.21
C ASN F 9 75.21 36.14 41.69
N SER F 10 76.15 36.47 42.58
CA SER F 10 77.48 36.90 42.18
C SER F 10 78.36 35.68 41.95
N ARG F 11 79.66 35.90 41.80
CA ARG F 11 80.63 34.85 41.53
C ARG F 11 81.52 34.64 42.75
N ALA F 12 81.60 33.40 43.22
CA ALA F 12 82.45 33.10 44.36
C ALA F 12 83.93 33.14 43.95
N PRO F 13 84.82 33.53 44.86
CA PRO F 13 86.25 33.56 44.53
C PRO F 13 86.76 32.18 44.19
N THR F 14 87.71 32.13 43.25
CA THR F 14 88.34 30.89 42.82
C THR F 14 89.82 31.16 42.60
N ALA F 15 90.53 30.14 42.09
CA ALA F 15 91.97 30.30 41.84
C ALA F 15 92.23 31.37 40.78
N SER F 16 91.47 31.34 39.69
CA SER F 16 91.63 32.36 38.66
C SER F 16 91.24 33.74 39.18
N GLN F 17 90.18 33.82 39.99
CA GLN F 17 89.78 35.10 40.56
C GLN F 17 90.84 35.62 41.53
N LEU F 18 91.43 34.73 42.33
CA LEU F 18 92.48 35.16 43.25
C LEU F 18 93.72 35.62 42.48
N GLN F 19 94.10 34.90 41.42
CA GLN F 19 95.26 35.30 40.64
C GLN F 19 95.02 36.63 39.92
N ASN F 20 93.83 36.81 39.35
CA ASN F 20 93.50 38.04 38.63
C ASN F 20 92.06 38.43 38.97
N PRO F 21 91.84 39.66 39.42
CA PRO F 21 90.47 40.10 39.75
C PRO F 21 89.57 40.03 38.53
N PRO F 22 88.31 39.67 38.71
CA PRO F 22 87.39 39.57 37.56
C PRO F 22 87.17 40.93 36.91
N PRO F 23 87.05 40.97 35.59
CA PRO F 23 86.81 42.24 34.91
C PRO F 23 85.41 42.74 35.17
N PRO F 24 85.17 44.05 35.04
CA PRO F 24 83.82 44.56 35.23
C PRO F 24 82.89 44.05 34.15
N PRO F 25 81.58 43.98 34.43
CA PRO F 25 80.64 43.47 33.42
C PRO F 25 80.62 44.37 32.19
N SER F 26 80.31 43.76 31.04
CA SER F 26 80.29 44.48 29.78
C SER F 26 79.25 45.59 29.81
N THR F 27 79.64 46.78 29.33
CA THR F 27 78.76 47.94 29.35
C THR F 27 77.68 47.87 28.28
N THR F 28 77.91 47.14 27.19
CA THR F 28 76.95 47.05 26.09
C THR F 28 76.00 45.87 26.27
N LYS F 29 75.37 45.80 27.44
CA LYS F 29 74.36 44.79 27.74
C LYS F 29 73.07 45.53 28.08
N GLY F 30 72.28 45.82 27.05
CA GLY F 30 71.06 46.58 27.25
C GLY F 30 69.97 45.78 27.92
N ARG F 31 69.00 46.50 28.48
CA ARG F 31 67.88 45.84 29.14
C ARG F 31 66.98 45.12 28.13
N PHE F 32 66.77 45.72 26.96
CA PHE F 32 65.92 45.11 25.95
C PHE F 32 66.61 43.90 25.34
N PHE F 33 65.87 42.79 25.23
CA PHE F 33 66.45 41.57 24.70
C PHE F 33 66.82 41.72 23.23
N GLY F 34 65.88 42.19 22.41
CA GLY F 34 66.12 42.31 20.98
C GLY F 34 66.46 40.98 20.32
N LYS F 35 65.73 39.92 20.67
CA LYS F 35 66.04 38.57 20.20
C LYS F 35 65.41 38.35 18.82
N GLY F 36 65.88 39.12 17.85
CA GLY F 36 65.42 38.99 16.49
C GLY F 36 63.94 39.21 16.30
N GLY F 37 63.39 40.22 16.98
CA GLY F 37 61.97 40.48 16.86
C GLY F 37 61.13 39.39 17.54
N LEU F 38 59.90 39.25 17.06
CA LEU F 38 58.96 38.27 17.59
C LEU F 38 58.99 36.95 16.84
N ALA F 39 59.85 36.81 15.82
CA ALA F 39 59.91 35.56 15.07
C ALA F 39 60.36 34.40 15.95
N TYR F 40 61.36 34.63 16.81
CA TYR F 40 61.82 33.58 17.71
C TYR F 40 60.70 33.17 18.65
N SER F 41 59.99 34.14 19.24
CA SER F 41 58.91 33.82 20.17
C SER F 41 57.78 33.07 19.47
N PHE F 42 57.46 33.45 18.23
CA PHE F 42 56.41 32.77 17.50
C PHE F 42 56.81 31.33 17.17
N ARG F 43 58.04 31.13 16.69
CA ARG F 43 58.53 29.77 16.43
C ARG F 43 58.56 28.95 17.70
N ARG F 44 58.80 29.60 18.84
CA ARG F 44 58.89 28.89 20.11
C ARG F 44 57.51 28.49 20.62
N SER F 45 56.51 29.36 20.45
CA SER F 45 55.20 29.14 21.03
C SER F 45 54.28 28.31 20.14
N ALA F 46 54.31 28.54 18.82
CA ALA F 46 53.39 27.83 17.93
C ALA F 46 53.68 26.34 17.89
N ALA F 47 54.94 25.94 18.07
CA ALA F 47 55.29 24.53 17.97
C ALA F 47 54.82 23.71 19.16
N GLY F 48 54.60 24.34 20.31
CA GLY F 48 54.24 23.64 21.52
C GLY F 48 52.76 23.45 21.77
N ALA F 49 51.90 23.86 20.84
CA ALA F 49 50.46 23.71 21.06
C ALA F 49 49.71 23.28 19.81
N PHE F 50 50.34 22.52 18.92
CA PHE F 50 49.70 22.10 17.68
C PHE F 50 49.59 20.58 17.55
N GLY F 51 50.67 19.85 17.81
CA GLY F 51 50.67 18.41 17.60
C GLY F 51 50.18 17.63 18.79
N PRO F 52 50.52 16.33 18.82
CA PRO F 52 50.08 15.49 19.95
C PRO F 52 50.73 15.92 21.25
N GLU F 53 50.04 15.63 22.36
CA GLU F 53 50.49 16.10 23.67
C GLU F 53 51.79 15.42 24.08
N LEU F 54 52.00 14.16 23.67
CA LEU F 54 53.17 13.42 24.11
C LEU F 54 54.46 14.05 23.60
N SER F 55 54.47 14.48 22.33
CA SER F 55 55.68 14.99 21.68
C SER F 55 55.69 16.51 21.59
N ARG F 56 55.06 17.20 22.56
CA ARG F 56 55.02 18.65 22.52
C ARG F 56 56.34 19.28 22.96
N LYS F 57 57.01 18.69 23.95
CA LYS F 57 58.22 19.30 24.50
C LYS F 57 59.40 19.16 23.56
N LEU F 58 59.55 17.99 22.93
CA LEU F 58 60.71 17.76 22.06
C LEU F 58 60.68 18.67 20.83
N SER F 59 59.49 19.03 20.35
CA SER F 59 59.41 19.98 19.24
C SER F 59 59.94 21.34 19.66
N GLN F 60 59.59 21.78 20.87
CA GLN F 60 60.11 23.04 21.39
C GLN F 60 61.63 22.98 21.55
N LEU F 61 62.14 21.85 22.05
CA LEU F 61 63.59 21.69 22.18
C LEU F 61 64.28 21.74 20.82
N VAL F 62 63.67 21.12 19.80
CA VAL F 62 64.24 21.14 18.47
C VAL F 62 64.28 22.56 17.91
N LYS F 63 63.18 23.31 18.11
CA LYS F 63 63.15 24.69 17.65
C LYS F 63 64.21 25.54 18.34
N ILE F 64 64.38 25.35 19.66
CA ILE F 64 65.36 26.13 20.40
C ILE F 64 66.77 25.76 19.95
N GLU F 65 67.01 24.48 19.68
CA GLU F 65 68.30 24.06 19.13
C GLU F 65 68.54 24.69 17.78
N LYS F 66 67.50 24.79 16.96
CA LYS F 66 67.64 25.46 15.66
C LYS F 66 68.05 26.91 15.83
N ASN F 67 67.42 27.61 16.78
CA ASN F 67 67.81 29.00 17.04
C ASN F 67 69.25 29.10 17.51
N VAL F 68 69.66 28.20 18.40
CA VAL F 68 71.04 28.16 18.87
C VAL F 68 72.01 27.97 17.72
N LEU F 69 71.73 27.03 16.83
CA LEU F 69 72.60 26.78 15.69
C LEU F 69 72.62 27.97 14.73
N ARG F 70 71.48 28.65 14.60
CA ARG F 70 71.39 29.79 13.68
C ARG F 70 72.25 30.94 14.18
N SER F 71 72.30 31.17 15.49
CA SER F 71 73.05 32.31 16.02
C SER F 71 74.55 32.19 15.73
N MET F 72 75.10 30.97 15.84
CA MET F 72 76.54 30.80 15.68
C MET F 72 77.01 31.11 14.27
N GLU F 73 76.15 30.89 13.27
CA GLU F 73 76.52 31.23 11.89
C GLU F 73 76.75 32.73 11.75
N LEU F 74 75.83 33.53 12.30
CA LEU F 74 76.01 34.99 12.27
C LEU F 74 77.26 35.40 13.04
N THR F 75 77.49 34.76 14.20
CA THR F 75 78.68 35.08 14.98
C THR F 75 79.96 34.82 14.17
N ALA F 76 80.02 33.66 13.50
CA ALA F 76 81.20 33.31 12.72
C ALA F 76 81.39 34.24 11.54
N ASN F 77 80.30 34.60 10.85
CA ASN F 77 80.42 35.53 9.74
C ASN F 77 80.95 36.88 10.20
N GLU F 78 80.42 37.38 11.31
CA GLU F 78 80.87 38.67 11.83
C GLU F 78 82.35 38.61 12.23
N ARG F 79 82.77 37.52 12.86
CA ARG F 79 84.18 37.39 13.25
C ARG F 79 85.09 37.35 12.03
N ARG F 80 84.69 36.60 10.99
CA ARG F 80 85.51 36.54 9.78
C ARG F 80 85.63 37.91 9.14
N ASP F 81 84.52 38.66 9.08
CA ASP F 81 84.57 39.96 8.44
C ASP F 81 85.37 40.94 9.29
N ALA F 82 85.34 40.77 10.62
CA ALA F 82 86.21 41.56 11.49
C ALA F 82 87.68 41.30 11.20
N ALA F 83 88.04 40.03 11.00
CA ALA F 83 89.42 39.71 10.65
C ALA F 83 89.80 40.35 9.32
N LYS F 84 88.90 40.30 8.34
CA LYS F 84 89.18 40.94 7.05
C LYS F 84 89.38 42.45 7.21
N GLN F 85 88.55 43.09 8.03
CA GLN F 85 88.68 44.53 8.24
C GLN F 85 89.99 44.88 8.94
N LEU F 86 90.39 44.07 9.91
CA LEU F 86 91.68 44.31 10.58
C LEU F 86 92.84 44.16 9.61
N SER F 87 92.78 43.14 8.75
CA SER F 87 93.82 42.96 7.74
C SER F 87 93.87 44.15 6.78
N ILE F 88 92.70 44.66 6.40
CA ILE F 88 92.65 45.82 5.51
C ILE F 88 93.26 47.05 6.20
N TRP F 89 92.92 47.27 7.47
CA TRP F 89 93.43 48.42 8.20
C TRP F 89 94.93 48.36 8.45
N GLY F 90 95.48 47.18 8.64
CA GLY F 90 96.89 47.07 8.96
C GLY F 90 97.85 47.43 7.84
N LEU F 91 97.34 47.69 6.63
CA LEU F 91 98.22 47.91 5.48
C LEU F 91 99.00 49.22 5.62
N GLU F 92 98.33 50.30 6.01
CA GLU F 92 98.92 51.64 5.96
C GLU F 92 99.62 51.95 7.29
N ASN F 93 100.64 51.16 7.59
CA ASN F 93 101.44 51.34 8.79
C ASN F 93 102.86 50.89 8.48
N ASP F 94 103.64 50.68 9.55
CA ASP F 94 105.03 50.28 9.39
C ASP F 94 105.12 48.86 8.81
N ASP F 95 106.31 48.50 8.35
CA ASP F 95 106.49 47.22 7.68
C ASP F 95 106.17 46.05 8.61
N ASP F 96 106.68 46.08 9.84
CA ASP F 96 106.43 44.98 10.77
C ASP F 96 104.96 44.88 11.13
N VAL F 97 104.30 46.03 11.36
CA VAL F 97 102.87 46.05 11.68
C VAL F 97 102.02 45.62 10.49
N SER F 98 102.40 46.00 9.27
CA SER F 98 101.66 45.63 8.07
C SER F 98 101.77 44.14 7.75
N ASP F 99 102.65 43.42 8.44
CA ASP F 99 102.80 41.98 8.27
C ASP F 99 102.22 41.20 9.43
N ILE F 100 102.48 41.65 10.67
CA ILE F 100 101.94 40.96 11.83
C ILE F 100 100.42 41.02 11.83
N THR F 101 99.85 42.18 11.46
CA THR F 101 98.40 42.30 11.39
C THR F 101 97.81 41.36 10.35
N ASP F 102 98.43 41.27 9.18
CA ASP F 102 97.94 40.35 8.15
C ASP F 102 98.00 38.90 8.61
N LYS F 103 99.11 38.52 9.25
CA LYS F 103 99.24 37.14 9.73
C LYS F 103 98.19 36.84 10.81
N LEU F 104 97.96 37.79 11.71
CA LEU F 104 96.93 37.59 12.73
C LEU F 104 95.54 37.48 12.12
N GLY F 105 95.25 38.29 11.11
CA GLY F 105 93.96 38.14 10.42
C GLY F 105 93.82 36.79 9.76
N VAL F 106 94.89 36.31 9.12
CA VAL F 106 94.87 34.99 8.50
C VAL F 106 94.61 33.91 9.55
N LEU F 107 95.27 34.01 10.70
CA LEU F 107 95.07 33.01 11.76
C LEU F 107 93.66 33.07 12.32
N ILE F 108 93.11 34.27 12.48
CA ILE F 108 91.78 34.45 13.07
C ILE F 108 90.73 33.92 12.10
N TYR F 109 91.04 33.96 10.81
CA TYR F 109 90.09 33.58 9.77
C TYR F 109 89.57 32.14 9.89
N GLU F 110 90.29 31.25 10.58
CA GLU F 110 89.91 29.85 10.62
C GLU F 110 88.86 29.53 11.69
N VAL F 111 88.55 30.47 12.58
CA VAL F 111 87.52 30.22 13.59
C VAL F 111 86.17 29.99 12.93
N SER F 112 85.84 30.78 11.90
CA SER F 112 84.60 30.56 11.18
C SER F 112 84.59 29.22 10.46
N GLU F 113 85.75 28.83 9.91
CA GLU F 113 85.84 27.53 9.24
C GLU F 113 85.55 26.39 10.22
N LEU F 114 86.11 26.47 11.43
CA LEU F 114 85.80 25.47 12.45
C LEU F 114 84.33 25.52 12.86
N ASP F 115 83.78 26.73 12.99
CA ASP F 115 82.39 26.88 13.42
C ASP F 115 81.43 26.30 12.40
N ASP F 116 81.78 26.33 11.12
CA ASP F 116 80.90 25.75 10.10
C ASP F 116 80.73 24.24 10.31
N GLN F 117 81.85 23.54 10.53
CA GLN F 117 81.77 22.11 10.78
C GLN F 117 81.06 21.82 12.10
N PHE F 118 81.29 22.65 13.11
CA PHE F 118 80.58 22.50 14.37
C PHE F 118 79.08 22.64 14.16
N ILE F 119 78.66 23.59 13.33
CA ILE F 119 77.25 23.79 13.05
C ILE F 119 76.67 22.59 12.32
N ASP F 120 77.43 22.03 11.38
CA ASP F 120 76.95 20.84 10.67
C ASP F 120 76.72 19.68 11.64
N ARG F 121 77.67 19.45 12.54
CA ARG F 121 77.50 18.37 13.51
C ARG F 121 76.33 18.65 14.45
N TYR F 122 76.13 19.92 14.81
CA TYR F 122 74.99 20.31 15.62
C TYR F 122 73.67 19.98 14.91
N ASP F 123 73.60 20.25 13.62
CA ASP F 123 72.39 19.93 12.85
C ASP F 123 72.17 18.43 12.81
N GLN F 124 73.24 17.64 12.67
CA GLN F 124 73.09 16.19 12.72
C GLN F 124 72.50 15.74 14.04
N TYR F 125 73.00 16.28 15.16
CA TYR F 125 72.47 15.93 16.46
C TYR F 125 71.00 16.34 16.60
N ARG F 126 70.65 17.50 16.06
CA ARG F 126 69.25 17.95 16.11
C ARG F 126 68.35 17.00 15.35
N LEU F 127 68.78 16.53 14.17
CA LEU F 127 68.00 15.55 13.43
C LEU F 127 67.84 14.26 14.21
N THR F 128 68.92 13.82 14.88
CA THR F 128 68.84 12.61 15.68
C THR F 128 67.79 12.74 16.78
N LEU F 129 67.70 13.90 17.43
CA LEU F 129 66.66 14.10 18.44
C LEU F 129 65.28 14.18 17.80
N LYS F 130 65.17 14.80 16.63
CA LYS F 130 63.89 14.88 15.94
C LYS F 130 63.32 13.50 15.63
N SER F 131 64.19 12.53 15.37
CA SER F 131 63.72 11.17 15.13
C SER F 131 62.97 10.62 16.34
N ILE F 132 63.54 10.80 17.54
CA ILE F 132 62.88 10.35 18.76
C ILE F 132 61.56 11.07 18.95
N ARG F 133 61.55 12.39 18.70
CA ARG F 133 60.31 13.14 18.80
C ARG F 133 59.23 12.53 17.91
N ASP F 134 59.59 12.23 16.66
CA ASP F 134 58.63 11.70 15.71
C ASP F 134 58.10 10.34 16.16
N ILE F 135 58.99 9.45 16.62
CA ILE F 135 58.52 8.11 16.96
C ILE F 135 57.61 8.14 18.18
N GLU F 136 57.92 8.98 19.18
CA GLU F 136 57.04 9.04 20.34
C GLU F 136 55.70 9.66 19.99
N GLY F 137 55.71 10.70 19.13
CA GLY F 137 54.45 11.27 18.67
C GLY F 137 53.60 10.28 17.91
N SER F 138 54.22 9.38 17.15
CA SER F 138 53.46 8.33 16.48
C SER F 138 52.98 7.26 17.46
N VAL F 139 53.72 7.05 18.54
CA VAL F 139 53.35 6.00 19.50
C VAL F 139 52.09 6.38 20.28
N GLN F 140 51.97 7.65 20.66
CA GLN F 140 50.89 8.07 21.56
C GLN F 140 49.47 7.65 21.17
N PRO F 141 49.03 7.73 19.91
CA PRO F 141 47.62 7.45 19.59
C PRO F 141 47.14 6.06 20.00
N SER F 142 48.02 5.06 20.04
CA SER F 142 47.59 3.73 20.46
C SER F 142 47.08 3.74 21.90
N ARG F 143 47.85 4.34 22.81
CA ARG F 143 47.39 4.46 24.19
C ARG F 143 46.16 5.36 24.28
N ASP F 144 46.07 6.38 23.42
CA ASP F 144 44.86 7.20 23.41
C ASP F 144 43.62 6.35 23.09
N ARG F 145 43.72 5.52 22.06
CA ARG F 145 42.59 4.68 21.67
C ARG F 145 42.25 3.66 22.75
N LYS F 146 43.28 3.08 23.38
CA LYS F 146 43.02 2.13 24.46
C LYS F 146 42.28 2.79 25.62
N ASP F 147 42.69 4.00 25.99
CA ASP F 147 41.99 4.72 27.05
C ASP F 147 40.54 5.02 26.65
N LYS F 148 40.32 5.42 25.41
CA LYS F 148 38.96 5.68 24.95
C LYS F 148 38.08 4.44 25.03
N ILE F 149 38.63 3.29 24.61
CA ILE F 149 37.86 2.04 24.66
C ILE F 149 37.55 1.66 26.10
N THR F 150 38.52 1.82 27.00
CA THR F 150 38.27 1.52 28.40
C THR F 150 37.16 2.40 28.97
N ASP F 151 37.20 3.70 28.67
CA ASP F 151 36.17 4.60 29.16
C ASP F 151 34.80 4.22 28.61
N LYS F 152 34.74 3.86 27.32
CA LYS F 152 33.47 3.46 26.73
C LYS F 152 32.91 2.21 27.42
N ILE F 153 33.78 1.22 27.68
CA ILE F 153 33.34 0.02 28.37
C ILE F 153 32.81 0.36 29.76
N ALA F 154 33.54 1.21 30.48
CA ALA F 154 33.14 1.56 31.84
C ALA F 154 31.79 2.28 31.86
N TYR F 155 31.55 3.17 30.89
CA TYR F 155 30.27 3.88 30.84
C TYR F 155 29.13 2.95 30.45
N LEU F 156 29.36 2.11 29.44
CA LEU F 156 28.27 1.25 28.96
C LEU F 156 27.91 0.18 29.98
N LYS F 157 28.87 -0.26 30.79
CA LYS F 157 28.54 -1.20 31.86
C LYS F 157 27.62 -0.55 32.89
N TYR F 158 27.88 0.71 33.23
CA TYR F 158 27.02 1.42 34.17
C TYR F 158 25.63 1.66 33.58
N LYS F 159 25.56 2.02 32.30
CA LYS F 159 24.28 2.39 31.71
C LYS F 159 23.28 1.23 31.77
N ASP F 160 23.68 0.06 31.29
CA ASP F 160 22.86 -1.13 31.39
C ASP F 160 23.71 -2.39 31.19
N PRO F 161 23.68 -3.33 32.13
CA PRO F 161 24.52 -4.54 32.00
C PRO F 161 23.99 -5.54 30.99
N GLN F 162 22.77 -5.35 30.48
CA GLN F 162 22.16 -6.32 29.58
C GLN F 162 22.46 -6.06 28.11
N SER F 163 23.25 -5.04 27.79
CA SER F 163 23.57 -4.75 26.41
C SER F 163 24.43 -5.87 25.82
N PRO F 164 24.22 -6.21 24.54
CA PRO F 164 25.04 -7.23 23.90
C PRO F 164 26.38 -6.74 23.39
N LYS F 165 26.74 -5.48 23.65
CA LYS F 165 27.99 -4.91 23.18
C LYS F 165 29.13 -5.09 24.17
N ILE F 166 28.88 -5.76 25.30
CA ILE F 166 29.94 -5.96 26.29
C ILE F 166 31.03 -6.87 25.75
N GLU F 167 30.64 -7.97 25.10
CA GLU F 167 31.62 -8.96 24.67
C GLU F 167 32.53 -8.41 23.58
N VAL F 168 31.95 -7.76 22.57
CA VAL F 168 32.75 -7.22 21.47
C VAL F 168 33.67 -6.12 21.98
N LEU F 169 33.17 -5.26 22.86
CA LEU F 169 34.01 -4.21 23.41
C LEU F 169 35.15 -4.78 24.26
N GLU F 170 34.87 -5.84 25.02
CA GLU F 170 35.92 -6.47 25.81
C GLU F 170 36.98 -7.10 24.92
N GLN F 171 36.55 -7.74 23.82
CA GLN F 171 37.52 -8.30 22.88
C GLN F 171 38.37 -7.21 22.25
N GLU F 172 37.75 -6.10 21.88
CA GLU F 172 38.51 -4.97 21.33
C GLU F 172 39.49 -4.43 22.36
N LEU F 173 39.08 -4.36 23.63
CA LEU F 173 39.97 -3.88 24.68
C LEU F 173 41.16 -4.80 24.87
N VAL F 174 40.94 -6.12 24.86
CA VAL F 174 42.06 -7.05 25.03
C VAL F 174 42.99 -6.99 23.82
N ARG F 175 42.43 -6.79 22.62
CA ARG F 175 43.25 -6.63 21.43
C ARG F 175 44.12 -5.37 21.53
N ALA F 176 43.52 -4.26 21.97
CA ALA F 176 44.27 -3.03 22.12
C ALA F 176 45.35 -3.16 23.18
N GLU F 177 45.05 -3.88 24.27
CA GLU F 177 46.05 -4.10 25.31
C GLU F 177 47.21 -4.93 24.76
N ALA F 178 46.91 -5.97 23.98
CA ALA F 178 47.97 -6.78 23.39
C ALA F 178 48.84 -5.95 22.44
N GLU F 179 48.21 -5.03 21.71
CA GLU F 179 48.98 -4.15 20.83
C GLU F 179 49.87 -3.20 21.64
N SER F 180 49.30 -2.57 22.66
CA SER F 180 50.06 -1.60 23.45
C SER F 180 51.20 -2.27 24.21
N LEU F 181 51.06 -3.55 24.54
CA LEU F 181 52.12 -4.25 25.28
C LEU F 181 53.42 -4.25 24.48
N VAL F 182 53.33 -4.43 23.17
CA VAL F 182 54.52 -4.36 22.33
C VAL F 182 54.83 -2.93 21.90
N ALA F 183 53.81 -2.06 21.81
CA ALA F 183 54.06 -0.67 21.45
C ALA F 183 54.94 0.03 22.48
N GLU F 184 54.65 -0.18 23.76
CA GLU F 184 55.46 0.45 24.82
C GLU F 184 56.89 -0.04 24.78
N ALA F 185 57.09 -1.35 24.58
CA ALA F 185 58.44 -1.90 24.52
C ALA F 185 59.21 -1.34 23.34
N GLN F 186 58.59 -1.27 22.17
CA GLN F 186 59.28 -0.73 21.00
C GLN F 186 59.51 0.76 21.11
N LEU F 187 58.69 1.47 21.88
CA LEU F 187 58.95 2.89 22.13
C LEU F 187 60.15 3.06 23.06
N SER F 188 60.20 2.28 24.14
CA SER F 188 61.26 2.44 25.13
C SER F 188 62.60 1.84 24.68
N ASN F 189 62.59 0.97 23.67
CA ASN F 189 63.83 0.32 23.26
C ASN F 189 64.83 1.30 22.66
N ILE F 190 64.35 2.24 21.83
CA ILE F 190 65.26 3.04 21.01
C ILE F 190 65.66 4.38 21.62
N THR F 191 64.92 4.86 22.61
CA THR F 191 65.20 6.18 23.17
C THR F 191 66.56 6.22 23.85
N ARG F 192 66.82 5.24 24.73
CA ARG F 192 68.07 5.23 25.47
C ARG F 192 69.28 4.99 24.58
N SER F 193 69.08 4.50 23.37
CA SER F 193 70.17 4.31 22.43
C SER F 193 70.41 5.55 21.59
N LYS F 194 69.35 6.11 21.01
CA LYS F 194 69.51 7.29 20.16
C LYS F 194 69.98 8.50 20.96
N LEU F 195 69.44 8.69 22.18
CA LEU F 195 69.89 9.80 23.00
C LEU F 195 71.38 9.68 23.32
N ARG F 196 71.81 8.47 23.71
CA ARG F 196 73.21 8.25 24.03
C ARG F 196 74.11 8.51 22.83
N ALA F 197 73.71 8.00 21.66
CA ALA F 197 74.52 8.21 20.46
C ALA F 197 74.63 9.68 20.10
N ALA F 198 73.50 10.40 20.13
CA ALA F 198 73.50 11.81 19.79
C ALA F 198 74.37 12.62 20.75
N PHE F 199 74.25 12.34 22.05
CA PHE F 199 75.03 13.10 23.02
C PHE F 199 76.52 12.77 22.93
N ASN F 200 76.87 11.51 22.66
CA ASN F 200 78.27 11.18 22.45
C ASN F 200 78.83 11.91 21.24
N TYR F 201 78.07 11.96 20.14
CA TYR F 201 78.52 12.68 18.96
C TYR F 201 78.71 14.17 19.26
N GLN F 202 77.76 14.76 19.97
CA GLN F 202 77.86 16.18 20.31
C GLN F 202 79.08 16.47 21.18
N PHE F 203 79.33 15.62 22.18
CA PHE F 203 80.47 15.83 23.05
C PHE F 203 81.79 15.66 22.32
N ASP F 204 81.87 14.67 21.42
CA ASP F 204 83.08 14.51 20.62
C ASP F 204 83.33 15.74 19.74
N SER F 205 82.27 16.26 19.11
CA SER F 205 82.43 17.46 18.29
C SER F 205 82.90 18.64 19.13
N ILE F 206 82.32 18.82 20.32
CA ILE F 206 82.72 19.92 21.19
C ILE F 206 84.19 19.80 21.57
N ILE F 207 84.62 18.60 21.94
CA ILE F 207 86.01 18.39 22.34
C ILE F 207 86.95 18.73 21.18
N GLU F 208 86.64 18.22 19.98
CA GLU F 208 87.50 18.47 18.83
C GLU F 208 87.59 19.97 18.52
N HIS F 209 86.45 20.65 18.50
CA HIS F 209 86.44 22.08 18.18
C HIS F 209 87.22 22.87 19.21
N SER F 210 87.02 22.57 20.50
CA SER F 210 87.72 23.31 21.55
C SER F 210 89.22 23.10 21.46
N GLU F 211 89.66 21.85 21.23
CA GLU F 211 91.09 21.59 21.15
C GLU F 211 91.72 22.29 19.95
N LYS F 212 91.03 22.28 18.80
CA LYS F 212 91.56 22.98 17.63
C LYS F 212 91.67 24.47 17.89
N ILE F 213 90.65 25.06 18.52
CA ILE F 213 90.69 26.49 18.82
C ILE F 213 91.84 26.81 19.76
N ALA F 214 92.04 25.97 20.78
CA ALA F 214 93.14 26.21 21.73
C ALA F 214 94.49 26.14 21.04
N LEU F 215 94.67 25.16 20.16
CA LEU F 215 95.94 25.04 19.43
C LEU F 215 96.18 26.26 18.55
N ILE F 216 95.13 26.72 17.85
CA ILE F 216 95.28 27.90 16.99
C ILE F 216 95.66 29.11 17.82
N ALA F 217 95.01 29.29 18.98
CA ALA F 217 95.32 30.44 19.83
C ALA F 217 96.74 30.37 20.35
N GLY F 218 97.20 29.19 20.74
CA GLY F 218 98.57 29.05 21.21
C GLY F 218 99.58 29.40 20.14
N TYR F 219 99.37 28.92 18.91
CA TYR F 219 100.31 29.26 17.85
C TYR F 219 100.21 30.74 17.47
N GLY F 220 99.03 31.33 17.60
CA GLY F 220 98.91 32.77 17.39
C GLY F 220 99.72 33.57 18.40
N LYS F 221 99.67 33.17 19.67
CA LYS F 221 100.51 33.81 20.67
C LYS F 221 101.99 33.62 20.36
N ALA F 222 102.36 32.42 19.92
CA ALA F 222 103.75 32.16 19.56
C ALA F 222 104.20 33.10 18.43
N LEU F 223 103.35 33.29 17.43
CA LEU F 223 103.68 34.21 16.34
C LEU F 223 103.78 35.65 16.83
N LEU F 224 102.82 36.07 17.65
CA LEU F 224 102.82 37.45 18.14
C LEU F 224 104.01 37.74 19.05
N GLU F 225 104.60 36.71 19.66
CA GLU F 225 105.76 36.92 20.52
C GLU F 225 106.93 37.52 19.75
N LEU F 226 106.91 37.41 18.42
CA LEU F 226 107.98 37.91 17.57
C LEU F 226 107.93 39.41 17.38
N LEU F 227 106.78 40.04 17.61
CA LEU F 227 106.60 41.48 17.39
C LEU F 227 107.39 42.22 18.46
N ASP F 228 108.55 42.75 18.07
CA ASP F 228 109.39 43.47 19.00
C ASP F 228 108.91 44.91 19.16
N ASP F 229 108.94 45.41 20.39
CA ASP F 229 108.58 46.78 20.70
C ASP F 229 109.62 47.40 21.61
N SER F 230 109.94 48.67 21.36
CA SER F 230 110.84 49.43 22.20
C SER F 230 110.50 50.91 22.02
N PRO F 231 110.57 51.71 23.09
CA PRO F 231 110.30 53.14 22.95
C PRO F 231 111.32 53.82 22.06
N VAL F 232 110.87 54.76 21.26
CA VAL F 232 111.71 55.48 20.31
C VAL F 232 111.68 56.97 20.66
N THR F 233 112.85 57.59 20.70
CA THR F 233 112.95 59.02 20.96
C THR F 233 112.65 59.81 19.69
N PRO F 234 112.18 61.05 19.83
CA PRO F 234 111.90 61.87 18.65
C PRO F 234 113.14 62.06 17.79
N GLY F 235 112.95 61.99 16.47
CA GLY F 235 114.04 62.15 15.53
C GLY F 235 114.76 60.86 15.19
N GLU F 236 114.56 59.79 15.95
CA GLU F 236 115.24 58.53 15.69
C GLU F 236 114.50 57.73 14.63
N THR F 237 115.24 56.82 13.99
CA THR F 237 114.70 55.93 12.98
C THR F 237 114.85 54.50 13.46
N ARG F 238 113.74 53.75 13.45
CA ARG F 238 113.80 52.37 13.89
C ARG F 238 114.57 51.53 12.87
N PRO F 239 115.31 50.51 13.33
CA PRO F 239 116.03 49.64 12.39
C PRO F 239 115.06 48.90 11.48
N ALA F 240 115.52 48.61 10.26
CA ALA F 240 114.70 47.89 9.30
C ALA F 240 114.33 46.51 9.84
N TYR F 241 113.04 46.18 9.77
CA TYR F 241 112.55 44.92 10.30
C TYR F 241 112.73 43.81 9.27
N ASP F 242 113.38 42.72 9.69
CA ASP F 242 113.61 41.55 8.84
C ASP F 242 113.18 40.31 9.62
N GLY F 243 111.91 39.96 9.49
CA GLY F 243 111.37 38.78 10.15
C GLY F 243 110.34 38.07 9.28
N TYR F 244 110.46 38.25 7.96
CA TYR F 244 109.47 37.69 7.05
C TYR F 244 109.48 36.17 7.06
N GLU F 245 110.66 35.56 7.14
CA GLU F 245 110.79 34.11 7.03
C GLU F 245 110.20 33.38 8.24
N ALA F 246 110.41 33.92 9.44
CA ALA F 246 109.98 33.25 10.67
C ALA F 246 108.46 33.12 10.73
N SER F 247 107.75 34.16 10.32
CA SER F 247 106.29 34.11 10.33
C SER F 247 105.76 33.05 9.37
N LYS F 248 106.38 32.92 8.20
CA LYS F 248 105.99 31.89 7.25
C LYS F 248 106.16 30.50 7.84
N GLN F 249 107.29 30.26 8.51
CA GLN F 249 107.51 28.99 9.16
C GLN F 249 106.49 28.75 10.26
N ILE F 250 106.14 29.80 11.01
CA ILE F 250 105.18 29.65 12.09
C ILE F 250 103.82 29.25 11.55
N ILE F 251 103.36 29.92 10.49
CA ILE F 251 102.03 29.59 9.96
C ILE F 251 102.05 28.24 9.27
N ILE F 252 103.17 27.86 8.65
CA ILE F 252 103.29 26.52 8.07
C ILE F 252 103.19 25.46 9.16
N ASP F 253 103.87 25.69 10.29
CA ASP F 253 103.77 24.76 11.41
C ASP F 253 102.34 24.70 11.95
N ALA F 254 101.65 25.84 11.97
CA ALA F 254 100.26 25.85 12.41
C ALA F 254 99.39 25.00 11.49
N GLU F 255 99.58 25.14 10.18
CA GLU F 255 98.82 24.33 9.23
C GLU F 255 99.13 22.85 9.42
N SER F 256 100.41 22.50 9.59
CA SER F 256 100.78 21.10 9.77
C SER F 256 100.16 20.53 11.04
N ALA F 257 100.21 21.28 12.14
CA ALA F 257 99.64 20.81 13.40
C ALA F 257 98.12 20.65 13.30
N LEU F 258 97.45 21.60 12.63
CA LEU F 258 96.01 21.51 12.47
C LEU F 258 95.62 20.31 11.62
N ASN F 259 96.37 20.05 10.54
CA ASN F 259 96.03 18.93 9.67
C ASN F 259 96.34 17.60 10.33
N GLU F 260 97.45 17.52 11.08
CA GLU F 260 97.88 16.25 11.65
C GLU F 260 97.01 15.80 12.82
N TRP F 261 96.38 16.73 13.52
CA TRP F 261 95.64 16.39 14.73
C TRP F 261 94.51 15.41 14.44
N THR F 262 94.38 14.40 15.29
CA THR F 262 93.31 13.42 15.21
C THR F 262 92.60 13.35 16.57
N LEU F 263 91.41 12.75 16.55
CA LEU F 263 90.65 12.60 17.80
C LEU F 263 91.38 11.71 18.80
N ASP F 264 91.98 10.62 18.31
CA ASP F 264 92.71 9.72 19.20
C ASP F 264 93.95 10.36 19.79
N SER F 265 94.47 11.43 19.18
CA SER F 265 95.65 12.13 19.65
C SER F 265 95.29 13.39 20.43
N ALA F 266 94.19 13.34 21.19
CA ALA F 266 93.75 14.50 21.95
C ALA F 266 94.76 14.84 23.03
N GLN F 267 95.12 16.13 23.11
CA GLN F 267 96.09 16.56 24.10
C GLN F 267 95.50 16.62 25.51
N VAL F 268 94.23 17.02 25.62
CA VAL F 268 93.59 17.13 26.92
C VAL F 268 93.20 15.74 27.41
N LYS F 269 93.63 15.41 28.63
CA LYS F 269 93.31 14.12 29.24
C LYS F 269 92.54 14.37 30.53
N PRO F 270 91.21 14.30 30.51
CA PRO F 270 90.44 14.52 31.74
C PRO F 270 90.78 13.48 32.81
N THR F 271 90.78 13.94 34.05
CA THR F 271 91.10 13.06 35.17
C THR F 271 89.87 12.28 35.64
N MET G 1 114.82 35.02 -40.59
CA MET G 1 114.39 35.96 -41.61
C MET G 1 114.01 35.25 -42.91
N HIS G 2 112.88 34.56 -42.91
CA HIS G 2 112.42 33.88 -44.12
C HIS G 2 112.00 34.87 -45.19
N ARG G 3 111.32 35.95 -44.79
CA ARG G 3 110.84 36.93 -45.75
C ARG G 3 112.00 37.65 -46.45
N THR G 4 113.05 37.99 -45.70
CA THR G 4 114.12 38.81 -46.27
C THR G 4 114.90 38.04 -47.33
N TYR G 5 115.35 36.83 -47.00
CA TYR G 5 116.31 36.12 -47.84
C TYR G 5 115.67 35.27 -48.93
N SER G 6 114.35 35.30 -49.05
CA SER G 6 113.67 34.53 -50.08
C SER G 6 112.35 35.21 -50.42
N LEU G 7 112.02 35.22 -51.70
CA LEU G 7 110.75 35.80 -52.14
C LEU G 7 109.55 35.02 -51.64
N ARG G 8 109.75 33.77 -51.22
CA ARG G 8 108.65 32.97 -50.69
C ARG G 8 108.16 33.54 -49.36
N ASN G 9 106.85 33.40 -49.13
CA ASN G 9 106.24 33.79 -47.88
C ASN G 9 106.11 32.63 -46.90
N SER G 10 106.61 31.45 -47.26
CA SER G 10 106.53 30.27 -46.40
C SER G 10 107.69 30.28 -45.41
N ARG G 11 107.89 29.17 -44.71
CA ARG G 11 108.92 29.04 -43.69
C ARG G 11 109.99 28.07 -44.20
N ALA G 12 111.25 28.52 -44.17
CA ALA G 12 112.34 27.66 -44.58
C ALA G 12 112.61 26.59 -43.53
N PRO G 13 113.05 25.41 -43.95
CA PRO G 13 113.36 24.34 -42.97
C PRO G 13 114.48 24.76 -42.03
N THR G 14 114.37 24.30 -40.78
CA THR G 14 115.35 24.59 -39.75
C THR G 14 115.53 23.32 -38.91
N ALA G 15 116.33 23.44 -37.85
CA ALA G 15 116.59 22.29 -36.98
C ALA G 15 115.30 21.83 -36.30
N SER G 16 114.51 22.78 -35.78
CA SER G 16 113.25 22.42 -35.16
C SER G 16 112.27 21.85 -36.18
N GLN G 17 112.24 22.42 -37.38
CA GLN G 17 111.37 21.89 -38.43
C GLN G 17 111.79 20.48 -38.85
N LEU G 18 113.10 20.24 -38.96
CA LEU G 18 113.57 18.91 -39.30
C LEU G 18 113.25 17.90 -38.20
N GLN G 19 113.43 18.29 -36.93
CA GLN G 19 113.12 17.39 -35.83
C GLN G 19 111.62 17.10 -35.77
N ASN G 20 110.77 18.11 -35.94
CA ASN G 20 109.34 17.94 -35.87
C ASN G 20 108.70 18.78 -36.99
N PRO G 21 107.86 18.19 -37.82
CA PRO G 21 107.21 18.95 -38.90
C PRO G 21 106.35 20.06 -38.33
N PRO G 22 106.29 21.21 -39.00
CA PRO G 22 105.49 22.33 -38.49
C PRO G 22 104.02 21.99 -38.47
N PRO G 23 103.29 22.45 -37.47
CA PRO G 23 101.85 22.18 -37.40
C PRO G 23 101.10 22.96 -38.47
N PRO G 24 99.91 22.50 -38.86
CA PRO G 24 99.12 23.25 -39.83
C PRO G 24 98.69 24.58 -39.27
N PRO G 25 98.44 25.58 -40.11
CA PRO G 25 98.02 26.89 -39.61
C PRO G 25 96.68 26.81 -38.88
N SER G 26 96.50 27.70 -37.92
CA SER G 26 95.29 27.71 -37.12
C SER G 26 94.06 27.95 -37.98
N THR G 27 93.01 27.16 -37.75
CA THR G 27 91.79 27.25 -38.55
C THR G 27 90.95 28.46 -38.19
N THR G 28 91.06 28.98 -36.97
CA THR G 28 90.26 30.12 -36.52
C THR G 28 90.97 31.45 -36.79
N LYS G 29 91.39 31.64 -38.03
CA LYS G 29 92.00 32.89 -38.49
C LYS G 29 91.14 33.43 -39.62
N GLY G 30 90.12 34.21 -39.26
CA GLY G 30 89.20 34.72 -40.25
C GLY G 30 89.81 35.82 -41.10
N ARG G 31 89.18 36.05 -42.26
CA ARG G 31 89.64 37.09 -43.16
C ARG G 31 89.41 38.48 -42.57
N PHE G 32 88.27 38.68 -41.90
CA PHE G 32 87.96 39.98 -41.31
C PHE G 32 88.87 40.24 -40.11
N PHE G 33 89.44 41.45 -40.06
CA PHE G 33 90.36 41.79 -38.98
C PHE G 33 89.64 41.86 -37.64
N GLY G 34 88.53 42.59 -37.58
CA GLY G 34 87.81 42.76 -36.32
C GLY G 34 88.65 43.38 -35.23
N LYS G 35 89.43 44.41 -35.57
CA LYS G 35 90.37 45.03 -34.62
C LYS G 35 89.66 46.05 -33.75
N GLY G 36 88.72 45.55 -32.96
CA GLY G 36 87.99 46.39 -32.02
C GLY G 36 87.20 47.51 -32.67
N GLY G 37 86.56 47.23 -33.81
CA GLY G 37 85.81 48.27 -34.49
C GLY G 37 86.72 49.29 -35.13
N LEU G 38 86.18 50.49 -35.32
CA LEU G 38 86.90 51.60 -35.92
C LEU G 38 87.59 52.49 -34.91
N ALA G 39 87.49 52.18 -33.62
CA ALA G 39 88.13 53.01 -32.60
C ALA G 39 89.64 53.01 -32.75
N TYR G 40 90.23 51.83 -33.02
CA TYR G 40 91.67 51.75 -33.23
C TYR G 40 92.10 52.58 -34.43
N SER G 41 91.37 52.46 -35.53
CA SER G 41 91.72 53.22 -36.74
C SER G 41 91.58 54.71 -36.51
N PHE G 42 90.55 55.14 -35.78
CA PHE G 42 90.37 56.56 -35.50
C PHE G 42 91.50 57.09 -34.61
N ARG G 43 91.84 56.35 -33.55
CA ARG G 43 92.95 56.75 -32.69
C ARG G 43 94.25 56.80 -33.47
N ARG G 44 94.38 55.91 -34.46
CA ARG G 44 95.61 55.84 -35.25
C ARG G 44 95.72 57.00 -36.24
N SER G 45 94.60 57.39 -36.85
CA SER G 45 94.61 58.38 -37.91
C SER G 45 94.51 59.82 -37.40
N ALA G 46 93.68 60.06 -36.38
CA ALA G 46 93.49 61.42 -35.90
C ALA G 46 94.76 61.99 -35.28
N ALA G 47 95.60 61.15 -34.69
CA ALA G 47 96.79 61.64 -34.00
C ALA G 47 97.88 62.09 -34.97
N GLY G 48 97.87 61.60 -36.21
CA GLY G 48 98.91 61.89 -37.17
C GLY G 48 98.68 63.10 -38.05
N ALA G 49 97.59 63.86 -37.85
CA ALA G 49 97.32 65.00 -38.70
C ALA G 49 96.80 66.20 -37.92
N PHE G 50 97.18 66.37 -36.66
CA PHE G 50 96.68 67.46 -35.82
C PHE G 50 97.79 68.38 -35.34
N GLY G 51 98.87 67.84 -34.80
CA GLY G 51 99.92 68.64 -34.19
C GLY G 51 100.97 69.09 -35.18
N PRO G 52 102.13 69.51 -34.67
CA PRO G 52 103.21 69.96 -35.55
C PRO G 52 103.74 68.82 -36.41
N GLU G 53 104.28 69.20 -37.58
CA GLU G 53 104.71 68.21 -38.56
C GLU G 53 105.90 67.41 -38.05
N LEU G 54 106.77 68.02 -37.25
CA LEU G 54 107.98 67.35 -36.81
C LEU G 54 107.67 66.14 -35.92
N SER G 55 106.70 66.29 -35.02
CA SER G 55 106.38 65.24 -34.04
C SER G 55 105.13 64.46 -34.41
N ARG G 56 104.85 64.32 -35.70
CA ARG G 56 103.65 63.60 -36.12
C ARG G 56 103.83 62.08 -36.02
N LYS G 57 105.01 61.57 -36.31
CA LYS G 57 105.21 60.12 -36.34
C LYS G 57 105.26 59.53 -34.94
N LEU G 58 105.93 60.21 -34.01
CA LEU G 58 106.08 59.67 -32.67
C LEU G 58 104.74 59.57 -31.95
N SER G 59 103.80 60.47 -32.23
CA SER G 59 102.47 60.36 -31.66
C SER G 59 101.77 59.10 -32.14
N GLN G 60 101.90 58.80 -33.44
CA GLN G 60 101.33 57.56 -33.97
C GLN G 60 101.98 56.34 -33.32
N LEU G 61 103.30 56.37 -33.15
CA LEU G 61 103.98 55.26 -32.49
C LEU G 61 103.51 55.10 -31.06
N VAL G 62 103.30 56.20 -30.34
CA VAL G 62 102.81 56.13 -28.96
C VAL G 62 101.41 55.52 -28.93
N LYS G 63 100.54 55.94 -29.85
CA LYS G 63 99.19 55.37 -29.89
C LYS G 63 99.23 53.87 -30.19
N ILE G 64 100.09 53.46 -31.12
CA ILE G 64 100.17 52.04 -31.46
C ILE G 64 100.72 51.24 -30.29
N GLU G 65 101.69 51.81 -29.57
CA GLU G 65 102.20 51.16 -28.36
C GLU G 65 101.11 51.04 -27.31
N LYS G 66 100.26 52.06 -27.20
CA LYS G 66 99.13 51.98 -26.26
C LYS G 66 98.20 50.84 -26.62
N ASN G 67 97.90 50.69 -27.92
CA ASN G 67 97.05 49.58 -28.35
C ASN G 67 97.69 48.23 -28.04
N VAL G 68 98.99 48.11 -28.31
CA VAL G 68 99.73 46.89 -28.00
C VAL G 68 99.65 46.56 -26.51
N LEU G 69 99.86 47.55 -25.65
CA LEU G 69 99.79 47.31 -24.21
C LEU G 69 98.37 46.97 -23.77
N ARG G 70 97.37 47.56 -24.42
CA ARG G 70 95.99 47.30 -24.07
C ARG G 70 95.59 45.85 -24.37
N SER G 71 96.08 45.31 -25.50
CA SER G 71 95.70 43.96 -25.88
C SER G 71 96.16 42.91 -24.87
N MET G 72 97.38 43.08 -24.33
CA MET G 72 97.93 42.06 -23.44
C MET G 72 97.13 41.96 -22.14
N GLU G 73 96.52 43.05 -21.69
CA GLU G 73 95.69 42.97 -20.48
C GLU G 73 94.50 42.05 -20.69
N LEU G 74 93.82 42.19 -21.83
CA LEU G 74 92.71 41.29 -22.15
C LEU G 74 93.19 39.86 -22.28
N THR G 75 94.35 39.66 -22.92
CA THR G 75 94.89 38.31 -23.06
C THR G 75 95.13 37.68 -21.68
N ALA G 76 95.75 38.43 -20.77
CA ALA G 76 96.05 37.90 -19.44
C ALA G 76 94.78 37.61 -18.66
N ASN G 77 93.78 38.49 -18.75
CA ASN G 77 92.52 38.24 -18.06
C ASN G 77 91.85 36.98 -18.56
N GLU G 78 91.82 36.80 -19.89
CA GLU G 78 91.21 35.61 -20.46
C GLU G 78 91.96 34.35 -20.04
N ARG G 79 93.29 34.40 -20.02
CA ARG G 79 94.06 33.22 -19.60
C ARG G 79 93.81 32.89 -18.13
N ARG G 80 93.75 33.89 -17.27
CA ARG G 80 93.48 33.64 -15.86
C ARG G 80 92.10 33.02 -15.68
N ASP G 81 91.10 33.52 -16.39
CA ASP G 81 89.76 32.98 -16.24
C ASP G 81 89.68 31.57 -16.82
N ALA G 82 90.47 31.30 -17.87
CA ALA G 82 90.56 29.94 -18.39
C ALA G 82 91.13 28.99 -17.34
N ALA G 83 92.17 29.43 -16.63
CA ALA G 83 92.72 28.60 -15.55
C ALA G 83 91.68 28.34 -14.48
N LYS G 84 90.92 29.39 -14.11
CA LYS G 84 89.87 29.21 -13.11
C LYS G 84 88.82 28.20 -13.57
N GLN G 85 88.42 28.29 -14.85
CA GLN G 85 87.43 27.36 -15.38
C GLN G 85 87.94 25.93 -15.40
N LEU G 86 89.21 25.74 -15.76
CA LEU G 86 89.79 24.40 -15.74
C LEU G 86 89.81 23.84 -14.32
N SER G 87 90.19 24.68 -13.34
CA SER G 87 90.19 24.23 -11.96
C SER G 87 88.79 23.86 -11.50
N ILE G 88 87.78 24.64 -11.92
CA ILE G 88 86.40 24.32 -11.56
C ILE G 88 85.98 22.99 -12.17
N TRP G 89 86.29 22.77 -13.45
CA TRP G 89 85.92 21.55 -14.13
C TRP G 89 86.60 20.31 -13.58
N GLY G 90 87.84 20.42 -13.11
CA GLY G 90 88.56 19.26 -12.64
C GLY G 90 88.04 18.64 -11.36
N LEU G 91 87.06 19.27 -10.70
CA LEU G 91 86.61 18.79 -9.39
C LEU G 91 85.91 17.44 -9.49
N GLU G 92 85.01 17.29 -10.47
CA GLU G 92 84.12 16.13 -10.54
C GLU G 92 84.76 15.02 -11.36
N ASN G 93 85.90 14.54 -10.86
CA ASN G 93 86.62 13.44 -11.50
C ASN G 93 87.32 12.64 -10.40
N ASP G 94 88.28 11.81 -10.82
CA ASP G 94 89.00 10.96 -9.88
C ASP G 94 89.86 11.81 -8.96
N ASP G 95 90.34 11.18 -7.88
CA ASP G 95 91.10 11.91 -6.86
C ASP G 95 92.38 12.50 -7.43
N ASP G 96 93.13 11.71 -8.20
CA ASP G 96 94.39 12.22 -8.76
C ASP G 96 94.14 13.34 -9.77
N VAL G 97 93.12 13.18 -10.61
CA VAL G 97 92.77 14.23 -11.58
C VAL G 97 92.23 15.48 -10.91
N SER G 98 91.45 15.35 -9.83
CA SER G 98 90.91 16.48 -9.12
C SER G 98 91.97 17.27 -8.37
N ASP G 99 93.18 16.75 -8.27
CA ASP G 99 94.30 17.44 -7.63
C ASP G 99 95.31 17.97 -8.64
N ILE G 100 95.65 17.16 -9.65
CA ILE G 100 96.59 17.61 -10.68
C ILE G 100 96.02 18.79 -11.45
N THR G 101 94.72 18.74 -11.75
CA THR G 101 94.09 19.84 -12.47
C THR G 101 94.12 21.13 -11.63
N ASP G 102 93.83 21.03 -10.34
CA ASP G 102 93.88 22.21 -9.48
C ASP G 102 95.29 22.78 -9.39
N LYS G 103 96.28 21.90 -9.25
CA LYS G 103 97.66 22.38 -9.17
C LYS G 103 98.09 23.06 -10.47
N LEU G 104 97.69 22.49 -11.62
CA LEU G 104 98.02 23.10 -12.90
C LEU G 104 97.32 24.45 -13.06
N GLY G 105 96.07 24.57 -12.62
CA GLY G 105 95.41 25.86 -12.65
C GLY G 105 96.12 26.89 -11.79
N VAL G 106 96.54 26.47 -10.59
CA VAL G 106 97.29 27.36 -9.70
C VAL G 106 98.57 27.83 -10.37
N LEU G 107 99.29 26.91 -11.01
CA LEU G 107 100.55 27.28 -11.68
C LEU G 107 100.29 28.21 -12.85
N ILE G 108 99.23 27.97 -13.62
CA ILE G 108 98.93 28.76 -14.80
C ILE G 108 98.51 30.16 -14.39
N TYR G 109 97.94 30.28 -13.18
CA TYR G 109 97.40 31.55 -12.69
C TYR G 109 98.44 32.68 -12.63
N GLU G 110 99.73 32.37 -12.58
CA GLU G 110 100.74 33.40 -12.39
C GLU G 110 101.17 34.09 -13.68
N VAL G 111 100.75 33.58 -14.84
CA VAL G 111 101.10 34.23 -16.10
C VAL G 111 100.50 35.63 -16.16
N SER G 112 99.25 35.77 -15.72
CA SER G 112 98.63 37.10 -15.68
C SER G 112 99.35 38.02 -14.71
N GLU G 113 99.78 37.47 -13.56
CA GLU G 113 100.53 38.27 -12.59
C GLU G 113 101.81 38.81 -13.20
N LEU G 114 102.53 37.96 -13.94
CA LEU G 114 103.74 38.43 -14.62
C LEU G 114 103.39 39.46 -15.70
N ASP G 115 102.31 39.22 -16.44
CA ASP G 115 101.93 40.12 -17.52
C ASP G 115 101.55 41.50 -17.01
N ASP G 116 101.01 41.60 -15.79
CA ASP G 116 100.68 42.90 -15.23
C ASP G 116 101.92 43.76 -15.04
N GLN G 117 102.97 43.17 -14.45
CA GLN G 117 104.22 43.91 -14.27
C GLN G 117 104.85 44.24 -15.62
N PHE G 118 104.77 43.31 -16.57
CA PHE G 118 105.28 43.59 -17.91
C PHE G 118 104.55 44.78 -18.54
N ILE G 119 103.23 44.85 -18.34
CA ILE G 119 102.45 45.96 -18.87
C ILE G 119 102.85 47.27 -18.21
N ASP G 120 103.09 47.25 -16.89
CA ASP G 120 103.53 48.45 -16.20
C ASP G 120 104.85 48.97 -16.76
N ARG G 121 105.81 48.06 -16.96
CA ARG G 121 107.09 48.48 -17.52
C ARG G 121 106.93 48.98 -18.96
N TYR G 122 106.03 48.37 -19.72
CA TYR G 122 105.74 48.84 -21.07
C TYR G 122 105.19 50.26 -21.04
N ASP G 123 104.30 50.57 -20.10
CA ASP G 123 103.78 51.92 -19.98
C ASP G 123 104.87 52.91 -19.62
N GLN G 124 105.80 52.50 -18.74
CA GLN G 124 106.93 53.38 -18.42
C GLN G 124 107.75 53.69 -19.67
N TYR G 125 108.03 52.68 -20.48
CA TYR G 125 108.79 52.90 -21.72
C TYR G 125 108.03 53.81 -22.67
N ARG G 126 106.71 53.64 -22.76
CA ARG G 126 105.90 54.50 -23.61
C ARG G 126 105.97 55.96 -23.16
N LEU G 127 105.91 56.19 -21.85
CA LEU G 127 106.06 57.56 -21.35
C LEU G 127 107.42 58.13 -21.68
N THR G 128 108.47 57.30 -21.56
CA THR G 128 109.81 57.77 -21.90
C THR G 128 109.89 58.22 -23.35
N LEU G 129 109.25 57.48 -24.26
CA LEU G 129 109.24 57.91 -25.66
C LEU G 129 108.39 59.16 -25.87
N LYS G 130 107.28 59.26 -25.13
CA LYS G 130 106.43 60.45 -25.24
C LYS G 130 107.18 61.71 -24.86
N SER G 131 108.12 61.61 -23.92
CA SER G 131 108.93 62.78 -23.56
C SER G 131 109.73 63.30 -24.76
N ILE G 132 110.36 62.40 -25.51
CA ILE G 132 111.10 62.80 -26.70
C ILE G 132 110.16 63.42 -27.73
N ARG G 133 108.99 62.80 -27.91
CA ARG G 133 108.01 63.37 -28.84
C ARG G 133 107.69 64.82 -28.47
N ASP G 134 107.42 65.05 -27.18
CA ASP G 134 107.05 66.39 -26.72
C ASP G 134 108.19 67.39 -26.95
N ILE G 135 109.42 67.01 -26.62
CA ILE G 135 110.50 67.99 -26.74
C ILE G 135 110.77 68.34 -28.20
N GLU G 136 110.71 67.36 -29.10
CA GLU G 136 110.94 67.68 -30.52
C GLU G 136 109.80 68.53 -31.08
N GLY G 137 108.55 68.24 -30.67
CA GLY G 137 107.44 69.06 -31.09
C GLY G 137 107.57 70.50 -30.60
N SER G 138 108.11 70.69 -29.40
CA SER G 138 108.36 72.05 -28.92
C SER G 138 109.53 72.71 -29.65
N VAL G 139 110.50 71.91 -30.11
CA VAL G 139 111.68 72.47 -30.76
C VAL G 139 111.33 73.05 -32.14
N GLN G 140 110.47 72.36 -32.88
CA GLN G 140 110.21 72.74 -34.28
C GLN G 140 109.86 74.22 -34.53
N PRO G 141 109.03 74.89 -33.74
CA PRO G 141 108.61 76.25 -34.11
C PRO G 141 109.76 77.25 -34.27
N SER G 142 110.88 77.05 -33.57
CA SER G 142 112.01 77.98 -33.73
C SER G 142 112.53 77.95 -35.16
N ARG G 143 112.77 76.76 -35.70
CA ARG G 143 113.20 76.65 -37.09
C ARG G 143 112.10 77.13 -38.05
N ASP G 144 110.83 76.92 -37.69
CA ASP G 144 109.76 77.46 -38.52
C ASP G 144 109.86 78.98 -38.62
N ARG G 145 110.04 79.65 -37.49
CA ARG G 145 110.13 81.11 -37.48
C ARG G 145 111.37 81.59 -38.23
N LYS G 146 112.49 80.89 -38.07
CA LYS G 146 113.69 81.28 -38.79
C LYS G 146 113.49 81.19 -40.31
N ASP G 147 112.84 80.10 -40.77
CA ASP G 147 112.56 79.98 -42.20
C ASP G 147 111.64 81.09 -42.67
N LYS G 148 110.62 81.43 -41.88
CA LYS G 148 109.71 82.51 -42.27
C LYS G 148 110.46 83.83 -42.39
N ILE G 149 111.34 84.13 -41.45
CA ILE G 149 112.10 85.39 -41.50
C ILE G 149 113.01 85.42 -42.72
N THR G 150 113.66 84.28 -43.02
CA THR G 150 114.52 84.23 -44.20
C THR G 150 113.72 84.47 -45.47
N ASP G 151 112.54 83.86 -45.59
CA ASP G 151 111.72 84.05 -46.77
C ASP G 151 111.28 85.51 -46.89
N LYS G 152 110.91 86.13 -45.76
CA LYS G 152 110.50 87.53 -45.79
C LYS G 152 111.64 88.43 -46.26
N ILE G 153 112.86 88.18 -45.75
CA ILE G 153 114.02 88.96 -46.18
C ILE G 153 114.25 88.80 -47.67
N ALA G 154 114.18 87.55 -48.15
CA ALA G 154 114.43 87.29 -49.57
C ALA G 154 113.40 87.97 -50.45
N TYR G 155 112.14 87.98 -50.05
CA TYR G 155 111.11 88.64 -50.86
C TYR G 155 111.27 90.16 -50.83
N LEU G 156 111.51 90.72 -49.65
CA LEU G 156 111.59 92.18 -49.54
C LEU G 156 112.83 92.72 -50.23
N LYS G 157 113.91 91.95 -50.29
CA LYS G 157 115.08 92.39 -51.05
C LYS G 157 114.76 92.48 -52.54
N TYR G 158 114.01 91.51 -53.05
CA TYR G 158 113.62 91.55 -54.46
C TYR G 158 112.65 92.70 -54.74
N LYS G 159 111.71 92.95 -53.84
CA LYS G 159 110.68 93.95 -54.10
C LYS G 159 111.30 95.33 -54.30
N ASP G 160 112.12 95.78 -53.36
CA ASP G 160 112.85 97.03 -53.50
C ASP G 160 114.04 97.06 -52.56
N PRO G 161 115.26 97.31 -53.06
CA PRO G 161 116.43 97.31 -52.18
C PRO G 161 116.55 98.57 -51.32
N GLN G 162 115.74 99.59 -51.55
CA GLN G 162 115.85 100.85 -50.85
C GLN G 162 115.01 100.91 -49.57
N SER G 163 114.32 99.83 -49.23
CA SER G 163 113.51 99.83 -48.02
C SER G 163 114.40 99.91 -46.78
N PRO G 164 113.96 100.63 -45.75
CA PRO G 164 114.75 100.71 -44.51
C PRO G 164 114.56 99.53 -43.57
N LYS G 165 113.80 98.51 -43.98
CA LYS G 165 113.54 97.35 -43.15
C LYS G 165 114.57 96.24 -43.33
N ILE G 166 115.58 96.45 -44.18
CA ILE G 166 116.59 95.42 -44.41
C ILE G 166 117.42 95.20 -43.15
N GLU G 167 117.84 96.27 -42.49
CA GLU G 167 118.75 96.14 -41.36
C GLU G 167 118.08 95.46 -40.17
N VAL G 168 116.86 95.87 -39.84
CA VAL G 168 116.16 95.27 -38.71
C VAL G 168 115.85 93.80 -38.98
N LEU G 169 115.44 93.49 -40.20
CA LEU G 169 115.15 92.11 -40.55
C LEU G 169 116.42 91.26 -40.50
N GLU G 170 117.55 91.80 -40.96
CA GLU G 170 118.81 91.06 -40.89
C GLU G 170 119.23 90.82 -39.45
N GLN G 171 119.05 91.81 -38.58
CA GLN G 171 119.36 91.62 -37.17
C GLN G 171 118.46 90.55 -36.55
N GLU G 172 117.18 90.57 -36.88
CA GLU G 172 116.26 89.54 -36.40
C GLU G 172 116.68 88.17 -36.90
N LEU G 173 117.12 88.09 -38.16
CA LEU G 173 117.56 86.81 -38.72
C LEU G 173 118.80 86.29 -38.00
N VAL G 174 119.77 87.16 -37.72
CA VAL G 174 120.97 86.70 -37.03
C VAL G 174 120.64 86.29 -35.61
N ARG G 175 119.70 86.98 -34.96
CA ARG G 175 119.26 86.59 -33.62
C ARG G 175 118.61 85.21 -33.64
N ALA G 176 117.73 84.98 -34.63
CA ALA G 176 117.07 83.69 -34.75
C ALA G 176 118.08 82.57 -35.04
N GLU G 177 119.09 82.87 -35.88
CA GLU G 177 120.13 81.89 -36.14
C GLU G 177 120.92 81.55 -34.89
N ALA G 178 121.26 82.57 -34.09
CA ALA G 178 121.97 82.33 -32.85
C ALA G 178 121.14 81.49 -31.89
N GLU G 179 119.82 81.72 -31.86
CA GLU G 179 118.94 80.90 -31.02
C GLU G 179 118.89 79.46 -31.52
N SER G 180 118.70 79.27 -32.82
CA SER G 180 118.59 77.93 -33.38
C SER G 180 119.89 77.14 -33.24
N LEU G 181 121.03 77.83 -33.20
CA LEU G 181 122.30 77.13 -33.06
C LEU G 181 122.36 76.33 -31.77
N VAL G 182 121.82 76.89 -30.68
CA VAL G 182 121.75 76.14 -29.43
C VAL G 182 120.50 75.27 -29.35
N ALA G 183 119.43 75.66 -30.04
CA ALA G 183 118.21 74.84 -30.03
C ALA G 183 118.46 73.47 -30.64
N GLU G 184 119.17 73.42 -31.77
CA GLU G 184 119.47 72.14 -32.41
C GLU G 184 120.33 71.26 -31.52
N ALA G 185 121.34 71.84 -30.88
CA ALA G 185 122.22 71.08 -30.00
C ALA G 185 121.45 70.51 -28.81
N GLN G 186 120.60 71.33 -28.19
CA GLN G 186 119.83 70.84 -27.05
C GLN G 186 118.77 69.84 -27.47
N LEU G 187 118.31 69.89 -28.72
CA LEU G 187 117.39 68.86 -29.21
C LEU G 187 118.12 67.54 -29.43
N SER G 188 119.29 67.60 -30.05
CA SER G 188 120.02 66.37 -30.38
C SER G 188 120.73 65.75 -29.18
N ASN G 189 120.92 66.51 -28.09
CA ASN G 189 121.67 65.98 -26.95
C ASN G 189 120.92 64.84 -26.25
N ILE G 190 119.60 64.98 -26.08
CA ILE G 190 118.87 64.07 -25.19
C ILE G 190 118.23 62.88 -25.89
N THR G 191 118.09 62.92 -27.23
CA THR G 191 117.41 61.84 -27.92
C THR G 191 118.18 60.53 -27.81
N ARG G 192 119.48 60.58 -28.11
CA ARG G 192 120.30 59.36 -28.10
C ARG G 192 120.45 58.79 -26.70
N SER G 193 120.18 59.58 -25.66
CA SER G 193 120.23 59.08 -24.29
C SER G 193 118.91 58.48 -23.85
N LYS G 194 117.81 59.20 -24.08
CA LYS G 194 116.51 58.71 -23.65
C LYS G 194 116.10 57.47 -24.43
N LEU G 195 116.37 57.43 -25.73
CA LEU G 195 116.04 56.24 -26.52
C LEU G 195 116.81 55.03 -26.02
N ARG G 196 118.10 55.20 -25.75
CA ARG G 196 118.92 54.11 -25.25
C ARG G 196 118.43 53.62 -23.90
N ALA G 197 118.11 54.54 -22.99
CA ALA G 197 117.64 54.13 -21.67
C ALA G 197 116.31 53.38 -21.77
N ALA G 198 115.37 53.90 -22.57
CA ALA G 198 114.07 53.25 -22.70
C ALA G 198 114.21 51.86 -23.30
N PHE G 199 115.04 51.71 -24.33
CA PHE G 199 115.17 50.40 -24.96
C PHE G 199 115.90 49.42 -24.05
N ASN G 200 116.89 49.88 -23.29
CA ASN G 200 117.53 49.00 -22.32
C ASN G 200 116.54 48.52 -21.26
N TYR G 201 115.69 49.43 -20.77
CA TYR G 201 114.68 49.04 -19.79
C TYR G 201 113.72 48.01 -20.37
N GLN G 202 113.27 48.25 -21.61
CA GLN G 202 112.34 47.32 -22.25
C GLN G 202 112.96 45.94 -22.44
N PHE G 203 114.22 45.90 -22.87
CA PHE G 203 114.87 44.61 -23.09
C PHE G 203 115.09 43.87 -21.78
N ASP G 204 115.46 44.60 -20.71
CA ASP G 204 115.60 43.95 -19.41
C ASP G 204 114.28 43.36 -18.94
N SER G 205 113.19 44.12 -19.11
CA SER G 205 111.87 43.61 -18.71
C SER G 205 111.51 42.37 -19.50
N ILE G 206 111.77 42.38 -20.82
CA ILE G 206 111.45 41.23 -21.66
C ILE G 206 112.23 40.00 -21.20
N ILE G 207 113.52 40.19 -20.93
CA ILE G 207 114.37 39.06 -20.50
C ILE G 207 113.84 38.48 -19.19
N GLU G 208 113.54 39.35 -18.22
CA GLU G 208 113.07 38.87 -16.92
C GLU G 208 111.76 38.11 -17.07
N HIS G 209 110.80 38.67 -17.82
CA HIS G 209 109.51 38.02 -17.98
C HIS G 209 109.65 36.66 -18.68
N SER G 210 110.46 36.61 -19.73
CA SER G 210 110.63 35.35 -20.46
C SER G 210 111.28 34.29 -19.58
N GLU G 211 112.30 34.66 -18.80
CA GLU G 211 112.96 33.67 -17.95
C GLU G 211 112.02 33.17 -16.87
N LYS G 212 111.23 34.07 -16.27
CA LYS G 212 110.27 33.62 -15.26
C LYS G 212 109.23 32.67 -15.86
N ILE G 213 108.73 32.99 -17.06
CA ILE G 213 107.75 32.12 -17.70
C ILE G 213 108.36 30.75 -17.99
N ALA G 214 109.60 30.72 -18.48
CA ALA G 214 110.26 29.45 -18.78
C ALA G 214 110.44 28.62 -17.51
N LEU G 215 110.85 29.25 -16.41
CA LEU G 215 111.01 28.51 -15.16
C LEU G 215 109.68 27.93 -14.68
N ILE G 216 108.61 28.74 -14.77
CA ILE G 216 107.30 28.26 -14.35
C ILE G 216 106.86 27.07 -15.19
N ALA G 217 107.07 27.15 -16.51
CA ALA G 217 106.69 26.05 -17.39
C ALA G 217 107.49 24.79 -17.08
N GLY G 218 108.79 24.93 -16.83
CA GLY G 218 109.60 23.78 -16.49
C GLY G 218 109.13 23.10 -15.22
N TYR G 219 108.84 23.89 -14.18
CA TYR G 219 108.35 23.28 -12.94
C TYR G 219 106.96 22.69 -13.12
N GLY G 220 106.14 23.27 -13.99
CA GLY G 220 104.85 22.68 -14.29
C GLY G 220 104.99 21.32 -14.95
N LYS G 221 105.91 21.19 -15.90
CA LYS G 221 106.20 19.89 -16.49
C LYS G 221 106.69 18.90 -15.45
N ALA G 222 107.57 19.37 -14.54
CA ALA G 222 108.06 18.49 -13.48
C ALA G 222 106.92 17.98 -12.61
N LEU G 223 105.97 18.86 -12.27
CA LEU G 223 104.81 18.43 -11.49
C LEU G 223 103.94 17.45 -12.26
N LEU G 224 103.67 17.75 -13.55
CA LEU G 224 102.83 16.88 -14.35
C LEU G 224 103.45 15.52 -14.59
N GLU G 225 104.77 15.39 -14.48
CA GLU G 225 105.43 14.11 -14.68
C GLU G 225 104.96 13.09 -13.65
N LEU G 226 104.39 13.56 -12.54
CA LEU G 226 103.94 12.69 -11.45
C LEU G 226 102.62 12.00 -11.77
N LEU G 227 101.85 12.52 -12.72
CA LEU G 227 100.53 11.97 -13.05
C LEU G 227 100.74 10.63 -13.75
N ASP G 228 100.51 9.55 -13.00
CA ASP G 228 100.68 8.21 -13.56
C ASP G 228 99.46 7.81 -14.35
N ASP G 229 99.68 7.15 -15.49
CA ASP G 229 98.61 6.63 -16.33
C ASP G 229 98.93 5.19 -16.74
N SER G 230 97.91 4.35 -16.75
CA SER G 230 98.01 2.98 -17.22
C SER G 230 96.64 2.53 -17.67
N PRO G 231 96.55 1.74 -18.75
CA PRO G 231 95.25 1.25 -19.19
C PRO G 231 94.62 0.33 -18.15
N VAL G 232 93.30 0.44 -18.00
CA VAL G 232 92.55 -0.34 -17.02
C VAL G 232 91.53 -1.19 -17.76
N THR G 233 91.44 -2.46 -17.39
CA THR G 233 90.47 -3.36 -17.98
C THR G 233 89.11 -3.16 -17.32
N PRO G 234 88.03 -3.49 -18.04
CA PRO G 234 86.69 -3.35 -17.46
C PRO G 234 86.54 -4.19 -16.20
N GLY G 235 85.87 -3.62 -15.20
CA GLY G 235 85.66 -4.27 -13.92
C GLY G 235 86.75 -4.08 -12.91
N GLU G 236 87.92 -3.58 -13.32
CA GLU G 236 89.02 -3.39 -12.39
C GLU G 236 88.89 -2.06 -11.65
N THR G 237 89.55 -1.99 -10.50
CA THR G 237 89.58 -0.78 -9.68
C THR G 237 91.01 -0.29 -9.58
N ARG G 238 91.22 0.98 -9.90
CA ARG G 238 92.56 1.54 -9.82
C ARG G 238 93.00 1.66 -8.36
N PRO G 239 94.28 1.48 -8.06
CA PRO G 239 94.75 1.64 -6.69
C PRO G 239 94.56 3.07 -6.20
N ALA G 240 94.36 3.21 -4.89
CA ALA G 240 94.17 4.53 -4.31
C ALA G 240 95.41 5.39 -4.53
N TYR G 241 95.19 6.61 -5.01
CA TYR G 241 96.30 7.52 -5.32
C TYR G 241 96.73 8.25 -4.06
N ASP G 242 98.03 8.18 -3.75
CA ASP G 242 98.62 8.86 -2.61
C ASP G 242 99.86 9.63 -3.09
N GLY G 243 99.63 10.87 -3.52
CA GLY G 243 100.72 11.72 -3.97
C GLY G 243 100.50 13.17 -3.56
N TYR G 244 99.74 13.37 -2.49
CA TYR G 244 99.39 14.73 -2.06
C TYR G 244 100.62 15.51 -1.63
N GLU G 245 101.55 14.88 -0.92
CA GLU G 245 102.70 15.56 -0.34
C GLU G 245 103.67 16.06 -1.41
N ALA G 246 103.92 15.25 -2.43
CA ALA G 246 104.90 15.59 -3.46
C ALA G 246 104.53 16.85 -4.21
N SER G 247 103.24 16.99 -4.54
CA SER G 247 102.79 18.17 -5.27
C SER G 247 102.98 19.43 -4.43
N LYS G 248 102.72 19.35 -3.13
CA LYS G 248 102.92 20.50 -2.25
C LYS G 248 104.39 20.91 -2.23
N GLN G 249 105.31 19.94 -2.15
CA GLN G 249 106.72 20.24 -2.19
C GLN G 249 107.10 20.85 -3.53
N ILE G 250 106.52 20.36 -4.62
CA ILE G 250 106.85 20.88 -5.95
C ILE G 250 106.43 22.35 -6.06
N ILE G 251 105.21 22.67 -5.62
CA ILE G 251 104.76 24.06 -5.75
C ILE G 251 105.50 24.96 -4.77
N ILE G 252 105.89 24.45 -3.60
CA ILE G 252 106.70 25.23 -2.68
C ILE G 252 108.06 25.55 -3.30
N ASP G 253 108.67 24.55 -3.95
CA ASP G 253 109.93 24.79 -4.64
C ASP G 253 109.76 25.80 -5.77
N ALA G 254 108.63 25.74 -6.47
CA ALA G 254 108.36 26.72 -7.52
C ALA G 254 108.28 28.13 -6.96
N GLU G 255 107.58 28.29 -5.83
CA GLU G 255 107.50 29.60 -5.20
C GLU G 255 108.89 30.08 -4.76
N SER G 256 109.68 29.19 -4.16
CA SER G 256 111.02 29.58 -3.71
C SER G 256 111.90 29.99 -4.89
N ALA G 257 111.85 29.23 -5.98
CA ALA G 257 112.66 29.57 -7.15
C ALA G 257 112.21 30.88 -7.77
N LEU G 258 110.90 31.12 -7.85
CA LEU G 258 110.41 32.37 -8.41
C LEU G 258 110.80 33.56 -7.56
N ASN G 259 110.73 33.42 -6.22
CA ASN G 259 111.07 34.53 -5.35
C ASN G 259 112.57 34.79 -5.34
N GLU G 260 113.38 33.73 -5.37
CA GLU G 260 114.82 33.88 -5.25
C GLU G 260 115.47 34.47 -6.50
N TRP G 261 114.86 34.27 -7.67
CA TRP G 261 115.48 34.68 -8.92
C TRP G 261 115.73 36.19 -8.95
N THR G 262 116.92 36.57 -9.41
CA THR G 262 117.29 37.96 -9.60
C THR G 262 117.78 38.16 -11.03
N LEU G 263 117.85 39.43 -11.44
CA LEU G 263 118.31 39.75 -12.78
C LEU G 263 119.77 39.34 -12.98
N ASP G 264 120.61 39.57 -11.96
CA ASP G 264 122.02 39.20 -12.06
C ASP G 264 122.22 37.70 -12.12
N SER G 265 121.24 36.91 -11.67
CA SER G 265 121.32 35.45 -11.69
C SER G 265 120.58 34.86 -12.87
N ALA G 266 120.61 35.54 -14.01
CA ALA G 266 119.92 35.06 -15.20
C ALA G 266 120.53 33.74 -15.68
N GLN G 267 119.68 32.76 -15.95
CA GLN G 267 120.15 31.46 -16.40
C GLN G 267 120.60 31.49 -17.86
N VAL G 268 119.90 32.25 -18.69
CA VAL G 268 120.24 32.33 -20.12
C VAL G 268 121.46 33.22 -20.29
N LYS G 269 122.47 32.70 -20.98
CA LYS G 269 123.70 33.44 -21.26
C LYS G 269 123.87 33.54 -22.76
N PRO G 270 123.47 34.65 -23.39
CA PRO G 270 123.64 34.80 -24.84
C PRO G 270 125.10 34.75 -25.23
N THR G 271 125.37 34.14 -26.38
CA THR G 271 126.73 34.01 -26.88
C THR G 271 127.17 35.27 -27.63
N MET H 1 102.55 33.84 -5.01
CA MET H 1 101.16 33.74 -4.58
C MET H 1 100.83 34.78 -3.51
N HIS H 2 100.73 36.05 -3.92
CA HIS H 2 100.38 37.10 -2.97
C HIS H 2 98.94 36.98 -2.50
N ARG H 3 98.03 36.64 -3.43
CA ARG H 3 96.62 36.54 -3.07
C ARG H 3 96.36 35.40 -2.08
N THR H 4 97.03 34.27 -2.28
CA THR H 4 96.72 33.09 -1.46
C THR H 4 97.14 33.30 0.00
N TYR H 5 98.37 33.72 0.22
CA TYR H 5 98.96 33.71 1.55
C TYR H 5 98.70 34.98 2.35
N SER H 6 97.94 35.92 1.79
CA SER H 6 97.62 37.15 2.50
C SER H 6 96.30 37.70 1.98
N LEU H 7 95.48 38.24 2.89
CA LEU H 7 94.21 38.82 2.50
C LEU H 7 94.40 40.09 1.66
N ARG H 8 95.59 40.69 1.69
CA ARG H 8 95.86 41.88 0.90
C ARG H 8 95.86 41.55 -0.59
N ASN H 9 95.40 42.50 -1.39
CA ASN H 9 95.44 42.38 -2.85
C ASN H 9 96.67 43.02 -3.46
N SER H 10 97.58 43.55 -2.64
CA SER H 10 98.78 44.19 -3.13
C SER H 10 99.86 43.15 -3.39
N ARG H 11 101.09 43.59 -3.63
CA ARG H 11 102.21 42.72 -3.93
C ARG H 11 103.19 42.73 -2.78
N ALA H 12 103.53 41.54 -2.27
CA ALA H 12 104.49 41.44 -1.19
C ALA H 12 105.90 41.73 -1.70
N PRO H 13 106.76 42.31 -0.86
CA PRO H 13 108.14 42.59 -1.28
C PRO H 13 108.89 41.30 -1.62
N THR H 14 109.76 41.40 -2.61
CA THR H 14 110.57 40.28 -3.05
C THR H 14 111.97 40.80 -3.38
N ALA H 15 112.82 39.92 -3.90
CA ALA H 15 114.19 40.31 -4.25
C ALA H 15 114.19 41.37 -5.34
N SER H 16 113.38 41.17 -6.38
CA SER H 16 113.29 42.16 -7.45
C SER H 16 112.69 43.47 -6.94
N GLN H 17 111.68 43.39 -6.08
CA GLN H 17 111.09 44.59 -5.50
C GLN H 17 112.08 45.34 -4.63
N LEU H 18 112.88 44.60 -3.84
CA LEU H 18 113.89 45.24 -3.01
C LEU H 18 114.98 45.89 -3.86
N GLN H 19 115.41 45.21 -4.92
CA GLN H 19 116.43 45.79 -5.79
C GLN H 19 115.91 47.03 -6.52
N ASN H 20 114.67 46.97 -7.02
CA ASN H 20 114.09 48.09 -7.74
C ASN H 20 112.63 48.22 -7.32
N PRO H 21 112.20 49.40 -6.89
CA PRO H 21 110.81 49.60 -6.49
C PRO H 21 109.86 49.33 -7.64
N PRO H 22 108.70 48.75 -7.38
CA PRO H 22 107.74 48.45 -8.45
C PRO H 22 107.24 49.71 -9.12
N PRO H 23 107.04 49.68 -10.44
CA PRO H 23 106.53 50.87 -11.14
C PRO H 23 105.07 51.11 -10.79
N PRO H 24 104.59 52.35 -10.94
CA PRO H 24 103.19 52.63 -10.68
C PRO H 24 102.30 51.90 -11.68
N PRO H 25 101.06 51.60 -11.32
CA PRO H 25 100.17 50.90 -12.25
C PRO H 25 99.90 51.74 -13.50
N SER H 26 99.65 51.03 -14.61
CA SER H 26 99.42 51.69 -15.88
C SER H 26 98.19 52.60 -15.81
N THR H 27 98.34 53.82 -16.34
CA THR H 27 97.26 54.80 -16.30
C THR H 27 96.15 54.49 -17.29
N THR H 28 96.45 53.78 -18.38
CA THR H 28 95.46 53.48 -19.42
C THR H 28 94.75 52.16 -19.14
N LYS H 29 94.21 52.02 -17.94
CA LYS H 29 93.43 50.85 -17.53
C LYS H 29 92.04 51.35 -17.13
N GLY H 30 91.15 51.47 -18.12
CA GLY H 30 89.83 52.00 -17.86
C GLY H 30 88.94 51.02 -17.10
N ARG H 31 87.89 51.58 -16.49
CA ARG H 31 86.95 50.76 -15.75
C ARG H 31 86.15 49.86 -16.68
N PHE H 32 85.75 50.36 -17.84
CA PHE H 32 84.97 49.58 -18.78
C PHE H 32 85.84 48.49 -19.40
N PHE H 33 85.31 47.26 -19.44
CA PHE H 33 86.07 46.14 -19.99
C PHE H 33 86.32 46.29 -21.48
N GLY H 34 85.26 46.56 -22.24
CA GLY H 34 85.39 46.67 -23.69
C GLY H 34 85.93 45.41 -24.33
N LYS H 35 85.43 44.25 -23.91
CA LYS H 35 85.95 42.96 -24.36
C LYS H 35 85.29 42.57 -25.69
N GLY H 36 85.56 43.38 -26.71
CA GLY H 36 85.05 43.12 -28.04
C GLY H 36 83.54 43.06 -28.14
N GLY H 37 82.85 43.97 -27.44
CA GLY H 37 81.41 43.96 -27.48
C GLY H 37 80.82 42.77 -26.73
N LEU H 38 79.62 42.39 -27.11
CA LEU H 38 78.90 41.28 -26.50
C LEU H 38 79.12 39.95 -27.21
N ALA H 39 79.93 39.94 -28.28
CA ALA H 39 80.18 38.70 -29.01
C ALA H 39 80.88 37.67 -28.13
N TYR H 40 81.87 38.11 -27.35
CA TYR H 40 82.57 37.20 -26.45
C TYR H 40 81.61 36.62 -25.41
N SER H 41 80.77 37.46 -24.82
CA SER H 41 79.83 36.99 -23.81
C SER H 41 78.82 36.02 -24.42
N PHE H 42 78.35 36.30 -25.64
CA PHE H 42 77.40 35.40 -26.28
C PHE H 42 78.03 34.05 -26.60
N ARG H 43 79.26 34.06 -27.16
CA ARG H 43 79.96 32.81 -27.42
C ARG H 43 80.22 32.05 -26.13
N ARG H 44 80.41 32.78 -25.03
CA ARG H 44 80.70 32.14 -23.74
C ARG H 44 79.45 31.52 -23.13
N SER H 45 78.30 32.18 -23.26
CA SER H 45 77.09 31.74 -22.59
C SER H 45 76.29 30.74 -23.40
N ALA H 46 76.19 30.93 -24.72
CA ALA H 46 75.37 30.03 -25.53
C ALA H 46 75.91 28.61 -25.55
N ALA H 47 77.23 28.44 -25.44
CA ALA H 47 77.85 27.12 -25.54
C ALA H 47 77.60 26.28 -24.29
N GLY H 48 77.33 26.90 -23.14
CA GLY H 48 77.19 26.19 -21.90
C GLY H 48 75.78 25.75 -21.55
N ALA H 49 74.80 25.96 -22.43
CA ALA H 49 73.43 25.57 -22.11
C ALA H 49 72.69 24.95 -23.31
N PHE H 50 73.40 24.29 -24.21
CA PHE H 50 72.79 23.71 -25.40
C PHE H 50 72.94 22.20 -25.48
N GLY H 51 74.15 21.67 -25.28
CA GLY H 51 74.41 20.27 -25.45
C GLY H 51 74.14 19.44 -24.20
N PRO H 52 74.70 18.24 -24.16
CA PRO H 52 74.50 17.38 -22.99
C PRO H 52 75.13 17.96 -21.74
N GLU H 53 74.57 17.59 -20.58
CA GLU H 53 75.01 18.18 -19.32
C GLU H 53 76.44 17.77 -18.98
N LEU H 54 76.84 16.56 -19.36
CA LEU H 54 78.15 16.06 -18.98
C LEU H 54 79.28 16.88 -19.60
N SER H 55 79.14 17.26 -20.87
CA SER H 55 80.18 17.96 -21.60
C SER H 55 79.91 19.46 -21.73
N ARG H 56 79.23 20.05 -20.76
CA ARG H 56 78.92 21.48 -20.82
C ARG H 56 80.13 22.34 -20.49
N LYS H 57 80.95 21.92 -19.53
CA LYS H 57 82.05 22.76 -19.07
C LYS H 57 83.19 22.80 -20.10
N LEU H 58 83.52 21.66 -20.70
CA LEU H 58 84.63 21.60 -21.63
C LEU H 58 84.37 22.44 -22.87
N SER H 59 83.11 22.56 -23.30
CA SER H 59 82.80 23.45 -24.42
C SER H 59 83.09 24.91 -24.06
N GLN H 60 82.73 25.31 -22.84
CA GLN H 60 83.05 26.67 -22.40
C GLN H 60 84.56 26.87 -22.34
N LEU H 61 85.29 25.88 -21.84
CA LEU H 61 86.75 26.00 -21.79
C LEU H 61 87.34 26.12 -23.19
N VAL H 62 86.80 25.35 -24.16
CA VAL H 62 87.28 25.43 -25.53
C VAL H 62 87.01 26.82 -26.12
N LYS H 63 85.82 27.36 -25.86
CA LYS H 63 85.50 28.70 -26.37
C LYS H 63 86.43 29.75 -25.76
N ILE H 64 86.71 29.64 -24.46
CA ILE H 64 87.57 30.62 -23.80
C ILE H 64 88.99 30.50 -24.33
N GLU H 65 89.46 29.26 -24.58
CA GLU H 65 90.76 29.06 -25.20
C GLU H 65 90.81 29.68 -26.59
N LYS H 66 89.72 29.56 -27.35
CA LYS H 66 89.66 30.18 -28.66
C LYS H 66 89.79 31.70 -28.55
N ASN H 67 89.11 32.30 -27.58
CA ASN H 67 89.24 33.75 -27.38
C ASN H 67 90.68 34.13 -27.02
N VAL H 68 91.30 33.35 -26.12
CA VAL H 68 92.68 33.59 -25.75
C VAL H 68 93.61 33.53 -26.95
N LEU H 69 93.45 32.52 -27.80
CA LEU H 69 94.28 32.39 -28.99
C LEU H 69 94.02 33.52 -29.97
N ARG H 70 92.77 33.98 -30.06
CA ARG H 70 92.43 35.05 -30.98
C ARG H 70 93.09 36.36 -30.59
N SER H 71 93.17 36.64 -29.28
CA SER H 71 93.73 37.91 -28.83
C SER H 71 95.20 38.05 -29.22
N MET H 72 95.97 36.97 -29.11
CA MET H 72 97.41 37.05 -29.34
C MET H 72 97.72 37.39 -30.80
N GLU H 73 96.87 36.99 -31.74
CA GLU H 73 97.09 37.33 -33.14
C GLU H 73 97.03 38.84 -33.33
N LEU H 74 96.01 39.49 -32.75
CA LEU H 74 95.92 40.94 -32.82
C LEU H 74 97.11 41.60 -32.14
N THR H 75 97.52 41.07 -30.99
CA THR H 75 98.69 41.62 -30.30
C THR H 75 99.93 41.56 -31.19
N ALA H 76 100.17 40.42 -31.82
CA ALA H 76 101.35 40.25 -32.67
C ALA H 76 101.29 41.16 -33.89
N ASN H 77 100.12 41.29 -34.51
CA ASN H 77 99.99 42.19 -35.65
C ASN H 77 100.29 43.62 -35.27
N GLU H 78 99.74 44.06 -34.13
CA GLU H 78 99.99 45.43 -33.67
C GLU H 78 101.47 45.66 -33.38
N ARG H 79 102.14 44.67 -32.74
CA ARG H 79 103.55 44.83 -32.44
C ARG H 79 104.38 44.90 -33.72
N ARG H 80 104.07 44.05 -34.71
CA ARG H 80 104.81 44.09 -35.97
C ARG H 80 104.63 45.44 -36.65
N ASP H 81 103.41 45.98 -36.66
CA ASP H 81 103.19 47.25 -37.33
C ASP H 81 103.85 48.38 -36.56
N ALA H 82 103.92 48.26 -35.23
CA ALA H 82 104.68 49.23 -34.44
C ALA H 82 106.15 49.22 -34.82
N ALA H 83 106.72 48.03 -35.00
CA ALA H 83 108.12 47.95 -35.44
C ALA H 83 108.30 48.61 -36.80
N LYS H 84 107.36 48.36 -37.73
CA LYS H 84 107.43 48.99 -39.04
C LYS H 84 107.38 50.51 -38.93
N GLN H 85 106.49 51.03 -38.08
CA GLN H 85 106.37 52.47 -37.92
C GLN H 85 107.63 53.07 -37.32
N LEU H 86 108.23 52.39 -36.34
CA LEU H 86 109.48 52.87 -35.77
C LEU H 86 110.59 52.91 -36.81
N SER H 87 110.67 51.86 -37.64
CA SER H 87 111.67 51.85 -38.70
C SER H 87 111.44 52.98 -39.70
N ILE H 88 110.18 53.26 -40.02
CA ILE H 88 109.87 54.36 -40.93
C ILE H 88 110.29 55.69 -40.31
N TRP H 89 109.98 55.91 -39.03
CA TRP H 89 110.31 57.15 -38.36
C TRP H 89 111.80 57.37 -38.21
N GLY H 90 112.58 56.32 -38.01
CA GLY H 90 114.00 56.49 -37.80
C GLY H 90 114.81 56.97 -38.98
N LEU H 91 114.20 57.08 -40.17
CA LEU H 91 114.95 57.42 -41.37
C LEU H 91 115.48 58.85 -41.33
N GLU H 92 114.65 59.81 -40.92
CA GLU H 92 114.98 61.22 -41.03
C GLU H 92 115.69 61.72 -39.76
N ASN H 93 116.85 61.13 -39.51
CA ASN H 93 117.68 61.49 -38.37
C ASN H 93 119.14 61.30 -38.75
N ASP H 94 120.00 61.28 -37.74
CA ASP H 94 121.43 61.12 -37.98
C ASP H 94 121.74 59.73 -38.52
N ASP H 95 122.95 59.57 -39.06
CA ASP H 95 123.32 58.31 -39.70
C ASP H 95 123.28 57.14 -38.72
N ASP H 96 123.85 57.32 -37.53
CA ASP H 96 123.85 56.22 -36.56
C ASP H 96 122.44 55.87 -36.09
N VAL H 97 121.61 56.90 -35.85
CA VAL H 97 120.22 56.66 -35.45
C VAL H 97 119.40 56.04 -36.57
N SER H 98 119.63 56.43 -37.82
CA SER H 98 118.90 55.90 -38.96
C SER H 98 119.25 54.44 -39.24
N ASP H 99 120.29 53.91 -38.59
CA ASP H 99 120.69 52.51 -38.75
C ASP H 99 120.34 51.69 -37.52
N ILE H 100 120.58 52.22 -36.32
CA ILE H 100 120.24 51.49 -35.10
C ILE H 100 118.73 51.27 -35.01
N THR H 101 117.95 52.30 -35.38
CA THR H 101 116.50 52.16 -35.35
C THR H 101 116.03 51.08 -36.32
N ASP H 102 116.59 51.06 -37.53
CA ASP H 102 116.21 50.04 -38.51
C ASP H 102 116.57 48.64 -38.01
N LYS H 103 117.76 48.49 -37.43
CA LYS H 103 118.17 47.18 -36.93
C LYS H 103 117.26 46.73 -35.77
N LEU H 104 116.91 47.66 -34.88
CA LEU H 104 116.00 47.31 -33.79
C LEU H 104 114.62 46.93 -34.31
N GLY H 105 114.12 47.63 -35.33
CA GLY H 105 112.86 47.23 -35.92
C GLY H 105 112.92 45.85 -36.53
N VAL H 106 114.02 45.55 -37.23
CA VAL H 106 114.20 44.23 -37.82
C VAL H 106 114.21 43.15 -36.72
N LEU H 107 114.91 43.42 -35.62
CA LEU H 107 114.96 42.44 -34.53
C LEU H 107 113.59 42.26 -33.88
N ILE H 108 112.84 43.34 -33.71
CA ILE H 108 111.55 43.31 -33.04
C ILE H 108 110.56 42.56 -33.92
N TYR H 109 110.77 42.61 -35.24
CA TYR H 109 109.85 42.01 -36.20
C TYR H 109 109.62 40.52 -36.02
N GLU H 110 110.52 39.80 -35.35
CA GLU H 110 110.40 38.35 -35.24
C GLU H 110 109.50 37.89 -34.10
N VAL H 111 109.06 38.79 -33.22
CA VAL H 111 108.17 38.40 -32.14
C VAL H 111 106.85 37.89 -32.70
N SER H 112 106.32 38.57 -33.72
CA SER H 112 105.09 38.11 -34.37
C SER H 112 105.29 36.77 -35.05
N GLU H 113 106.46 36.56 -35.66
CA GLU H 113 106.75 35.28 -36.30
C GLU H 113 106.74 34.15 -35.28
N LEU H 114 107.34 34.38 -34.10
CA LEU H 114 107.28 33.38 -33.04
C LEU H 114 105.85 33.18 -32.55
N ASP H 115 105.10 34.26 -32.41
CA ASP H 115 103.74 34.18 -31.89
C ASP H 115 102.83 33.39 -32.83
N ASP H 116 103.09 33.44 -34.13
CA ASP H 116 102.27 32.67 -35.07
C ASP H 116 102.41 31.18 -34.82
N GLN H 117 103.64 30.69 -34.66
CA GLN H 117 103.84 29.28 -34.36
C GLN H 117 103.28 28.91 -32.99
N PHE H 118 103.42 29.81 -32.02
CA PHE H 118 102.81 29.57 -30.71
C PHE H 118 101.30 29.43 -30.82
N ILE H 119 100.67 30.27 -31.65
CA ILE H 119 99.23 30.20 -31.85
C ILE H 119 98.84 28.88 -32.50
N ASP H 120 99.63 28.44 -33.48
CA ASP H 120 99.34 27.15 -34.12
C ASP H 120 99.38 26.00 -33.13
N ARG H 121 100.41 25.99 -32.27
CA ARG H 121 100.50 24.93 -31.27
C ARG H 121 99.36 25.03 -30.26
N TYR H 122 98.95 26.26 -29.92
CA TYR H 122 97.80 26.45 -29.05
C TYR H 122 96.53 25.87 -29.65
N ASP H 123 96.34 26.09 -30.96
CA ASP H 123 95.17 25.51 -31.63
C ASP H 123 95.21 23.99 -31.62
N GLN H 124 96.39 23.41 -31.80
CA GLN H 124 96.52 21.96 -31.72
C GLN H 124 96.11 21.45 -30.34
N TYR H 125 96.56 22.13 -29.28
CA TYR H 125 96.18 21.73 -27.93
C TYR H 125 94.67 21.87 -27.70
N ARG H 126 94.08 22.93 -28.25
CA ARG H 126 92.64 23.12 -28.13
C ARG H 126 91.87 21.99 -28.80
N LEU H 127 92.32 21.57 -29.99
CA LEU H 127 91.69 20.44 -30.65
C LEU H 127 91.82 19.16 -29.83
N THR H 128 93.00 18.96 -29.22
CA THR H 128 93.18 17.78 -28.39
C THR H 128 92.19 17.76 -27.24
N LEU H 129 91.93 18.91 -26.61
CA LEU H 129 90.94 18.96 -25.54
C LEU H 129 89.53 18.76 -26.08
N LYS H 130 89.24 19.30 -27.27
CA LYS H 130 87.93 19.13 -27.87
C LYS H 130 87.61 17.65 -28.11
N SER H 131 88.62 16.85 -28.40
CA SER H 131 88.39 15.42 -28.58
C SER H 131 87.83 14.78 -27.30
N ILE H 132 88.43 15.11 -26.15
CA ILE H 132 87.94 14.60 -24.88
C ILE H 132 86.52 15.08 -24.63
N ARG H 133 86.26 16.36 -24.90
CA ARG H 133 84.90 16.87 -24.74
C ARG H 133 83.90 16.05 -25.54
N ASP H 134 84.24 15.77 -26.80
CA ASP H 134 83.34 15.04 -27.68
C ASP H 134 83.09 13.62 -27.16
N ILE H 135 84.14 12.93 -26.73
CA ILE H 135 83.95 11.54 -26.33
C ILE H 135 83.13 11.45 -25.06
N GLU H 136 83.35 12.36 -24.10
CA GLU H 136 82.54 12.31 -22.88
C GLU H 136 81.08 12.66 -23.16
N GLY H 137 80.85 13.64 -24.05
CA GLY H 137 79.49 13.97 -24.44
C GLY H 137 78.78 12.80 -25.12
N SER H 138 79.52 12.01 -25.90
CA SER H 138 78.93 10.82 -26.49
C SER H 138 78.71 9.72 -25.46
N VAL H 139 79.53 9.68 -24.41
CA VAL H 139 79.41 8.62 -23.40
C VAL H 139 78.17 8.80 -22.56
N GLN H 140 77.83 10.05 -22.20
CA GLN H 140 76.75 10.29 -21.24
C GLN H 140 75.40 9.60 -21.53
N PRO H 141 74.89 9.55 -22.77
CA PRO H 141 73.54 9.01 -22.98
C PRO H 141 73.34 7.57 -22.51
N SER H 142 74.39 6.75 -22.49
CA SER H 142 74.24 5.38 -22.02
C SER H 142 73.82 5.35 -20.55
N ARG H 143 74.52 6.11 -19.70
CA ARG H 143 74.13 6.20 -18.31
C ARG H 143 72.76 6.87 -18.16
N ASP H 144 72.43 7.82 -19.03
CA ASP H 144 71.10 8.41 -18.99
C ASP H 144 70.03 7.34 -19.20
N ARG H 145 70.21 6.50 -20.22
CA ARG H 145 69.23 5.46 -20.51
C ARG H 145 69.15 4.43 -19.38
N LYS H 146 70.30 4.08 -18.80
CA LYS H 146 70.29 3.13 -17.69
C LYS H 146 69.50 3.68 -16.50
N ASP H 147 69.70 4.97 -16.19
CA ASP H 147 68.95 5.59 -15.10
C ASP H 147 67.45 5.60 -15.41
N LYS H 148 67.09 5.90 -16.66
CA LYS H 148 65.68 5.91 -17.03
C LYS H 148 65.06 4.52 -16.86
N ILE H 149 65.77 3.48 -17.28
CA ILE H 149 65.25 2.12 -17.16
C ILE H 149 65.08 1.74 -15.69
N THR H 150 66.07 2.10 -14.86
CA THR H 150 65.97 1.81 -13.43
C THR H 150 64.76 2.50 -12.81
N ASP H 151 64.54 3.77 -13.15
CA ASP H 151 63.39 4.49 -12.62
C ASP H 151 62.08 3.85 -13.07
N LYS H 152 62.01 3.43 -14.34
CA LYS H 152 60.80 2.79 -14.84
C LYS H 152 60.52 1.49 -14.09
N ILE H 153 61.57 0.69 -13.85
CA ILE H 153 61.40 -0.56 -13.10
C ILE H 153 60.90 -0.27 -11.69
N ALA H 154 61.50 0.73 -11.04
CA ALA H 154 61.12 1.06 -9.67
C ALA H 154 59.67 1.52 -9.59
N TYR H 155 59.22 2.31 -10.55
CA TYR H 155 57.84 2.77 -10.54
C TYR H 155 56.86 1.65 -10.83
N LEU H 156 57.17 0.82 -11.83
CA LEU H 156 56.25 -0.24 -12.22
C LEU H 156 56.14 -1.32 -11.15
N LYS H 157 57.22 -1.55 -10.39
CA LYS H 157 57.13 -2.50 -9.28
C LYS H 157 56.17 -1.99 -8.22
N TYR H 158 56.21 -0.68 -7.92
CA TYR H 158 55.28 -0.12 -6.95
C TYR H 158 53.85 -0.15 -7.45
N LYS H 159 53.63 0.15 -8.74
CA LYS H 159 52.27 0.26 -9.25
C LYS H 159 51.51 -1.05 -9.09
N ASP H 160 52.09 -2.15 -9.58
CA ASP H 160 51.50 -3.47 -9.38
C ASP H 160 52.56 -4.56 -9.61
N PRO H 161 52.77 -5.46 -8.64
CA PRO H 161 53.79 -6.49 -8.79
C PRO H 161 53.39 -7.62 -9.74
N GLN H 162 52.14 -7.67 -10.18
CA GLN H 162 51.66 -8.77 -11.02
C GLN H 162 51.82 -8.51 -12.50
N SER H 163 52.40 -7.37 -12.90
CA SER H 163 52.58 -7.08 -14.31
C SER H 163 53.59 -8.04 -14.92
N PRO H 164 53.37 -8.47 -16.17
CA PRO H 164 54.32 -9.35 -16.84
C PRO H 164 55.52 -8.64 -17.45
N LYS H 165 55.65 -7.33 -17.25
CA LYS H 165 56.74 -6.56 -17.81
C LYS H 165 57.96 -6.49 -16.90
N ILE H 166 57.91 -7.15 -15.73
CA ILE H 166 59.04 -7.11 -14.81
C ILE H 166 60.25 -7.84 -15.39
N GLU H 167 60.02 -9.02 -15.98
CA GLU H 167 61.14 -9.83 -16.46
C GLU H 167 61.87 -9.16 -17.62
N VAL H 168 61.11 -8.66 -18.61
CA VAL H 168 61.74 -8.03 -19.77
C VAL H 168 62.48 -6.76 -19.35
N LEU H 169 61.89 -5.97 -18.46
CA LEU H 169 62.55 -4.77 -17.99
C LEU H 169 63.81 -5.10 -17.20
N GLU H 170 63.78 -6.16 -16.40
CA GLU H 170 64.97 -6.56 -15.66
C GLU H 170 66.07 -7.02 -16.60
N GLN H 171 65.71 -7.76 -17.65
CA GLN H 171 66.70 -8.18 -18.64
C GLN H 171 67.30 -6.98 -19.36
N GLU H 172 66.46 -6.00 -19.71
CA GLU H 172 66.97 -4.78 -20.34
C GLU H 172 67.90 -4.04 -19.39
N LEU H 173 67.56 -4.00 -18.10
CA LEU H 173 68.40 -3.33 -17.12
C LEU H 173 69.76 -4.00 -16.99
N VAL H 174 69.77 -5.34 -16.94
CA VAL H 174 71.05 -6.04 -16.83
C VAL H 174 71.88 -5.86 -18.09
N ARG H 175 71.23 -5.81 -19.26
CA ARG H 175 71.95 -5.55 -20.50
C ARG H 175 72.57 -4.15 -20.49
N ALA H 176 71.80 -3.16 -20.04
CA ALA H 176 72.32 -1.79 -19.97
C ALA H 176 73.46 -1.70 -18.98
N GLU H 177 73.37 -2.41 -17.86
CA GLU H 177 74.45 -2.42 -16.88
C GLU H 177 75.70 -3.03 -17.47
N ALA H 178 75.56 -4.14 -18.21
CA ALA H 178 76.71 -4.77 -18.84
C ALA H 178 77.35 -3.84 -19.87
N GLU H 179 76.53 -3.07 -20.59
CA GLU H 179 77.07 -2.10 -21.54
C GLU H 179 77.81 -0.97 -20.82
N SER H 180 77.20 -0.42 -19.77
CA SER H 180 77.82 0.70 -19.05
C SER H 180 79.10 0.28 -18.35
N LEU H 181 79.22 -1.00 -17.98
CA LEU H 181 80.42 -1.46 -17.30
C LEU H 181 81.65 -1.26 -18.18
N VAL H 182 81.53 -1.50 -19.48
CA VAL H 182 82.63 -1.24 -20.39
C VAL H 182 82.65 0.21 -20.88
N ALA H 183 81.49 0.86 -20.92
CA ALA H 183 81.45 2.27 -21.34
C ALA H 183 82.24 3.15 -20.39
N GLU H 184 82.08 2.94 -19.08
CA GLU H 184 82.82 3.74 -18.11
C GLU H 184 84.32 3.52 -18.22
N ALA H 185 84.73 2.27 -18.40
CA ALA H 185 86.16 1.96 -18.53
C ALA H 185 86.75 2.62 -19.77
N GLN H 186 86.04 2.52 -20.90
CA GLN H 186 86.56 3.13 -22.12
C GLN H 186 86.51 4.65 -22.07
N LEU H 187 85.62 5.23 -21.26
CA LEU H 187 85.65 6.67 -21.06
C LEU H 187 86.84 7.10 -20.22
N SER H 188 87.10 6.37 -19.13
CA SER H 188 88.17 6.76 -18.22
C SER H 188 89.55 6.40 -18.73
N ASN H 189 89.65 5.51 -19.72
CA ASN H 189 90.97 5.08 -20.19
C ASN H 189 91.73 6.20 -20.88
N ILE H 190 91.04 7.01 -21.69
CA ILE H 190 91.75 7.92 -22.60
C ILE H 190 91.92 9.34 -22.05
N THR H 191 91.16 9.71 -21.02
CA THR H 191 91.23 11.08 -20.52
C THR H 191 92.60 11.39 -19.94
N ARG H 192 93.09 10.51 -19.05
CA ARG H 192 94.36 10.75 -18.38
C ARG H 192 95.54 10.71 -19.35
N SER H 193 95.36 10.13 -20.53
CA SER H 193 96.41 10.10 -21.53
C SER H 193 96.37 11.34 -22.42
N LYS H 194 95.18 11.68 -22.94
CA LYS H 194 95.08 12.83 -23.83
C LYS H 194 95.36 14.14 -23.09
N LEU H 195 94.88 14.27 -21.85
CA LEU H 195 95.16 15.48 -21.08
C LEU H 195 96.66 15.64 -20.86
N ARG H 196 97.33 14.55 -20.47
CA ARG H 196 98.77 14.60 -20.24
C ARG H 196 99.52 14.97 -21.50
N ALA H 197 99.16 14.36 -22.63
CA ALA H 197 99.85 14.66 -23.88
C ALA H 197 99.65 16.12 -24.28
N ALA H 198 98.42 16.62 -24.19
CA ALA H 198 98.15 17.99 -24.58
C ALA H 198 98.90 18.98 -23.69
N PHE H 199 98.93 18.73 -22.38
CA PHE H 199 99.60 19.65 -21.48
C PHE H 199 101.12 19.60 -21.66
N ASN H 200 101.67 18.41 -21.92
CA ASN H 200 103.10 18.33 -22.21
C ASN H 200 103.45 19.11 -23.48
N TYR H 201 102.62 18.97 -24.52
CA TYR H 201 102.86 19.72 -25.75
C TYR H 201 102.81 21.23 -25.50
N GLN H 202 101.80 21.67 -24.74
CA GLN H 202 101.66 23.10 -24.45
C GLN H 202 102.85 23.63 -23.67
N PHE H 203 103.31 22.88 -22.67
CA PHE H 203 104.44 23.33 -21.87
C PHE H 203 105.73 23.38 -22.70
N ASP H 204 105.93 22.38 -23.57
CA ASP H 204 107.11 22.41 -24.45
C ASP H 204 107.07 23.63 -25.36
N SER H 205 105.90 23.93 -25.94
CA SER H 205 105.78 25.10 -26.79
C SER H 205 106.08 26.38 -26.02
N ILE H 206 105.55 26.49 -24.79
CA ILE H 206 105.78 27.68 -23.98
C ILE H 206 107.28 27.84 -23.70
N ILE H 207 107.95 26.75 -23.33
CA ILE H 207 109.37 26.82 -23.02
C ILE H 207 110.16 27.28 -24.24
N GLU H 208 109.87 26.68 -25.39
CA GLU H 208 110.60 27.04 -26.61
C GLU H 208 110.40 28.51 -26.96
N HIS H 209 109.16 28.98 -26.93
CA HIS H 209 108.87 30.37 -27.28
C HIS H 209 109.55 31.33 -26.32
N SER H 210 109.48 31.05 -25.02
CA SER H 210 110.10 31.93 -24.04
C SER H 210 111.61 31.99 -24.22
N GLU H 211 112.25 30.85 -24.44
CA GLU H 211 113.70 30.84 -24.61
C GLU H 211 114.11 31.60 -25.87
N LYS H 212 113.37 31.42 -26.96
CA LYS H 212 113.69 32.15 -28.18
C LYS H 212 113.55 33.66 -27.98
N ILE H 213 112.47 34.08 -27.30
CA ILE H 213 112.26 35.50 -27.03
C ILE H 213 113.40 36.06 -26.17
N ALA H 214 113.80 35.30 -25.14
CA ALA H 214 114.89 35.77 -24.28
C ALA H 214 116.19 35.92 -25.05
N LEU H 215 116.50 34.95 -25.92
CA LEU H 215 117.72 35.05 -26.72
C LEU H 215 117.68 36.26 -27.66
N ILE H 216 116.53 36.49 -28.29
CA ILE H 216 116.41 37.64 -29.19
C ILE H 216 116.60 38.94 -28.42
N ALA H 217 116.00 39.05 -27.22
CA ALA H 217 116.14 40.26 -26.43
C ALA H 217 117.60 40.47 -25.99
N GLY H 218 118.28 39.40 -25.60
CA GLY H 218 119.67 39.52 -25.22
C GLY H 218 120.54 40.02 -26.36
N TYR H 219 120.35 39.45 -27.56
CA TYR H 219 121.14 39.92 -28.70
C TYR H 219 120.76 41.34 -29.10
N GLY H 220 119.50 41.73 -28.91
CA GLY H 220 119.11 43.10 -29.16
C GLY H 220 119.81 44.07 -28.22
N LYS H 221 119.91 43.72 -26.94
CA LYS H 221 120.68 44.53 -26.00
C LYS H 221 122.14 44.60 -26.41
N ALA H 222 122.71 43.48 -26.84
CA ALA H 222 124.10 43.47 -27.29
C ALA H 222 124.30 44.42 -28.47
N LEU H 223 123.36 44.42 -29.42
CA LEU H 223 123.46 45.33 -30.56
C LEU H 223 123.32 46.79 -30.11
N LEU H 224 122.35 47.06 -29.23
CA LEU H 224 122.13 48.43 -28.77
C LEU H 224 123.29 48.98 -27.95
N GLU H 225 124.10 48.09 -27.35
CA GLU H 225 125.25 48.54 -26.58
C GLU H 225 126.24 49.32 -27.44
N LEU H 226 126.16 49.14 -28.76
CA LEU H 226 127.07 49.80 -29.69
C LEU H 226 126.74 51.27 -29.92
N LEU H 227 125.50 51.68 -29.62
CA LEU H 227 125.06 53.05 -29.88
C LEU H 227 125.75 53.97 -28.88
N ASP H 228 126.77 54.68 -29.36
CA ASP H 228 127.53 55.58 -28.50
C ASP H 228 126.80 56.91 -28.34
N ASP H 229 126.80 57.45 -27.14
CA ASP H 229 126.21 58.75 -26.84
C ASP H 229 127.19 59.57 -26.01
N SER H 230 127.25 60.87 -26.31
CA SER H 230 128.04 61.82 -25.55
C SER H 230 127.43 63.21 -25.75
N PRO H 231 127.41 64.03 -24.71
CA PRO H 231 126.87 65.39 -24.86
C PRO H 231 127.71 66.21 -25.83
N VAL H 232 127.03 67.03 -26.64
CA VAL H 232 127.68 67.85 -27.64
C VAL H 232 127.39 69.32 -27.34
N THR H 233 128.43 70.15 -27.39
CA THR H 233 128.28 71.57 -27.17
C THR H 233 127.77 72.25 -28.44
N PRO H 234 127.09 73.39 -28.30
CA PRO H 234 126.59 74.10 -29.48
C PRO H 234 127.73 74.48 -30.42
N GLY H 235 127.48 74.34 -31.72
CA GLY H 235 128.45 74.63 -32.74
C GLY H 235 129.38 73.50 -33.09
N GLU H 236 129.42 72.44 -32.29
CA GLU H 236 130.31 71.32 -32.57
C GLU H 236 129.67 70.35 -33.56
N THR H 237 130.53 69.57 -34.22
CA THR H 237 130.09 68.56 -35.17
C THR H 237 130.54 67.19 -34.66
N ARG H 238 129.59 66.27 -34.57
CA ARG H 238 129.91 64.92 -34.12
C ARG H 238 130.77 64.21 -35.16
N PRO H 239 131.71 63.36 -34.73
CA PRO H 239 132.51 62.61 -35.70
C PRO H 239 131.65 61.65 -36.52
N ALA H 240 132.09 61.41 -37.75
CA ALA H 240 131.35 60.52 -38.63
C ALA H 240 131.27 59.12 -38.04
N TYR H 241 130.06 58.57 -38.02
CA TYR H 241 129.84 57.26 -37.42
C TYR H 241 130.17 56.16 -38.43
N ASP H 242 131.02 55.22 -38.03
CA ASP H 242 131.41 54.09 -38.86
C ASP H 242 131.27 52.81 -38.02
N GLY H 243 130.07 52.23 -38.06
CA GLY H 243 129.80 51.00 -37.34
C GLY H 243 128.88 50.09 -38.12
N TYR H 244 128.88 50.23 -39.45
CA TYR H 244 127.95 49.47 -40.28
C TYR H 244 128.24 47.97 -40.22
N GLU H 245 129.52 47.59 -40.21
CA GLU H 245 129.90 46.19 -40.28
C GLU H 245 129.51 45.41 -39.03
N ALA H 246 129.71 46.02 -37.85
CA ALA H 246 129.48 45.34 -36.59
C ALA H 246 128.02 44.93 -36.43
N SER H 247 127.10 45.81 -36.81
CA SER H 247 125.68 45.50 -36.71
C SER H 247 125.29 44.32 -37.60
N LYS H 248 125.87 44.26 -38.81
CA LYS H 248 125.60 43.15 -39.71
C LYS H 248 126.07 41.84 -39.10
N GLN H 249 127.26 41.83 -38.50
CA GLN H 249 127.75 40.64 -37.82
C GLN H 249 126.85 40.26 -36.65
N ILE H 250 126.36 41.25 -35.91
CA ILE H 250 125.50 40.98 -34.76
C ILE H 250 124.21 40.31 -35.21
N ILE H 251 123.58 40.85 -36.25
CA ILE H 251 122.30 40.27 -36.68
C ILE H 251 122.53 38.91 -37.34
N ILE H 252 123.66 38.72 -38.02
CA ILE H 252 123.99 37.41 -38.58
C ILE H 252 124.15 36.39 -37.46
N ASP H 253 124.83 36.77 -36.38
CA ASP H 253 124.98 35.89 -35.23
C ASP H 253 123.62 35.59 -34.60
N ALA H 254 122.73 36.59 -34.56
CA ALA H 254 121.40 36.36 -34.03
C ALA H 254 120.64 35.33 -34.87
N GLU H 255 120.72 35.46 -36.20
CA GLU H 255 120.08 34.49 -37.07
C GLU H 255 120.66 33.10 -36.86
N SER H 256 121.99 32.99 -36.77
CA SER H 256 122.62 31.70 -36.57
C SER H 256 122.20 31.06 -35.25
N ALA H 257 122.17 31.86 -34.18
CA ALA H 257 121.77 31.33 -32.88
C ALA H 257 120.31 30.91 -32.88
N LEU H 258 119.44 31.69 -33.52
CA LEU H 258 118.02 31.33 -33.58
C LEU H 258 117.81 30.05 -34.37
N ASN H 259 118.52 29.89 -35.49
CA ASN H 259 118.35 28.70 -36.32
C ASN H 259 118.93 27.47 -35.64
N GLU H 260 120.08 27.62 -34.97
CA GLU H 260 120.78 26.47 -34.40
C GLU H 260 120.08 25.91 -33.17
N TRP H 261 119.33 26.74 -32.44
CA TRP H 261 118.74 26.32 -31.17
C TRP H 261 117.79 25.14 -31.37
N THR H 262 117.90 24.15 -30.48
CA THR H 262 117.03 22.99 -30.46
C THR H 262 116.43 22.84 -29.07
N LEU H 263 115.36 22.04 -28.98
CA LEU H 263 114.71 21.81 -27.70
C LEU H 263 115.65 21.10 -26.73
N ASP H 264 116.41 20.12 -27.22
CA ASP H 264 117.34 19.39 -26.36
C ASP H 264 118.48 20.27 -25.86
N SER H 265 118.75 21.39 -26.54
CA SER H 265 119.81 22.32 -26.15
C SER H 265 119.27 23.51 -25.39
N ALA H 266 118.24 23.29 -24.56
CA ALA H 266 117.64 24.38 -23.80
C ALA H 266 118.64 24.94 -22.80
N GLN H 267 118.76 26.28 -22.77
CA GLN H 267 119.70 26.92 -21.86
C GLN H 267 119.19 26.91 -20.42
N VAL H 268 117.88 27.08 -20.24
CA VAL H 268 117.31 27.12 -18.90
C VAL H 268 117.21 25.71 -18.35
N LYS H 269 117.77 25.50 -17.16
CA LYS H 269 117.73 24.20 -16.49
C LYS H 269 117.00 24.36 -15.16
N PRO H 270 115.70 24.04 -15.10
CA PRO H 270 114.97 24.16 -13.82
C PRO H 270 115.56 23.25 -12.76
N THR H 271 115.56 23.74 -11.52
CA THR H 271 116.10 22.98 -10.40
C THR H 271 115.07 22.01 -9.84
N MET I 1 47.91 -38.65 -43.51
CA MET I 1 48.41 -37.61 -44.41
C MET I 1 48.02 -37.89 -45.86
N HIS I 2 46.74 -37.72 -46.18
CA HIS I 2 46.27 -37.95 -47.56
C HIS I 2 46.82 -36.88 -48.49
N ARG I 3 46.85 -35.63 -48.03
CA ARG I 3 47.31 -34.53 -48.88
C ARG I 3 48.78 -34.67 -49.23
N THR I 4 49.60 -35.07 -48.26
CA THR I 4 51.05 -35.09 -48.47
C THR I 4 51.46 -36.14 -49.49
N TYR I 5 50.99 -37.37 -49.32
CA TYR I 5 51.51 -38.50 -50.07
C TYR I 5 50.78 -38.75 -51.39
N SER I 6 49.82 -37.90 -51.74
CA SER I 6 49.10 -38.04 -52.99
C SER I 6 48.59 -36.69 -53.44
N LEU I 7 48.64 -36.43 -54.74
CA LEU I 7 48.14 -35.18 -55.28
C LEU I 7 46.63 -35.06 -55.15
N ARG I 8 45.93 -36.17 -54.92
CA ARG I 8 44.49 -36.13 -54.75
C ARG I 8 44.12 -35.43 -53.45
N ASN I 9 42.99 -34.72 -53.49
CA ASN I 9 42.44 -34.07 -52.31
C ASN I 9 41.40 -34.93 -51.58
N SER I 10 41.17 -36.16 -52.05
CA SER I 10 40.21 -37.05 -51.44
C SER I 10 40.84 -37.80 -50.27
N ARG I 11 40.16 -38.80 -49.75
CA ARG I 11 40.62 -39.58 -48.62
C ARG I 11 40.98 -40.98 -49.08
N ALA I 12 42.20 -41.41 -48.76
CA ALA I 12 42.63 -42.76 -49.11
C ALA I 12 41.92 -43.79 -48.22
N PRO I 13 41.66 -44.98 -48.76
CA PRO I 13 41.02 -46.02 -47.95
C PRO I 13 41.89 -46.43 -46.76
N THR I 14 41.23 -46.75 -45.66
CA THR I 14 41.90 -47.17 -44.43
C THR I 14 41.08 -48.29 -43.81
N ALA I 15 41.49 -48.73 -42.62
CA ALA I 15 40.78 -49.81 -41.92
C ALA I 15 39.36 -49.39 -41.58
N SER I 16 39.20 -48.17 -41.05
CA SER I 16 37.86 -47.69 -40.74
C SER I 16 37.02 -47.50 -42.00
N GLN I 17 37.64 -47.00 -43.07
CA GLN I 17 36.92 -46.84 -44.33
C GLN I 17 36.51 -48.19 -44.90
N LEU I 18 37.39 -49.19 -44.82
CA LEU I 18 37.04 -50.52 -45.30
C LEU I 18 35.92 -51.14 -44.47
N GLN I 19 35.98 -50.97 -43.15
CA GLN I 19 34.93 -51.52 -42.29
C GLN I 19 33.59 -50.83 -42.54
N ASN I 20 33.59 -49.51 -42.68
CA ASN I 20 32.38 -48.74 -42.91
C ASN I 20 32.68 -47.67 -43.95
N PRO I 21 31.89 -47.58 -45.01
CA PRO I 21 32.11 -46.55 -46.03
C PRO I 21 31.97 -45.16 -45.44
N PRO I 22 32.78 -44.21 -45.89
CA PRO I 22 32.72 -42.84 -45.35
C PRO I 22 31.37 -42.21 -45.66
N PRO I 23 30.84 -41.41 -44.73
CA PRO I 23 29.57 -40.73 -44.97
C PRO I 23 29.72 -39.63 -45.99
N PRO I 24 28.63 -39.24 -46.66
CA PRO I 24 28.73 -38.13 -47.62
C PRO I 24 29.05 -36.83 -46.91
N PRO I 25 29.66 -35.88 -47.61
CA PRO I 25 30.00 -34.61 -46.95
C PRO I 25 28.75 -33.85 -46.51
N SER I 26 28.91 -33.07 -45.45
CA SER I 26 27.79 -32.34 -44.89
C SER I 26 27.21 -31.35 -45.91
N THR I 27 25.88 -31.34 -46.00
CA THR I 27 25.20 -30.49 -46.96
C THR I 27 25.19 -29.02 -46.56
N THR I 28 25.28 -28.72 -45.27
CA THR I 28 25.24 -27.34 -44.78
C THR I 28 26.63 -26.73 -44.68
N LYS I 29 27.38 -26.80 -45.78
CA LYS I 29 28.71 -26.21 -45.89
C LYS I 29 28.65 -25.20 -47.04
N GLY I 30 28.25 -23.98 -46.74
CA GLY I 30 28.10 -22.97 -47.77
C GLY I 30 29.42 -22.47 -48.29
N ARG I 31 29.36 -21.87 -49.49
CA ARG I 31 30.57 -21.30 -50.09
C ARG I 31 31.07 -20.09 -49.33
N PHE I 32 30.16 -19.25 -48.84
CA PHE I 32 30.55 -18.06 -48.11
C PHE I 32 31.11 -18.45 -46.73
N PHE I 33 32.25 -17.86 -46.37
CA PHE I 33 32.88 -18.19 -45.10
C PHE I 33 32.04 -17.73 -43.92
N GLY I 34 31.62 -16.46 -43.93
CA GLY I 34 30.86 -15.93 -42.81
C GLY I 34 31.60 -15.99 -41.49
N LYS I 35 32.90 -15.65 -41.50
CA LYS I 35 33.74 -15.79 -40.31
C LYS I 35 33.60 -14.56 -39.41
N GLY I 36 32.39 -14.39 -38.90
CA GLY I 36 32.10 -13.30 -37.98
C GLY I 36 32.33 -11.93 -38.56
N GLY I 37 31.95 -11.72 -39.81
CA GLY I 37 32.16 -10.43 -40.43
C GLY I 37 33.62 -10.16 -40.71
N LEU I 38 33.97 -8.88 -40.77
CA LEU I 38 35.34 -8.45 -41.05
C LEU I 38 36.15 -8.20 -39.78
N ALA I 39 35.56 -8.42 -38.59
CA ALA I 39 36.30 -8.20 -37.35
C ALA I 39 37.49 -9.15 -37.24
N TYR I 40 37.30 -10.41 -37.59
CA TYR I 40 38.40 -11.37 -37.55
C TYR I 40 39.52 -10.96 -38.50
N SER I 41 39.17 -10.55 -39.72
CA SER I 41 40.18 -10.15 -40.69
C SER I 41 40.92 -8.90 -40.23
N PHE I 42 40.20 -7.95 -39.63
CA PHE I 42 40.85 -6.73 -39.14
C PHE I 42 41.80 -7.04 -37.99
N ARG I 43 41.36 -7.86 -37.03
CA ARG I 43 42.23 -8.25 -35.93
C ARG I 43 43.44 -9.01 -36.45
N ARG I 44 43.26 -9.76 -37.54
CA ARG I 44 44.35 -10.54 -38.10
C ARG I 44 45.37 -9.68 -38.83
N SER I 45 44.90 -8.66 -39.56
CA SER I 45 45.77 -7.86 -40.41
C SER I 45 46.41 -6.69 -39.68
N ALA I 46 45.68 -6.01 -38.79
CA ALA I 46 46.23 -4.85 -38.12
C ALA I 46 47.39 -5.20 -37.20
N ALA I 47 47.37 -6.40 -36.62
CA ALA I 47 48.40 -6.78 -35.67
C ALA I 47 49.74 -7.08 -36.34
N GLY I 48 49.75 -7.43 -37.62
CA GLY I 48 50.96 -7.81 -38.32
C GLY I 48 51.72 -6.69 -39.00
N ALA I 49 51.29 -5.44 -38.86
CA ALA I 49 51.98 -4.34 -39.52
C ALA I 49 52.10 -3.09 -38.65
N PHE I 50 52.18 -3.25 -37.34
CA PHE I 50 52.24 -2.10 -36.43
C PHE I 50 53.52 -2.08 -35.60
N GLY I 51 53.88 -3.19 -34.99
CA GLY I 51 55.01 -3.23 -34.08
C GLY I 51 56.33 -3.50 -34.76
N PRO I 52 57.34 -3.91 -33.99
CA PRO I 52 58.65 -4.21 -34.56
C PRO I 52 58.59 -5.40 -35.52
N GLU I 53 59.52 -5.40 -36.48
CA GLU I 53 59.50 -6.42 -37.52
C GLU I 53 59.80 -7.80 -36.96
N LEU I 54 60.64 -7.88 -35.92
CA LEU I 54 61.05 -9.18 -35.40
C LEU I 54 59.87 -9.95 -34.82
N SER I 55 58.99 -9.27 -34.08
CA SER I 55 57.89 -9.90 -33.37
C SER I 55 56.56 -9.74 -34.10
N ARG I 56 56.58 -9.64 -35.42
CA ARG I 56 55.33 -9.45 -36.17
C ARG I 56 54.54 -10.74 -36.29
N LYS I 57 55.21 -11.88 -36.46
CA LYS I 57 54.51 -13.13 -36.71
C LYS I 57 53.85 -13.67 -35.44
N LEU I 58 54.54 -13.57 -34.31
CA LEU I 58 53.99 -14.13 -33.07
C LEU I 58 52.73 -13.39 -32.63
N SER I 59 52.63 -12.09 -32.92
CA SER I 59 51.40 -11.37 -32.62
C SER I 59 50.24 -11.91 -33.43
N GLN I 60 50.47 -12.20 -34.72
CA GLN I 60 49.43 -12.79 -35.54
C GLN I 60 49.04 -14.17 -35.02
N LEU I 61 50.03 -14.97 -34.61
CA LEU I 61 49.72 -16.28 -34.04
C LEU I 61 48.90 -16.15 -32.77
N VAL I 62 49.23 -15.18 -31.92
CA VAL I 62 48.46 -14.97 -30.69
C VAL I 62 47.03 -14.58 -31.00
N LYS I 63 46.84 -13.69 -31.98
CA LYS I 63 45.49 -13.30 -32.36
C LYS I 63 44.69 -14.48 -32.90
N ILE I 64 45.33 -15.32 -33.72
CA ILE I 64 44.63 -16.47 -34.29
C ILE I 64 44.28 -17.46 -33.19
N GLU I 65 45.19 -17.65 -32.22
CA GLU I 65 44.89 -18.51 -31.09
C GLU I 65 43.72 -17.96 -30.27
N LYS I 66 43.65 -16.62 -30.14
CA LYS I 66 42.52 -16.02 -29.44
C LYS I 66 41.21 -16.32 -30.17
N ASN I 67 41.22 -16.21 -31.50
CA ASN I 67 40.01 -16.55 -32.26
C ASN I 67 39.62 -18.01 -32.08
N VAL I 68 40.61 -18.90 -32.12
CA VAL I 68 40.36 -20.33 -31.91
C VAL I 68 39.74 -20.58 -30.55
N LEU I 69 40.28 -19.95 -29.50
CA LEU I 69 39.73 -20.13 -28.16
C LEU I 69 38.33 -19.54 -28.05
N ARG I 70 38.08 -18.43 -28.75
CA ARG I 70 36.77 -17.79 -28.69
C ARG I 70 35.69 -18.67 -29.32
N SER I 71 36.02 -19.36 -30.40
CA SER I 71 35.02 -20.17 -31.09
C SER I 71 34.49 -21.31 -30.22
N MET I 72 35.38 -21.96 -29.45
CA MET I 72 34.98 -23.12 -28.66
C MET I 72 33.99 -22.75 -27.56
N GLU I 73 34.06 -21.52 -27.04
CA GLU I 73 33.09 -21.10 -26.03
C GLU I 73 31.68 -21.07 -26.61
N LEU I 74 31.52 -20.50 -27.81
CA LEU I 74 30.22 -20.51 -28.47
C LEU I 74 29.77 -21.93 -28.77
N THR I 75 30.69 -22.79 -29.21
CA THR I 75 30.33 -24.18 -29.48
C THR I 75 29.80 -24.86 -28.22
N ALA I 76 30.49 -24.68 -27.10
CA ALA I 76 30.08 -25.31 -25.85
C ALA I 76 28.73 -24.78 -25.37
N ASN I 77 28.53 -23.46 -25.47
CA ASN I 77 27.24 -22.90 -25.07
C ASN I 77 26.11 -23.46 -25.91
N GLU I 78 26.31 -23.54 -27.23
CA GLU I 78 25.27 -24.08 -28.09
C GLU I 78 24.98 -25.55 -27.77
N ARG I 79 26.03 -26.33 -27.50
CA ARG I 79 25.81 -27.75 -27.18
C ARG I 79 25.05 -27.89 -25.86
N ARG I 80 25.40 -27.09 -24.85
CA ARG I 80 24.69 -27.16 -23.57
C ARG I 80 23.22 -26.80 -23.76
N ASP I 81 22.94 -25.76 -24.54
CA ASP I 81 21.55 -25.35 -24.72
C ASP I 81 20.79 -26.39 -25.54
N ALA I 82 21.48 -27.06 -26.47
CA ALA I 82 20.87 -28.17 -27.19
C ALA I 82 20.48 -29.30 -26.24
N ALA I 83 21.36 -29.63 -25.30
CA ALA I 83 21.02 -30.64 -24.30
C ALA I 83 19.81 -30.23 -23.48
N LYS I 84 19.76 -28.96 -23.08
CA LYS I 84 18.60 -28.46 -22.33
C LYS I 84 17.32 -28.59 -23.15
N GLN I 85 17.38 -28.24 -24.43
CA GLN I 85 16.20 -28.33 -25.29
C GLN I 85 15.74 -29.77 -25.46
N LEU I 86 16.69 -30.70 -25.63
CA LEU I 86 16.32 -32.11 -25.73
C LEU I 86 15.66 -32.60 -24.45
N SER I 87 16.20 -32.21 -23.30
CA SER I 87 15.59 -32.60 -22.03
C SER I 87 14.19 -32.02 -21.90
N ILE I 88 13.99 -30.78 -22.35
CA ILE I 88 12.66 -30.18 -22.30
C ILE I 88 11.69 -30.95 -23.20
N TRP I 89 12.12 -31.28 -24.42
CA TRP I 89 11.27 -31.98 -25.37
C TRP I 89 10.92 -33.40 -24.92
N GLY I 90 11.82 -34.09 -24.23
CA GLY I 90 11.55 -35.45 -23.85
C GLY I 90 10.47 -35.66 -22.81
N LEU I 91 9.94 -34.58 -22.23
CA LEU I 91 8.98 -34.71 -21.12
C LEU I 91 7.67 -35.32 -21.59
N GLU I 92 7.14 -34.85 -22.71
CA GLU I 92 5.78 -35.21 -23.14
C GLU I 92 5.81 -36.46 -24.03
N ASN I 93 6.26 -37.56 -23.42
CA ASN I 93 6.33 -38.84 -24.10
C ASN I 93 6.11 -39.94 -23.07
N ASP I 94 6.45 -41.17 -23.45
CA ASP I 94 6.26 -42.31 -22.56
C ASP I 94 7.20 -42.21 -21.37
N ASP I 95 6.92 -43.02 -20.34
CA ASP I 95 7.67 -42.96 -19.10
C ASP I 95 9.16 -43.27 -19.31
N ASP I 96 9.44 -44.33 -20.06
CA ASP I 96 10.84 -44.70 -20.30
C ASP I 96 11.57 -43.64 -21.11
N VAL I 97 10.91 -43.10 -22.14
CA VAL I 97 11.51 -42.04 -22.95
C VAL I 97 11.67 -40.75 -22.19
N SER I 98 10.74 -40.41 -21.30
CA SER I 98 10.81 -39.19 -20.50
C SER I 98 11.91 -39.26 -19.45
N ASP I 99 12.51 -40.42 -19.24
CA ASP I 99 13.61 -40.59 -18.31
C ASP I 99 14.94 -40.78 -19.01
N ILE I 100 14.98 -41.59 -20.07
CA ILE I 100 16.21 -41.80 -20.82
C ILE I 100 16.67 -40.49 -21.45
N THR I 101 15.73 -39.72 -22.00
CA THR I 101 16.08 -38.44 -22.60
C THR I 101 16.66 -37.48 -21.57
N ASP I 102 16.06 -37.42 -20.37
CA ASP I 102 16.59 -36.54 -19.32
C ASP I 102 17.98 -36.98 -18.90
N LYS I 103 18.20 -38.28 -18.74
CA LYS I 103 19.52 -38.76 -18.33
C LYS I 103 20.56 -38.46 -19.41
N LEU I 104 20.20 -38.64 -20.68
CA LEU I 104 21.13 -38.31 -21.75
C LEU I 104 21.44 -36.83 -21.79
N GLY I 105 20.45 -35.97 -21.57
CA GLY I 105 20.72 -34.55 -21.49
C GLY I 105 21.66 -34.21 -20.35
N VAL I 106 21.44 -34.83 -19.20
CA VAL I 106 22.32 -34.60 -18.04
C VAL I 106 23.75 -35.03 -18.39
N LEU I 107 23.91 -36.17 -19.03
CA LEU I 107 25.25 -36.65 -19.40
C LEU I 107 25.91 -35.73 -20.41
N ILE I 108 25.14 -35.24 -21.38
CA ILE I 108 25.68 -34.40 -22.45
C ILE I 108 26.09 -33.05 -21.87
N TYR I 109 25.42 -32.64 -20.78
CA TYR I 109 25.66 -31.32 -20.19
C TYR I 109 27.10 -31.09 -19.74
N GLU I 110 27.89 -32.13 -19.52
CA GLU I 110 29.23 -31.96 -18.97
C GLU I 110 30.28 -31.65 -20.03
N VAL I 111 29.94 -31.76 -21.32
CA VAL I 111 30.91 -31.42 -22.36
C VAL I 111 31.31 -29.96 -22.29
N SER I 112 30.33 -29.08 -22.05
CA SER I 112 30.63 -27.65 -21.89
C SER I 112 31.49 -27.41 -20.65
N GLU I 113 31.22 -28.13 -19.57
CA GLU I 113 32.02 -28.00 -18.36
C GLU I 113 33.47 -28.37 -18.62
N LEU I 114 33.70 -29.45 -19.36
CA LEU I 114 35.07 -29.81 -19.74
C LEU I 114 35.69 -28.77 -20.65
N ASP I 115 34.91 -28.26 -21.60
CA ASP I 115 35.42 -27.28 -22.56
C ASP I 115 35.83 -25.99 -21.88
N ASP I 116 35.17 -25.62 -20.79
CA ASP I 116 35.55 -24.39 -20.08
C ASP I 116 36.97 -24.50 -19.52
N GLN I 117 37.27 -25.63 -18.86
CA GLN I 117 38.62 -25.83 -18.34
C GLN I 117 39.63 -25.93 -19.48
N PHE I 118 39.26 -26.58 -20.58
CA PHE I 118 40.15 -26.64 -21.74
C PHE I 118 40.45 -25.23 -22.26
N ILE I 119 39.43 -24.37 -22.30
CA ILE I 119 39.63 -22.99 -22.75
C ILE I 119 40.55 -22.23 -21.81
N ASP I 120 40.39 -22.45 -20.50
CA ASP I 120 41.28 -21.79 -19.54
C ASP I 120 42.74 -22.19 -19.76
N ARG I 121 42.97 -23.49 -19.94
CA ARG I 121 44.34 -23.95 -20.18
C ARG I 121 44.88 -23.41 -21.51
N TYR I 122 44.00 -23.31 -22.52
CA TYR I 122 44.40 -22.72 -23.79
C TYR I 122 44.83 -21.27 -23.62
N ASP I 123 44.09 -20.51 -22.81
CA ASP I 123 44.47 -19.12 -22.55
C ASP I 123 45.81 -19.04 -21.83
N GLN I 124 46.06 -19.95 -20.89
CA GLN I 124 47.36 -19.98 -20.22
C GLN I 124 48.48 -20.21 -21.23
N TYR I 125 48.30 -21.16 -22.14
CA TYR I 125 49.31 -21.42 -23.17
C TYR I 125 49.51 -20.20 -24.07
N ARG I 126 48.42 -19.51 -24.42
CA ARG I 126 48.53 -18.32 -25.24
C ARG I 126 49.34 -17.23 -24.54
N LEU I 127 49.12 -17.04 -23.24
CA LEU I 127 49.91 -16.08 -22.48
C LEU I 127 51.39 -16.47 -22.47
N THR I 128 51.65 -17.78 -22.31
CA THR I 128 53.04 -18.23 -22.32
C THR I 128 53.73 -17.89 -23.63
N LEU I 129 53.03 -18.05 -24.76
CA LEU I 129 53.62 -17.67 -26.04
C LEU I 129 53.78 -16.15 -26.17
N LYS I 130 52.80 -15.40 -25.64
CA LYS I 130 52.89 -13.95 -25.68
C LYS I 130 54.13 -13.43 -24.95
N SER I 131 54.55 -14.13 -23.90
CA SER I 131 55.77 -13.72 -23.21
C SER I 131 56.99 -13.76 -24.13
N ILE I 132 57.12 -14.84 -24.90
CA ILE I 132 58.22 -14.96 -25.86
C ILE I 132 58.13 -13.87 -26.91
N ARG I 133 56.91 -13.61 -27.40
CA ARG I 133 56.73 -12.53 -28.38
C ARG I 133 57.25 -11.22 -27.82
N ASP I 134 56.87 -10.90 -26.57
CA ASP I 134 57.28 -9.64 -25.97
C ASP I 134 58.79 -9.54 -25.82
N ILE I 135 59.43 -10.61 -25.35
CA ILE I 135 60.87 -10.52 -25.10
C ILE I 135 61.64 -10.38 -26.40
N GLU I 136 61.23 -11.09 -27.45
CA GLU I 136 61.95 -10.93 -28.73
C GLU I 136 61.72 -9.54 -29.33
N GLY I 137 60.50 -9.01 -29.20
CA GLY I 137 60.25 -7.65 -29.66
C GLY I 137 61.08 -6.62 -28.91
N SER I 138 61.32 -6.85 -27.63
CA SER I 138 62.19 -5.95 -26.88
C SER I 138 63.66 -6.15 -27.25
N VAL I 139 64.04 -7.36 -27.67
CA VAL I 139 65.43 -7.63 -28.00
C VAL I 139 65.84 -6.93 -29.29
N GLN I 140 64.96 -6.91 -30.29
CA GLN I 140 65.34 -6.41 -31.62
C GLN I 140 66.02 -5.04 -31.67
N PRO I 141 65.58 -4.00 -30.93
CA PRO I 141 66.18 -2.67 -31.12
C PRO I 141 67.68 -2.60 -30.90
N SER I 142 68.25 -3.47 -30.06
CA SER I 142 69.70 -3.44 -29.86
C SER I 142 70.44 -3.74 -31.15
N ARG I 143 70.04 -4.81 -31.84
CA ARG I 143 70.65 -5.12 -33.12
C ARG I 143 70.34 -4.04 -34.16
N ASP I 144 69.15 -3.42 -34.08
CA ASP I 144 68.87 -2.32 -34.98
C ASP I 144 69.87 -1.18 -34.80
N ARG I 145 70.13 -0.80 -33.54
CA ARG I 145 71.07 0.28 -33.27
C ARG I 145 72.48 -0.09 -33.69
N LYS I 146 72.88 -1.34 -33.47
CA LYS I 146 74.22 -1.76 -33.88
C LYS I 146 74.37 -1.67 -35.40
N ASP I 147 73.35 -2.09 -36.15
CA ASP I 147 73.41 -1.98 -37.60
C ASP I 147 73.49 -0.53 -38.03
N LYS I 148 72.71 0.35 -37.38
CA LYS I 148 72.77 1.77 -37.73
C LYS I 148 74.15 2.35 -37.50
N ILE I 149 74.78 2.01 -36.36
CA ILE I 149 76.11 2.52 -36.06
C ILE I 149 77.12 2.01 -37.07
N THR I 150 77.02 0.73 -37.45
CA THR I 150 77.94 0.19 -38.45
C THR I 150 77.79 0.91 -39.78
N ASP I 151 76.55 1.16 -40.21
CA ASP I 151 76.33 1.87 -41.46
C ASP I 151 76.90 3.28 -41.40
N LYS I 152 76.70 3.97 -40.27
CA LYS I 152 77.24 5.32 -40.12
C LYS I 152 78.75 5.32 -40.21
N ILE I 153 79.41 4.35 -39.56
CA ILE I 153 80.87 4.27 -39.63
C ILE I 153 81.32 4.03 -41.06
N ALA I 154 80.64 3.10 -41.76
CA ALA I 154 81.03 2.79 -43.13
C ALA I 154 80.86 3.99 -44.06
N TYR I 155 79.81 4.77 -43.89
CA TYR I 155 79.61 5.95 -44.74
C TYR I 155 80.63 7.04 -44.41
N LEU I 156 80.87 7.29 -43.12
CA LEU I 156 81.76 8.38 -42.75
C LEU I 156 83.21 8.07 -43.12
N LYS I 157 83.59 6.79 -43.10
CA LYS I 157 84.94 6.42 -43.55
C LYS I 157 85.11 6.74 -45.04
N TYR I 158 84.08 6.46 -45.85
CA TYR I 158 84.16 6.78 -47.27
C TYR I 158 84.18 8.28 -47.51
N LYS I 159 83.38 9.04 -46.76
CA LYS I 159 83.26 10.47 -47.02
C LYS I 159 84.60 11.17 -46.87
N ASP I 160 85.27 10.98 -45.74
CA ASP I 160 86.61 11.51 -45.52
C ASP I 160 87.30 10.78 -44.38
N PRO I 161 88.49 10.23 -44.61
CA PRO I 161 89.18 9.48 -43.55
C PRO I 161 89.80 10.35 -42.48
N GLN I 162 89.85 11.67 -42.67
CA GLN I 162 90.51 12.57 -41.75
C GLN I 162 89.60 13.10 -40.66
N SER I 163 88.33 12.67 -40.63
CA SER I 163 87.42 13.15 -39.60
C SER I 163 87.84 12.61 -38.23
N PRO I 164 87.68 13.42 -37.18
CA PRO I 164 88.02 12.97 -35.83
C PRO I 164 86.94 12.13 -35.16
N LYS I 165 85.86 11.82 -35.86
CA LYS I 165 84.75 11.05 -35.31
C LYS I 165 84.93 9.54 -35.50
N ILE I 166 86.04 9.10 -36.10
CA ILE I 166 86.25 7.68 -36.33
C ILE I 166 86.44 6.94 -35.00
N GLU I 167 87.24 7.51 -34.10
CA GLU I 167 87.58 6.81 -32.86
C GLU I 167 86.36 6.65 -31.96
N VAL I 168 85.59 7.73 -31.77
CA VAL I 168 84.43 7.66 -30.91
C VAL I 168 83.38 6.72 -31.48
N LEU I 169 83.17 6.77 -32.80
CA LEU I 169 82.22 5.85 -33.43
C LEU I 169 82.67 4.41 -33.32
N GLU I 170 83.97 4.15 -33.46
CA GLU I 170 84.48 2.79 -33.30
C GLU I 170 84.29 2.29 -31.87
N GLN I 171 84.53 3.16 -30.89
CA GLN I 171 84.30 2.78 -29.49
C GLN I 171 82.83 2.48 -29.24
N GLU I 172 81.95 3.30 -29.78
CA GLU I 172 80.51 3.04 -29.65
C GLU I 172 80.14 1.73 -30.31
N LEU I 173 80.73 1.43 -31.47
CA LEU I 173 80.45 0.17 -32.16
C LEU I 173 80.89 -1.03 -31.33
N VAL I 174 82.09 -0.96 -30.74
CA VAL I 174 82.56 -2.08 -29.94
C VAL I 174 81.71 -2.24 -28.69
N ARG I 175 81.26 -1.13 -28.11
CA ARG I 175 80.35 -1.21 -26.96
C ARG I 175 79.04 -1.88 -27.33
N ALA I 176 78.47 -1.49 -28.48
CA ALA I 176 77.23 -2.10 -28.94
C ALA I 176 77.41 -3.58 -29.24
N GLU I 177 78.56 -3.94 -29.81
CA GLU I 177 78.83 -5.35 -30.07
C GLU I 177 78.92 -6.14 -28.76
N ALA I 178 79.59 -5.57 -27.76
CA ALA I 178 79.69 -6.24 -26.46
C ALA I 178 78.31 -6.42 -25.83
N GLU I 179 77.43 -5.42 -26.00
CA GLU I 179 76.08 -5.54 -25.49
C GLU I 179 75.29 -6.62 -26.23
N SER I 180 75.36 -6.62 -27.56
CA SER I 180 74.60 -7.58 -28.36
C SER I 180 75.09 -9.00 -28.12
N LEU I 181 76.36 -9.17 -27.77
CA LEU I 181 76.90 -10.51 -27.53
C LEU I 181 76.14 -11.21 -26.41
N VAL I 182 75.79 -10.47 -25.35
CA VAL I 182 74.99 -11.05 -24.28
C VAL I 182 73.49 -10.96 -24.58
N ALA I 183 73.07 -9.97 -25.37
CA ALA I 183 71.66 -9.85 -25.72
C ALA I 183 71.18 -11.07 -26.51
N GLU I 184 71.97 -11.51 -27.48
CA GLU I 184 71.59 -12.68 -28.28
C GLU I 184 71.51 -13.93 -27.42
N ALA I 185 72.47 -14.11 -26.51
CA ALA I 185 72.46 -15.28 -25.64
C ALA I 185 71.24 -15.29 -24.73
N GLN I 186 70.92 -14.13 -24.13
CA GLN I 186 69.77 -14.07 -23.24
C GLN I 186 68.46 -14.19 -24.01
N LEU I 187 68.45 -13.83 -25.30
CA LEU I 187 67.25 -14.05 -26.11
C LEU I 187 67.08 -15.53 -26.42
N SER I 188 68.16 -16.21 -26.81
CA SER I 188 68.07 -17.60 -27.21
C SER I 188 67.94 -18.55 -26.03
N ASN I 189 68.28 -18.11 -24.82
CA ASN I 189 68.24 -19.03 -23.67
C ASN I 189 66.82 -19.47 -23.33
N ILE I 190 65.86 -18.56 -23.38
CA ILE I 190 64.54 -18.83 -22.81
C ILE I 190 63.51 -19.35 -23.80
N THR I 191 63.75 -19.19 -25.11
CA THR I 191 62.76 -19.60 -26.09
C THR I 191 62.55 -21.10 -26.08
N ARG I 192 63.64 -21.87 -26.13
CA ARG I 192 63.54 -23.32 -26.19
C ARG I 192 62.96 -23.91 -24.90
N SER I 193 62.97 -23.15 -23.81
CA SER I 193 62.38 -23.61 -22.56
C SER I 193 60.89 -23.27 -22.48
N LYS I 194 60.55 -22.01 -22.76
CA LYS I 194 59.16 -21.61 -22.66
C LYS I 194 58.29 -22.30 -23.71
N LEU I 195 58.80 -22.46 -24.93
CA LEU I 195 58.04 -23.16 -25.96
C LEU I 195 57.77 -24.60 -25.54
N ARG I 196 58.80 -25.29 -25.03
CA ARG I 196 58.65 -26.67 -24.60
C ARG I 196 57.64 -26.78 -23.46
N ALA I 197 57.73 -25.89 -22.47
CA ALA I 197 56.80 -25.95 -21.35
C ALA I 197 55.36 -25.71 -21.80
N ALA I 198 55.15 -24.70 -22.66
CA ALA I 198 53.80 -24.40 -23.12
C ALA I 198 53.22 -25.55 -23.92
N PHE I 199 54.02 -26.15 -24.81
CA PHE I 199 53.49 -27.25 -25.62
C PHE I 199 53.24 -28.50 -24.79
N ASN I 200 54.08 -28.77 -23.78
CA ASN I 200 53.81 -29.89 -22.88
C ASN I 200 52.50 -29.67 -22.12
N TYR I 201 52.28 -28.45 -21.63
CA TYR I 201 51.04 -28.15 -20.94
C TYR I 201 49.83 -28.35 -21.85
N GLN I 202 49.93 -27.84 -23.08
CA GLN I 202 48.83 -27.98 -24.03
C GLN I 202 48.53 -29.44 -24.34
N PHE I 203 49.57 -30.24 -24.56
CA PHE I 203 49.35 -31.65 -24.88
C PHE I 203 48.75 -32.39 -23.69
N ASP I 204 49.20 -32.09 -22.48
CA ASP I 204 48.60 -32.72 -21.30
C ASP I 204 47.13 -32.38 -21.18
N SER I 205 46.79 -31.10 -21.39
CA SER I 205 45.39 -30.69 -21.34
C SER I 205 44.56 -31.42 -22.39
N ILE I 206 45.09 -31.53 -23.62
CA ILE I 206 44.36 -32.22 -24.68
C ILE I 206 44.13 -33.67 -24.32
N ILE I 207 45.15 -34.35 -23.79
CA ILE I 207 45.02 -35.76 -23.43
C ILE I 207 43.95 -35.92 -22.36
N GLU I 208 44.00 -35.08 -21.32
CA GLU I 208 43.03 -35.20 -20.23
C GLU I 208 41.60 -34.98 -20.74
N HIS I 209 41.40 -33.93 -21.54
CA HIS I 209 40.07 -33.63 -22.03
C HIS I 209 39.54 -34.75 -22.92
N SER I 210 40.38 -35.27 -23.81
CA SER I 210 39.94 -36.35 -24.70
C SER I 210 39.58 -37.60 -23.91
N GLU I 211 40.39 -37.97 -22.92
CA GLU I 211 40.10 -39.17 -22.16
C GLU I 211 38.81 -39.02 -21.35
N LYS I 212 38.59 -37.84 -20.76
CA LYS I 212 37.35 -37.62 -20.03
C LYS I 212 36.14 -37.70 -20.96
N ILE I 213 36.24 -37.11 -22.15
CA ILE I 213 35.13 -37.17 -23.11
C ILE I 213 34.85 -38.61 -23.52
N ALA I 214 35.91 -39.38 -23.77
CA ALA I 214 35.72 -40.78 -24.17
C ALA I 214 35.04 -41.58 -23.06
N LEU I 215 35.47 -41.38 -21.81
CA LEU I 215 34.84 -42.09 -20.70
C LEU I 215 33.36 -41.72 -20.57
N ILE I 216 33.05 -40.43 -20.70
CA ILE I 216 31.65 -40.00 -20.61
C ILE I 216 30.82 -40.64 -21.72
N ALA I 217 31.35 -40.67 -22.94
CA ALA I 217 30.62 -41.27 -24.05
C ALA I 217 30.41 -42.76 -23.84
N GLY I 218 31.43 -43.46 -23.34
CA GLY I 218 31.26 -44.87 -23.06
C GLY I 218 30.19 -45.15 -22.03
N TYR I 219 30.18 -44.38 -20.94
CA TYR I 219 29.14 -44.60 -19.94
C TYR I 219 27.76 -44.18 -20.46
N GLY I 220 27.70 -43.19 -21.34
CA GLY I 220 26.43 -42.86 -21.97
C GLY I 220 25.89 -43.98 -22.82
N LYS I 221 26.77 -44.64 -23.60
CA LYS I 221 26.35 -45.81 -24.35
C LYS I 221 25.88 -46.92 -23.42
N ALA I 222 26.60 -47.12 -22.31
CA ALA I 222 26.19 -48.14 -21.35
C ALA I 222 24.80 -47.86 -20.80
N LEU I 223 24.51 -46.59 -20.49
CA LEU I 223 23.18 -46.23 -20.00
C LEU I 223 22.13 -46.43 -21.08
N LEU I 224 22.42 -46.01 -22.31
CA LEU I 224 21.46 -46.14 -23.39
C LEU I 224 21.17 -47.58 -23.75
N GLU I 225 22.09 -48.50 -23.44
CA GLU I 225 21.87 -49.91 -23.74
C GLU I 225 20.64 -50.45 -22.99
N LEU I 226 20.21 -49.76 -21.94
CA LEU I 226 19.08 -50.19 -21.13
C LEU I 226 17.75 -49.91 -21.79
N LEU I 227 17.69 -48.99 -22.75
CA LEU I 227 16.44 -48.59 -23.40
C LEU I 227 15.98 -49.75 -24.28
N ASP I 228 14.97 -50.48 -23.79
CA ASP I 228 14.45 -51.62 -24.52
C ASP I 228 13.47 -51.15 -25.59
N ASP I 229 13.53 -51.77 -26.76
CA ASP I 229 12.61 -51.49 -27.85
C ASP I 229 12.10 -52.80 -28.44
N SER I 230 10.81 -52.82 -28.79
CA SER I 230 10.19 -53.95 -29.46
C SER I 230 8.98 -53.44 -30.23
N PRO I 231 8.71 -53.97 -31.42
CA PRO I 231 7.53 -53.54 -32.16
C PRO I 231 6.25 -53.89 -31.43
N VAL I 232 5.28 -53.00 -31.49
CA VAL I 232 4.00 -53.17 -30.82
C VAL I 232 2.89 -53.17 -31.86
N THR I 233 1.98 -54.13 -31.75
CA THR I 233 0.84 -54.22 -32.64
C THR I 233 -0.24 -53.23 -32.21
N PRO I 234 -1.08 -52.80 -33.15
CA PRO I 234 -2.17 -51.87 -32.80
C PRO I 234 -3.09 -52.46 -31.75
N GLY I 235 -3.51 -51.63 -30.80
CA GLY I 235 -4.38 -52.05 -29.73
C GLY I 235 -3.68 -52.62 -28.51
N GLU I 236 -2.39 -52.93 -28.61
CA GLU I 236 -1.66 -53.49 -27.49
C GLU I 236 -1.15 -52.39 -26.57
N THR I 237 -0.89 -52.77 -25.32
CA THR I 237 -0.35 -51.87 -24.31
C THR I 237 1.01 -52.38 -23.87
N ARG I 238 2.01 -51.51 -23.93
CA ARG I 238 3.35 -51.90 -23.50
C ARG I 238 3.38 -52.11 -22.00
N PRO I 239 4.19 -53.07 -21.52
CA PRO I 239 4.29 -53.28 -20.07
C PRO I 239 4.89 -52.06 -19.39
N ALA I 240 4.49 -51.85 -18.13
CA ALA I 240 4.99 -50.71 -17.36
C ALA I 240 6.51 -50.80 -17.21
N TYR I 241 7.19 -49.69 -17.50
CA TYR I 241 8.64 -49.67 -17.45
C TYR I 241 9.10 -49.39 -16.02
N ASP I 242 9.98 -50.27 -15.51
CA ASP I 242 10.55 -50.13 -14.17
C ASP I 242 12.07 -50.28 -14.28
N GLY I 243 12.75 -49.16 -14.53
CA GLY I 243 14.19 -49.15 -14.62
C GLY I 243 14.79 -47.90 -14.01
N TYR I 244 14.07 -47.30 -13.07
CA TYR I 244 14.51 -46.03 -12.48
C TYR I 244 15.81 -46.19 -11.70
N GLU I 245 15.96 -47.29 -10.96
CA GLU I 245 17.10 -47.49 -10.08
C GLU I 245 18.40 -47.66 -10.85
N ALA I 246 18.37 -48.43 -11.94
CA ALA I 246 19.57 -48.75 -12.70
C ALA I 246 20.23 -47.50 -13.28
N SER I 247 19.41 -46.58 -13.81
CA SER I 247 19.96 -45.35 -14.38
C SER I 247 20.64 -44.50 -13.32
N LYS I 248 20.07 -44.45 -12.11
CA LYS I 248 20.70 -43.70 -11.02
C LYS I 248 22.06 -44.29 -10.68
N GLN I 249 22.14 -45.62 -10.60
CA GLN I 249 23.42 -46.26 -10.34
C GLN I 249 24.41 -45.98 -11.46
N ILE I 250 23.94 -45.98 -12.71
CA ILE I 250 24.82 -45.73 -13.84
C ILE I 250 25.42 -44.32 -13.77
N ILE I 251 24.57 -43.32 -13.51
CA ILE I 251 25.08 -41.96 -13.47
C ILE I 251 25.95 -41.74 -12.23
N ILE I 252 25.65 -42.41 -11.12
CA ILE I 252 26.51 -42.32 -9.94
C ILE I 252 27.88 -42.91 -10.25
N ASP I 253 27.91 -44.04 -10.94
CA ASP I 253 29.19 -44.63 -11.35
C ASP I 253 29.94 -43.70 -12.30
N ALA I 254 29.21 -43.02 -13.18
CA ALA I 254 29.85 -42.06 -14.09
C ALA I 254 30.50 -40.92 -13.30
N GLU I 255 29.78 -40.39 -12.31
CA GLU I 255 30.35 -39.33 -11.47
C GLU I 255 31.58 -39.83 -10.73
N SER I 256 31.51 -41.04 -10.17
CA SER I 256 32.64 -41.57 -9.43
C SER I 256 33.86 -41.76 -10.33
N ALA I 257 33.64 -42.30 -11.53
CA ALA I 257 34.75 -42.50 -12.46
C ALA I 257 35.35 -41.18 -12.92
N LEU I 258 34.50 -40.19 -13.18
CA LEU I 258 35.00 -38.87 -13.59
C LEU I 258 35.81 -38.21 -12.48
N ASN I 259 35.33 -38.31 -11.24
CA ASN I 259 36.05 -37.68 -10.13
C ASN I 259 37.35 -38.41 -9.82
N GLU I 260 37.34 -39.74 -9.89
CA GLU I 260 38.50 -40.52 -9.48
C GLU I 260 39.65 -40.42 -10.48
N TRP I 261 39.36 -40.17 -11.75
CA TRP I 261 40.39 -40.20 -12.78
C TRP I 261 41.49 -39.17 -12.51
N THR I 262 42.74 -39.60 -12.67
CA THR I 262 43.91 -38.75 -12.55
C THR I 262 44.74 -38.85 -13.81
N LEU I 263 45.65 -37.88 -13.97
CA LEU I 263 46.53 -37.89 -15.14
C LEU I 263 47.45 -39.10 -15.13
N ASP I 264 47.97 -39.47 -13.96
CA ASP I 264 48.86 -40.63 -13.87
C ASP I 264 48.13 -41.93 -14.15
N SER I 265 46.80 -41.95 -14.04
CA SER I 265 46.00 -43.15 -14.29
C SER I 265 45.37 -43.11 -15.67
N ALA I 266 46.09 -42.58 -16.66
CA ALA I 266 45.56 -42.49 -18.01
C ALA I 266 45.36 -43.89 -18.60
N GLN I 267 44.18 -44.11 -19.18
CA GLN I 267 43.88 -45.42 -19.76
C GLN I 267 44.60 -45.62 -21.09
N VAL I 268 44.73 -44.58 -21.89
CA VAL I 268 45.39 -44.68 -23.19
C VAL I 268 46.89 -44.74 -23.00
N LYS I 269 47.52 -45.76 -23.57
CA LYS I 269 48.98 -45.93 -23.49
C LYS I 269 49.55 -45.91 -24.90
N PRO I 270 50.05 -44.78 -25.38
CA PRO I 270 50.62 -44.73 -26.73
C PRO I 270 51.81 -45.67 -26.87
N THR I 271 51.94 -46.28 -28.04
CA THR I 271 53.03 -47.21 -28.31
C THR I 271 54.28 -46.48 -28.74
N MET J 1 29.05 -32.94 -11.43
CA MET J 1 27.82 -32.16 -11.28
C MET J 1 27.92 -31.17 -10.12
N HIS J 2 28.70 -30.12 -10.31
CA HIS J 2 28.83 -29.09 -9.27
C HIS J 2 27.54 -28.32 -9.09
N ARG J 3 26.88 -27.99 -10.21
CA ARG J 3 25.65 -27.20 -10.14
C ARG J 3 24.54 -27.95 -9.42
N THR J 4 24.40 -29.26 -9.68
CA THR J 4 23.27 -30.01 -9.15
C THR J 4 23.35 -30.15 -7.63
N TYR J 5 24.50 -30.58 -7.13
CA TYR J 5 24.61 -31.00 -5.73
C TYR J 5 24.96 -29.86 -4.79
N SER J 6 25.09 -28.63 -5.29
CA SER J 6 25.41 -27.49 -4.45
C SER J 6 24.85 -26.23 -5.10
N LEU J 7 24.32 -25.34 -4.26
CA LEU J 7 23.81 -24.07 -4.77
C LEU J 7 24.91 -23.17 -5.32
N ARG J 8 26.17 -23.44 -4.98
CA ARG J 8 27.26 -22.65 -5.49
C ARG J 8 27.45 -22.88 -6.99
N ASN J 9 27.86 -21.81 -7.68
CA ASN J 9 28.17 -21.89 -9.10
C ASN J 9 29.65 -22.13 -9.37
N SER J 10 30.45 -22.32 -8.32
CA SER J 10 31.88 -22.55 -8.46
C SER J 10 32.14 -24.03 -8.71
N ARG J 11 33.41 -24.43 -8.65
CA ARG J 11 33.82 -25.81 -8.89
C ARG J 11 34.29 -26.44 -7.60
N ALA J 12 33.72 -27.59 -7.26
CA ALA J 12 34.12 -28.30 -6.06
C ALA J 12 35.50 -28.93 -6.25
N PRO J 13 36.29 -29.03 -5.18
CA PRO J 13 37.61 -29.66 -5.30
C PRO J 13 37.50 -31.12 -5.71
N THR J 14 38.47 -31.56 -6.51
CA THR J 14 38.53 -32.94 -6.99
C THR J 14 39.99 -33.39 -6.96
N ALA J 15 40.24 -34.59 -7.48
CA ALA J 15 41.60 -35.12 -7.50
C ALA J 15 42.51 -34.26 -8.37
N SER J 16 42.03 -33.88 -9.56
CA SER J 16 42.82 -33.02 -10.43
C SER J 16 43.01 -31.64 -9.82
N GLN J 17 41.97 -31.10 -9.17
CA GLN J 17 42.11 -29.81 -8.52
C GLN J 17 43.09 -29.88 -7.36
N LEU J 18 43.06 -30.95 -6.58
CA LEU J 18 44.01 -31.11 -5.49
C LEU J 18 45.44 -31.25 -6.00
N GLN J 19 45.63 -32.02 -7.07
CA GLN J 19 46.97 -32.18 -7.64
C GLN J 19 47.49 -30.87 -8.21
N ASN J 20 46.64 -30.13 -8.94
CA ASN J 20 47.03 -28.87 -9.55
C ASN J 20 45.89 -27.86 -9.37
N PRO J 21 46.17 -26.69 -8.82
CA PRO J 21 45.12 -25.68 -8.65
C PRO J 21 44.52 -25.28 -9.98
N PRO J 22 43.21 -25.01 -10.02
CA PRO J 22 42.57 -24.64 -11.29
C PRO J 22 43.12 -23.31 -11.80
N PRO J 23 43.27 -23.17 -13.12
CA PRO J 23 43.76 -21.91 -13.68
C PRO J 23 42.71 -20.82 -13.56
N PRO J 24 43.12 -19.55 -13.57
CA PRO J 24 42.14 -18.47 -13.52
C PRO J 24 41.29 -18.45 -14.77
N PRO J 25 40.07 -17.92 -14.70
CA PRO J 25 39.20 -17.89 -15.88
C PRO J 25 39.79 -17.04 -16.99
N SER J 26 39.46 -17.40 -18.23
CA SER J 26 40.00 -16.70 -19.39
C SER J 26 39.58 -15.23 -19.38
N THR J 27 40.56 -14.36 -19.65
CA THR J 27 40.30 -12.93 -19.63
C THR J 27 39.53 -12.44 -20.85
N THR J 28 39.59 -13.15 -21.97
CA THR J 28 38.91 -12.74 -23.20
C THR J 28 37.51 -13.35 -23.30
N LYS J 29 36.72 -13.16 -22.25
CA LYS J 29 35.33 -13.60 -22.20
C LYS J 29 34.48 -12.35 -21.97
N GLY J 30 34.10 -11.68 -23.06
CA GLY J 30 33.35 -10.46 -22.95
C GLY J 30 31.90 -10.69 -22.54
N ARG J 31 31.28 -9.62 -22.04
CA ARG J 31 29.89 -9.70 -21.64
C ARG J 31 28.96 -9.88 -22.83
N PHE J 32 29.26 -9.20 -23.94
CA PHE J 32 28.42 -9.32 -25.13
C PHE J 32 28.59 -10.69 -25.77
N PHE J 33 27.46 -11.31 -26.11
CA PHE J 33 27.51 -12.65 -26.70
C PHE J 33 28.16 -12.64 -28.07
N GLY J 34 27.70 -11.76 -28.95
CA GLY J 34 28.23 -11.71 -30.32
C GLY J 34 28.03 -13.02 -31.06
N LYS J 35 26.86 -13.63 -30.95
CA LYS J 35 26.60 -14.95 -31.52
C LYS J 35 26.19 -14.80 -32.99
N GLY J 36 27.13 -14.31 -33.79
CA GLY J 36 26.91 -14.16 -35.21
C GLY J 36 25.76 -13.26 -35.58
N GLY J 37 25.60 -12.15 -34.88
CA GLY J 37 24.49 -11.25 -35.16
C GLY J 37 23.16 -11.84 -34.75
N LEU J 38 22.10 -11.38 -35.41
CA LEU J 38 20.75 -11.83 -35.12
C LEU J 38 20.30 -12.98 -36.02
N ALA J 39 21.18 -13.47 -36.91
CA ALA J 39 20.80 -14.57 -37.78
C ALA J 39 20.50 -15.83 -36.99
N TYR J 40 21.34 -16.13 -35.98
CA TYR J 40 21.10 -17.30 -35.15
C TYR J 40 19.77 -17.19 -34.41
N SER J 41 19.48 -16.02 -33.84
CA SER J 41 18.23 -15.84 -33.12
C SER J 41 17.02 -15.95 -34.06
N PHE J 42 17.14 -15.41 -35.26
CA PHE J 42 16.04 -15.50 -36.22
C PHE J 42 15.80 -16.95 -36.64
N ARG J 43 16.87 -17.68 -36.96
CA ARG J 43 16.73 -19.09 -37.31
C ARG J 43 16.15 -19.88 -36.15
N ARG J 44 16.46 -19.47 -34.92
CA ARG J 44 15.98 -20.17 -33.74
C ARG J 44 14.52 -19.91 -33.47
N SER J 45 14.06 -18.68 -33.69
CA SER J 45 12.70 -18.28 -33.34
C SER J 45 11.69 -18.54 -34.43
N ALA J 46 12.05 -18.30 -35.70
CA ALA J 46 11.09 -18.47 -36.79
C ALA J 46 10.67 -19.93 -36.96
N ALA J 47 11.57 -20.87 -36.65
CA ALA J 47 11.25 -22.28 -36.86
C ALA J 47 10.26 -22.82 -35.85
N GLY J 48 10.15 -22.21 -34.68
CA GLY J 48 9.30 -22.71 -33.62
C GLY J 48 7.87 -22.19 -33.61
N ALA J 49 7.46 -21.39 -34.60
CA ALA J 49 6.11 -20.85 -34.60
C ALA J 49 5.48 -20.85 -36.00
N PHE J 50 5.85 -21.79 -36.86
CA PHE J 50 5.32 -21.82 -38.22
C PHE J 50 4.57 -23.10 -38.54
N GLY J 51 5.12 -24.25 -38.22
CA GLY J 51 4.53 -25.52 -38.58
C GLY J 51 3.52 -26.04 -37.57
N PRO J 52 3.22 -27.33 -37.64
CA PRO J 52 2.26 -27.91 -36.69
C PRO J 52 2.79 -27.88 -35.27
N GLU J 53 1.85 -27.86 -34.31
CA GLU J 53 2.22 -27.70 -32.91
C GLU J 53 2.97 -28.92 -32.39
N LEU J 54 2.66 -30.11 -32.91
CA LEU J 54 3.27 -31.33 -32.39
C LEU J 54 4.77 -31.36 -32.65
N SER J 55 5.20 -30.94 -33.84
CA SER J 55 6.60 -31.02 -34.24
C SER J 55 7.31 -29.68 -34.16
N ARG J 56 6.91 -28.82 -33.22
CA ARG J 56 7.54 -27.51 -33.10
C ARG J 56 8.90 -27.59 -32.40
N LYS J 57 9.04 -28.46 -31.40
CA LYS J 57 10.27 -28.50 -30.62
C LYS J 57 11.41 -29.14 -31.40
N LEU J 58 11.13 -30.22 -32.12
CA LEU J 58 12.18 -30.93 -32.84
C LEU J 58 12.79 -30.08 -33.94
N SER J 59 12.00 -29.19 -34.56
CA SER J 59 12.56 -28.27 -35.54
C SER J 59 13.57 -27.33 -34.89
N GLN J 60 13.24 -26.81 -33.71
CA GLN J 60 14.18 -25.96 -32.98
C GLN J 60 15.44 -26.74 -32.62
N LEU J 61 15.29 -27.99 -32.17
CA LEU J 61 16.45 -28.80 -31.86
C LEU J 61 17.33 -29.03 -33.09
N VAL J 62 16.69 -29.27 -34.25
CA VAL J 62 17.44 -29.46 -35.48
C VAL J 62 18.21 -28.20 -35.86
N LYS J 63 17.57 -27.03 -35.73
CA LYS J 63 18.25 -25.78 -36.04
C LYS J 63 19.43 -25.56 -35.09
N ILE J 64 19.25 -25.84 -33.81
CA ILE J 64 20.33 -25.64 -32.85
C ILE J 64 21.48 -26.60 -33.13
N GLU J 65 21.16 -27.84 -33.51
CA GLU J 65 22.19 -28.79 -33.90
C GLU J 65 22.94 -28.31 -35.14
N LYS J 66 22.22 -27.69 -36.08
CA LYS J 66 22.88 -27.13 -37.26
C LYS J 66 23.86 -26.04 -36.87
N ASN J 67 23.45 -25.16 -35.94
CA ASN J 67 24.38 -24.12 -35.47
C ASN J 67 25.61 -24.72 -34.80
N VAL J 68 25.39 -25.74 -33.96
CA VAL J 68 26.49 -26.44 -33.31
C VAL J 68 27.46 -27.01 -34.32
N LEU J 69 26.94 -27.69 -35.35
CA LEU J 69 27.80 -28.27 -36.37
C LEU J 69 28.52 -27.20 -37.17
N ARG J 70 27.86 -26.06 -37.39
CA ARG J 70 28.47 -24.98 -38.17
C ARG J 70 29.66 -24.38 -37.43
N SER J 71 29.56 -24.24 -36.11
CA SER J 71 30.63 -23.61 -35.35
C SER J 71 31.94 -24.40 -35.43
N MET J 72 31.85 -25.74 -35.39
CA MET J 72 33.06 -26.56 -35.35
C MET J 72 33.86 -26.45 -36.65
N GLU J 73 33.19 -26.20 -37.78
CA GLU J 73 33.92 -26.02 -39.03
C GLU J 73 34.83 -24.80 -38.97
N LEU J 74 34.30 -23.69 -38.47
CA LEU J 74 35.10 -22.48 -38.31
C LEU J 74 36.24 -22.73 -37.32
N THR J 75 35.96 -23.44 -36.22
CA THR J 75 37.00 -23.74 -35.26
C THR J 75 38.13 -24.54 -35.90
N ALA J 76 37.78 -25.57 -36.68
CA ALA J 76 38.80 -26.40 -37.31
C ALA J 76 39.60 -25.62 -38.34
N ASN J 77 38.93 -24.77 -39.13
CA ASN J 77 39.65 -23.96 -40.11
C ASN J 77 40.64 -23.03 -39.42
N GLU J 78 40.21 -22.37 -38.34
CA GLU J 78 41.11 -21.47 -37.62
C GLU J 78 42.29 -22.23 -37.02
N ARG J 79 42.05 -23.42 -36.47
CA ARG J 79 43.15 -24.19 -35.91
C ARG J 79 44.15 -24.62 -36.97
N ARG J 80 43.65 -25.06 -38.13
CA ARG J 80 44.54 -25.44 -39.23
C ARG J 80 45.39 -24.26 -39.69
N ASP J 81 44.78 -23.08 -39.81
CA ASP J 81 45.53 -21.93 -40.28
C ASP J 81 46.52 -21.47 -39.22
N ALA J 82 46.17 -21.65 -37.93
CA ALA J 82 47.13 -21.38 -36.86
C ALA J 82 48.35 -22.30 -36.97
N ALA J 83 48.12 -23.58 -37.26
CA ALA J 83 49.25 -24.50 -37.45
C ALA J 83 50.11 -24.06 -38.63
N LYS J 84 49.48 -23.64 -39.72
CA LYS J 84 50.23 -23.16 -40.87
C LYS J 84 51.07 -21.93 -40.51
N GLN J 85 50.48 -21.00 -39.76
CA GLN J 85 51.22 -19.80 -39.36
C GLN J 85 52.40 -20.13 -38.45
N LEU J 86 52.20 -21.06 -37.53
CA LEU J 86 53.31 -21.47 -36.67
C LEU J 86 54.43 -22.11 -37.48
N SER J 87 54.07 -22.96 -38.44
CA SER J 87 55.08 -23.57 -39.30
C SER J 87 55.83 -22.50 -40.11
N ILE J 88 55.11 -21.49 -40.59
CA ILE J 88 55.76 -20.41 -41.33
C ILE J 88 56.72 -19.64 -40.43
N TRP J 89 56.30 -19.32 -39.21
CA TRP J 89 57.13 -18.56 -38.28
C TRP J 89 58.37 -19.32 -37.83
N GLY J 90 58.28 -20.65 -37.69
CA GLY J 90 59.41 -21.40 -37.19
C GLY J 90 60.62 -21.48 -38.12
N LEU J 91 60.50 -20.99 -39.35
CA LEU J 91 61.58 -21.15 -40.33
C LEU J 91 62.82 -20.37 -39.94
N GLU J 92 62.66 -19.11 -39.53
CA GLU J 92 63.79 -18.20 -39.32
C GLU J 92 64.30 -18.29 -37.89
N ASN J 93 64.77 -19.49 -37.54
CA ASN J 93 65.34 -19.74 -36.22
C ASN J 93 66.44 -20.79 -36.37
N ASP J 94 66.84 -21.37 -35.25
CA ASP J 94 67.89 -22.37 -35.25
C ASP J 94 67.42 -23.64 -35.97
N ASP J 95 68.39 -24.51 -36.29
CA ASP J 95 68.09 -25.70 -37.07
C ASP J 95 67.11 -26.62 -36.34
N ASP J 96 67.36 -26.87 -35.05
CA ASP J 96 66.47 -27.75 -34.30
C ASP J 96 65.07 -27.16 -34.16
N VAL J 97 64.98 -25.86 -33.90
CA VAL J 97 63.68 -25.19 -33.79
C VAL J 97 62.96 -25.13 -35.13
N SER J 98 63.68 -24.93 -36.23
CA SER J 98 63.08 -24.87 -37.56
C SER J 98 62.56 -26.22 -38.02
N ASP J 99 62.88 -27.30 -37.31
CA ASP J 99 62.39 -28.63 -37.62
C ASP J 99 61.32 -29.09 -36.64
N ILE J 100 61.53 -28.87 -35.35
CA ILE J 100 60.52 -29.26 -34.35
C ILE J 100 59.23 -28.49 -34.57
N THR J 101 59.33 -27.21 -34.89
CA THR J 101 58.13 -26.41 -35.14
C THR J 101 57.37 -26.92 -36.35
N ASP J 102 58.09 -27.26 -37.42
CA ASP J 102 57.43 -27.80 -38.61
C ASP J 102 56.74 -29.13 -38.32
N LYS J 103 57.42 -30.01 -37.58
CA LYS J 103 56.82 -31.29 -37.25
C LYS J 103 55.59 -31.13 -36.37
N LEU J 104 55.64 -30.20 -35.40
CA LEU J 104 54.48 -29.95 -34.57
C LEU J 104 53.32 -29.37 -35.39
N GLY J 105 53.61 -28.48 -36.33
CA GLY J 105 52.55 -27.98 -37.21
C GLY J 105 51.92 -29.10 -38.02
N VAL J 106 52.76 -29.99 -38.55
CA VAL J 106 52.25 -31.12 -39.33
C VAL J 106 51.35 -32.00 -38.45
N LEU J 107 51.77 -32.26 -37.21
CA LEU J 107 50.95 -33.09 -36.32
C LEU J 107 49.64 -32.40 -35.97
N ILE J 108 49.67 -31.08 -35.74
CA ILE J 108 48.50 -30.32 -35.33
C ILE J 108 47.51 -30.27 -36.49
N TYR J 109 48.03 -30.34 -37.72
CA TYR J 109 47.21 -30.20 -38.91
C TYR J 109 46.10 -31.23 -39.04
N GLU J 110 46.19 -32.37 -38.36
CA GLU J 110 45.21 -33.44 -38.53
C GLU J 110 43.97 -33.27 -37.67
N VAL J 111 43.95 -32.32 -36.74
CA VAL J 111 42.76 -32.10 -35.92
C VAL J 111 41.60 -31.66 -36.78
N SER J 112 41.86 -30.78 -37.75
CA SER J 112 40.80 -30.35 -38.67
C SER J 112 40.32 -31.51 -39.53
N GLU J 113 41.24 -32.38 -39.96
CA GLU J 113 40.85 -33.55 -40.74
C GLU J 113 39.91 -34.45 -39.95
N LEU J 114 40.22 -34.68 -38.66
CA LEU J 114 39.32 -35.46 -37.82
C LEU J 114 37.98 -34.75 -37.63
N ASP J 115 38.02 -33.42 -37.44
CA ASP J 115 36.81 -32.66 -37.20
C ASP J 115 35.88 -32.69 -38.40
N ASP J 116 36.43 -32.78 -39.62
CA ASP J 116 35.58 -32.84 -40.79
C ASP J 116 34.72 -34.10 -40.79
N GLN J 117 35.33 -35.25 -40.50
CA GLN J 117 34.57 -36.50 -40.43
C GLN J 117 33.59 -36.46 -39.27
N PHE J 118 33.99 -35.88 -38.14
CA PHE J 118 33.07 -35.73 -37.03
C PHE J 118 31.85 -34.90 -37.42
N ILE J 119 32.08 -33.82 -38.19
CA ILE J 119 30.98 -32.98 -38.64
C ILE J 119 30.06 -33.75 -39.59
N ASP J 120 30.64 -34.56 -40.46
CA ASP J 120 29.81 -35.37 -41.37
C ASP J 120 28.91 -36.32 -40.59
N ARG J 121 29.47 -37.00 -39.59
CA ARG J 121 28.66 -37.91 -38.79
C ARG J 121 27.60 -37.15 -37.99
N TYR J 122 27.93 -35.95 -37.53
CA TYR J 122 26.96 -35.10 -36.84
C TYR J 122 25.80 -34.75 -37.77
N ASP J 123 26.09 -34.43 -39.02
CA ASP J 123 25.03 -34.13 -39.98
C ASP J 123 24.15 -35.35 -40.22
N GLN J 124 24.76 -36.54 -40.30
CA GLN J 124 23.96 -37.76 -40.45
C GLN J 124 23.00 -37.93 -39.27
N TYR J 125 23.49 -37.72 -38.05
CA TYR J 125 22.63 -37.83 -36.87
C TYR J 125 21.50 -36.79 -36.90
N ARG J 126 21.83 -35.57 -37.35
CA ARG J 126 20.80 -34.54 -37.45
C ARG J 126 19.71 -34.92 -38.44
N LEU J 127 20.10 -35.50 -39.58
CA LEU J 127 19.11 -35.98 -40.54
C LEU J 127 18.24 -37.08 -39.94
N THR J 128 18.86 -37.98 -39.18
CA THR J 128 18.09 -39.05 -38.54
C THR J 128 17.03 -38.48 -37.60
N LEU J 129 17.39 -37.44 -36.84
CA LEU J 129 16.38 -36.81 -35.97
C LEU J 129 15.31 -36.08 -36.78
N LYS J 130 15.72 -35.45 -37.89
CA LYS J 130 14.76 -34.74 -38.73
C LYS J 130 13.70 -35.69 -39.28
N SER J 131 14.07 -36.95 -39.53
CA SER J 131 13.08 -37.92 -39.99
C SER J 131 11.95 -38.10 -38.97
N ILE J 132 12.32 -38.25 -37.69
CA ILE J 132 11.33 -38.38 -36.63
C ILE J 132 10.46 -37.13 -36.54
N ARG J 133 11.09 -35.96 -36.64
CA ARG J 133 10.33 -34.72 -36.63
C ARG J 133 9.27 -34.72 -37.73
N ASP J 134 9.67 -35.10 -38.94
CA ASP J 134 8.76 -35.10 -40.08
C ASP J 134 7.60 -36.06 -39.87
N ILE J 135 7.89 -37.28 -39.38
CA ILE J 135 6.82 -38.27 -39.27
C ILE J 135 5.82 -37.86 -38.20
N GLU J 136 6.30 -37.30 -37.08
CA GLU J 136 5.34 -36.87 -36.05
C GLU J 136 4.51 -35.68 -36.52
N GLY J 137 5.14 -34.75 -37.25
CA GLY J 137 4.40 -33.64 -37.81
C GLY J 137 3.33 -34.09 -38.79
N SER J 138 3.61 -35.15 -39.56
CA SER J 138 2.59 -35.70 -40.44
C SER J 138 1.52 -36.45 -39.68
N VAL J 139 1.86 -37.02 -38.52
CA VAL J 139 0.89 -37.81 -37.75
C VAL J 139 -0.17 -36.92 -37.13
N GLN J 140 0.23 -35.74 -36.62
CA GLN J 140 -0.69 -34.91 -35.84
C GLN J 140 -2.05 -34.60 -36.48
N PRO J 141 -2.16 -34.29 -37.78
CA PRO J 141 -3.48 -33.86 -38.31
C PRO J 141 -4.59 -34.88 -38.15
N SER J 142 -4.29 -36.18 -38.09
CA SER J 142 -5.34 -37.18 -37.90
C SER J 142 -6.04 -36.98 -36.55
N ARG J 143 -5.26 -36.84 -35.49
CA ARG J 143 -5.85 -36.57 -34.18
C ARG J 143 -6.53 -35.21 -34.15
N ASP J 144 -6.00 -34.23 -34.90
CA ASP J 144 -6.69 -32.94 -34.99
C ASP J 144 -8.09 -33.09 -35.57
N ARG J 145 -8.20 -33.85 -36.67
CA ARG J 145 -9.49 -34.05 -37.31
C ARG J 145 -10.44 -34.84 -36.42
N LYS J 146 -9.92 -35.84 -35.71
CA LYS J 146 -10.77 -36.60 -34.79
C LYS J 146 -11.33 -35.72 -33.70
N ASP J 147 -10.49 -34.84 -33.13
CA ASP J 147 -10.97 -33.92 -32.10
C ASP J 147 -12.02 -32.97 -32.65
N LYS J 148 -11.81 -32.47 -33.87
CA LYS J 148 -12.80 -31.58 -34.49
C LYS J 148 -14.14 -32.29 -34.67
N ILE J 149 -14.11 -33.53 -35.15
CA ILE J 149 -15.35 -34.28 -35.35
C ILE J 149 -16.06 -34.52 -34.02
N THR J 150 -15.30 -34.86 -32.98
CA THR J 150 -15.91 -35.07 -31.67
C THR J 150 -16.57 -33.80 -31.15
N ASP J 151 -15.90 -32.66 -31.31
CA ASP J 151 -16.48 -31.39 -30.87
C ASP J 151 -17.75 -31.08 -31.65
N LYS J 152 -17.74 -31.31 -32.96
CA LYS J 152 -18.92 -31.06 -33.77
C LYS J 152 -20.09 -31.93 -33.33
N ILE J 153 -19.83 -33.21 -33.05
CA ILE J 153 -20.89 -34.10 -32.58
C ILE J 153 -21.44 -33.60 -31.24
N ALA J 154 -20.55 -33.22 -30.33
CA ALA J 154 -20.99 -32.76 -29.02
C ALA J 154 -21.83 -31.50 -29.11
N TYR J 155 -21.47 -30.57 -30.00
CA TYR J 155 -22.25 -29.35 -30.14
C TYR J 155 -23.60 -29.62 -30.79
N LEU J 156 -23.61 -30.43 -31.85
CA LEU J 156 -24.86 -30.67 -32.58
C LEU J 156 -25.84 -31.49 -31.75
N LYS J 157 -25.35 -32.36 -30.87
CA LYS J 157 -26.25 -33.07 -29.97
C LYS J 157 -26.95 -32.10 -29.02
N TYR J 158 -26.20 -31.12 -28.50
CA TYR J 158 -26.82 -30.13 -27.62
C TYR J 158 -27.81 -29.25 -28.37
N LYS J 159 -27.48 -28.85 -29.60
CA LYS J 159 -28.32 -27.90 -30.32
C LYS J 159 -29.72 -28.46 -30.52
N ASP J 160 -29.82 -29.67 -31.08
CA ASP J 160 -31.10 -30.35 -31.23
C ASP J 160 -30.89 -31.84 -31.45
N PRO J 161 -31.51 -32.70 -30.63
CA PRO J 161 -31.30 -34.14 -30.79
C PRO J 161 -32.04 -34.75 -31.97
N GLN J 162 -32.93 -34.00 -32.64
CA GLN J 162 -33.74 -34.55 -33.71
C GLN J 162 -33.09 -34.39 -35.08
N SER J 163 -31.88 -33.86 -35.16
CA SER J 163 -31.21 -33.70 -36.44
C SER J 163 -30.86 -35.07 -37.03
N PRO J 164 -30.98 -35.22 -38.35
CA PRO J 164 -30.61 -36.49 -38.99
C PRO J 164 -29.13 -36.66 -39.23
N LYS J 165 -28.29 -35.71 -38.79
CA LYS J 165 -26.85 -35.77 -39.01
C LYS J 165 -26.12 -36.51 -37.89
N ILE J 166 -26.84 -37.02 -36.89
CA ILE J 166 -26.19 -37.72 -35.79
C ILE J 166 -25.55 -39.02 -36.27
N GLU J 167 -26.27 -39.79 -37.09
CA GLU J 167 -25.78 -41.11 -37.49
C GLU J 167 -24.54 -41.00 -38.37
N VAL J 168 -24.58 -40.12 -39.37
CA VAL J 168 -23.44 -39.97 -40.27
C VAL J 168 -22.22 -39.46 -39.52
N LEU J 169 -22.43 -38.49 -38.62
CA LEU J 169 -21.32 -37.98 -37.84
C LEU J 169 -20.75 -39.04 -36.91
N GLU J 170 -21.60 -39.87 -36.31
CA GLU J 170 -21.12 -40.95 -35.47
C GLU J 170 -20.31 -41.96 -36.27
N GLN J 171 -20.77 -42.29 -37.48
CA GLN J 171 -20.02 -43.21 -38.33
C GLN J 171 -18.67 -42.62 -38.71
N GLU J 172 -18.64 -41.33 -39.03
CA GLU J 172 -17.37 -40.67 -39.33
C GLU J 172 -16.45 -40.68 -38.12
N LEU J 173 -17.00 -40.48 -36.93
CA LEU J 173 -16.20 -40.50 -35.71
C LEU J 173 -15.61 -41.88 -35.46
N VAL J 174 -16.40 -42.94 -35.65
CA VAL J 174 -15.87 -44.28 -35.43
C VAL J 174 -14.82 -44.63 -36.48
N ARG J 175 -15.00 -44.14 -37.71
CA ARG J 175 -13.99 -44.35 -38.75
C ARG J 175 -12.69 -43.64 -38.39
N ALA J 176 -12.78 -42.40 -37.92
CA ALA J 176 -11.59 -41.66 -37.51
C ALA J 176 -10.90 -42.31 -36.33
N GLU J 177 -11.69 -42.84 -35.38
CA GLU J 177 -11.09 -43.56 -34.25
C GLU J 177 -10.36 -44.80 -34.71
N ALA J 178 -10.96 -45.56 -35.65
CA ALA J 178 -10.29 -46.75 -36.16
C ALA J 178 -8.99 -46.38 -36.87
N GLU J 179 -8.98 -45.25 -37.59
CA GLU J 179 -7.76 -44.80 -38.24
C GLU J 179 -6.70 -44.40 -37.21
N SER J 180 -7.09 -43.62 -36.21
CA SER J 180 -6.13 -43.14 -35.21
C SER J 180 -5.58 -44.29 -34.37
N LEU J 181 -6.34 -45.38 -34.22
CA LEU J 181 -5.86 -46.51 -33.42
C LEU J 181 -4.58 -47.09 -34.03
N VAL J 182 -4.51 -47.16 -35.35
CA VAL J 182 -3.28 -47.62 -35.99
C VAL J 182 -2.28 -46.48 -36.21
N ALA J 183 -2.78 -45.24 -36.34
CA ALA J 183 -1.86 -44.11 -36.50
C ALA J 183 -0.96 -43.94 -35.29
N GLU J 184 -1.54 -44.04 -34.09
CA GLU J 184 -0.74 -43.89 -32.88
C GLU J 184 0.30 -44.99 -32.76
N ALA J 185 -0.08 -46.23 -33.08
CA ALA J 185 0.86 -47.35 -33.00
C ALA J 185 2.00 -47.17 -33.99
N GLN J 186 1.70 -46.78 -35.23
CA GLN J 186 2.75 -46.58 -36.21
C GLN J 186 3.61 -45.37 -35.90
N LEU J 187 3.07 -44.38 -35.17
CA LEU J 187 3.90 -43.28 -34.73
C LEU J 187 4.86 -43.71 -33.63
N SER J 188 4.36 -44.46 -32.64
CA SER J 188 5.18 -44.85 -31.50
C SER J 188 6.15 -45.98 -31.83
N ASN J 189 5.94 -46.71 -32.91
CA ASN J 189 6.80 -47.85 -33.21
C ASN J 189 8.22 -47.42 -33.55
N ILE J 190 8.39 -46.35 -34.32
CA ILE J 190 9.68 -46.04 -34.91
C ILE J 190 10.53 -45.06 -34.11
N THR J 191 9.92 -44.32 -33.18
CA THR J 191 10.66 -43.30 -32.44
C THR J 191 11.74 -43.93 -31.57
N ARG J 192 11.38 -44.95 -30.79
CA ARG J 192 12.33 -45.56 -29.87
C ARG J 192 13.44 -46.31 -30.60
N SER J 193 13.24 -46.61 -31.89
CA SER J 193 14.29 -47.26 -32.68
C SER J 193 15.21 -46.23 -33.32
N LYS J 194 14.64 -45.22 -33.97
CA LYS J 194 15.47 -44.22 -34.66
C LYS J 194 16.28 -43.40 -33.67
N LEU J 195 15.68 -43.03 -32.52
CA LEU J 195 16.43 -42.28 -31.53
C LEU J 195 17.61 -43.10 -31.01
N ARG J 196 17.38 -44.37 -30.70
CA ARG J 196 18.44 -45.24 -30.21
C ARG J 196 19.55 -45.38 -31.24
N ALA J 197 19.20 -45.60 -32.51
CA ALA J 197 20.22 -45.76 -33.54
C ALA J 197 21.04 -44.49 -33.71
N ALA J 198 20.36 -43.32 -33.75
CA ALA J 198 21.07 -42.07 -33.93
C ALA J 198 22.02 -41.80 -32.77
N PHE J 199 21.56 -42.03 -31.54
CA PHE J 199 22.41 -41.76 -30.39
C PHE J 199 23.57 -42.74 -30.30
N ASN J 200 23.35 -44.00 -30.67
CA ASN J 200 24.47 -44.95 -30.71
C ASN J 200 25.51 -44.52 -31.74
N TYR J 201 25.07 -44.08 -32.92
CA TYR J 201 25.99 -43.61 -33.93
C TYR J 201 26.79 -42.40 -33.44
N GLN J 202 26.09 -41.45 -32.80
CA GLN J 202 26.76 -40.25 -32.29
C GLN J 202 27.80 -40.61 -31.24
N PHE J 203 27.46 -41.50 -30.32
CA PHE J 203 28.40 -41.88 -29.26
C PHE J 203 29.60 -42.61 -29.83
N ASP J 204 29.39 -43.50 -30.81
CA ASP J 204 30.51 -44.18 -31.45
C ASP J 204 31.44 -43.17 -32.13
N SER J 205 30.87 -42.20 -32.84
CA SER J 205 31.68 -41.18 -33.49
C SER J 205 32.49 -40.39 -32.46
N ILE J 206 31.85 -40.01 -31.35
CA ILE J 206 32.55 -39.24 -30.31
C ILE J 206 33.70 -40.04 -29.75
N ILE J 207 33.47 -41.33 -29.46
CA ILE J 207 34.53 -42.17 -28.89
C ILE J 207 35.70 -42.27 -29.85
N GLU J 208 35.41 -42.52 -31.13
CA GLU J 208 36.48 -42.66 -32.12
C GLU J 208 37.29 -41.38 -32.23
N HIS J 209 36.60 -40.24 -32.34
CA HIS J 209 37.31 -38.97 -32.49
C HIS J 209 38.17 -38.66 -31.28
N SER J 210 37.62 -38.87 -30.07
CA SER J 210 38.38 -38.59 -28.86
C SER J 210 39.61 -39.48 -28.76
N GLU J 211 39.47 -40.77 -29.06
CA GLU J 211 40.62 -41.67 -28.96
C GLU J 211 41.70 -41.29 -29.98
N LYS J 212 41.29 -40.95 -31.20
CA LYS J 212 42.28 -40.54 -32.20
C LYS J 212 43.02 -39.26 -31.76
N ILE J 213 42.27 -38.29 -31.21
CA ILE J 213 42.90 -37.06 -30.75
C ILE J 213 43.89 -37.35 -29.62
N ALA J 214 43.49 -38.22 -28.68
CA ALA J 214 44.39 -38.55 -27.57
C ALA J 214 45.67 -39.22 -28.07
N LEU J 215 45.53 -40.15 -29.02
CA LEU J 215 46.72 -40.81 -29.56
C LEU J 215 47.64 -39.81 -30.26
N ILE J 216 47.06 -38.89 -31.04
CA ILE J 216 47.86 -37.89 -31.73
C ILE J 216 48.60 -37.02 -30.72
N ALA J 217 47.92 -36.60 -29.66
CA ALA J 217 48.56 -35.76 -28.65
C ALA J 217 49.68 -36.50 -27.94
N GLY J 218 49.46 -37.78 -27.61
CA GLY J 218 50.52 -38.55 -26.98
C GLY J 218 51.75 -38.68 -27.84
N TYR J 219 51.56 -38.96 -29.14
CA TYR J 219 52.72 -39.06 -30.01
C TYR J 219 53.38 -37.69 -30.23
N GLY J 220 52.59 -36.62 -30.20
CA GLY J 220 53.19 -35.29 -30.26
C GLY J 220 54.07 -35.00 -29.07
N LYS J 221 53.62 -35.37 -27.87
CA LYS J 221 54.46 -35.23 -26.68
C LYS J 221 55.72 -36.08 -26.81
N ALA J 222 55.59 -37.30 -27.33
CA ALA J 222 56.75 -38.15 -27.51
C ALA J 222 57.76 -37.50 -28.45
N LEU J 223 57.29 -36.89 -29.53
CA LEU J 223 58.19 -36.21 -30.46
C LEU J 223 58.84 -35.00 -29.79
N LEU J 224 58.05 -34.20 -29.07
CA LEU J 224 58.58 -33.01 -28.42
C LEU J 224 59.58 -33.34 -27.33
N GLU J 225 59.53 -34.54 -26.77
CA GLU J 225 60.49 -34.92 -25.73
C GLU J 225 61.92 -34.90 -26.26
N LEU J 226 62.08 -34.95 -27.58
CA LEU J 226 63.40 -34.98 -28.20
C LEU J 226 64.07 -33.61 -28.22
N LEU J 227 63.31 -32.53 -28.08
CA LEU J 227 63.84 -31.17 -28.17
C LEU J 227 64.67 -30.92 -26.91
N ASP J 228 66.00 -30.98 -27.08
CA ASP J 228 66.90 -30.77 -25.95
C ASP J 228 67.09 -29.28 -25.71
N ASP J 229 67.12 -28.90 -24.43
CA ASP J 229 67.37 -27.52 -24.02
C ASP J 229 68.40 -27.49 -22.91
N SER J 230 69.30 -26.51 -22.96
CA SER J 230 70.28 -26.28 -21.91
C SER J 230 70.69 -24.82 -21.97
N PRO J 231 70.92 -24.18 -20.82
CA PRO J 231 71.35 -22.77 -20.83
C PRO J 231 72.72 -22.63 -21.48
N VAL J 232 72.89 -21.55 -22.23
CA VAL J 232 74.13 -21.27 -22.96
C VAL J 232 74.70 -19.96 -22.45
N THR J 233 76.00 -19.95 -22.17
CA THR J 233 76.68 -18.75 -21.74
C THR J 233 77.01 -17.86 -22.93
N PRO J 234 77.14 -16.56 -22.72
CA PRO J 234 77.48 -15.66 -23.84
C PRO J 234 78.80 -16.04 -24.48
N GLY J 235 78.84 -15.95 -25.81
CA GLY J 235 80.02 -16.30 -26.57
C GLY J 235 80.15 -17.76 -26.94
N GLU J 236 79.34 -18.63 -26.34
CA GLU J 236 79.42 -20.05 -26.64
C GLU J 236 78.60 -20.39 -27.89
N THR J 237 78.95 -21.51 -28.51
CA THR J 237 78.24 -22.01 -29.69
C THR J 237 77.64 -23.36 -29.36
N ARG J 238 76.35 -23.51 -29.61
CA ARG J 238 75.68 -24.77 -29.34
C ARG J 238 76.17 -25.84 -30.32
N PRO J 239 76.26 -27.10 -29.89
CA PRO J 239 76.67 -28.16 -30.81
C PRO J 239 75.65 -28.35 -31.93
N ALA J 240 76.14 -28.77 -33.09
CA ALA J 240 75.27 -28.99 -34.23
C ALA J 240 74.22 -30.05 -33.91
N TYR J 241 72.97 -29.74 -34.21
CA TYR J 241 71.87 -30.64 -33.89
C TYR J 241 71.71 -31.67 -35.01
N ASP J 242 71.71 -32.95 -34.63
CA ASP J 242 71.54 -34.06 -35.56
C ASP J 242 70.45 -34.99 -35.01
N GLY J 243 69.20 -34.71 -35.35
CA GLY J 243 68.08 -35.52 -34.92
C GLY J 243 67.03 -35.64 -36.00
N TYR J 244 67.44 -35.48 -37.26
CA TYR J 244 66.49 -35.49 -38.36
C TYR J 244 65.81 -36.84 -38.51
N GLU J 245 66.55 -37.93 -38.34
CA GLU J 245 66.03 -39.27 -38.59
C GLU J 245 64.95 -39.67 -37.58
N ALA J 246 65.18 -39.35 -36.31
CA ALA J 246 64.28 -39.77 -35.24
C ALA J 246 62.88 -39.19 -35.41
N SER J 247 62.80 -37.92 -35.80
CA SER J 247 61.50 -37.28 -35.99
C SER J 247 60.73 -37.94 -37.14
N LYS J 248 61.43 -38.31 -38.21
CA LYS J 248 60.78 -39.00 -39.32
C LYS J 248 60.20 -40.33 -38.88
N GLN J 249 60.97 -41.09 -38.09
CA GLN J 249 60.45 -42.35 -37.57
C GLN J 249 59.26 -42.12 -36.66
N ILE J 250 59.30 -41.06 -35.84
CA ILE J 250 58.20 -40.77 -34.93
C ILE J 250 56.92 -40.48 -35.71
N ILE J 251 57.01 -39.63 -36.74
CA ILE J 251 55.80 -39.28 -37.48
C ILE J 251 55.32 -40.47 -38.33
N ILE J 252 56.25 -41.30 -38.82
CA ILE J 252 55.84 -42.52 -39.52
C ILE J 252 55.08 -43.45 -38.58
N ASP J 253 55.58 -43.60 -37.36
CA ASP J 253 54.87 -44.42 -36.37
C ASP J 253 53.50 -43.83 -36.05
N ALA J 254 53.41 -42.49 -35.99
CA ALA J 254 52.12 -41.86 -35.76
C ALA J 254 51.14 -42.17 -36.88
N GLU J 255 51.61 -42.09 -38.13
CA GLU J 255 50.75 -42.42 -39.27
C GLU J 255 50.32 -43.89 -39.21
N SER J 256 51.24 -44.78 -38.89
CA SER J 256 50.90 -46.21 -38.83
C SER J 256 49.87 -46.47 -37.73
N ALA J 257 50.06 -45.87 -36.56
CA ALA J 257 49.11 -46.07 -35.46
C ALA J 257 47.75 -45.49 -35.79
N LEU J 258 47.71 -44.31 -36.43
CA LEU J 258 46.43 -43.72 -36.80
C LEU J 258 45.70 -44.57 -37.83
N ASN J 259 46.43 -45.10 -38.81
CA ASN J 259 45.79 -45.90 -39.85
C ASN J 259 45.33 -47.25 -39.31
N GLU J 260 46.13 -47.86 -38.44
CA GLU J 260 45.83 -49.21 -37.96
C GLU J 260 44.66 -49.25 -36.98
N TRP J 261 44.40 -48.16 -36.27
CA TRP J 261 43.39 -48.16 -35.22
C TRP J 261 42.00 -48.48 -35.78
N THR J 262 41.28 -49.36 -35.08
CA THR J 262 39.92 -49.72 -35.42
C THR J 262 39.02 -49.49 -34.20
N LEU J 263 37.72 -49.47 -34.45
CA LEU J 263 36.76 -49.28 -33.36
C LEU J 263 36.82 -50.45 -32.37
N ASP J 264 36.94 -51.67 -32.88
CA ASP J 264 37.01 -52.85 -32.01
C ASP J 264 38.28 -52.88 -31.18
N SER J 265 39.31 -52.15 -31.59
CA SER J 265 40.58 -52.11 -30.87
C SER J 265 40.69 -50.84 -30.01
N ALA J 266 39.58 -50.40 -29.43
CA ALA J 266 39.58 -49.20 -28.62
C ALA J 266 40.43 -49.40 -27.37
N GLN J 267 41.31 -48.44 -27.09
CA GLN J 267 42.19 -48.55 -25.92
C GLN J 267 41.43 -48.27 -24.63
N VAL J 268 40.49 -47.33 -24.64
CA VAL J 268 39.74 -46.98 -23.45
C VAL J 268 38.69 -48.04 -23.18
N LYS J 269 38.70 -48.58 -21.97
CA LYS J 269 37.73 -49.59 -21.54
C LYS J 269 36.93 -49.06 -20.36
N PRO J 270 35.74 -48.51 -20.58
CA PRO J 270 34.94 -48.00 -19.47
C PRO J 270 34.58 -49.11 -18.49
N THR J 271 34.57 -48.75 -17.21
CA THR J 271 34.25 -49.71 -16.16
C THR J 271 32.74 -49.85 -15.96
N MET K 1 -78.43 -31.89 -38.02
CA MET K 1 -77.10 -31.58 -38.52
C MET K 1 -77.09 -31.47 -40.05
N HIS K 2 -77.67 -30.38 -40.57
CA HIS K 2 -77.69 -30.17 -42.01
C HIS K 2 -76.29 -29.88 -42.54
N ARG K 3 -75.53 -29.08 -41.81
CA ARG K 3 -74.19 -28.70 -42.25
C ARG K 3 -73.26 -29.90 -42.32
N THR K 4 -73.33 -30.79 -41.33
CA THR K 4 -72.38 -31.88 -41.25
C THR K 4 -72.56 -32.88 -42.40
N TYR K 5 -73.78 -33.34 -42.62
CA TYR K 5 -74.03 -34.48 -43.50
C TYR K 5 -74.25 -34.07 -44.95
N SER K 6 -74.14 -32.78 -45.27
CA SER K 6 -74.30 -32.32 -46.65
C SER K 6 -73.51 -31.05 -46.84
N LEU K 7 -72.88 -30.91 -48.02
CA LEU K 7 -72.13 -29.70 -48.32
C LEU K 7 -73.04 -28.49 -48.47
N ARG K 8 -74.33 -28.69 -48.65
CA ARG K 8 -75.27 -27.58 -48.77
C ARG K 8 -75.39 -26.85 -47.45
N ASN K 9 -75.60 -25.53 -47.53
CA ASN K 9 -75.83 -24.70 -46.37
C ASN K 9 -77.31 -24.48 -46.09
N SER K 10 -78.19 -25.11 -46.87
CA SER K 10 -79.63 -24.96 -46.70
C SER K 10 -80.12 -25.94 -45.65
N ARG K 11 -81.44 -26.09 -45.53
CA ARG K 11 -82.07 -26.96 -44.55
C ARG K 11 -82.70 -28.16 -45.24
N ALA K 12 -82.35 -29.36 -44.80
CA ALA K 12 -82.93 -30.55 -45.37
C ALA K 12 -84.39 -30.71 -44.93
N PRO K 13 -85.23 -31.29 -45.77
CA PRO K 13 -86.63 -31.49 -45.37
C PRO K 13 -86.75 -32.42 -44.17
N THR K 14 -87.74 -32.14 -43.33
CA THR K 14 -88.01 -32.93 -42.13
C THR K 14 -89.52 -33.05 -41.97
N ALA K 15 -89.94 -33.66 -40.86
CA ALA K 15 -91.36 -33.83 -40.61
C ALA K 15 -92.07 -32.48 -40.47
N SER K 16 -91.46 -31.57 -39.70
CA SER K 16 -92.05 -30.24 -39.55
C SER K 16 -92.05 -29.48 -40.88
N GLN K 17 -90.96 -29.61 -41.65
CA GLN K 17 -90.91 -28.96 -42.96
C GLN K 17 -91.96 -29.52 -43.90
N LEU K 18 -92.15 -30.84 -43.89
CA LEU K 18 -93.17 -31.45 -44.73
C LEU K 18 -94.56 -31.02 -44.32
N GLN K 19 -94.83 -30.96 -43.01
CA GLN K 19 -96.15 -30.53 -42.54
C GLN K 19 -96.40 -29.07 -42.87
N ASN K 20 -95.40 -28.20 -42.69
CA ASN K 20 -95.55 -26.78 -42.97
C ASN K 20 -94.27 -26.29 -43.63
N PRO K 21 -94.37 -25.63 -44.79
CA PRO K 21 -93.17 -25.12 -45.47
C PRO K 21 -92.44 -24.11 -44.59
N PRO K 22 -91.12 -24.10 -44.63
CA PRO K 22 -90.36 -23.15 -43.82
C PRO K 22 -90.64 -21.72 -44.21
N PRO K 23 -90.69 -20.81 -43.24
CA PRO K 23 -90.93 -19.40 -43.57
C PRO K 23 -89.72 -18.79 -44.24
N PRO K 24 -89.91 -17.70 -45.01
CA PRO K 24 -88.77 -17.05 -45.63
C PRO K 24 -87.86 -16.43 -44.58
N PRO K 25 -86.57 -16.27 -44.88
CA PRO K 25 -85.65 -15.69 -43.90
C PRO K 25 -86.03 -14.26 -43.55
N SER K 26 -85.70 -13.87 -42.31
CA SER K 26 -86.05 -12.55 -41.82
C SER K 26 -85.40 -11.46 -42.67
N THR K 27 -86.19 -10.45 -43.03
CA THR K 27 -85.70 -9.37 -43.88
C THR K 27 -84.78 -8.39 -43.14
N THR K 28 -84.91 -8.29 -41.82
CA THR K 28 -84.10 -7.35 -41.03
C THR K 28 -82.83 -8.00 -40.52
N LYS K 29 -82.07 -8.61 -41.42
CA LYS K 29 -80.78 -9.21 -41.13
C LYS K 29 -79.74 -8.51 -42.00
N GLY K 30 -79.20 -7.40 -41.49
CA GLY K 30 -78.26 -6.63 -42.26
C GLY K 30 -76.90 -7.29 -42.37
N ARG K 31 -76.13 -6.84 -43.37
CA ARG K 31 -74.79 -7.38 -43.57
C ARG K 31 -73.86 -6.97 -42.46
N PHE K 32 -73.97 -5.73 -41.97
CA PHE K 32 -73.10 -5.25 -40.91
C PHE K 32 -73.46 -5.93 -39.59
N PHE K 33 -72.44 -6.41 -38.88
CA PHE K 33 -72.68 -7.12 -37.62
C PHE K 33 -73.24 -6.19 -36.56
N GLY K 34 -72.60 -5.04 -36.35
CA GLY K 34 -73.03 -4.13 -35.30
C GLY K 34 -73.03 -4.73 -33.92
N LYS K 35 -71.97 -5.49 -33.59
CA LYS K 35 -71.92 -6.23 -32.33
C LYS K 35 -71.41 -5.32 -31.20
N GLY K 36 -72.21 -4.30 -30.92
CA GLY K 36 -71.89 -3.37 -29.84
C GLY K 36 -70.58 -2.64 -30.01
N GLY K 37 -70.28 -2.20 -31.23
CA GLY K 37 -69.03 -1.51 -31.46
C GLY K 37 -67.83 -2.45 -31.37
N LEU K 38 -66.68 -1.86 -31.06
CA LEU K 38 -65.43 -2.61 -30.93
C LEU K 38 -65.14 -3.07 -29.51
N ALA K 39 -66.03 -2.78 -28.57
CA ALA K 39 -65.80 -3.20 -27.18
C ALA K 39 -65.78 -4.72 -27.05
N TYR K 40 -66.70 -5.40 -27.74
CA TYR K 40 -66.70 -6.87 -27.71
C TYR K 40 -65.41 -7.43 -28.29
N SER K 41 -64.96 -6.90 -29.42
CA SER K 41 -63.74 -7.39 -30.04
C SER K 41 -62.53 -7.13 -29.16
N PHE K 42 -62.48 -5.96 -28.50
CA PHE K 42 -61.36 -5.66 -27.62
C PHE K 42 -61.35 -6.58 -26.42
N ARG K 43 -62.50 -6.79 -25.79
CA ARG K 43 -62.59 -7.73 -24.66
C ARG K 43 -62.21 -9.14 -25.09
N ARG K 44 -62.52 -9.48 -26.34
CA ARG K 44 -62.23 -10.81 -26.85
C ARG K 44 -60.74 -11.01 -27.13
N SER K 45 -60.08 -9.98 -27.67
CA SER K 45 -58.70 -10.11 -28.11
C SER K 45 -57.69 -9.84 -27.01
N ALA K 46 -57.94 -8.84 -26.15
CA ALA K 46 -56.96 -8.49 -25.13
C ALA K 46 -56.78 -9.61 -24.11
N ALA K 47 -57.83 -10.39 -23.84
CA ALA K 47 -57.76 -11.42 -22.83
C ALA K 47 -56.92 -12.62 -23.27
N GLY K 48 -56.77 -12.84 -24.57
CA GLY K 48 -56.07 -14.01 -25.08
C GLY K 48 -54.59 -13.85 -25.31
N ALA K 49 -53.99 -12.70 -24.96
CA ALA K 49 -52.58 -12.50 -25.20
C ALA K 49 -51.88 -11.77 -24.04
N PHE K 50 -52.35 -11.95 -22.81
CA PHE K 50 -51.77 -11.25 -21.66
C PHE K 50 -51.22 -12.19 -20.62
N GLY K 51 -51.98 -13.21 -20.22
CA GLY K 51 -51.58 -14.09 -19.14
C GLY K 51 -50.73 -15.26 -19.60
N PRO K 52 -50.65 -16.29 -18.76
CA PRO K 52 -49.86 -17.48 -19.12
C PRO K 52 -50.45 -18.20 -20.32
N GLU K 53 -49.58 -18.90 -21.04
CA GLU K 53 -49.99 -19.55 -22.29
C GLU K 53 -50.96 -20.69 -22.02
N LEU K 54 -50.83 -21.38 -20.89
CA LEU K 54 -51.66 -22.54 -20.62
C LEU K 54 -53.13 -22.17 -20.48
N SER K 55 -53.42 -21.06 -19.80
CA SER K 55 -54.79 -20.65 -19.51
C SER K 55 -55.27 -19.52 -20.41
N ARG K 56 -54.77 -19.46 -21.64
CA ARG K 56 -55.19 -18.40 -22.55
C ARG K 56 -56.57 -18.65 -23.15
N LYS K 57 -56.91 -19.90 -23.44
CA LYS K 57 -58.17 -20.18 -24.12
C LYS K 57 -59.36 -20.04 -23.18
N LEU K 58 -59.22 -20.51 -21.93
CA LEU K 58 -60.33 -20.48 -21.01
C LEU K 58 -60.74 -19.04 -20.66
N SER K 59 -59.78 -18.12 -20.64
CA SER K 59 -60.12 -16.71 -20.43
C SER K 59 -60.99 -16.18 -21.56
N GLN K 60 -60.64 -16.53 -22.81
CA GLN K 60 -61.46 -16.14 -23.94
C GLN K 60 -62.86 -16.75 -23.85
N LEU K 61 -62.94 -18.01 -23.46
CA LEU K 61 -64.24 -18.66 -23.30
C LEU K 61 -65.07 -17.96 -22.22
N VAL K 62 -64.43 -17.57 -21.11
CA VAL K 62 -65.13 -16.87 -20.04
C VAL K 62 -65.65 -15.53 -20.54
N LYS K 63 -64.83 -14.79 -21.29
CA LYS K 63 -65.28 -13.51 -21.82
C LYS K 63 -66.45 -13.69 -22.78
N ILE K 64 -66.40 -14.71 -23.64
CA ILE K 64 -67.47 -14.93 -24.59
C ILE K 64 -68.75 -15.33 -23.86
N GLU K 65 -68.62 -16.14 -22.81
CA GLU K 65 -69.77 -16.49 -21.98
C GLU K 65 -70.37 -15.25 -21.32
N LYS K 66 -69.51 -14.32 -20.88
CA LYS K 66 -69.99 -13.08 -20.31
C LYS K 66 -70.79 -12.28 -21.32
N ASN K 67 -70.30 -12.21 -22.56
CA ASN K 67 -71.05 -11.50 -23.60
C ASN K 67 -72.40 -12.18 -23.86
N VAL K 68 -72.41 -13.51 -23.92
CA VAL K 68 -73.65 -14.26 -24.11
C VAL K 68 -74.64 -13.96 -23.00
N LEU K 69 -74.19 -13.97 -21.75
CA LEU K 69 -75.08 -13.68 -20.62
C LEU K 69 -75.56 -12.23 -20.65
N ARG K 70 -74.70 -11.31 -21.11
CA ARG K 70 -75.07 -9.91 -21.16
C ARG K 70 -76.19 -9.66 -22.17
N SER K 71 -76.14 -10.36 -23.32
CA SER K 71 -77.13 -10.13 -24.37
C SER K 71 -78.55 -10.48 -23.90
N MET K 72 -78.69 -11.58 -23.15
CA MET K 72 -80.02 -12.04 -22.76
C MET K 72 -80.72 -11.06 -21.84
N GLU K 73 -79.96 -10.31 -21.03
CA GLU K 73 -80.57 -9.30 -20.16
C GLU K 73 -81.27 -8.22 -20.98
N LEU K 74 -80.58 -7.73 -22.02
CA LEU K 74 -81.19 -6.75 -22.91
C LEU K 74 -82.39 -7.33 -23.63
N THR K 75 -82.29 -8.58 -24.06
CA THR K 75 -83.43 -9.22 -24.73
C THR K 75 -84.64 -9.28 -23.80
N ALA K 76 -84.43 -9.69 -22.55
CA ALA K 76 -85.53 -9.81 -21.60
C ALA K 76 -86.14 -8.44 -21.28
N ASN K 77 -85.30 -7.42 -21.11
CA ASN K 77 -85.82 -6.08 -20.85
C ASN K 77 -86.67 -5.59 -22.00
N GLU K 78 -86.19 -5.79 -23.23
CA GLU K 78 -86.96 -5.34 -24.39
C GLU K 78 -88.28 -6.10 -24.50
N ARG K 79 -88.28 -7.41 -24.23
CA ARG K 79 -89.53 -8.16 -24.29
C ARG K 79 -90.52 -7.71 -23.23
N ARG K 80 -90.04 -7.45 -22.01
CA ARG K 80 -90.93 -6.96 -20.96
C ARG K 80 -91.54 -5.61 -21.34
N ASP K 81 -90.73 -4.72 -21.89
CA ASP K 81 -91.25 -3.39 -22.24
C ASP K 81 -92.20 -3.50 -23.42
N ALA K 82 -91.97 -4.45 -24.33
CA ALA K 82 -92.92 -4.72 -25.40
C ALA K 82 -94.26 -5.17 -24.85
N ALA K 83 -94.24 -6.05 -23.85
CA ALA K 83 -95.49 -6.47 -23.22
C ALA K 83 -96.20 -5.28 -22.58
N LYS K 84 -95.45 -4.42 -21.90
CA LYS K 84 -96.05 -3.22 -21.30
C LYS K 84 -96.69 -2.33 -22.36
N GLN K 85 -96.00 -2.14 -23.49
CA GLN K 85 -96.54 -1.30 -24.56
C GLN K 85 -97.80 -1.91 -25.16
N LEU K 86 -97.83 -3.23 -25.35
CA LEU K 86 -99.02 -3.88 -25.87
C LEU K 86 -100.19 -3.70 -24.90
N SER K 87 -99.93 -3.86 -23.60
CA SER K 87 -100.98 -3.67 -22.61
C SER K 87 -101.49 -2.24 -22.63
N ILE K 88 -100.60 -1.27 -22.79
CA ILE K 88 -101.01 0.14 -22.87
C ILE K 88 -101.88 0.37 -24.10
N TRP K 89 -101.47 -0.17 -25.25
CA TRP K 89 -102.21 0.01 -26.50
C TRP K 89 -103.58 -0.64 -26.48
N GLY K 90 -103.72 -1.78 -25.81
CA GLY K 90 -104.99 -2.48 -25.83
C GLY K 90 -106.14 -1.80 -25.10
N LEU K 91 -105.87 -0.69 -24.40
CA LEU K 91 -106.90 -0.08 -23.58
C LEU K 91 -108.02 0.53 -24.42
N GLU K 92 -107.67 1.25 -25.49
CA GLU K 92 -108.64 2.03 -26.25
C GLU K 92 -109.24 1.21 -27.38
N ASN K 93 -109.93 0.13 -26.98
CA ASN K 93 -110.60 -0.75 -27.92
C ASN K 93 -111.84 -1.32 -27.25
N ASP K 94 -112.39 -2.38 -27.84
CA ASP K 94 -113.61 -2.99 -27.31
C ASP K 94 -113.32 -3.64 -25.95
N ASP K 95 -114.40 -3.96 -25.23
CA ASP K 95 -114.26 -4.50 -23.89
C ASP K 95 -113.50 -5.81 -23.87
N ASP K 96 -113.84 -6.74 -24.78
CA ASP K 96 -113.16 -8.03 -24.81
C ASP K 96 -111.69 -7.88 -25.19
N VAL K 97 -111.40 -7.02 -26.17
CA VAL K 97 -110.02 -6.77 -26.57
C VAL K 97 -109.22 -6.05 -25.49
N SER K 98 -109.84 -5.12 -24.77
CA SER K 98 -109.17 -4.39 -23.70
C SER K 98 -108.85 -5.28 -22.49
N ASP K 99 -109.38 -6.50 -22.45
CA ASP K 99 -109.11 -7.44 -21.38
C ASP K 99 -108.20 -8.56 -21.84
N ILE K 100 -108.42 -9.11 -23.02
CA ILE K 100 -107.57 -10.18 -23.54
C ILE K 100 -106.14 -9.66 -23.74
N THR K 101 -106.01 -8.44 -24.26
CA THR K 101 -104.69 -7.86 -24.45
C THR K 101 -103.95 -7.68 -23.13
N ASP K 102 -104.66 -7.19 -22.10
CA ASP K 102 -104.03 -7.02 -20.79
C ASP K 102 -103.60 -8.36 -20.21
N LYS K 103 -104.46 -9.38 -20.33
CA LYS K 103 -104.11 -10.70 -19.79
C LYS K 103 -102.90 -11.28 -20.53
N LEU K 104 -102.86 -11.12 -21.86
CA LEU K 104 -101.71 -11.60 -22.61
C LEU K 104 -100.44 -10.86 -22.23
N GLY K 105 -100.51 -9.54 -22.01
CA GLY K 105 -99.35 -8.82 -21.53
C GLY K 105 -98.87 -9.32 -20.19
N VAL K 106 -99.81 -9.57 -19.28
CA VAL K 106 -99.46 -10.10 -17.96
C VAL K 106 -98.77 -11.45 -18.10
N LEU K 107 -99.29 -12.32 -18.96
CA LEU K 107 -98.68 -13.63 -19.15
C LEU K 107 -97.29 -13.52 -19.77
N ILE K 108 -97.12 -12.61 -20.72
CA ILE K 108 -95.85 -12.45 -21.43
C ILE K 108 -94.81 -11.89 -20.47
N TYR K 109 -95.26 -11.12 -19.47
CA TYR K 109 -94.37 -10.45 -18.55
C TYR K 109 -93.43 -11.37 -17.77
N GLU K 110 -93.76 -12.66 -17.66
CA GLU K 110 -92.97 -13.56 -16.83
C GLU K 110 -91.76 -14.15 -17.55
N VAL K 111 -91.64 -13.95 -18.86
CA VAL K 111 -90.48 -14.47 -19.58
C VAL K 111 -89.21 -13.80 -19.08
N SER K 112 -89.25 -12.48 -18.84
CA SER K 112 -88.10 -11.79 -18.29
C SER K 112 -87.77 -12.28 -16.89
N GLU K 113 -88.81 -12.55 -16.08
CA GLU K 113 -88.58 -13.08 -14.74
C GLU K 113 -87.85 -14.42 -14.78
N LEU K 114 -88.26 -15.30 -15.70
CA LEU K 114 -87.54 -16.56 -15.87
C LEU K 114 -86.12 -16.34 -16.37
N ASP K 115 -85.95 -15.41 -17.31
CA ASP K 115 -84.63 -15.15 -17.88
C ASP K 115 -83.66 -14.61 -16.85
N ASP K 116 -84.15 -13.87 -15.85
CA ASP K 116 -83.26 -13.37 -14.80
C ASP K 116 -82.63 -14.51 -14.02
N GLN K 117 -83.44 -15.48 -13.60
CA GLN K 117 -82.91 -16.64 -12.88
C GLN K 117 -81.99 -17.47 -13.78
N PHE K 118 -82.35 -17.60 -15.06
CA PHE K 118 -81.48 -18.29 -16.00
C PHE K 118 -80.12 -17.61 -16.10
N ILE K 119 -80.11 -16.27 -16.13
CA ILE K 119 -78.88 -15.51 -16.20
C ILE K 119 -78.05 -15.72 -14.93
N ASP K 120 -78.71 -15.75 -13.77
CA ASP K 120 -77.98 -15.99 -12.52
C ASP K 120 -77.30 -17.35 -12.53
N ARG K 121 -78.02 -18.39 -12.97
CA ARG K 121 -77.41 -19.71 -13.04
C ARG K 121 -76.28 -19.76 -14.07
N TYR K 122 -76.44 -19.02 -15.18
CA TYR K 122 -75.37 -18.93 -16.17
C TYR K 122 -74.12 -18.31 -15.56
N ASP K 123 -74.29 -17.26 -14.76
CA ASP K 123 -73.15 -16.64 -14.11
C ASP K 123 -72.46 -17.60 -13.13
N GLN K 124 -73.26 -18.39 -12.41
CA GLN K 124 -72.68 -19.39 -11.53
C GLN K 124 -71.83 -20.38 -12.32
N TYR K 125 -72.34 -20.86 -13.45
CA TYR K 125 -71.57 -21.78 -14.28
C TYR K 125 -70.29 -21.13 -14.81
N ARG K 126 -70.37 -19.86 -15.19
CA ARG K 126 -69.19 -19.15 -15.66
C ARG K 126 -68.12 -19.06 -14.57
N LEU K 127 -68.55 -18.78 -13.33
CA LEU K 127 -67.59 -18.75 -12.22
C LEU K 127 -66.95 -20.12 -12.01
N THR K 128 -67.76 -21.18 -12.12
CA THR K 128 -67.23 -22.52 -11.96
C THR K 128 -66.14 -22.81 -12.99
N LEU K 129 -66.34 -22.37 -14.23
CA LEU K 129 -65.30 -22.56 -15.25
C LEU K 129 -64.07 -21.68 -14.97
N LYS K 130 -64.31 -20.46 -14.48
CA LYS K 130 -63.20 -19.57 -14.16
C LYS K 130 -62.29 -20.17 -13.10
N SER K 131 -62.84 -20.96 -12.18
CA SER K 131 -62.01 -21.62 -11.18
C SER K 131 -61.00 -22.55 -11.83
N ILE K 132 -61.45 -23.35 -12.80
CA ILE K 132 -60.55 -24.26 -13.51
C ILE K 132 -59.49 -23.47 -14.26
N ARG K 133 -59.91 -22.38 -14.91
CA ARG K 133 -58.95 -21.53 -15.62
C ARG K 133 -57.85 -21.06 -14.66
N ASP K 134 -58.25 -20.58 -13.49
CA ASP K 134 -57.28 -20.06 -12.52
C ASP K 134 -56.32 -21.14 -12.06
N ILE K 135 -56.84 -22.33 -11.74
CA ILE K 135 -55.95 -23.35 -11.18
C ILE K 135 -54.96 -23.84 -12.24
N GLU K 136 -55.39 -23.98 -13.50
CA GLU K 136 -54.44 -24.41 -14.53
C GLU K 136 -53.39 -23.33 -14.80
N GLY K 137 -53.82 -22.06 -14.80
CA GLY K 137 -52.87 -20.98 -14.96
C GLY K 137 -51.84 -20.93 -13.84
N SER K 138 -52.25 -21.27 -12.62
CA SER K 138 -51.30 -21.35 -11.52
C SER K 138 -50.40 -22.57 -11.64
N VAL K 139 -50.91 -23.65 -12.25
CA VAL K 139 -50.12 -24.89 -12.34
C VAL K 139 -48.96 -24.73 -13.32
N GLN K 140 -49.18 -24.04 -14.43
CA GLN K 140 -48.18 -23.99 -15.50
C GLN K 140 -46.75 -23.60 -15.09
N PRO K 141 -46.52 -22.60 -14.23
CA PRO K 141 -45.13 -22.18 -13.97
C PRO K 141 -44.22 -23.26 -13.43
N SER K 142 -44.73 -24.27 -12.74
CA SER K 142 -43.88 -25.34 -12.25
C SER K 142 -43.23 -26.10 -13.41
N ARG K 143 -44.03 -26.49 -14.39
CA ARG K 143 -43.47 -27.15 -15.57
C ARG K 143 -42.57 -26.19 -16.35
N ASP K 144 -42.90 -24.90 -16.36
CA ASP K 144 -41.99 -23.95 -17.02
C ASP K 144 -40.61 -23.96 -16.37
N ARG K 145 -40.57 -23.92 -15.04
CA ARG K 145 -39.29 -23.92 -14.32
C ARG K 145 -38.54 -25.23 -14.54
N LYS K 146 -39.26 -26.35 -14.53
CA LYS K 146 -38.60 -27.64 -14.77
C LYS K 146 -37.95 -27.67 -16.15
N ASP K 147 -38.67 -27.18 -17.17
CA ASP K 147 -38.10 -27.14 -18.51
C ASP K 147 -36.87 -26.24 -18.57
N LYS K 148 -36.93 -25.09 -17.89
CA LYS K 148 -35.78 -24.19 -17.87
C LYS K 148 -34.57 -24.86 -17.22
N ILE K 149 -34.78 -25.56 -16.10
CA ILE K 149 -33.67 -26.24 -15.43
C ILE K 149 -33.08 -27.32 -16.32
N THR K 150 -33.94 -28.09 -17.00
CA THR K 150 -33.45 -29.14 -17.90
C THR K 150 -32.61 -28.54 -19.03
N ASP K 151 -33.07 -27.44 -19.61
CA ASP K 151 -32.31 -26.79 -20.68
C ASP K 151 -30.97 -26.29 -20.17
N LYS K 152 -30.95 -25.70 -18.96
CA LYS K 152 -29.70 -25.23 -18.41
C LYS K 152 -28.71 -26.37 -18.19
N ILE K 153 -29.20 -27.50 -17.66
CA ILE K 153 -28.34 -28.65 -17.46
C ILE K 153 -27.78 -29.14 -18.79
N ALA K 154 -28.64 -29.24 -19.80
CA ALA K 154 -28.20 -29.72 -21.11
C ALA K 154 -27.15 -28.81 -21.73
N TYR K 155 -27.31 -27.50 -21.59
CA TYR K 155 -26.33 -26.58 -22.16
C TYR K 155 -25.01 -26.63 -21.38
N LEU K 156 -25.08 -26.65 -20.05
CA LEU K 156 -23.86 -26.62 -19.25
C LEU K 156 -23.07 -27.91 -19.39
N LYS K 157 -23.75 -29.04 -19.61
CA LYS K 157 -23.03 -30.29 -19.86
C LYS K 157 -22.23 -30.20 -21.16
N TYR K 158 -22.82 -29.60 -22.20
CA TYR K 158 -22.10 -29.45 -23.46
C TYR K 158 -20.94 -28.47 -23.32
N LYS K 159 -21.14 -27.37 -22.59
CA LYS K 159 -20.10 -26.35 -22.51
C LYS K 159 -18.80 -26.90 -21.93
N ASP K 160 -18.88 -27.54 -20.77
CA ASP K 160 -17.72 -28.20 -20.17
C ASP K 160 -18.17 -29.21 -19.13
N PRO K 161 -17.76 -30.48 -19.24
CA PRO K 161 -18.19 -31.49 -18.27
C PRO K 161 -17.51 -31.40 -16.92
N GLN K 162 -16.48 -30.56 -16.79
CA GLN K 162 -15.70 -30.49 -15.55
C GLN K 162 -16.24 -29.45 -14.57
N SER K 163 -17.34 -28.78 -14.89
CA SER K 163 -17.90 -27.78 -13.99
C SER K 163 -18.44 -28.46 -12.73
N PRO K 164 -18.29 -27.81 -11.57
CA PRO K 164 -18.82 -28.38 -10.33
C PRO K 164 -20.31 -28.12 -10.12
N LYS K 165 -20.99 -27.50 -11.07
CA LYS K 165 -22.40 -27.18 -10.95
C LYS K 165 -23.31 -28.30 -11.46
N ILE K 166 -22.75 -29.41 -11.92
CA ILE K 166 -23.57 -30.50 -12.43
C ILE K 166 -24.38 -31.14 -11.32
N GLU K 167 -23.76 -31.39 -10.16
CA GLU K 167 -24.43 -32.10 -9.08
C GLU K 167 -25.59 -31.29 -8.50
N VAL K 168 -25.35 -30.01 -8.22
CA VAL K 168 -26.40 -29.17 -7.64
C VAL K 168 -27.56 -29.00 -8.63
N LEU K 169 -27.23 -28.81 -9.91
CA LEU K 169 -28.29 -28.68 -10.92
C LEU K 169 -29.08 -29.97 -11.06
N GLU K 170 -28.41 -31.12 -11.00
CA GLU K 170 -29.12 -32.40 -11.08
C GLU K 170 -30.04 -32.59 -9.88
N GLN K 171 -29.57 -32.21 -8.68
CA GLN K 171 -30.42 -32.30 -7.50
C GLN K 171 -31.63 -31.38 -7.62
N GLU K 172 -31.42 -30.17 -8.12
CA GLU K 172 -32.55 -29.27 -8.35
C GLU K 172 -33.52 -29.84 -9.36
N LEU K 173 -33.00 -30.47 -10.41
CA LEU K 173 -33.86 -31.07 -11.42
C LEU K 173 -34.69 -32.21 -10.84
N VAL K 174 -34.08 -33.07 -10.01
CA VAL K 174 -34.84 -34.17 -9.44
C VAL K 174 -35.88 -33.65 -8.45
N ARG K 175 -35.55 -32.57 -7.73
CA ARG K 175 -36.53 -31.95 -6.83
C ARG K 175 -37.70 -31.39 -7.61
N ALA K 176 -37.42 -30.70 -8.73
CA ALA K 176 -38.49 -30.15 -9.55
C ALA K 176 -39.35 -31.26 -10.16
N GLU K 177 -38.72 -32.36 -10.56
CA GLU K 177 -39.48 -33.49 -11.09
C GLU K 177 -40.39 -34.09 -10.02
N ALA K 178 -39.88 -34.23 -8.80
CA ALA K 178 -40.71 -34.75 -7.71
C ALA K 178 -41.88 -33.83 -7.42
N GLU K 179 -41.66 -32.51 -7.52
CA GLU K 179 -42.76 -31.57 -7.33
C GLU K 179 -43.79 -31.68 -8.45
N SER K 180 -43.33 -31.72 -9.70
CA SER K 180 -44.25 -31.78 -10.84
C SER K 180 -45.03 -33.08 -10.86
N LEU K 181 -44.47 -34.15 -10.31
CA LEU K 181 -45.17 -35.44 -10.30
C LEU K 181 -46.50 -35.33 -9.55
N VAL K 182 -46.51 -34.58 -8.44
CA VAL K 182 -47.77 -34.36 -7.72
C VAL K 182 -48.54 -33.18 -8.28
N ALA K 183 -47.85 -32.20 -8.88
CA ALA K 183 -48.54 -31.06 -9.47
C ALA K 183 -49.46 -31.50 -10.60
N GLU K 184 -48.98 -32.37 -11.48
CA GLU K 184 -49.80 -32.84 -12.59
C GLU K 184 -51.02 -33.61 -12.09
N ALA K 185 -50.84 -34.46 -11.07
CA ALA K 185 -51.95 -35.23 -10.53
C ALA K 185 -53.00 -34.31 -9.91
N GLN K 186 -52.55 -33.32 -9.13
CA GLN K 186 -53.52 -32.42 -8.51
C GLN K 186 -54.17 -31.50 -9.52
N LEU K 187 -53.52 -31.24 -10.66
CA LEU K 187 -54.17 -30.48 -11.73
C LEU K 187 -55.24 -31.32 -12.41
N SER K 188 -54.93 -32.57 -12.72
CA SER K 188 -55.86 -33.42 -13.45
C SER K 188 -57.00 -33.96 -12.60
N ASN K 189 -56.85 -33.93 -11.27
CA ASN K 189 -57.87 -34.51 -10.40
C ASN K 189 -59.18 -33.73 -10.46
N ILE K 190 -59.12 -32.39 -10.48
CA ILE K 190 -60.32 -31.59 -10.27
C ILE K 190 -61.03 -31.15 -11.54
N THR K 191 -60.35 -31.22 -12.70
CA THR K 191 -60.95 -30.72 -13.93
C THR K 191 -62.17 -31.55 -14.32
N ARG K 192 -62.02 -32.88 -14.34
CA ARG K 192 -63.11 -33.75 -14.76
C ARG K 192 -64.28 -33.72 -13.80
N SER K 193 -64.08 -33.23 -12.58
CA SER K 193 -65.17 -33.10 -11.61
C SER K 193 -65.88 -31.75 -11.75
N LYS K 194 -65.10 -30.66 -11.80
CA LYS K 194 -65.72 -29.34 -11.88
C LYS K 194 -66.43 -29.15 -13.21
N LEU K 195 -65.84 -29.62 -14.31
CA LEU K 195 -66.50 -29.50 -15.61
C LEU K 195 -67.83 -30.25 -15.61
N ARG K 196 -67.83 -31.47 -15.08
CA ARG K 196 -69.05 -32.27 -15.03
C ARG K 196 -70.12 -31.59 -14.18
N ALA K 197 -69.73 -31.07 -13.00
CA ALA K 197 -70.71 -30.42 -12.14
C ALA K 197 -71.29 -29.18 -12.81
N ALA K 198 -70.43 -28.35 -13.41
CA ALA K 198 -70.91 -27.13 -14.06
C ALA K 198 -71.86 -27.45 -15.21
N PHE K 199 -71.51 -28.44 -16.03
CA PHE K 199 -72.36 -28.75 -17.17
C PHE K 199 -73.68 -29.39 -16.73
N ASN K 200 -73.65 -30.21 -15.68
CA ASN K 200 -74.91 -30.74 -15.15
C ASN K 200 -75.81 -29.62 -14.63
N TYR K 201 -75.23 -28.65 -13.92
CA TYR K 201 -76.01 -27.52 -13.43
C TYR K 201 -76.61 -26.73 -14.58
N GLN K 202 -75.81 -26.47 -15.62
CA GLN K 202 -76.30 -25.71 -16.77
C GLN K 202 -77.43 -26.45 -17.48
N PHE K 203 -77.30 -27.76 -17.66
CA PHE K 203 -78.33 -28.52 -18.34
C PHE K 203 -79.62 -28.56 -17.53
N ASP K 204 -79.50 -28.71 -16.20
CA ASP K 204 -80.69 -28.68 -15.36
C ASP K 204 -81.40 -27.34 -15.45
N SER K 205 -80.63 -26.25 -15.42
CA SER K 205 -81.23 -24.92 -15.56
C SER K 205 -81.95 -24.76 -16.89
N ILE K 206 -81.30 -25.23 -17.97
CA ILE K 206 -81.91 -25.12 -19.30
C ILE K 206 -83.22 -25.90 -19.34
N ILE K 207 -83.22 -27.11 -18.80
CA ILE K 207 -84.44 -27.94 -18.83
C ILE K 207 -85.56 -27.25 -18.06
N GLU K 208 -85.25 -26.74 -16.86
CA GLU K 208 -86.28 -26.10 -16.04
C GLU K 208 -86.85 -24.88 -16.75
N HIS K 209 -85.98 -24.03 -17.30
CA HIS K 209 -86.44 -22.82 -17.97
C HIS K 209 -87.30 -23.15 -19.19
N SER K 210 -86.87 -24.12 -19.99
CA SER K 210 -87.63 -24.49 -21.18
C SER K 210 -89.00 -25.05 -20.82
N GLU K 211 -89.06 -25.91 -19.80
CA GLU K 211 -90.35 -26.48 -19.41
C GLU K 211 -91.29 -25.41 -18.88
N LYS K 212 -90.77 -24.48 -18.07
CA LYS K 212 -91.62 -23.40 -17.57
C LYS K 212 -92.15 -22.53 -18.71
N ILE K 213 -91.28 -22.21 -19.69
CA ILE K 213 -91.72 -21.41 -20.82
C ILE K 213 -92.80 -22.14 -21.62
N ALA K 214 -92.62 -23.45 -21.84
CA ALA K 214 -93.61 -24.21 -22.58
C ALA K 214 -94.95 -24.24 -21.87
N LEU K 215 -94.93 -24.43 -20.54
CA LEU K 215 -96.18 -24.43 -19.78
C LEU K 215 -96.87 -23.08 -19.86
N ILE K 216 -96.11 -21.99 -19.75
CA ILE K 216 -96.70 -20.66 -19.82
C ILE K 216 -97.33 -20.44 -21.20
N ALA K 217 -96.64 -20.86 -22.26
CA ALA K 217 -97.18 -20.68 -23.61
C ALA K 217 -98.45 -21.50 -23.80
N GLY K 218 -98.47 -22.73 -23.29
CA GLY K 218 -99.67 -23.55 -23.40
C GLY K 218 -100.87 -22.93 -22.71
N TYR K 219 -100.66 -22.42 -21.49
CA TYR K 219 -101.77 -21.78 -20.80
C TYR K 219 -102.18 -20.47 -21.46
N GLY K 220 -101.22 -19.76 -22.08
CA GLY K 220 -101.58 -18.58 -22.84
C GLY K 220 -102.46 -18.90 -24.04
N LYS K 221 -102.14 -19.99 -24.75
CA LYS K 221 -103.01 -20.44 -25.83
C LYS K 221 -104.39 -20.82 -25.31
N ALA K 222 -104.43 -21.50 -24.17
CA ALA K 222 -105.71 -21.87 -23.57
C ALA K 222 -106.55 -20.63 -23.26
N LEU K 223 -105.92 -19.59 -22.72
CA LEU K 223 -106.64 -18.36 -22.44
C LEU K 223 -107.11 -17.68 -23.72
N LEU K 224 -106.24 -17.61 -24.73
CA LEU K 224 -106.59 -16.96 -25.99
C LEU K 224 -107.70 -17.70 -26.73
N GLU K 225 -107.88 -18.98 -26.47
CA GLU K 225 -108.94 -19.75 -27.13
C GLU K 225 -110.32 -19.18 -26.80
N LEU K 226 -110.42 -18.41 -25.72
CA LEU K 226 -111.69 -17.84 -25.27
C LEU K 226 -112.11 -16.64 -26.10
N LEU K 227 -111.19 -16.00 -26.81
CA LEU K 227 -111.47 -14.78 -27.57
C LEU K 227 -112.32 -15.18 -28.78
N ASP K 228 -113.62 -14.91 -28.69
CA ASP K 228 -114.54 -15.26 -29.76
C ASP K 228 -114.49 -14.20 -30.86
N ASP K 229 -114.52 -14.65 -32.12
CA ASP K 229 -114.56 -13.76 -33.27
C ASP K 229 -115.63 -14.23 -34.24
N SER K 230 -116.34 -13.27 -34.83
CA SER K 230 -117.32 -13.54 -35.86
C SER K 230 -117.49 -12.29 -36.71
N PRO K 231 -117.66 -12.42 -38.02
CA PRO K 231 -117.85 -11.24 -38.86
C PRO K 231 -119.14 -10.52 -38.50
N VAL K 232 -119.08 -9.18 -38.55
CA VAL K 232 -120.21 -8.34 -38.21
C VAL K 232 -120.59 -7.50 -39.42
N THR K 233 -121.88 -7.44 -39.72
CA THR K 233 -122.37 -6.63 -40.82
C THR K 233 -122.48 -5.17 -40.40
N PRO K 234 -122.39 -4.24 -41.35
CA PRO K 234 -122.52 -2.83 -41.01
C PRO K 234 -123.85 -2.52 -40.34
N GLY K 235 -123.81 -1.66 -39.32
CA GLY K 235 -124.99 -1.29 -38.58
C GLY K 235 -125.33 -2.20 -37.42
N GLU K 236 -124.73 -3.38 -37.34
CA GLU K 236 -125.03 -4.30 -36.26
C GLU K 236 -124.21 -3.98 -35.01
N THR K 237 -124.71 -4.43 -33.87
CA THR K 237 -124.03 -4.25 -32.58
C THR K 237 -123.69 -5.61 -32.01
N ARG K 238 -122.42 -5.80 -31.66
CA ARG K 238 -121.99 -7.07 -31.08
C ARG K 238 -122.60 -7.25 -29.69
N PRO K 239 -122.93 -8.48 -29.31
CA PRO K 239 -123.46 -8.71 -27.96
C PRO K 239 -122.43 -8.36 -26.90
N ALA K 240 -122.92 -7.93 -25.74
CA ALA K 240 -122.04 -7.57 -24.63
C ALA K 240 -121.20 -8.77 -24.21
N TYR K 241 -119.89 -8.56 -24.08
CA TYR K 241 -118.98 -9.64 -23.73
C TYR K 241 -118.94 -9.83 -22.23
N ASP K 242 -119.18 -11.06 -21.77
CA ASP K 242 -119.14 -11.41 -20.35
C ASP K 242 -118.27 -12.65 -20.19
N GLY K 243 -116.97 -12.43 -20.02
CA GLY K 243 -116.03 -13.52 -19.81
C GLY K 243 -114.94 -13.15 -18.82
N TYR K 244 -115.26 -12.22 -17.92
CA TYR K 244 -114.26 -11.72 -16.97
C TYR K 244 -113.81 -12.82 -16.01
N GLU K 245 -114.74 -13.66 -15.55
CA GLU K 245 -114.43 -14.65 -14.52
C GLU K 245 -113.50 -15.74 -15.04
N ALA K 246 -113.73 -16.21 -16.26
CA ALA K 246 -112.98 -17.32 -16.82
C ALA K 246 -111.49 -17.00 -16.96
N SER K 247 -111.18 -15.77 -17.39
CA SER K 247 -109.79 -15.38 -17.52
C SER K 247 -109.07 -15.36 -16.18
N LYS K 248 -109.77 -14.89 -15.14
CA LYS K 248 -109.18 -14.88 -13.80
C LYS K 248 -108.87 -16.29 -13.33
N GLN K 249 -109.78 -17.23 -13.57
CA GLN K 249 -109.53 -18.62 -13.22
C GLN K 249 -108.36 -19.18 -14.01
N ILE K 250 -108.26 -18.81 -15.29
CA ILE K 250 -107.18 -19.31 -16.14
C ILE K 250 -105.83 -18.83 -15.61
N ILE K 251 -105.72 -17.54 -15.29
CA ILE K 251 -104.43 -17.03 -14.82
C ILE K 251 -104.12 -17.55 -13.42
N ILE K 252 -105.14 -17.76 -12.58
CA ILE K 252 -104.91 -18.37 -11.27
C ILE K 252 -104.37 -19.78 -11.43
N ASP K 253 -104.94 -20.55 -12.36
CA ASP K 253 -104.44 -21.90 -12.64
C ASP K 253 -103.00 -21.85 -13.16
N ALA K 254 -102.70 -20.85 -13.99
CA ALA K 254 -101.34 -20.69 -14.48
C ALA K 254 -100.36 -20.44 -13.34
N GLU K 255 -100.73 -19.55 -12.42
CA GLU K 255 -99.89 -19.30 -11.25
C GLU K 255 -99.71 -20.56 -10.40
N SER K 256 -100.79 -21.30 -10.18
CA SER K 256 -100.69 -22.52 -9.37
C SER K 256 -99.79 -23.55 -10.04
N ALA K 257 -99.93 -23.72 -11.36
CA ALA K 257 -99.10 -24.69 -12.07
C ALA K 257 -97.64 -24.27 -12.06
N LEU K 258 -97.37 -22.98 -12.24
CA LEU K 258 -95.99 -22.49 -12.22
C LEU K 258 -95.36 -22.67 -10.85
N ASN K 259 -96.11 -22.40 -9.79
CA ASN K 259 -95.56 -22.53 -8.44
C ASN K 259 -95.38 -23.98 -8.05
N GLU K 260 -96.30 -24.85 -8.44
CA GLU K 260 -96.27 -26.24 -8.01
C GLU K 260 -95.17 -27.05 -8.71
N TRP K 261 -94.77 -26.65 -9.92
CA TRP K 261 -93.82 -27.44 -10.69
C TRP K 261 -92.49 -27.59 -9.97
N THR K 262 -91.97 -28.82 -9.98
CA THR K 262 -90.67 -29.14 -9.42
C THR K 262 -89.82 -29.83 -10.48
N LEU K 263 -88.51 -29.89 -10.22
CA LEU K 263 -87.60 -30.54 -11.15
C LEU K 263 -87.90 -32.03 -11.26
N ASP K 264 -88.20 -32.68 -10.13
CA ASP K 264 -88.51 -34.11 -10.14
C ASP K 264 -89.81 -34.41 -10.87
N SER K 265 -90.69 -33.42 -11.03
CA SER K 265 -91.97 -33.60 -11.71
C SER K 265 -91.91 -33.09 -13.15
N ALA K 266 -90.77 -33.27 -13.82
CA ALA K 266 -90.61 -32.80 -15.18
C ALA K 266 -91.54 -33.56 -16.12
N GLN K 267 -92.26 -32.82 -16.96
CA GLN K 267 -93.20 -33.44 -17.88
C GLN K 267 -92.49 -34.12 -19.05
N VAL K 268 -91.41 -33.53 -19.53
CA VAL K 268 -90.67 -34.08 -20.67
C VAL K 268 -89.84 -35.26 -20.19
N LYS K 269 -89.99 -36.40 -20.85
CA LYS K 269 -89.23 -37.61 -20.53
C LYS K 269 -88.42 -38.01 -21.75
N PRO K 270 -87.14 -37.65 -21.84
CA PRO K 270 -86.33 -38.04 -22.99
C PRO K 270 -86.22 -39.56 -23.11
N THR K 271 -86.21 -40.03 -24.35
CA THR K 271 -86.12 -41.47 -24.60
C THR K 271 -84.67 -41.94 -24.59
N MET L 1 -96.13 -14.12 -9.94
CA MET L 1 -96.40 -12.69 -9.85
C MET L 1 -95.99 -12.13 -8.49
N HIS L 2 -94.68 -12.01 -8.26
CA HIS L 2 -94.19 -11.46 -7.00
C HIS L 2 -94.50 -9.97 -6.90
N ARG L 3 -94.33 -9.24 -8.02
CA ARG L 3 -94.56 -7.81 -8.01
C ARG L 3 -96.01 -7.46 -7.73
N THR L 4 -96.95 -8.21 -8.32
CA THR L 4 -98.36 -7.86 -8.22
C THR L 4 -98.88 -8.02 -6.79
N TYR L 5 -98.64 -9.18 -6.19
CA TYR L 5 -99.31 -9.53 -4.94
C TYR L 5 -98.55 -9.07 -3.70
N SER L 6 -97.44 -8.35 -3.86
CA SER L 6 -96.69 -7.85 -2.72
C SER L 6 -95.93 -6.59 -3.14
N LEU L 7 -95.88 -5.61 -2.24
CA LEU L 7 -95.14 -4.39 -2.52
C LEU L 7 -93.63 -4.63 -2.62
N ARG L 8 -93.15 -5.75 -2.10
CA ARG L 8 -91.74 -6.07 -2.18
C ARG L 8 -91.31 -6.34 -3.62
N ASN L 9 -90.08 -5.96 -3.94
CA ASN L 9 -89.50 -6.23 -5.25
C ASN L 9 -88.67 -7.51 -5.27
N SER L 10 -88.62 -8.24 -4.16
CA SER L 10 -87.85 -9.47 -4.06
C SER L 10 -88.67 -10.64 -4.60
N ARG L 11 -88.19 -11.86 -4.38
CA ARG L 11 -88.84 -13.07 -4.86
C ARG L 11 -89.40 -13.84 -3.69
N ALA L 12 -90.69 -14.17 -3.76
CA ALA L 12 -91.32 -14.94 -2.70
C ALA L 12 -90.85 -16.40 -2.76
N PRO L 13 -90.76 -17.07 -1.61
CA PRO L 13 -90.35 -18.48 -1.61
C PRO L 13 -91.34 -19.35 -2.39
N THR L 14 -90.80 -20.37 -3.05
CA THR L 14 -91.60 -21.31 -3.81
C THR L 14 -91.02 -22.70 -3.62
N ALA L 15 -91.56 -23.68 -4.34
CA ALA L 15 -91.08 -25.06 -4.22
C ALA L 15 -89.63 -25.18 -4.66
N SER L 16 -89.29 -24.56 -5.79
CA SER L 16 -87.90 -24.58 -6.26
C SER L 16 -86.98 -23.83 -5.31
N GLN L 17 -87.45 -22.70 -4.77
CA GLN L 17 -86.65 -21.94 -3.81
C GLN L 17 -86.43 -22.74 -2.53
N LEU L 18 -87.48 -23.44 -2.06
CA LEU L 18 -87.33 -24.26 -0.86
C LEU L 18 -86.38 -25.43 -1.10
N GLN L 19 -86.48 -26.07 -2.27
CA GLN L 19 -85.58 -27.18 -2.58
C GLN L 19 -84.14 -26.71 -2.71
N ASN L 20 -83.92 -25.58 -3.38
CA ASN L 20 -82.58 -25.04 -3.57
C ASN L 20 -82.62 -23.53 -3.40
N PRO L 21 -81.77 -22.97 -2.54
CA PRO L 21 -81.77 -21.52 -2.34
C PRO L 21 -81.44 -20.78 -3.63
N PRO L 22 -82.05 -19.63 -3.88
CA PRO L 22 -81.78 -18.89 -5.11
C PRO L 22 -80.34 -18.43 -5.17
N PRO L 23 -79.74 -18.44 -6.36
CA PRO L 23 -78.34 -17.98 -6.49
C PRO L 23 -78.26 -16.47 -6.33
N PRO L 24 -77.09 -15.96 -5.95
CA PRO L 24 -76.94 -14.51 -5.83
C PRO L 24 -77.08 -13.84 -7.19
N PRO L 25 -77.49 -12.58 -7.24
CA PRO L 25 -77.64 -11.89 -8.53
C PRO L 25 -76.30 -11.77 -9.26
N SER L 26 -76.39 -11.75 -10.59
CA SER L 26 -75.19 -11.69 -11.42
C SER L 26 -74.40 -10.42 -11.14
N THR L 27 -73.08 -10.57 -11.00
CA THR L 27 -72.22 -9.44 -10.69
C THR L 27 -71.98 -8.53 -11.88
N THR L 28 -72.10 -9.04 -13.10
CA THR L 28 -71.84 -8.25 -14.31
C THR L 28 -73.13 -7.59 -14.82
N LYS L 29 -73.81 -6.87 -13.94
CA LYS L 29 -75.01 -6.11 -14.27
C LYS L 29 -74.72 -4.65 -13.93
N GLY L 30 -74.14 -3.92 -14.88
CA GLY L 30 -73.77 -2.55 -14.63
C GLY L 30 -74.96 -1.62 -14.59
N ARG L 31 -74.73 -0.45 -13.98
CA ARG L 31 -75.79 0.55 -13.89
C ARG L 31 -76.12 1.14 -15.26
N PHE L 32 -75.11 1.36 -16.09
CA PHE L 32 -75.34 1.93 -17.41
C PHE L 32 -76.02 0.91 -18.31
N PHE L 33 -77.07 1.36 -19.02
CA PHE L 33 -77.81 0.45 -19.89
C PHE L 33 -76.96 -0.03 -21.06
N GLY L 34 -76.35 0.90 -21.77
CA GLY L 34 -75.56 0.54 -22.95
C GLY L 34 -76.37 -0.16 -24.01
N LYS L 35 -77.59 0.32 -24.29
CA LYS L 35 -78.52 -0.34 -25.20
C LYS L 35 -78.21 0.07 -26.64
N GLY L 36 -77.01 -0.31 -27.09
CA GLY L 36 -76.61 -0.04 -28.46
C GLY L 36 -76.57 1.43 -28.82
N GLY L 37 -76.09 2.27 -27.91
CA GLY L 37 -76.05 3.70 -28.19
C GLY L 37 -77.43 4.31 -28.21
N LEU L 38 -77.55 5.43 -28.93
CA LEU L 38 -78.82 6.14 -29.04
C LEU L 38 -79.63 5.73 -30.26
N ALA L 39 -79.16 4.76 -31.04
CA ALA L 39 -79.91 4.32 -32.22
C ALA L 39 -81.25 3.71 -31.82
N TYR L 40 -81.26 2.89 -30.77
CA TYR L 40 -82.50 2.29 -30.30
C TYR L 40 -83.49 3.37 -29.85
N SER L 41 -83.01 4.34 -29.08
CA SER L 41 -83.89 5.41 -28.60
C SER L 41 -84.42 6.25 -29.75
N PHE L 42 -83.59 6.52 -30.76
CA PHE L 42 -84.04 7.30 -31.91
C PHE L 42 -85.10 6.53 -32.69
N ARG L 43 -84.85 5.25 -32.97
CA ARG L 43 -85.84 4.43 -33.66
C ARG L 43 -87.13 4.35 -32.86
N ARG L 44 -87.02 4.37 -31.53
CA ARG L 44 -88.19 4.27 -30.68
C ARG L 44 -89.01 5.55 -30.66
N SER L 45 -88.34 6.70 -30.66
CA SER L 45 -89.01 7.98 -30.49
C SER L 45 -89.49 8.58 -31.80
N ALA L 46 -88.70 8.47 -32.88
CA ALA L 46 -89.08 9.10 -34.14
C ALA L 46 -90.34 8.46 -34.73
N ALA L 47 -90.55 7.17 -34.49
CA ALA L 47 -91.68 6.48 -35.09
C ALA L 47 -93.01 6.86 -34.46
N GLY L 48 -93.01 7.35 -33.23
CA GLY L 48 -94.23 7.65 -32.51
C GLY L 48 -94.75 9.07 -32.65
N ALA L 49 -94.13 9.90 -33.49
CA ALA L 49 -94.58 11.28 -33.63
C ALA L 49 -94.54 11.77 -35.07
N PHE L 50 -94.71 10.88 -36.05
CA PHE L 50 -94.63 11.27 -37.46
C PHE L 50 -95.92 11.00 -38.22
N GLY L 51 -96.51 9.81 -38.08
CA GLY L 51 -97.67 9.44 -38.85
C GLY L 51 -98.98 9.86 -38.21
N PRO L 52 -100.07 9.24 -38.64
CA PRO L 52 -101.39 9.57 -38.08
C PRO L 52 -101.48 9.19 -36.61
N GLU L 53 -102.34 9.90 -35.89
CA GLU L 53 -102.44 9.71 -34.45
C GLU L 53 -103.00 8.34 -34.09
N LEU L 54 -103.90 7.80 -34.94
CA LEU L 54 -104.55 6.54 -34.61
C LEU L 54 -103.54 5.39 -34.56
N SER L 55 -102.61 5.35 -35.51
CA SER L 55 -101.67 4.24 -35.63
C SER L 55 -100.28 4.58 -35.09
N ARG L 56 -100.21 5.45 -34.07
CA ARG L 56 -98.93 5.82 -33.51
C ARG L 56 -98.35 4.74 -32.60
N LYS L 57 -99.20 4.06 -31.83
CA LYS L 57 -98.70 3.10 -30.86
C LYS L 57 -98.21 1.82 -31.52
N LEU L 58 -98.93 1.33 -32.53
CA LEU L 58 -98.56 0.08 -33.17
C LEU L 58 -97.22 0.18 -33.88
N SER L 59 -96.88 1.37 -34.41
CA SER L 59 -95.57 1.55 -35.01
C SER L 59 -94.46 1.40 -33.96
N GLN L 60 -94.68 1.98 -32.79
CA GLN L 60 -93.71 1.82 -31.70
C GLN L 60 -93.58 0.36 -31.29
N LEU L 61 -94.71 -0.34 -31.20
CA LEU L 61 -94.66 -1.76 -30.86
C LEU L 61 -93.90 -2.56 -31.92
N VAL L 62 -94.10 -2.23 -33.20
CA VAL L 62 -93.39 -2.92 -34.27
C VAL L 62 -91.90 -2.66 -34.17
N LYS L 63 -91.50 -1.42 -33.90
CA LYS L 63 -90.08 -1.12 -33.75
C LYS L 63 -89.46 -1.86 -32.57
N ILE L 64 -90.19 -1.93 -31.45
CA ILE L 64 -89.67 -2.61 -30.28
C ILE L 64 -89.56 -4.11 -30.54
N GLU L 65 -90.53 -4.67 -31.27
CA GLU L 65 -90.44 -6.07 -31.67
C GLU L 65 -89.24 -6.31 -32.57
N LYS L 66 -88.96 -5.36 -33.47
CA LYS L 66 -87.78 -5.48 -34.31
C LYS L 66 -86.50 -5.51 -33.48
N ASN L 67 -86.41 -4.63 -32.47
CA ASN L 67 -85.25 -4.65 -31.60
C ASN L 67 -85.12 -5.98 -30.85
N VAL L 68 -86.24 -6.49 -30.35
CA VAL L 68 -86.25 -7.78 -29.66
C VAL L 68 -85.74 -8.88 -30.58
N LEU L 69 -86.22 -8.93 -31.82
CA LEU L 69 -85.80 -9.95 -32.76
C LEU L 69 -84.32 -9.78 -33.12
N ARG L 70 -83.85 -8.53 -33.19
CA ARG L 70 -82.46 -8.27 -33.55
C ARG L 70 -81.51 -8.79 -32.47
N SER L 71 -81.90 -8.64 -31.19
CA SER L 71 -81.00 -9.04 -30.11
C SER L 71 -80.72 -10.55 -30.12
N MET L 72 -81.76 -11.35 -30.41
CA MET L 72 -81.60 -12.80 -30.34
C MET L 72 -80.62 -13.32 -31.37
N GLU L 73 -80.50 -12.65 -32.52
CA GLU L 73 -79.53 -13.07 -33.53
C GLU L 73 -78.11 -12.96 -32.99
N LEU L 74 -77.80 -11.83 -32.36
CA LEU L 74 -76.48 -11.65 -31.75
C LEU L 74 -76.25 -12.68 -30.64
N THR L 75 -77.29 -12.93 -29.83
CA THR L 75 -77.15 -13.94 -28.77
C THR L 75 -76.81 -15.31 -29.35
N ALA L 76 -77.52 -15.72 -30.41
CA ALA L 76 -77.29 -17.02 -31.01
C ALA L 76 -75.91 -17.10 -31.64
N ASN L 77 -75.48 -16.04 -32.33
CA ASN L 77 -74.14 -16.04 -32.91
C ASN L 77 -73.07 -16.19 -31.84
N GLU L 78 -73.20 -15.44 -30.74
CA GLU L 78 -72.23 -15.53 -29.66
C GLU L 78 -72.21 -16.92 -29.04
N ARG L 79 -73.38 -17.52 -28.84
CA ARG L 79 -73.42 -18.87 -28.26
C ARG L 79 -72.78 -19.90 -29.19
N ARG L 80 -73.04 -19.80 -30.50
CA ARG L 80 -72.41 -20.72 -31.45
C ARG L 80 -70.91 -20.58 -31.43
N ASP L 81 -70.41 -19.34 -31.39
CA ASP L 81 -68.97 -19.15 -31.41
C ASP L 81 -68.34 -19.60 -30.10
N ALA L 82 -69.09 -19.47 -28.99
CA ALA L 82 -68.64 -20.02 -27.72
C ALA L 82 -68.50 -21.54 -27.80
N ALA L 83 -69.47 -22.21 -28.42
CA ALA L 83 -69.36 -23.65 -28.60
C ALA L 83 -68.13 -24.01 -29.43
N LYS L 84 -67.89 -23.25 -30.51
CA LYS L 84 -66.71 -23.50 -31.33
C LYS L 84 -65.42 -23.34 -30.53
N GLN L 85 -65.36 -22.29 -29.70
CA GLN L 85 -64.17 -22.05 -28.90
C GLN L 85 -63.95 -23.16 -27.88
N LEU L 86 -65.03 -23.64 -27.25
CA LEU L 86 -64.90 -24.75 -26.32
C LEU L 86 -64.40 -26.01 -27.01
N SER L 87 -64.93 -26.29 -28.21
CA SER L 87 -64.47 -27.44 -28.96
C SER L 87 -62.99 -27.31 -29.32
N ILE L 88 -62.56 -26.10 -29.68
CA ILE L 88 -61.16 -25.87 -30.01
C ILE L 88 -60.28 -26.10 -28.77
N TRP L 89 -60.70 -25.58 -27.62
CA TRP L 89 -59.93 -25.72 -26.39
C TRP L 89 -59.84 -27.15 -25.90
N GLY L 90 -60.89 -27.96 -26.10
CA GLY L 90 -60.87 -29.31 -25.58
C GLY L 90 -59.89 -30.26 -26.24
N LEU L 91 -59.22 -29.84 -27.31
CA LEU L 91 -58.36 -30.76 -28.07
C LEU L 91 -57.15 -31.18 -27.27
N GLU L 92 -56.48 -30.23 -26.59
CA GLU L 92 -55.18 -30.50 -25.96
C GLU L 92 -55.37 -30.96 -24.52
N ASN L 93 -56.04 -32.09 -24.38
CA ASN L 93 -56.28 -32.70 -23.08
C ASN L 93 -56.31 -34.22 -23.25
N ASP L 94 -56.83 -34.91 -22.24
CA ASP L 94 -56.88 -36.36 -22.28
C ASP L 94 -57.85 -36.83 -23.35
N ASP L 95 -57.77 -38.12 -23.68
CA ASP L 95 -58.57 -38.68 -24.76
C ASP L 95 -60.07 -38.55 -24.48
N ASP L 96 -60.49 -38.91 -23.27
CA ASP L 96 -61.92 -38.82 -22.95
C ASP L 96 -62.41 -37.39 -22.95
N VAL L 97 -61.61 -36.46 -22.40
CA VAL L 97 -61.98 -35.04 -22.41
C VAL L 97 -61.97 -34.44 -23.81
N SER L 98 -61.03 -34.85 -24.65
CA SER L 98 -60.95 -34.35 -26.03
C SER L 98 -62.10 -34.84 -26.90
N ASP L 99 -62.90 -35.79 -26.41
CA ASP L 99 -64.06 -36.29 -27.14
C ASP L 99 -65.36 -35.80 -26.53
N ILE L 100 -65.47 -35.80 -25.19
CA ILE L 100 -66.68 -35.32 -24.55
C ILE L 100 -66.88 -33.84 -24.83
N THR L 101 -65.80 -33.07 -24.80
CA THR L 101 -65.90 -31.63 -25.09
C THR L 101 -66.36 -31.39 -26.51
N ASP L 102 -65.82 -32.14 -27.48
CA ASP L 102 -66.25 -32.00 -28.87
C ASP L 102 -67.72 -32.35 -29.04
N LYS L 103 -68.16 -33.45 -28.40
CA LYS L 103 -69.56 -33.84 -28.52
C LYS L 103 -70.48 -32.79 -27.89
N LEU L 104 -70.09 -32.25 -26.74
CA LEU L 104 -70.89 -31.19 -26.13
C LEU L 104 -70.94 -29.94 -26.99
N GLY L 105 -69.84 -29.57 -27.62
CA GLY L 105 -69.87 -28.44 -28.54
C GLY L 105 -70.80 -28.69 -29.71
N VAL L 106 -70.75 -29.91 -30.26
CA VAL L 106 -71.64 -30.26 -31.37
C VAL L 106 -73.10 -30.15 -30.93
N LEU L 107 -73.41 -30.65 -29.73
CA LEU L 107 -74.79 -30.59 -29.24
C LEU L 107 -75.23 -29.15 -29.00
N ILE L 108 -74.34 -28.32 -28.46
CA ILE L 108 -74.67 -26.93 -28.13
C ILE L 108 -74.88 -26.14 -29.42
N TYR L 109 -74.21 -26.57 -30.50
CA TYR L 109 -74.25 -25.85 -31.76
C TYR L 109 -75.65 -25.69 -32.35
N GLU L 110 -76.62 -26.50 -31.96
CA GLU L 110 -77.95 -26.47 -32.57
C GLU L 110 -78.87 -25.43 -31.96
N VAL L 111 -78.48 -24.80 -30.85
CA VAL L 111 -79.32 -23.77 -30.26
C VAL L 111 -79.47 -22.58 -31.21
N SER L 112 -78.38 -22.19 -31.87
CA SER L 112 -78.45 -21.11 -32.85
C SER L 112 -79.31 -21.51 -34.03
N GLU L 113 -79.22 -22.77 -34.46
CA GLU L 113 -80.06 -23.23 -35.57
C GLU L 113 -81.53 -23.13 -35.22
N LEU L 114 -81.90 -23.51 -33.99
CA LEU L 114 -83.29 -23.35 -33.56
C LEU L 114 -83.68 -21.88 -33.48
N ASP L 115 -82.76 -21.04 -32.97
CA ASP L 115 -83.05 -19.62 -32.80
C ASP L 115 -83.27 -18.93 -34.13
N ASP L 116 -82.61 -19.39 -35.20
CA ASP L 116 -82.83 -18.78 -36.51
C ASP L 116 -84.27 -18.96 -36.98
N GLN L 117 -84.80 -20.18 -36.86
CA GLN L 117 -86.19 -20.43 -37.24
C GLN L 117 -87.14 -19.68 -36.32
N PHE L 118 -86.82 -19.59 -35.03
CA PHE L 118 -87.64 -18.81 -34.11
C PHE L 118 -87.68 -17.34 -34.54
N ILE L 119 -86.53 -16.81 -34.97
CA ILE L 119 -86.47 -15.42 -35.42
C ILE L 119 -87.30 -15.22 -36.68
N ASP L 120 -87.25 -16.19 -37.60
CA ASP L 120 -88.06 -16.09 -38.81
C ASP L 120 -89.55 -16.04 -38.48
N ARG L 121 -90.00 -16.91 -37.58
CA ARG L 121 -91.41 -16.90 -37.19
C ARG L 121 -91.77 -15.60 -36.47
N TYR L 122 -90.84 -15.08 -35.67
CA TYR L 122 -91.06 -13.79 -35.01
C TYR L 122 -91.25 -12.68 -36.03
N ASP L 123 -90.45 -12.68 -37.10
CA ASP L 123 -90.59 -11.67 -38.15
C ASP L 123 -91.94 -11.81 -38.85
N GLN L 124 -92.38 -13.05 -39.08
CA GLN L 124 -93.70 -13.25 -39.67
C GLN L 124 -94.80 -12.64 -38.79
N TYR L 125 -94.72 -12.88 -37.48
CA TYR L 125 -95.71 -12.31 -36.56
C TYR L 125 -95.66 -10.79 -36.57
N ARG L 126 -94.45 -10.21 -36.63
CA ARG L 126 -94.31 -8.77 -36.68
C ARG L 126 -94.96 -8.20 -37.93
N LEU L 127 -94.77 -8.86 -39.08
CA LEU L 127 -95.44 -8.40 -40.31
C LEU L 127 -96.95 -8.48 -40.17
N THR L 128 -97.45 -9.55 -39.54
CA THR L 128 -98.90 -9.68 -39.34
C THR L 128 -99.44 -8.51 -38.53
N LEU L 129 -98.72 -8.10 -37.49
CA LEU L 129 -99.16 -6.93 -36.72
C LEU L 129 -99.05 -5.64 -37.52
N LYS L 130 -98.00 -5.52 -38.33
CA LYS L 130 -97.83 -4.33 -39.17
C LYS L 130 -99.00 -4.14 -40.11
N SER L 131 -99.59 -5.24 -40.58
CA SER L 131 -100.77 -5.13 -41.45
C SER L 131 -101.92 -4.42 -40.74
N ILE L 132 -102.19 -4.79 -39.49
CA ILE L 132 -103.24 -4.13 -38.71
C ILE L 132 -102.92 -2.66 -38.52
N ARG L 133 -101.65 -2.38 -38.19
CA ARG L 133 -101.24 -0.98 -38.04
C ARG L 133 -101.56 -0.18 -39.29
N ASP L 134 -101.20 -0.73 -40.46
CA ASP L 134 -101.41 -0.03 -41.72
C ASP L 134 -102.90 0.21 -41.99
N ILE L 135 -103.73 -0.81 -41.76
CA ILE L 135 -105.15 -0.64 -42.11
C ILE L 135 -105.81 0.38 -41.18
N GLU L 136 -105.47 0.38 -39.89
CA GLU L 136 -106.08 1.36 -39.00
C GLU L 136 -105.59 2.78 -39.33
N GLY L 137 -104.31 2.91 -39.67
CA GLY L 137 -103.81 4.21 -40.09
C GLY L 137 -104.49 4.72 -41.34
N SER L 138 -104.83 3.83 -42.26
CA SER L 138 -105.58 4.24 -43.44
C SER L 138 -107.04 4.56 -43.11
N VAL L 139 -107.60 3.91 -42.08
CA VAL L 139 -109.00 4.12 -41.74
C VAL L 139 -109.22 5.51 -41.14
N GLN L 140 -108.29 5.96 -40.29
CA GLN L 140 -108.50 7.21 -39.54
C GLN L 140 -108.94 8.44 -40.34
N PRO L 141 -108.38 8.73 -41.53
CA PRO L 141 -108.72 10.00 -42.19
C PRO L 141 -110.20 10.18 -42.51
N SER L 142 -110.96 9.09 -42.70
CA SER L 142 -112.39 9.24 -42.97
C SER L 142 -113.10 9.89 -41.78
N ARG L 143 -112.85 9.38 -40.57
CA ARG L 143 -113.43 10.01 -39.39
C ARG L 143 -112.89 11.41 -39.17
N ASP L 144 -111.62 11.65 -39.54
CA ASP L 144 -111.10 13.02 -39.44
C ASP L 144 -111.91 13.97 -40.32
N ARG L 145 -112.17 13.58 -41.56
CA ARG L 145 -112.92 14.42 -42.49
C ARG L 145 -114.35 14.62 -42.01
N LYS L 146 -114.98 13.56 -41.48
CA LYS L 146 -116.34 13.70 -40.96
C LYS L 146 -116.39 14.70 -39.82
N ASP L 147 -115.42 14.63 -38.89
CA ASP L 147 -115.38 15.59 -37.80
C ASP L 147 -115.19 17.01 -38.31
N LYS L 148 -114.32 17.18 -39.31
CA LYS L 148 -114.11 18.52 -39.87
C LYS L 148 -115.39 19.07 -40.49
N ILE L 149 -116.12 18.24 -41.23
CA ILE L 149 -117.36 18.69 -41.85
C ILE L 149 -118.39 19.06 -40.79
N THR L 150 -118.49 18.25 -39.72
CA THR L 150 -119.43 18.56 -38.66
C THR L 150 -119.09 19.89 -37.99
N ASP L 151 -117.80 20.13 -37.73
CA ASP L 151 -117.40 21.40 -37.13
C ASP L 151 -117.72 22.57 -38.04
N LYS L 152 -117.48 22.41 -39.35
CA LYS L 152 -117.79 23.48 -40.29
C LYS L 152 -119.27 23.80 -40.30
N ILE L 153 -120.11 22.75 -40.31
CA ILE L 153 -121.56 22.97 -40.28
C ILE L 153 -121.96 23.71 -39.00
N ALA L 154 -121.42 23.27 -37.86
CA ALA L 154 -121.77 23.89 -36.59
C ALA L 154 -121.37 25.36 -36.54
N TYR L 155 -120.20 25.70 -37.09
CA TYR L 155 -119.77 27.10 -37.09
C TYR L 155 -120.61 27.94 -38.05
N LEU L 156 -120.86 27.42 -39.26
CA LEU L 156 -121.58 28.21 -40.24
C LEU L 156 -123.04 28.41 -39.84
N LYS L 157 -123.63 27.46 -39.12
CA LYS L 157 -124.98 27.67 -38.62
C LYS L 157 -125.03 28.82 -37.62
N TYR L 158 -124.02 28.91 -36.74
CA TYR L 158 -123.96 30.01 -35.79
C TYR L 158 -123.72 31.34 -36.49
N LYS L 159 -122.84 31.36 -37.49
CA LYS L 159 -122.47 32.63 -38.12
C LYS L 159 -123.68 33.32 -38.74
N ASP L 160 -124.43 32.61 -39.58
CA ASP L 160 -125.67 33.13 -40.14
C ASP L 160 -126.54 31.99 -40.66
N PRO L 161 -127.79 31.89 -40.21
CA PRO L 161 -128.65 30.78 -40.66
C PRO L 161 -129.18 30.95 -42.08
N GLN L 162 -128.99 32.11 -42.71
CA GLN L 162 -129.54 32.38 -44.03
C GLN L 162 -128.61 32.00 -45.17
N SER L 163 -127.45 31.44 -44.86
CA SER L 163 -126.52 31.05 -45.91
C SER L 163 -127.10 29.90 -46.73
N PRO L 164 -126.86 29.89 -48.04
CA PRO L 164 -127.35 28.78 -48.88
C PRO L 164 -126.46 27.55 -48.86
N LYS L 165 -125.40 27.54 -48.05
CA LYS L 165 -124.49 26.41 -47.98
C LYS L 165 -124.89 25.37 -46.94
N ILE L 166 -126.02 25.56 -46.26
CA ILE L 166 -126.45 24.61 -45.26
C ILE L 166 -126.84 23.28 -45.90
N GLU L 167 -127.59 23.33 -47.01
CA GLU L 167 -128.10 22.10 -47.61
C GLU L 167 -126.98 21.23 -48.17
N VAL L 168 -126.06 21.84 -48.91
CA VAL L 168 -124.96 21.09 -49.51
C VAL L 168 -124.06 20.50 -48.42
N LEU L 169 -123.78 21.29 -47.37
CA LEU L 169 -122.96 20.79 -46.28
C LEU L 169 -123.65 19.65 -45.55
N GLU L 170 -124.97 19.74 -45.35
CA GLU L 170 -125.70 18.66 -44.70
C GLU L 170 -125.68 17.39 -45.55
N GLN L 171 -125.82 17.54 -46.87
CA GLN L 171 -125.75 16.38 -47.75
C GLN L 171 -124.35 15.75 -47.70
N GLU L 172 -123.31 16.57 -47.69
CA GLU L 172 -121.96 16.05 -47.56
C GLU L 172 -121.77 15.33 -46.23
N LEU L 173 -122.34 15.87 -45.17
CA LEU L 173 -122.24 15.25 -43.85
C LEU L 173 -122.93 13.89 -43.82
N VAL L 174 -124.12 13.80 -44.42
CA VAL L 174 -124.82 12.52 -44.42
C VAL L 174 -124.08 11.50 -45.30
N ARG L 175 -123.47 11.97 -46.39
CA ARG L 175 -122.66 11.07 -47.22
C ARG L 175 -121.46 10.55 -46.45
N ALA L 176 -120.77 11.44 -45.72
CA ALA L 176 -119.63 11.03 -44.92
C ALA L 176 -120.04 10.06 -43.81
N GLU L 177 -121.19 10.30 -43.20
CA GLU L 177 -121.70 9.38 -42.18
C GLU L 177 -121.98 8.01 -42.77
N ALA L 178 -122.61 7.97 -43.95
CA ALA L 178 -122.88 6.69 -44.59
C ALA L 178 -121.59 5.96 -44.92
N GLU L 179 -120.55 6.69 -45.33
CA GLU L 179 -119.25 6.07 -45.60
C GLU L 179 -118.62 5.53 -44.32
N SER L 180 -118.62 6.33 -43.25
CA SER L 180 -118.00 5.91 -42.00
C SER L 180 -118.73 4.73 -41.37
N LEU L 181 -120.03 4.60 -41.63
CA LEU L 181 -120.79 3.48 -41.06
C LEU L 181 -120.22 2.15 -41.51
N VAL L 182 -119.81 2.05 -42.77
CA VAL L 182 -119.18 0.82 -43.25
C VAL L 182 -117.68 0.83 -42.98
N ALA L 183 -117.05 2.01 -42.91
CA ALA L 183 -115.62 2.06 -42.61
C ALA L 183 -115.32 1.48 -41.24
N GLU L 184 -116.11 1.84 -40.23
CA GLU L 184 -115.89 1.33 -38.88
C GLU L 184 -116.06 -0.18 -38.82
N ALA L 185 -117.09 -0.71 -39.51
CA ALA L 185 -117.33 -2.14 -39.51
C ALA L 185 -116.17 -2.88 -40.17
N GLN L 186 -115.71 -2.38 -41.32
CA GLN L 186 -114.60 -3.04 -42.00
C GLN L 186 -113.30 -2.90 -41.24
N LEU L 187 -113.15 -1.86 -40.42
CA LEU L 187 -111.97 -1.75 -39.56
C LEU L 187 -112.03 -2.77 -38.43
N SER L 188 -113.18 -2.89 -37.78
CA SER L 188 -113.31 -3.77 -36.63
C SER L 188 -113.42 -5.25 -37.01
N ASN L 189 -113.73 -5.56 -38.26
CA ASN L 189 -113.92 -6.95 -38.65
C ASN L 189 -112.61 -7.74 -38.58
N ILE L 190 -111.49 -7.16 -39.03
CA ILE L 190 -110.28 -7.93 -39.25
C ILE L 190 -109.31 -7.93 -38.09
N THR L 191 -109.45 -6.99 -37.14
CA THR L 191 -108.48 -6.90 -36.04
C THR L 191 -108.53 -8.13 -35.16
N ARG L 192 -109.73 -8.52 -34.73
CA ARG L 192 -109.87 -9.65 -33.82
C ARG L 192 -109.47 -10.97 -34.47
N SER L 193 -109.41 -11.02 -35.81
CA SER L 193 -108.97 -12.22 -36.50
C SER L 193 -107.46 -12.24 -36.68
N LYS L 194 -106.89 -11.15 -37.17
CA LYS L 194 -105.45 -11.11 -37.42
C LYS L 194 -104.66 -11.19 -36.12
N LEU L 195 -105.12 -10.50 -35.07
CA LEU L 195 -104.44 -10.58 -33.79
C LEU L 195 -104.44 -12.01 -33.26
N ARG L 196 -105.60 -12.67 -33.32
CA ARG L 196 -105.70 -14.05 -32.84
C ARG L 196 -104.79 -14.98 -33.63
N ALA L 197 -104.78 -14.84 -34.97
CA ALA L 197 -103.94 -15.71 -35.78
C ALA L 197 -102.46 -15.49 -35.47
N ALA L 198 -102.03 -14.23 -35.37
CA ALA L 198 -100.63 -13.94 -35.09
C ALA L 198 -100.21 -14.48 -33.74
N PHE L 199 -101.05 -14.29 -32.71
CA PHE L 199 -100.68 -14.76 -31.38
C PHE L 199 -100.68 -16.28 -31.30
N ASN L 200 -101.61 -16.95 -32.00
CA ASN L 200 -101.58 -18.41 -32.05
C ASN L 200 -100.30 -18.90 -32.71
N TYR L 201 -99.90 -18.27 -33.82
CA TYR L 201 -98.65 -18.66 -34.48
C TYR L 201 -97.46 -18.47 -33.57
N GLN L 202 -97.41 -17.33 -32.87
CA GLN L 202 -96.29 -17.06 -31.97
C GLN L 202 -96.22 -18.07 -30.84
N PHE L 203 -97.37 -18.41 -30.25
CA PHE L 203 -97.38 -19.38 -29.15
C PHE L 203 -96.98 -20.76 -29.62
N ASP L 204 -97.44 -21.16 -30.81
CA ASP L 204 -97.02 -22.45 -31.36
C ASP L 204 -95.51 -22.50 -31.57
N SER L 205 -94.95 -21.42 -32.13
CA SER L 205 -93.50 -21.37 -32.34
C SER L 205 -92.76 -21.46 -31.01
N ILE L 206 -93.23 -20.73 -29.99
CA ILE L 206 -92.57 -20.76 -28.69
C ILE L 206 -92.60 -22.17 -28.11
N ILE L 207 -93.76 -22.84 -28.19
CA ILE L 207 -93.87 -24.19 -27.64
C ILE L 207 -92.91 -25.14 -28.34
N GLU L 208 -92.88 -25.08 -29.69
CA GLU L 208 -92.00 -25.97 -30.44
C GLU L 208 -90.53 -25.74 -30.07
N HIS L 209 -90.11 -24.47 -30.05
CA HIS L 209 -88.71 -24.16 -29.75
C HIS L 209 -88.35 -24.62 -28.34
N SER L 210 -89.21 -24.36 -27.36
CA SER L 210 -88.91 -24.75 -25.99
C SER L 210 -88.82 -26.27 -25.85
N GLU L 211 -89.73 -27.01 -26.49
CA GLU L 211 -89.68 -28.46 -26.38
C GLU L 211 -88.43 -29.03 -27.03
N LYS L 212 -88.05 -28.49 -28.20
CA LYS L 212 -86.82 -28.95 -28.84
C LYS L 212 -85.61 -28.68 -27.98
N ILE L 213 -85.54 -27.49 -27.38
CA ILE L 213 -84.41 -27.15 -26.51
C ILE L 213 -84.35 -28.10 -25.31
N ALA L 214 -85.51 -28.38 -24.70
CA ALA L 214 -85.54 -29.27 -23.56
C ALA L 214 -85.07 -30.67 -23.93
N LEU L 215 -85.51 -31.18 -25.09
CA LEU L 215 -85.07 -32.50 -25.52
C LEU L 215 -83.57 -32.54 -25.76
N ILE L 216 -83.03 -31.50 -26.40
CA ILE L 216 -81.59 -31.44 -26.65
C ILE L 216 -80.82 -31.43 -25.34
N ALA L 217 -81.28 -30.64 -24.37
CA ALA L 217 -80.60 -30.59 -23.07
C ALA L 217 -80.65 -31.92 -22.35
N GLY L 218 -81.81 -32.60 -22.40
CA GLY L 218 -81.90 -33.90 -21.77
C GLY L 218 -80.94 -34.91 -22.37
N TYR L 219 -80.86 -34.96 -23.71
CA TYR L 219 -79.93 -35.88 -24.33
C TYR L 219 -78.48 -35.49 -24.08
N GLY L 220 -78.21 -34.19 -23.95
CA GLY L 220 -76.87 -33.76 -23.57
C GLY L 220 -76.48 -34.24 -22.18
N LYS L 221 -77.40 -34.16 -21.23
CA LYS L 221 -77.15 -34.71 -19.90
C LYS L 221 -76.93 -36.22 -19.97
N ALA L 222 -77.73 -36.91 -20.78
CA ALA L 222 -77.55 -38.34 -20.94
C ALA L 222 -76.16 -38.68 -21.46
N LEU L 223 -75.68 -37.92 -22.44
CA LEU L 223 -74.34 -38.14 -22.98
C LEU L 223 -73.27 -37.84 -21.93
N LEU L 224 -73.43 -36.73 -21.21
CA LEU L 224 -72.44 -36.34 -20.20
C LEU L 224 -72.38 -37.32 -19.03
N GLU L 225 -73.46 -38.08 -18.80
CA GLU L 225 -73.46 -39.06 -17.72
C GLU L 225 -72.39 -40.12 -17.92
N LEU L 226 -71.91 -40.28 -19.16
CA LEU L 226 -70.91 -41.28 -19.50
C LEU L 226 -69.50 -40.89 -19.06
N LEU L 227 -69.25 -39.60 -18.82
CA LEU L 227 -67.92 -39.12 -18.47
C LEU L 227 -67.61 -39.59 -17.05
N ASP L 228 -66.77 -40.62 -16.96
CA ASP L 228 -66.41 -41.18 -15.66
C ASP L 228 -65.30 -40.35 -15.02
N ASP L 229 -65.40 -40.14 -13.72
CA ASP L 229 -64.40 -39.42 -12.95
C ASP L 229 -64.07 -40.19 -11.68
N SER L 230 -62.80 -40.21 -11.31
CA SER L 230 -62.34 -40.82 -10.06
C SER L 230 -61.02 -40.16 -9.69
N PRO L 231 -60.78 -39.93 -8.40
CA PRO L 231 -59.51 -39.34 -7.98
C PRO L 231 -58.35 -40.27 -8.29
N VAL L 232 -57.23 -39.68 -8.72
CA VAL L 232 -56.04 -40.43 -9.08
C VAL L 232 -54.89 -40.01 -8.18
N THR L 233 -54.16 -40.98 -7.66
CA THR L 233 -53.01 -40.71 -6.82
C THR L 233 -51.80 -40.37 -7.68
N PRO L 234 -50.84 -39.61 -7.13
CA PRO L 234 -49.64 -39.27 -7.90
C PRO L 234 -48.89 -40.52 -8.34
N GLY L 235 -48.39 -40.48 -9.58
CA GLY L 235 -47.66 -41.59 -10.14
C GLY L 235 -48.51 -42.64 -10.83
N GLU L 236 -49.83 -42.61 -10.63
CA GLU L 236 -50.70 -43.60 -11.25
C GLU L 236 -51.07 -43.20 -12.67
N THR L 237 -51.46 -44.18 -13.46
CA THR L 237 -51.88 -43.98 -14.84
C THR L 237 -53.34 -44.41 -14.97
N ARG L 238 -54.17 -43.52 -15.50
CA ARG L 238 -55.58 -43.86 -15.68
C ARG L 238 -55.73 -44.92 -16.77
N PRO L 239 -56.70 -45.81 -16.64
CA PRO L 239 -56.92 -46.82 -17.68
C PRO L 239 -57.35 -46.15 -18.99
N ALA L 240 -56.98 -46.80 -20.10
CA ALA L 240 -57.32 -46.28 -21.42
C ALA L 240 -58.84 -46.18 -21.58
N TYR L 241 -59.31 -45.03 -22.04
CA TYR L 241 -60.74 -44.79 -22.18
C TYR L 241 -61.22 -45.34 -23.51
N ASP L 242 -62.27 -46.18 -23.46
CA ASP L 242 -62.87 -46.77 -24.65
C ASP L 242 -64.38 -46.58 -24.56
N GLY L 243 -64.85 -45.43 -25.06
CA GLY L 243 -66.27 -45.13 -25.07
C GLY L 243 -66.68 -44.40 -26.34
N TYR L 244 -65.92 -44.61 -27.42
CA TYR L 244 -66.17 -43.87 -28.66
C TYR L 244 -67.52 -44.25 -29.27
N GLU L 245 -67.89 -45.52 -29.22
CA GLU L 245 -69.10 -46.00 -29.87
C GLU L 245 -70.37 -45.47 -29.22
N ALA L 246 -70.40 -45.43 -27.89
CA ALA L 246 -71.60 -45.05 -27.16
C ALA L 246 -72.00 -43.60 -27.46
N SER L 247 -71.01 -42.71 -27.53
CA SER L 247 -71.32 -41.30 -27.84
C SER L 247 -71.91 -41.15 -29.23
N LYS L 248 -71.40 -41.91 -30.20
CA LYS L 248 -71.94 -41.86 -31.55
C LYS L 248 -73.41 -42.31 -31.57
N GLN L 249 -73.71 -43.38 -30.85
CA GLN L 249 -75.11 -43.83 -30.74
C GLN L 249 -75.97 -42.78 -30.07
N ILE L 250 -75.44 -42.12 -29.03
CA ILE L 250 -76.20 -41.10 -28.33
C ILE L 250 -76.55 -39.94 -29.25
N ILE L 251 -75.56 -39.45 -30.00
CA ILE L 251 -75.84 -38.31 -30.87
C ILE L 251 -76.72 -38.72 -32.04
N ILE L 252 -76.60 -39.96 -32.53
CA ILE L 252 -77.50 -40.44 -33.57
C ILE L 252 -78.93 -40.49 -33.06
N ASP L 253 -79.11 -40.97 -31.83
CA ASP L 253 -80.45 -40.98 -31.22
C ASP L 253 -80.98 -39.56 -31.06
N ALA L 254 -80.10 -38.62 -30.70
CA ALA L 254 -80.52 -37.22 -30.58
C ALA L 254 -81.00 -36.68 -31.92
N GLU L 255 -80.27 -36.96 -33.00
CA GLU L 255 -80.69 -36.53 -34.32
C GLU L 255 -82.02 -37.16 -34.70
N SER L 256 -82.19 -38.46 -34.44
CA SER L 256 -83.44 -39.13 -34.78
C SER L 256 -84.61 -38.54 -34.01
N ALA L 257 -84.43 -38.29 -32.71
CA ALA L 257 -85.50 -37.71 -31.91
C ALA L 257 -85.84 -36.30 -32.36
N LEU L 258 -84.82 -35.50 -32.69
CA LEU L 258 -85.08 -34.14 -33.15
C LEU L 258 -85.82 -34.14 -34.49
N ASN L 259 -85.44 -35.03 -35.40
CA ASN L 259 -86.10 -35.07 -36.71
C ASN L 259 -87.51 -35.61 -36.60
N GLU L 260 -87.73 -36.62 -35.76
CA GLU L 260 -89.02 -37.28 -35.69
C GLU L 260 -90.09 -36.43 -35.01
N TRP L 261 -89.69 -35.52 -34.12
CA TRP L 261 -90.65 -34.77 -33.33
C TRP L 261 -91.57 -33.93 -34.21
N THR L 262 -92.87 -33.96 -33.90
CA THR L 262 -93.87 -33.16 -34.58
C THR L 262 -94.65 -32.36 -33.55
N LEU L 263 -95.38 -31.36 -34.04
CA LEU L 263 -96.18 -30.51 -33.15
C LEU L 263 -97.28 -31.33 -32.48
N ASP L 264 -97.93 -32.22 -33.23
CA ASP L 264 -98.99 -33.04 -32.67
C ASP L 264 -98.48 -34.03 -31.63
N SER L 265 -97.19 -34.33 -31.65
CA SER L 265 -96.58 -35.26 -30.70
C SER L 265 -95.88 -34.52 -29.56
N ALA L 266 -96.44 -33.40 -29.12
CA ALA L 266 -95.83 -32.62 -28.06
C ALA L 266 -95.85 -33.40 -26.75
N GLN L 267 -94.69 -33.44 -26.07
CA GLN L 267 -94.58 -34.17 -24.83
C GLN L 267 -95.26 -33.43 -23.67
N VAL L 268 -95.17 -32.11 -23.66
CA VAL L 268 -95.75 -31.32 -22.58
C VAL L 268 -97.26 -31.23 -22.79
N LYS L 269 -98.03 -31.60 -21.76
CA LYS L 269 -99.49 -31.52 -21.81
C LYS L 269 -99.97 -30.58 -20.71
N PRO L 270 -100.25 -29.32 -21.03
CA PRO L 270 -100.73 -28.39 -20.00
C PRO L 270 -102.05 -28.85 -19.41
N THR L 271 -102.21 -28.62 -18.11
CA THR L 271 -103.42 -29.01 -17.41
C THR L 271 -104.52 -27.97 -17.56
N MET M 1 -107.88 -4.50 -6.14
CA MET M 1 -106.48 -4.42 -6.55
C MET M 1 -106.35 -4.27 -8.07
N HIS M 2 -106.69 -3.09 -8.58
CA HIS M 2 -106.57 -2.85 -10.01
C HIS M 2 -105.12 -2.79 -10.45
N ARG M 3 -104.26 -2.17 -9.63
CA ARG M 3 -102.85 -2.03 -9.99
C ARG M 3 -102.15 -3.39 -10.04
N THR M 4 -102.45 -4.27 -9.09
CA THR M 4 -101.72 -5.52 -8.99
C THR M 4 -102.00 -6.43 -10.18
N TYR M 5 -103.28 -6.65 -10.49
CA TYR M 5 -103.66 -7.70 -11.43
C TYR M 5 -103.70 -7.23 -12.88
N SER M 6 -103.34 -5.98 -13.15
CA SER M 6 -103.33 -5.46 -14.50
C SER M 6 -102.30 -4.35 -14.60
N LEU M 7 -101.58 -4.30 -15.73
CA LEU M 7 -100.61 -3.24 -15.95
C LEU M 7 -101.26 -1.87 -16.10
N ARG M 8 -102.57 -1.83 -16.38
CA ARG M 8 -103.27 -0.57 -16.51
C ARG M 8 -103.35 0.15 -15.17
N ASN M 9 -103.30 1.48 -15.22
CA ASN M 9 -103.47 2.31 -14.03
C ASN M 9 -104.90 2.78 -13.85
N SER M 10 -105.82 2.36 -14.70
CA SER M 10 -107.22 2.75 -14.61
C SER M 10 -107.95 1.85 -13.63
N ARG M 11 -109.27 1.94 -13.60
CA ARG M 11 -110.11 1.17 -12.68
C ARG M 11 -110.90 0.14 -13.46
N ALA M 12 -110.80 -1.12 -13.05
CA ALA M 12 -111.55 -2.18 -13.70
C ALA M 12 -113.03 -2.08 -13.35
N PRO M 13 -113.92 -2.46 -14.26
CA PRO M 13 -115.36 -2.43 -13.97
C PRO M 13 -115.72 -3.34 -12.81
N THR M 14 -116.70 -2.91 -12.02
CA THR M 14 -117.18 -3.67 -10.87
C THR M 14 -118.69 -3.51 -10.80
N ALA M 15 -119.30 -4.06 -9.75
CA ALA M 15 -120.75 -3.98 -9.59
C ALA M 15 -121.20 -2.53 -9.44
N SER M 16 -120.49 -1.76 -8.60
CA SER M 16 -120.83 -0.35 -8.44
C SER M 16 -120.60 0.43 -9.73
N GLN M 17 -119.52 0.13 -10.45
CA GLN M 17 -119.25 0.79 -11.72
C GLN M 17 -120.33 0.45 -12.75
N LEU M 18 -120.75 -0.81 -12.79
CA LEU M 18 -121.81 -1.20 -13.72
C LEU M 18 -123.13 -0.53 -13.38
N GLN M 19 -123.46 -0.45 -12.08
CA GLN M 19 -124.71 0.19 -11.68
C GLN M 19 -124.67 1.69 -11.98
N ASN M 20 -123.55 2.34 -11.70
CA ASN M 20 -123.41 3.78 -11.93
C ASN M 20 -122.03 4.05 -12.50
N PRO M 21 -121.93 4.73 -13.63
CA PRO M 21 -120.62 5.04 -14.22
C PRO M 21 -119.78 5.88 -13.26
N PRO M 22 -118.47 5.65 -13.22
CA PRO M 22 -117.61 6.41 -12.31
C PRO M 22 -117.59 7.89 -12.68
N PRO M 23 -117.56 8.77 -11.68
CA PRO M 23 -117.51 10.20 -11.97
C PRO M 23 -116.17 10.61 -12.55
N PRO M 24 -116.10 11.72 -13.28
CA PRO M 24 -114.83 12.18 -13.80
C PRO M 24 -113.89 12.58 -12.68
N PRO M 25 -112.57 12.52 -12.90
CA PRO M 25 -111.63 12.90 -11.84
C PRO M 25 -111.77 14.36 -11.46
N SER M 26 -111.46 14.65 -10.19
CA SER M 26 -111.59 16.01 -9.67
C SER M 26 -110.70 16.97 -10.44
N THR M 27 -111.27 18.12 -10.81
CA THR M 27 -110.54 19.12 -11.58
C THR M 27 -109.51 19.88 -10.75
N THR M 28 -109.71 19.98 -9.44
CA THR M 28 -108.80 20.73 -8.57
C THR M 28 -107.70 19.85 -8.00
N LYS M 29 -107.01 19.13 -8.89
CA LYS M 29 -105.87 18.30 -8.53
C LYS M 29 -104.66 18.81 -9.31
N GLY M 30 -103.96 19.80 -8.73
CA GLY M 30 -102.85 20.40 -9.41
C GLY M 30 -101.63 19.51 -9.46
N ARG M 31 -100.73 19.83 -10.39
CA ARG M 31 -99.50 19.06 -10.54
C ARG M 31 -98.58 19.27 -9.34
N PHE M 32 -98.50 20.49 -8.82
CA PHE M 32 -97.63 20.77 -7.69
C PHE M 32 -98.20 20.14 -6.43
N PHE M 33 -97.32 19.46 -5.67
CA PHE M 33 -97.77 18.78 -4.46
C PHE M 33 -98.22 19.77 -3.40
N GLY M 34 -97.40 20.77 -3.10
CA GLY M 34 -97.73 21.73 -2.06
C GLY M 34 -97.93 21.09 -0.70
N LYS M 35 -97.06 20.15 -0.33
CA LYS M 35 -97.22 19.38 0.90
C LYS M 35 -96.63 20.15 2.08
N GLY M 36 -97.24 21.29 2.36
CA GLY M 36 -96.85 22.12 3.49
C GLY M 36 -95.42 22.60 3.43
N GLY M 37 -94.95 23.00 2.25
CA GLY M 37 -93.59 23.46 2.12
C GLY M 37 -92.60 22.32 2.25
N LEU M 38 -91.38 22.68 2.66
CA LEU M 38 -90.30 21.71 2.82
C LEU M 38 -90.19 21.17 4.24
N ALA M 39 -91.07 21.59 5.14
CA ALA M 39 -91.02 21.10 6.52
C ALA M 39 -91.27 19.61 6.58
N TYR M 40 -92.25 19.11 5.82
CA TYR M 40 -92.52 17.68 5.80
C TYR M 40 -91.32 16.90 5.29
N SER M 41 -90.71 17.37 4.20
CA SER M 41 -89.55 16.69 3.63
C SER M 41 -88.38 16.69 4.61
N PHE M 42 -88.17 17.82 5.30
CA PHE M 42 -87.07 17.89 6.26
C PHE M 42 -87.31 16.93 7.44
N ARG M 43 -88.53 16.93 7.98
CA ARG M 43 -88.85 16.00 9.06
C ARG M 43 -88.71 14.56 8.60
N ARG M 44 -88.99 14.31 7.32
CA ARG M 44 -88.91 12.95 6.78
C ARG M 44 -87.47 12.50 6.58
N SER M 45 -86.60 13.40 6.13
CA SER M 45 -85.23 13.03 5.76
C SER M 45 -84.27 13.09 6.94
N ALA M 46 -84.39 14.09 7.82
CA ALA M 46 -83.44 14.23 8.91
C ALA M 46 -83.53 13.07 9.90
N ALA M 47 -84.72 12.50 10.07
CA ALA M 47 -84.90 11.44 11.05
C ALA M 47 -84.27 10.12 10.61
N GLY M 48 -84.08 9.90 9.32
CA GLY M 48 -83.56 8.64 8.81
C GLY M 48 -82.06 8.54 8.68
N ALA M 49 -81.30 9.55 9.11
CA ALA M 49 -79.85 9.50 8.96
C ALA M 49 -79.11 10.05 10.18
N PHE M 50 -79.69 9.93 11.38
CA PHE M 50 -79.08 10.48 12.58
C PHE M 50 -78.77 9.42 13.63
N GLY M 51 -79.73 8.55 13.93
CA GLY M 51 -79.57 7.59 15.00
C GLY M 51 -78.92 6.29 14.55
N PRO M 52 -79.09 5.24 15.35
CA PRO M 52 -78.50 3.95 15.00
C PRO M 52 -79.12 3.37 13.75
N GLU M 53 -78.35 2.54 13.04
CA GLU M 53 -78.79 2.01 11.76
C GLU M 53 -79.97 1.07 11.92
N LEU M 54 -80.03 0.34 13.03
CA LEU M 54 -81.08 -0.66 13.20
C LEU M 54 -82.47 -0.02 13.26
N SER M 55 -82.60 1.10 13.97
CA SER M 55 -83.88 1.74 14.19
C SER M 55 -84.09 2.96 13.31
N ARG M 56 -83.51 2.96 12.11
CA ARG M 56 -83.66 4.10 11.21
C ARG M 56 -85.02 4.13 10.54
N LYS M 57 -85.56 2.96 10.17
CA LYS M 57 -86.81 2.94 9.40
C LYS M 57 -88.01 3.26 10.27
N LEU M 58 -88.05 2.75 11.51
CA LEU M 58 -89.20 2.96 12.37
C LEU M 58 -89.35 4.43 12.74
N SER M 59 -88.24 5.17 12.85
CA SER M 59 -88.35 6.60 13.10
C SER M 59 -89.02 7.32 11.93
N GLN M 60 -88.66 6.94 10.70
CA GLN M 60 -89.32 7.51 9.53
C GLN M 60 -90.80 7.16 9.51
N LEU M 61 -91.14 5.91 9.86
CA LEU M 61 -92.55 5.53 9.91
C LEU M 61 -93.30 6.33 10.96
N VAL M 62 -92.68 6.57 12.12
CA VAL M 62 -93.31 7.36 13.17
C VAL M 62 -93.56 8.79 12.70
N LYS M 63 -92.56 9.38 12.03
CA LYS M 63 -92.73 10.74 11.50
C LYS M 63 -93.85 10.80 10.48
N ILE M 64 -93.92 9.81 9.59
CA ILE M 64 -94.96 9.81 8.56
C ILE M 64 -96.33 9.63 9.20
N GLU M 65 -96.42 8.79 10.23
CA GLU M 65 -97.67 8.64 10.97
C GLU M 65 -98.06 9.95 11.64
N LYS M 66 -97.09 10.68 12.17
CA LYS M 66 -97.37 11.98 12.76
C LYS M 66 -97.95 12.94 11.72
N ASN M 67 -97.37 12.95 10.52
CA ASN M 67 -97.91 13.81 9.45
C ASN M 67 -99.34 13.40 9.09
N VAL M 68 -99.58 12.09 8.98
CA VAL M 68 -100.92 11.59 8.69
C VAL M 68 -101.91 12.04 9.75
N LEU M 69 -101.56 11.92 11.02
CA LEU M 69 -102.46 12.33 12.10
C LEU M 69 -102.66 13.85 12.10
N ARG M 70 -101.63 14.61 11.73
CA ARG M 70 -101.73 16.06 11.71
C ARG M 70 -102.71 16.52 10.63
N SER M 71 -102.72 15.86 9.47
CA SER M 71 -103.58 16.30 8.38
C SER M 71 -105.06 16.19 8.74
N MET M 72 -105.45 15.12 9.44
CA MET M 72 -106.87 14.90 9.73
C MET M 72 -107.43 15.97 10.65
N GLU M 73 -106.61 16.55 11.53
CA GLU M 73 -107.10 17.62 12.39
C GLU M 73 -107.52 18.83 11.57
N LEU M 74 -106.68 19.22 10.60
CA LEU M 74 -107.04 20.33 9.71
C LEU M 74 -108.29 19.99 8.90
N THR M 75 -108.38 18.75 8.42
CA THR M 75 -109.57 18.34 7.67
C THR M 75 -110.83 18.49 8.51
N ALA M 76 -110.78 18.01 9.75
CA ALA M 76 -111.95 18.08 10.63
C ALA M 76 -112.32 19.52 10.97
N ASN M 77 -111.32 20.36 11.23
CA ASN M 77 -111.60 21.77 11.51
C ASN M 77 -112.28 22.44 10.32
N GLU M 78 -111.76 22.19 9.11
CA GLU M 78 -112.35 22.80 7.93
C GLU M 78 -113.78 22.30 7.71
N ARG M 79 -114.04 21.01 7.93
CA ARG M 79 -115.39 20.49 7.77
C ARG M 79 -116.35 21.10 8.78
N ARG M 80 -115.91 21.24 10.04
CA ARG M 80 -116.76 21.85 11.05
C ARG M 80 -117.09 23.29 10.69
N ASP M 81 -116.10 24.04 10.22
CA ASP M 81 -116.35 25.44 9.89
C ASP M 81 -117.23 25.55 8.64
N ALA M 82 -117.11 24.58 7.72
CA ALA M 82 -118.02 24.53 6.58
C ALA M 82 -119.45 24.32 7.03
N ALA M 83 -119.66 23.42 8.00
CA ALA M 83 -121.00 23.22 8.54
C ALA M 83 -121.54 24.49 9.18
N LYS M 84 -120.68 25.20 9.93
CA LYS M 84 -121.10 26.46 10.54
C LYS M 84 -121.50 27.49 9.47
N GLN M 85 -120.71 27.57 8.39
CA GLN M 85 -121.01 28.52 7.33
C GLN M 85 -122.32 28.18 6.63
N LEU M 86 -122.57 26.89 6.39
CA LEU M 86 -123.83 26.48 5.78
C LEU M 86 -125.00 26.84 6.68
N SER M 87 -124.87 26.61 7.98
CA SER M 87 -125.93 26.96 8.91
C SER M 87 -126.17 28.47 8.92
N ILE M 88 -125.10 29.26 8.84
CA ILE M 88 -125.25 30.72 8.79
C ILE M 88 -125.97 31.14 7.52
N TRP M 89 -125.59 30.56 6.38
CA TRP M 89 -126.20 30.90 5.10
C TRP M 89 -127.66 30.51 5.01
N GLY M 90 -128.06 29.40 5.63
CA GLY M 90 -129.43 28.96 5.50
C GLY M 90 -130.48 29.80 6.18
N LEU M 91 -130.08 30.83 6.94
CA LEU M 91 -131.03 31.61 7.72
C LEU M 91 -131.96 32.43 6.83
N GLU M 92 -131.40 33.09 5.81
CA GLU M 92 -132.17 34.06 5.03
C GLU M 92 -132.84 33.38 3.83
N ASN M 93 -133.72 32.45 4.15
CA ASN M 93 -134.48 31.73 3.14
C ASN M 93 -135.85 31.38 3.71
N ASP M 94 -136.54 30.47 3.05
CA ASP M 94 -137.87 30.07 3.49
C ASP M 94 -137.81 29.34 4.83
N ASP M 95 -138.97 29.20 5.47
CA ASP M 95 -139.02 28.61 6.80
C ASP M 95 -138.51 27.17 6.80
N ASP M 96 -138.96 26.36 5.84
CA ASP M 96 -138.52 24.96 5.81
C ASP M 96 -137.02 24.85 5.52
N VAL M 97 -136.52 25.67 4.60
CA VAL M 97 -135.08 25.67 4.30
C VAL M 97 -134.25 26.20 5.45
N SER M 98 -134.73 27.21 6.17
CA SER M 98 -134.01 27.78 7.30
C SER M 98 -133.95 26.82 8.49
N ASP M 99 -134.70 25.73 8.45
CA ASP M 99 -134.67 24.71 9.50
C ASP M 99 -133.94 23.45 9.06
N ILE M 100 -134.18 22.99 7.83
CA ILE M 100 -133.50 21.80 7.34
C ILE M 100 -132.01 22.05 7.25
N THR M 101 -131.61 23.24 6.78
CA THR M 101 -130.20 23.57 6.69
C THR M 101 -129.53 23.57 8.06
N ASP M 102 -130.20 24.16 9.07
CA ASP M 102 -129.66 24.18 10.42
C ASP M 102 -129.52 22.77 10.97
N LYS M 103 -130.53 21.92 10.77
CA LYS M 103 -130.45 20.55 11.27
C LYS M 103 -129.33 19.78 10.58
N LEU M 104 -129.17 19.97 9.27
CA LEU M 104 -128.08 19.30 8.57
C LEU M 104 -126.71 19.78 9.05
N GLY M 105 -126.57 21.08 9.32
CA GLY M 105 -125.33 21.58 9.89
C GLY M 105 -125.04 20.96 11.25
N VAL M 106 -126.08 20.86 12.08
CA VAL M 106 -125.91 20.25 13.40
C VAL M 106 -125.46 18.80 13.26
N LEU M 107 -126.08 18.06 12.33
CA LEU M 107 -125.70 16.67 12.14
C LEU M 107 -124.28 16.54 11.60
N ILE M 108 -123.88 17.41 10.69
CA ILE M 108 -122.56 17.36 10.07
C ILE M 108 -121.50 17.70 11.12
N TYR M 109 -121.87 18.51 12.11
CA TYR M 109 -120.94 18.99 13.11
C TYR M 109 -120.24 17.89 13.91
N GLU M 110 -120.80 16.68 13.96
CA GLU M 110 -120.24 15.62 14.79
C GLU M 110 -119.11 14.83 14.13
N VAL M 111 -118.88 15.05 12.83
CA VAL M 111 -117.78 14.35 12.16
C VAL M 111 -116.44 14.76 12.77
N SER M 112 -116.27 16.06 13.05
CA SER M 112 -115.04 16.51 13.70
C SER M 112 -114.91 15.94 15.10
N GLU M 113 -116.02 15.83 15.83
CA GLU M 113 -115.99 15.25 17.17
C GLU M 113 -115.51 13.79 17.11
N LEU M 114 -116.00 13.02 16.15
CA LEU M 114 -115.53 11.66 15.97
C LEU M 114 -114.06 11.63 15.57
N ASP M 115 -113.66 12.55 14.68
CA ASP M 115 -112.28 12.57 14.19
C ASP M 115 -111.30 12.89 15.31
N ASP M 116 -111.71 13.68 16.30
CA ASP M 116 -110.82 13.98 17.42
C ASP M 116 -110.46 12.73 18.20
N GLN M 117 -111.46 11.90 18.53
CA GLN M 117 -111.20 10.65 19.22
C GLN M 117 -110.39 9.70 18.36
N PHE M 118 -110.67 9.68 17.06
CA PHE M 118 -109.88 8.85 16.15
C PHE M 118 -108.42 9.28 16.16
N ILE M 119 -108.17 10.59 16.18
CA ILE M 119 -106.81 11.11 16.22
C ILE M 119 -106.12 10.72 17.52
N ASP M 120 -106.85 10.78 18.64
CA ASP M 120 -106.26 10.38 19.92
C ASP M 120 -105.84 8.92 19.89
N ARG M 121 -106.70 8.05 19.37
CA ARG M 121 -106.34 6.63 19.30
C ARG M 121 -105.18 6.41 18.34
N TYR M 122 -105.12 7.19 17.25
CA TYR M 122 -103.99 7.11 16.33
C TYR M 122 -102.69 7.48 17.03
N ASP M 123 -102.72 8.52 17.86
CA ASP M 123 -101.53 8.91 18.61
C ASP M 123 -101.11 7.81 19.58
N GLN M 124 -102.07 7.16 20.23
CA GLN M 124 -101.74 6.04 21.11
C GLN M 124 -101.03 4.93 20.34
N TYR M 125 -101.55 4.59 19.15
CA TYR M 125 -100.91 3.55 18.34
C TYR M 125 -99.50 3.97 17.92
N ARG M 126 -99.32 5.25 17.57
CA ARG M 126 -98.00 5.74 17.21
C ARG M 126 -97.01 5.62 18.36
N LEU M 127 -97.45 5.94 19.58
CA LEU M 127 -96.58 5.77 20.75
C LEU M 127 -96.23 4.30 20.95
N THR M 128 -97.21 3.41 20.75
CA THR M 128 -96.93 1.98 20.89
C THR M 128 -95.84 1.53 19.92
N LEU M 129 -95.89 2.02 18.68
CA LEU M 129 -94.83 1.67 17.73
C LEU M 129 -93.49 2.31 18.11
N LYS M 130 -93.53 3.54 18.63
CA LYS M 130 -92.30 4.21 19.06
C LYS M 130 -91.58 3.41 20.14
N SER M 131 -92.34 2.72 21.00
CA SER M 131 -91.70 1.89 22.03
C SER M 131 -90.83 0.80 21.40
N ILE M 132 -91.36 0.13 20.38
CA ILE M 132 -90.59 -0.91 19.69
C ILE M 132 -89.36 -0.30 19.03
N ARG M 133 -89.53 0.86 18.39
CA ARG M 133 -88.39 1.54 17.79
C ARG M 133 -87.29 1.77 18.82
N ASP M 134 -87.67 2.28 19.99
CA ASP M 134 -86.70 2.60 21.03
C ASP M 134 -85.98 1.34 21.52
N ILE M 135 -86.72 0.26 21.75
CA ILE M 135 -86.07 -0.92 22.32
C ILE M 135 -85.11 -1.55 21.32
N GLU M 136 -85.48 -1.58 20.02
CA GLU M 136 -84.56 -2.15 19.05
C GLU M 136 -83.31 -1.27 18.87
N GLY M 137 -83.50 0.05 18.90
CA GLY M 137 -82.36 0.95 18.84
C GLY M 137 -81.42 0.77 20.01
N SER M 138 -81.97 0.49 21.20
CA SER M 138 -81.12 0.21 22.35
C SER M 138 -80.45 -1.16 22.24
N VAL M 139 -81.10 -2.12 21.56
CA VAL M 139 -80.55 -3.46 21.47
C VAL M 139 -79.32 -3.49 20.57
N GLN M 140 -79.34 -2.74 19.47
CA GLN M 140 -78.27 -2.86 18.46
C GLN M 140 -76.83 -2.75 18.98
N PRO M 141 -76.48 -1.83 19.89
CA PRO M 141 -75.05 -1.67 20.25
C PRO M 141 -74.38 -2.92 20.80
N SER M 142 -75.13 -3.84 21.42
CA SER M 142 -74.51 -5.06 21.93
C SER M 142 -73.93 -5.89 20.78
N ARG M 143 -74.72 -6.10 19.73
CA ARG M 143 -74.21 -6.82 18.57
C ARG M 143 -73.11 -6.03 17.88
N ASP M 144 -73.19 -4.70 17.90
CA ASP M 144 -72.10 -3.90 17.33
C ASP M 144 -70.78 -4.19 18.06
N ARG M 145 -70.82 -4.19 19.40
CA ARG M 145 -69.62 -4.44 20.18
C ARG M 145 -69.11 -5.85 19.98
N LYS M 146 -70.01 -6.83 19.89
CA LYS M 146 -69.58 -8.21 19.65
C LYS M 146 -68.86 -8.33 18.31
N ASP M 147 -69.41 -7.69 17.27
CA ASP M 147 -68.75 -7.72 15.96
C ASP M 147 -67.37 -7.06 16.02
N LYS M 148 -67.27 -5.94 16.73
CA LYS M 148 -65.98 -5.27 16.86
C LYS M 148 -64.96 -6.16 17.55
N ILE M 149 -65.36 -6.84 18.62
CA ILE M 149 -64.45 -7.73 19.34
C ILE M 149 -64.01 -8.87 18.45
N THR M 150 -64.95 -9.45 17.69
CA THR M 150 -64.59 -10.54 16.79
C THR M 150 -63.59 -10.08 15.74
N ASP M 151 -63.80 -8.90 15.16
CA ASP M 151 -62.86 -8.38 14.16
C ASP M 151 -61.49 -8.15 14.78
N LYS M 152 -61.44 -7.60 15.99
CA LYS M 152 -60.16 -7.38 16.66
C LYS M 152 -59.42 -8.69 16.89
N ILE M 153 -60.14 -9.72 17.34
CA ILE M 153 -59.51 -11.03 17.55
C ILE M 153 -58.97 -11.57 16.24
N ALA M 154 -59.76 -11.47 15.17
CA ALA M 154 -59.33 -12.00 13.88
C ALA M 154 -58.10 -11.28 13.36
N TYR M 155 -58.02 -9.96 13.54
CA TYR M 155 -56.85 -9.23 13.07
C TYR M 155 -55.62 -9.54 13.92
N LEU M 156 -55.78 -9.58 15.25
CA LEU M 156 -54.63 -9.80 16.12
C LEU M 156 -54.08 -11.21 15.98
N LYS M 157 -54.94 -12.19 15.67
CA LYS M 157 -54.44 -13.54 15.42
C LYS M 157 -53.55 -13.57 14.18
N TYR M 158 -53.96 -12.85 13.13
CA TYR M 158 -53.14 -12.79 11.92
C TYR M 158 -51.83 -12.05 12.17
N LYS M 159 -51.87 -10.95 12.93
CA LYS M 159 -50.68 -10.13 13.10
C LYS M 159 -49.54 -10.93 13.74
N ASP M 160 -49.81 -11.57 14.88
CA ASP M 160 -48.84 -12.45 15.51
C ASP M 160 -49.54 -13.39 16.49
N PRO M 161 -49.34 -14.70 16.36
CA PRO M 161 -50.02 -15.65 17.25
C PRO M 161 -49.42 -15.71 18.64
N GLN M 162 -48.27 -15.09 18.88
CA GLN M 162 -47.58 -15.18 20.16
C GLN M 162 -47.98 -14.09 21.14
N SER M 163 -48.92 -13.22 20.78
CA SER M 163 -49.35 -12.17 21.68
C SER M 163 -50.09 -12.77 22.88
N PRO M 164 -49.90 -12.19 24.07
CA PRO M 164 -50.62 -12.68 25.26
C PRO M 164 -52.03 -12.16 25.39
N LYS M 165 -52.52 -11.40 24.41
CA LYS M 165 -53.87 -10.83 24.46
C LYS M 165 -54.92 -11.75 23.86
N ILE M 166 -54.54 -12.93 23.39
CA ILE M 166 -55.51 -13.84 22.79
C ILE M 166 -56.49 -14.35 23.84
N GLU M 167 -56.01 -14.73 25.02
CA GLU M 167 -56.87 -15.34 26.02
C GLU M 167 -57.89 -14.35 26.55
N VAL M 168 -57.45 -13.14 26.89
CA VAL M 168 -58.37 -12.14 27.44
C VAL M 168 -59.41 -11.74 26.40
N LEU M 169 -58.98 -11.57 25.14
CA LEU M 169 -59.91 -11.22 24.08
C LEU M 169 -60.91 -12.34 23.84
N GLU M 170 -60.47 -13.60 23.90
CA GLU M 170 -61.38 -14.72 23.73
C GLU M 170 -62.40 -14.78 24.87
N GLN M 171 -61.95 -14.52 26.10
CA GLN M 171 -62.89 -14.48 27.22
C GLN M 171 -63.90 -13.36 27.06
N GLU M 172 -63.45 -12.19 26.62
CA GLU M 172 -64.37 -11.09 26.36
C GLU M 172 -65.36 -11.44 25.27
N LEU M 173 -64.89 -12.14 24.23
CA LEU M 173 -65.78 -12.55 23.14
C LEU M 173 -66.84 -13.53 23.63
N VAL M 174 -66.45 -14.50 24.46
CA VAL M 174 -67.43 -15.46 24.95
C VAL M 174 -68.42 -14.77 25.89
N ARG M 175 -67.95 -13.79 26.67
CA ARG M 175 -68.85 -13.04 27.53
C ARG M 175 -69.86 -12.24 26.70
N ALA M 176 -69.39 -11.59 25.64
CA ALA M 176 -70.28 -10.84 24.76
C ALA M 176 -71.28 -11.76 24.07
N GLU M 177 -70.84 -12.95 23.66
CA GLU M 177 -71.74 -13.91 23.05
C GLU M 177 -72.82 -14.35 24.03
N ALA M 178 -72.44 -14.61 25.28
CA ALA M 178 -73.41 -15.00 26.29
C ALA M 178 -74.41 -13.88 26.54
N GLU M 179 -73.96 -12.63 26.51
CA GLU M 179 -74.88 -11.50 26.66
C GLU M 179 -75.83 -11.39 25.48
N SER M 180 -75.29 -11.49 24.26
CA SER M 180 -76.13 -11.35 23.07
C SER M 180 -77.14 -12.48 22.94
N LEU M 181 -76.82 -13.66 23.49
CA LEU M 181 -77.74 -14.79 23.40
C LEU M 181 -79.07 -14.46 24.08
N VAL M 182 -79.03 -13.76 25.21
CA VAL M 182 -80.26 -13.33 25.86
C VAL M 182 -80.77 -12.01 25.30
N ALA M 183 -79.87 -11.16 24.79
CA ALA M 183 -80.31 -9.89 24.20
C ALA M 183 -81.21 -10.12 23.00
N GLU M 184 -80.84 -11.06 22.11
CA GLU M 184 -81.67 -11.33 20.94
C GLU M 184 -83.03 -11.88 21.33
N ALA M 185 -83.07 -12.77 22.33
CA ALA M 185 -84.34 -13.34 22.77
C ALA M 185 -85.24 -12.27 23.36
N GLN M 186 -84.69 -11.39 24.20
CA GLN M 186 -85.50 -10.34 24.80
C GLN M 186 -85.91 -9.29 23.78
N LEU M 187 -85.15 -9.13 22.69
CA LEU M 187 -85.58 -8.24 21.63
C LEU M 187 -86.73 -8.85 20.84
N SER M 188 -86.63 -10.13 20.50
CA SER M 188 -87.66 -10.77 19.68
C SER M 188 -88.92 -11.12 20.45
N ASN M 189 -88.86 -11.15 21.79
CA ASN M 189 -90.03 -11.56 22.56
C ASN M 189 -91.17 -10.55 22.45
N ILE M 190 -90.87 -9.24 22.49
CA ILE M 190 -91.91 -8.24 22.66
C ILE M 190 -92.43 -7.64 21.36
N THR M 191 -91.71 -7.80 20.25
CA THR M 191 -92.13 -7.18 19.00
C THR M 191 -93.45 -7.75 18.50
N ARG M 192 -93.53 -9.09 18.45
CA ARG M 192 -94.74 -9.73 17.93
C ARG M 192 -95.95 -9.51 18.81
N SER M 193 -95.75 -9.11 20.07
CA SER M 193 -96.85 -8.80 20.96
C SER M 193 -97.29 -7.34 20.83
N LYS M 194 -96.34 -6.41 20.88
CA LYS M 194 -96.69 -5.00 20.81
C LYS M 194 -97.26 -4.64 19.44
N LEU M 195 -96.70 -5.18 18.36
CA LEU M 195 -97.24 -4.92 17.03
C LEU M 195 -98.68 -5.40 16.92
N ARG M 196 -98.94 -6.62 17.41
CA ARG M 196 -100.28 -7.18 17.34
C ARG M 196 -101.26 -6.35 18.16
N ALA M 197 -100.87 -5.94 19.37
CA ALA M 197 -101.77 -5.13 20.20
C ALA M 197 -102.07 -3.80 19.55
N ALA M 198 -101.03 -3.13 19.02
CA ALA M 198 -101.24 -1.82 18.40
C ALA M 198 -102.15 -1.93 17.18
N PHE M 199 -101.93 -2.95 16.35
CA PHE M 199 -102.75 -3.07 15.15
C PHE M 199 -104.19 -3.46 15.47
N ASN M 200 -104.39 -4.30 16.51
CA ASN M 200 -105.75 -4.60 16.94
C ASN M 200 -106.46 -3.35 17.44
N TYR M 201 -105.76 -2.53 18.22
CA TYR M 201 -106.36 -1.28 18.70
C TYR M 201 -106.73 -0.37 17.54
N GLN M 202 -105.82 -0.24 16.57
CA GLN M 202 -106.09 0.63 15.42
C GLN M 202 -107.29 0.13 14.62
N PHE M 203 -107.37 -1.17 14.39
CA PHE M 203 -108.49 -1.71 13.61
C PHE M 203 -109.81 -1.54 14.36
N ASP M 204 -109.81 -1.75 15.67
CA ASP M 204 -111.02 -1.52 16.45
C ASP M 204 -111.47 -0.06 16.37
N SER M 205 -110.52 0.87 16.48
CA SER M 205 -110.87 2.28 16.36
C SER M 205 -111.44 2.60 14.98
N ILE M 206 -110.84 2.05 13.94
CA ILE M 206 -111.32 2.31 12.58
C ILE M 206 -112.75 1.79 12.42
N ILE M 207 -113.00 0.57 12.91
CA ILE M 207 -114.34 -0.01 12.78
C ILE M 207 -115.37 0.85 13.51
N GLU M 208 -115.06 1.26 14.74
CA GLU M 208 -116.00 2.06 15.51
C GLU M 208 -116.29 3.38 14.81
N HIS M 209 -115.25 4.07 14.35
CA HIS M 209 -115.43 5.36 13.71
C HIS M 209 -116.26 5.22 12.43
N SER M 210 -115.96 4.21 11.61
CA SER M 210 -116.69 4.02 10.37
C SER M 210 -118.16 3.71 10.63
N GLU M 211 -118.45 2.85 11.62
CA GLU M 211 -119.84 2.52 11.89
C GLU M 211 -120.60 3.72 12.41
N LYS M 212 -119.98 4.53 13.28
CA LYS M 212 -120.65 5.73 13.77
C LYS M 212 -120.93 6.71 12.62
N ILE M 213 -119.96 6.89 11.73
CA ILE M 213 -120.17 7.79 10.60
C ILE M 213 -121.30 7.28 9.71
N ALA M 214 -121.35 5.98 9.45
CA ALA M 214 -122.41 5.42 8.61
C ALA M 214 -123.78 5.62 9.26
N LEU M 215 -123.88 5.40 10.57
CA LEU M 215 -125.16 5.61 11.25
C LEU M 215 -125.60 7.06 11.17
N ILE M 216 -124.66 7.99 11.38
CA ILE M 216 -124.99 9.41 11.31
C ILE M 216 -125.47 9.78 9.92
N ALA M 217 -124.80 9.27 8.88
CA ALA M 217 -125.21 9.58 7.51
C ALA M 217 -126.59 9.00 7.20
N GLY M 218 -126.87 7.78 7.67
CA GLY M 218 -128.18 7.21 7.46
C GLY M 218 -129.28 8.02 8.10
N TYR M 219 -129.08 8.45 9.35
CA TYR M 219 -130.09 9.27 10.00
C TYR M 219 -130.22 10.64 9.35
N GLY M 220 -129.11 11.18 8.82
CA GLY M 220 -129.19 12.42 8.08
C GLY M 220 -130.04 12.29 6.82
N LYS M 221 -129.87 11.19 6.09
CA LYS M 221 -130.74 10.93 4.94
C LYS M 221 -132.19 10.80 5.36
N ALA M 222 -132.43 10.11 6.49
CA ALA M 222 -133.80 9.97 6.98
C ALA M 222 -134.42 11.32 7.29
N LEU M 223 -133.64 12.23 7.91
CA LEU M 223 -134.15 13.56 8.19
C LEU M 223 -134.40 14.34 6.90
N LEU M 224 -133.46 14.28 5.96
CA LEU M 224 -133.62 15.01 4.70
C LEU M 224 -134.78 14.52 3.87
N GLU M 225 -135.21 13.27 4.07
CA GLU M 225 -136.34 12.74 3.31
C GLU M 225 -137.61 13.54 3.57
N LEU M 226 -137.65 14.27 4.68
CA LEU M 226 -138.82 15.06 5.07
C LEU M 226 -138.96 16.34 4.26
N LEU M 227 -137.89 16.82 3.64
CA LEU M 227 -137.90 18.09 2.90
C LEU M 227 -138.73 17.88 1.64
N ASP M 228 -139.97 18.38 1.65
CA ASP M 228 -140.85 18.23 0.51
C ASP M 228 -140.54 19.30 -0.54
N ASP M 229 -140.57 18.89 -1.81
CA ASP M 229 -140.36 19.80 -2.93
C ASP M 229 -141.44 19.57 -3.98
N SER M 230 -141.91 20.65 -4.58
CA SER M 230 -142.87 20.59 -5.68
C SER M 230 -142.73 21.88 -6.49
N PRO M 231 -142.84 21.81 -7.81
CA PRO M 231 -142.76 23.03 -8.62
C PRO M 231 -143.92 23.97 -8.31
N VAL M 232 -143.62 25.27 -8.31
CA VAL M 232 -144.60 26.30 -8.00
C VAL M 232 -144.73 27.22 -9.20
N THR M 233 -145.97 27.53 -9.57
CA THR M 233 -146.23 28.43 -10.67
C THR M 233 -146.10 29.88 -10.20
N PRO M 234 -145.79 30.81 -11.11
CA PRO M 234 -145.67 32.21 -10.72
C PRO M 234 -146.97 32.73 -10.13
N GLY M 235 -146.84 33.54 -9.08
CA GLY M 235 -147.98 34.11 -8.39
C GLY M 235 -148.56 33.25 -7.29
N GLU M 236 -148.18 31.98 -7.21
CA GLU M 236 -148.71 31.09 -6.19
C GLU M 236 -147.94 31.23 -4.89
N THR M 237 -148.59 30.85 -3.79
CA THR M 237 -147.98 30.87 -2.47
C THR M 237 -147.92 29.45 -1.93
N ARG M 238 -146.74 29.03 -1.50
CA ARG M 238 -146.59 27.69 -0.96
C ARG M 238 -147.30 27.58 0.39
N PRO M 239 -147.88 26.43 0.70
CA PRO M 239 -148.53 26.26 2.01
C PRO M 239 -147.54 26.39 3.14
N ALA M 240 -148.01 26.87 4.29
CA ALA M 240 -147.16 27.03 5.46
C ALA M 240 -146.58 25.68 5.89
N TYR M 241 -145.27 25.66 6.10
CA TYR M 241 -144.59 24.42 6.47
C TYR M 241 -144.69 24.19 7.97
N ASP M 242 -145.17 23.01 8.36
CA ASP M 242 -145.29 22.62 9.76
C ASP M 242 -144.68 21.23 9.93
N GLY M 243 -143.37 21.21 10.19
CA GLY M 243 -142.66 19.97 10.41
C GLY M 243 -141.60 20.10 11.48
N TYR M 244 -141.80 21.05 12.39
CA TYR M 244 -140.79 21.33 13.42
C TYR M 244 -140.60 20.15 14.36
N GLU M 245 -141.70 19.48 14.74
CA GLU M 245 -141.65 18.43 15.74
C GLU M 245 -140.90 17.19 15.25
N ALA M 246 -141.14 16.82 13.99
CA ALA M 246 -140.55 15.59 13.43
C ALA M 246 -139.03 15.64 13.42
N SER M 247 -138.48 16.80 13.04
CA SER M 247 -137.02 16.94 13.00
C SER M 247 -136.41 16.80 14.39
N LYS M 248 -137.08 17.36 15.41
CA LYS M 248 -136.59 17.23 16.78
C LYS M 248 -136.56 15.77 17.21
N GLN M 249 -137.62 15.01 16.88
CA GLN M 249 -137.65 13.59 17.19
C GLN M 249 -136.54 12.85 16.44
N ILE M 250 -136.30 13.22 15.20
CA ILE M 250 -135.27 12.56 14.40
C ILE M 250 -133.89 12.77 15.03
N ILE M 251 -133.57 14.01 15.40
CA ILE M 251 -132.25 14.26 15.96
C ILE M 251 -132.13 13.66 17.36
N ILE M 252 -133.23 13.61 18.12
CA ILE M 252 -133.20 12.94 19.43
C ILE M 252 -132.92 11.46 19.25
N ASP M 253 -133.55 10.83 18.26
CA ASP M 253 -133.29 9.42 17.97
C ASP M 253 -131.84 9.23 17.53
N ALA M 254 -131.29 10.17 16.76
CA ALA M 254 -129.89 10.09 16.36
C ALA M 254 -128.98 10.13 17.57
N GLU M 255 -129.25 11.04 18.51
CA GLU M 255 -128.45 11.11 19.72
C GLU M 255 -128.55 9.81 20.53
N SER M 256 -129.77 9.28 20.66
CA SER M 256 -129.95 8.04 21.41
C SER M 256 -129.20 6.89 20.77
N ALA M 257 -129.29 6.77 19.45
CA ALA M 257 -128.59 5.69 18.75
C ALA M 257 -127.08 5.83 18.87
N LEU M 258 -126.58 7.06 18.75
CA LEU M 258 -125.13 7.28 18.87
C LEU M 258 -124.64 6.94 20.27
N ASN M 259 -125.40 7.33 21.30
CA ASN M 259 -124.97 7.08 22.67
C ASN M 259 -125.07 5.59 23.02
N GLU M 260 -126.12 4.92 22.53
CA GLU M 260 -126.36 3.53 22.91
C GLU M 260 -125.39 2.56 22.25
N TRP M 261 -124.84 2.91 21.09
CA TRP M 261 -124.01 1.98 20.34
C TRP M 261 -122.78 1.57 21.13
N THR M 262 -122.49 0.27 21.11
CA THR M 262 -121.29 -0.29 21.74
C THR M 262 -120.52 -1.10 20.71
N LEU M 263 -119.27 -1.40 21.05
CA LEU M 263 -118.43 -2.20 20.15
C LEU M 263 -118.99 -3.60 19.96
N ASP M 264 -119.47 -4.21 21.05
CA ASP M 264 -120.03 -5.55 20.96
C ASP M 264 -121.32 -5.60 20.15
N SER M 265 -121.99 -4.46 19.98
CA SER M 265 -123.23 -4.38 19.21
C SER M 265 -122.98 -3.86 17.80
N ALA M 266 -121.85 -4.22 17.19
CA ALA M 266 -121.53 -3.76 15.85
C ALA M 266 -122.52 -4.31 14.84
N GLN M 267 -123.03 -3.42 13.99
CA GLN M 267 -124.00 -3.85 12.98
C GLN M 267 -123.34 -4.62 11.84
N VAL M 268 -122.14 -4.21 11.45
CA VAL M 268 -121.45 -4.86 10.35
C VAL M 268 -120.87 -6.18 10.83
N LYS M 269 -121.19 -7.26 10.11
CA LYS M 269 -120.67 -8.60 10.42
C LYS M 269 -119.88 -9.12 9.24
N PRO M 270 -118.55 -8.98 9.25
CA PRO M 270 -117.74 -9.49 8.13
C PRO M 270 -117.90 -11.00 7.97
N THR M 271 -117.90 -11.44 6.72
CA THR M 271 -118.05 -12.85 6.41
C THR M 271 -116.71 -13.58 6.50
N MET N 1 -123.91 15.47 21.46
CA MET N 1 -123.92 16.93 21.58
C MET N 1 -123.50 17.37 22.97
N HIS N 2 -122.21 17.23 23.29
CA HIS N 2 -121.72 17.66 24.60
C HIS N 2 -121.75 19.18 24.73
N ARG N 3 -121.39 19.89 23.66
CA ARG N 3 -121.35 21.35 23.71
C ARG N 3 -122.74 21.95 23.91
N THR N 4 -123.75 21.39 23.24
CA THR N 4 -125.07 22.00 23.27
C THR N 4 -125.70 21.89 24.65
N TYR N 5 -125.72 20.70 25.23
CA TYR N 5 -126.52 20.43 26.41
C TYR N 5 -125.78 20.73 27.72
N SER N 6 -124.56 21.23 27.65
CA SER N 6 -123.81 21.56 28.85
C SER N 6 -122.81 22.65 28.52
N LEU N 7 -122.64 23.60 29.47
CA LEU N 7 -121.67 24.66 29.28
C LEU N 7 -120.23 24.16 29.26
N ARG N 8 -120.00 22.95 29.77
CA ARG N 8 -118.66 22.38 29.77
C ARG N 8 -118.20 22.07 28.35
N ASN N 9 -116.90 22.23 28.11
CA ASN N 9 -116.29 21.89 26.84
C ASN N 9 -115.71 20.49 26.83
N SER N 10 -115.86 19.73 27.91
CA SER N 10 -115.33 18.38 28.00
C SER N 10 -116.31 17.40 27.37
N ARG N 11 -116.08 16.11 27.57
CA ARG N 11 -116.90 15.05 27.00
C ARG N 11 -117.68 14.35 28.12
N ALA N 12 -118.99 14.27 27.95
CA ALA N 12 -119.82 13.60 28.93
C ALA N 12 -119.62 12.09 28.85
N PRO N 13 -119.74 11.38 29.98
CA PRO N 13 -119.59 9.92 29.95
C PRO N 13 -120.66 9.26 29.09
N THR N 14 -120.27 8.18 28.42
CA THR N 14 -121.17 7.42 27.57
C THR N 14 -120.86 5.94 27.75
N ALA N 15 -121.53 5.09 26.97
CA ALA N 15 -121.32 3.66 27.06
C ALA N 15 -119.88 3.28 26.70
N SER N 16 -119.36 3.86 25.62
CA SER N 16 -117.98 3.60 25.23
C SER N 16 -117.01 4.14 26.27
N GLN N 17 -117.29 5.32 26.82
CA GLN N 17 -116.43 5.89 27.85
C GLN N 17 -116.45 5.03 29.12
N LEU N 18 -117.64 4.54 29.49
CA LEU N 18 -117.72 3.66 30.66
C LEU N 18 -116.98 2.36 30.44
N GLN N 19 -117.11 1.77 29.24
CA GLN N 19 -116.41 0.52 28.95
C GLN N 19 -114.90 0.72 28.93
N ASN N 20 -114.43 1.81 28.32
CA ASN N 20 -113.01 2.09 28.22
C ASN N 20 -112.80 3.59 28.46
N PRO N 21 -111.93 3.96 29.38
CA PRO N 21 -111.67 5.39 29.64
C PRO N 21 -111.12 6.07 28.40
N PRO N 22 -111.50 7.32 28.16
CA PRO N 22 -111.02 8.04 26.97
C PRO N 22 -109.51 8.23 27.01
N PRO N 23 -108.84 8.14 25.87
CA PRO N 23 -107.40 8.34 25.84
C PRO N 23 -107.04 9.80 26.06
N PRO N 24 -105.82 10.09 26.53
CA PRO N 24 -105.43 11.47 26.71
C PRO N 24 -105.34 12.19 25.37
N PRO N 25 -105.52 13.52 25.35
CA PRO N 25 -105.45 14.25 24.08
C PRO N 25 -104.08 14.14 23.43
N SER N 26 -104.06 14.21 22.10
CA SER N 26 -102.82 14.06 21.35
C SER N 26 -101.84 15.16 21.73
N THR N 27 -100.58 14.77 21.94
CA THR N 27 -99.55 15.71 22.35
C THR N 27 -99.07 16.60 21.20
N THR N 28 -99.20 16.15 19.97
CA THR N 28 -98.72 16.92 18.81
C THR N 28 -99.83 17.81 18.24
N LYS N 29 -100.43 18.61 19.11
CA LYS N 29 -101.45 19.59 18.72
C LYS N 29 -100.92 20.97 19.14
N GLY N 30 -100.15 21.60 18.26
CA GLY N 30 -99.55 22.87 18.58
C GLY N 30 -100.56 24.01 18.58
N ARG N 31 -100.16 25.10 19.25
CA ARG N 31 -101.03 26.28 19.31
C ARG N 31 -101.16 26.94 17.95
N PHE N 32 -100.07 27.00 17.18
CA PHE N 32 -100.10 27.64 15.87
C PHE N 32 -100.89 26.78 14.89
N PHE N 33 -101.79 27.43 14.14
CA PHE N 33 -102.63 26.70 13.21
C PHE N 33 -101.81 26.11 12.07
N GLY N 34 -100.98 26.93 11.43
CA GLY N 34 -100.21 26.46 10.29
C GLY N 34 -101.06 25.94 9.14
N LYS N 35 -102.14 26.66 8.82
CA LYS N 35 -103.10 26.18 7.83
C LYS N 35 -102.64 26.57 6.43
N GLY N 36 -101.50 26.00 6.04
CA GLY N 36 -100.97 26.22 4.71
C GLY N 36 -100.63 27.66 4.40
N GLY N 37 -100.06 28.38 5.37
CA GLY N 37 -99.75 29.78 5.14
C GLY N 37 -101.00 30.64 5.08
N LEU N 38 -100.88 31.77 4.38
CA LEU N 38 -101.97 32.72 4.22
C LEU N 38 -102.77 32.49 2.95
N ALA N 39 -102.43 31.48 2.16
CA ALA N 39 -103.16 31.22 0.92
C ALA N 39 -104.62 30.84 1.21
N TYR N 40 -104.84 30.01 2.23
CA TYR N 40 -106.20 29.64 2.59
C TYR N 40 -107.01 30.86 3.03
N SER N 41 -106.40 31.72 3.86
CA SER N 41 -107.10 32.91 4.33
C SER N 41 -107.41 33.86 3.18
N PHE N 42 -106.47 34.01 2.23
CA PHE N 42 -106.70 34.88 1.10
C PHE N 42 -107.81 34.34 0.21
N ARG N 43 -107.79 33.04 -0.10
CA ARG N 43 -108.87 32.44 -0.88
C ARG N 43 -110.20 32.57 -0.16
N ARG N 44 -110.17 32.54 1.17
CA ARG N 44 -111.40 32.62 1.94
C ARG N 44 -111.97 34.03 1.97
N SER N 45 -111.10 35.04 2.05
CA SER N 45 -111.55 36.42 2.23
C SER N 45 -111.82 37.14 0.90
N ALA N 46 -111.00 36.91 -0.12
CA ALA N 46 -111.17 37.63 -1.38
C ALA N 46 -112.47 37.25 -2.08
N ALA N 47 -112.94 36.01 -1.89
CA ALA N 47 -114.13 35.55 -2.59
C ALA N 47 -115.41 36.15 -2.02
N GLY N 48 -115.40 36.60 -0.77
CA GLY N 48 -116.58 37.11 -0.12
C GLY N 48 -116.83 38.60 -0.24
N ALA N 49 -116.01 39.32 -1.01
CA ALA N 49 -116.20 40.76 -1.12
C ALA N 49 -115.97 41.27 -2.55
N PHE N 50 -116.24 40.46 -3.57
CA PHE N 50 -116.00 40.86 -4.95
C PHE N 50 -117.26 40.86 -5.79
N GLY N 51 -118.06 39.80 -5.74
CA GLY N 51 -119.22 39.66 -6.59
C GLY N 51 -120.47 40.29 -6.01
N PRO N 52 -121.63 39.90 -6.54
CA PRO N 52 -122.90 40.45 -6.04
C PRO N 52 -123.15 40.05 -4.60
N GLU N 53 -123.91 40.89 -3.90
CA GLU N 53 -124.14 40.69 -2.48
C GLU N 53 -124.96 39.43 -2.22
N LEU N 54 -125.88 39.09 -3.12
CA LEU N 54 -126.77 37.95 -2.89
C LEU N 54 -126.00 36.64 -2.83
N SER N 55 -125.03 36.45 -3.71
CA SER N 55 -124.29 35.20 -3.82
C SER N 55 -122.91 35.27 -3.17
N ARG N 56 -122.76 36.08 -2.13
CA ARG N 56 -121.46 36.20 -1.48
C ARG N 56 -121.15 35.00 -0.58
N LYS N 57 -122.16 34.47 0.12
CA LYS N 57 -121.91 33.41 1.08
C LYS N 57 -121.61 32.08 0.40
N LEU N 58 -122.35 31.76 -0.67
CA LEU N 58 -122.16 30.47 -1.33
C LEU N 58 -120.79 30.35 -1.95
N SER N 59 -120.20 31.47 -2.42
CA SER N 59 -118.84 31.42 -2.93
C SER N 59 -117.86 31.05 -1.83
N GLN N 60 -118.04 31.63 -0.64
CA GLN N 60 -117.19 31.27 0.49
C GLN N 60 -117.35 29.79 0.86
N LEU N 61 -118.60 29.30 0.84
CA LEU N 61 -118.83 27.90 1.14
C LEU N 61 -118.16 27.00 0.10
N VAL N 62 -118.20 27.38 -1.18
CA VAL N 62 -117.56 26.60 -2.22
C VAL N 62 -116.06 26.59 -2.02
N LYS N 63 -115.46 27.73 -1.69
CA LYS N 63 -114.02 27.77 -1.44
C LYS N 63 -113.63 26.89 -0.25
N ILE N 64 -114.43 26.93 0.82
CA ILE N 64 -114.13 26.13 2.00
C ILE N 64 -114.26 24.64 1.68
N GLU N 65 -115.27 24.29 0.88
CA GLU N 65 -115.42 22.90 0.44
C GLU N 65 -114.22 22.48 -0.40
N LYS N 66 -113.71 23.38 -1.24
CA LYS N 66 -112.51 23.07 -2.03
C LYS N 66 -111.33 22.79 -1.12
N ASN N 67 -111.14 23.60 -0.07
CA ASN N 67 -110.06 23.35 0.88
C ASN N 67 -110.22 22.00 1.58
N VAL N 68 -111.46 21.69 2.00
CA VAL N 68 -111.74 20.41 2.62
C VAL N 68 -111.39 19.25 1.70
N LEU N 69 -111.78 19.33 0.44
CA LEU N 69 -111.48 18.27 -0.52
C LEU N 69 -109.99 18.18 -0.78
N ARG N 70 -109.29 19.32 -0.77
CA ARG N 70 -107.86 19.33 -1.04
C ARG N 70 -107.09 18.62 0.08
N SER N 71 -107.52 18.81 1.33
CA SER N 71 -106.79 18.22 2.46
C SER N 71 -106.80 16.69 2.41
N MET N 72 -107.93 16.09 2.02
CA MET N 72 -108.04 14.64 2.05
C MET N 72 -107.10 13.97 1.06
N GLU N 73 -106.80 14.64 -0.06
CA GLU N 73 -105.85 14.07 -1.02
C GLU N 73 -104.47 13.92 -0.39
N LEU N 74 -104.00 14.96 0.30
CA LEU N 74 -102.72 14.86 0.99
C LEU N 74 -102.76 13.79 2.07
N THR N 75 -103.87 13.71 2.81
CA THR N 75 -103.99 12.67 3.84
C THR N 75 -103.87 11.27 3.23
N ALA N 76 -104.57 11.04 2.11
CA ALA N 76 -104.53 9.72 1.48
C ALA N 76 -103.15 9.40 0.94
N ASN N 77 -102.48 10.39 0.32
CA ASN N 77 -101.14 10.15 -0.18
C ASN N 77 -100.18 9.78 0.94
N GLU N 78 -100.26 10.52 2.06
CA GLU N 78 -99.39 10.23 3.20
C GLU N 78 -99.66 8.84 3.76
N ARG N 79 -100.94 8.45 3.87
CA ARG N 79 -101.26 7.13 4.38
C ARG N 79 -100.75 6.02 3.46
N ARG N 80 -100.90 6.21 2.15
CA ARG N 80 -100.39 5.21 1.21
C ARG N 80 -98.88 5.06 1.31
N ASP N 81 -98.17 6.19 1.43
CA ASP N 81 -96.72 6.12 1.50
C ASP N 81 -96.29 5.52 2.84
N ALA N 82 -97.06 5.76 3.90
CA ALA N 82 -96.81 5.10 5.18
C ALA N 82 -96.94 3.59 5.06
N ALA N 83 -97.97 3.12 4.35
CA ALA N 83 -98.12 1.69 4.12
C ALA N 83 -96.92 1.13 3.35
N LYS N 84 -96.48 1.86 2.33
CA LYS N 84 -95.31 1.42 1.56
C LYS N 84 -94.08 1.33 2.45
N GLN N 85 -93.87 2.32 3.32
CA GLN N 85 -92.71 2.32 4.20
C GLN N 85 -92.77 1.16 5.18
N LEU N 86 -93.95 0.88 5.73
CA LEU N 86 -94.10 -0.26 6.63
C LEU N 86 -93.78 -1.57 5.92
N SER N 87 -94.27 -1.72 4.68
CA SER N 87 -93.97 -2.92 3.92
C SER N 87 -92.49 -3.05 3.65
N ILE N 88 -91.82 -1.93 3.36
CA ILE N 88 -90.37 -1.96 3.13
C ILE N 88 -89.64 -2.38 4.41
N TRP N 89 -90.03 -1.81 5.55
CA TRP N 89 -89.38 -2.11 6.82
C TRP N 89 -89.59 -3.55 7.27
N GLY N 90 -90.75 -4.16 6.97
CA GLY N 90 -91.01 -5.50 7.44
C GLY N 90 -90.18 -6.60 6.80
N LEU N 91 -89.38 -6.29 5.79
CA LEU N 91 -88.65 -7.32 5.06
C LEU N 91 -87.59 -7.99 5.92
N GLU N 92 -86.81 -7.19 6.66
CA GLU N 92 -85.62 -7.70 7.36
C GLU N 92 -85.98 -8.16 8.77
N ASN N 93 -86.86 -9.16 8.82
CA ASN N 93 -87.29 -9.74 10.08
C ASN N 93 -87.58 -11.22 9.85
N ASP N 94 -88.28 -11.83 10.80
CA ASP N 94 -88.60 -13.25 10.71
C ASP N 94 -89.57 -13.50 9.56
N ASP N 95 -89.69 -14.78 9.20
CA ASP N 95 -90.51 -15.15 8.04
C ASP N 95 -91.97 -14.75 8.24
N ASP N 96 -92.54 -15.05 9.40
CA ASP N 96 -93.94 -14.72 9.65
C ASP N 96 -94.16 -13.22 9.66
N VAL N 97 -93.25 -12.47 10.29
CA VAL N 97 -93.35 -11.01 10.32
C VAL N 97 -93.14 -10.39 8.95
N SER N 98 -92.24 -10.93 8.14
CA SER N 98 -91.98 -10.43 6.80
C SER N 98 -93.13 -10.67 5.84
N ASP N 99 -94.11 -11.48 6.25
CA ASP N 99 -95.30 -11.74 5.43
C ASP N 99 -96.53 -11.03 5.98
N ILE N 100 -96.73 -11.05 7.30
CA ILE N 100 -97.87 -10.37 7.89
C ILE N 100 -97.78 -8.87 7.65
N THR N 101 -96.58 -8.31 7.78
CA THR N 101 -96.39 -6.88 7.54
C THR N 101 -96.72 -6.52 6.09
N ASP N 102 -96.26 -7.33 5.14
CA ASP N 102 -96.56 -7.07 3.74
C ASP N 102 -98.06 -7.15 3.46
N LYS N 103 -98.72 -8.15 4.02
CA LYS N 103 -100.16 -8.29 3.80
C LYS N 103 -100.91 -7.11 4.41
N LEU N 104 -100.51 -6.66 5.60
CA LEU N 104 -101.15 -5.51 6.21
C LEU N 104 -100.92 -4.25 5.39
N GLY N 105 -99.72 -4.06 4.84
CA GLY N 105 -99.48 -2.92 3.97
C GLY N 105 -100.37 -2.97 2.74
N VAL N 106 -100.51 -4.16 2.14
CA VAL N 106 -101.36 -4.31 0.98
C VAL N 106 -102.81 -3.96 1.32
N LEU N 107 -103.29 -4.42 2.48
CA LEU N 107 -104.65 -4.11 2.89
C LEU N 107 -104.84 -2.62 3.15
N ILE N 108 -103.86 -1.98 3.77
CA ILE N 108 -103.95 -0.57 4.13
C ILE N 108 -103.92 0.27 2.87
N TYR N 109 -103.28 -0.23 1.82
CA TYR N 109 -103.10 0.51 0.58
C TYR N 109 -104.40 0.95 -0.08
N GLU N 110 -105.53 0.30 0.22
CA GLU N 110 -106.79 0.60 -0.48
C GLU N 110 -107.55 1.78 0.11
N VAL N 111 -107.13 2.29 1.27
CA VAL N 111 -107.81 3.45 1.85
C VAL N 111 -107.67 4.66 0.94
N SER N 112 -106.48 4.86 0.36
CA SER N 112 -106.29 5.96 -0.58
C SER N 112 -107.12 5.76 -1.83
N GLU N 113 -107.24 4.52 -2.30
CA GLU N 113 -108.06 4.24 -3.47
C GLU N 113 -109.52 4.60 -3.21
N LEU N 114 -110.04 4.26 -2.03
CA LEU N 114 -111.40 4.67 -1.68
C LEU N 114 -111.51 6.19 -1.55
N ASP N 115 -110.50 6.82 -0.96
CA ASP N 115 -110.55 8.27 -0.76
C ASP N 115 -110.55 9.02 -2.07
N ASP N 116 -109.91 8.47 -3.11
CA ASP N 116 -109.92 9.14 -4.41
C ASP N 116 -111.33 9.24 -4.97
N GLN N 117 -112.09 8.14 -4.93
CA GLN N 117 -113.46 8.16 -5.40
C GLN N 117 -114.32 9.06 -4.52
N PHE N 118 -114.08 9.04 -3.21
CA PHE N 118 -114.81 9.94 -2.32
C PHE N 118 -114.54 11.39 -2.69
N ILE N 119 -113.30 11.73 -3.03
CA ILE N 119 -112.95 13.09 -3.42
C ILE N 119 -113.65 13.47 -4.72
N ASP N 120 -113.71 12.53 -5.67
CA ASP N 120 -114.41 12.81 -6.92
C ASP N 120 -115.88 13.13 -6.68
N ARG N 121 -116.55 12.32 -5.84
CA ARG N 121 -117.95 12.58 -5.55
C ARG N 121 -118.12 13.91 -4.80
N TYR N 122 -117.17 14.24 -3.92
CA TYR N 122 -117.20 15.52 -3.24
C TYR N 122 -117.11 16.67 -4.22
N ASP N 123 -116.25 16.55 -5.23
CA ASP N 123 -116.15 17.60 -6.25
C ASP N 123 -117.44 17.73 -7.04
N GLN N 124 -118.09 16.60 -7.34
CA GLN N 124 -119.38 16.66 -8.02
C GLN N 124 -120.40 17.43 -7.18
N TYR N 125 -120.46 17.15 -5.88
CA TYR N 125 -121.38 17.86 -5.01
C TYR N 125 -121.06 19.36 -4.95
N ARG N 126 -119.76 19.69 -4.92
CA ARG N 126 -119.36 21.09 -4.91
C ARG N 126 -119.81 21.81 -6.17
N LEU N 127 -119.68 21.16 -7.33
CA LEU N 127 -120.16 21.75 -8.58
C LEU N 127 -121.67 21.95 -8.54
N THR N 128 -122.39 20.98 -7.99
CA THR N 128 -123.85 21.10 -7.88
C THR N 128 -124.23 22.33 -7.05
N LEU N 129 -123.51 22.58 -5.96
CA LEU N 129 -123.79 23.78 -5.17
C LEU N 129 -123.39 25.06 -5.91
N LYS N 130 -122.28 25.00 -6.66
CA LYS N 130 -121.84 26.16 -7.43
C LYS N 130 -122.90 26.59 -8.45
N SER N 131 -123.65 25.63 -8.99
CA SER N 131 -124.73 25.97 -9.92
C SER N 131 -125.77 26.87 -9.26
N ILE N 132 -126.19 26.52 -8.04
CA ILE N 132 -127.15 27.33 -7.31
C ILE N 132 -126.58 28.71 -7.04
N ARG N 133 -125.30 28.76 -6.62
CA ARG N 133 -124.66 30.05 -6.39
C ARG N 133 -124.75 30.93 -7.64
N ASP N 134 -124.42 30.35 -8.80
CA ASP N 134 -124.41 31.11 -10.04
C ASP N 134 -125.81 31.63 -10.39
N ILE N 135 -126.83 30.78 -10.25
CA ILE N 135 -128.15 31.20 -10.67
C ILE N 135 -128.69 32.30 -9.76
N GLU N 136 -128.44 32.20 -8.44
CA GLU N 136 -128.92 33.26 -7.56
C GLU N 136 -128.17 34.58 -7.80
N GLY N 137 -126.85 34.49 -8.06
CA GLY N 137 -126.10 35.67 -8.40
C GLY N 137 -126.59 36.34 -9.67
N SER N 138 -127.03 35.55 -10.65
CA SER N 138 -127.62 36.12 -11.86
C SER N 138 -129.00 36.69 -11.60
N VAL N 139 -129.74 36.13 -10.63
CA VAL N 139 -131.10 36.58 -10.37
C VAL N 139 -131.10 37.97 -9.73
N GLN N 140 -130.17 38.22 -8.81
CA GLN N 140 -130.21 39.46 -8.01
C GLN N 140 -130.35 40.77 -8.81
N PRO N 141 -129.67 41.00 -9.94
CA PRO N 141 -129.74 42.33 -10.57
C PRO N 141 -131.14 42.78 -10.98
N SER N 142 -132.06 41.86 -11.25
CA SER N 142 -133.42 42.27 -11.60
C SER N 142 -134.08 43.00 -10.44
N ARG N 143 -134.01 42.43 -9.23
CA ARG N 143 -134.54 43.11 -8.07
C ARG N 143 -133.78 44.39 -7.76
N ASP N 144 -132.46 44.41 -8.04
CA ASP N 144 -131.71 45.65 -7.87
C ASP N 144 -132.28 46.76 -8.76
N ARG N 145 -132.51 46.44 -10.04
CA ARG N 145 -133.04 47.44 -10.96
C ARG N 145 -134.45 47.89 -10.57
N LYS N 146 -135.28 46.95 -10.12
CA LYS N 146 -136.62 47.31 -9.67
C LYS N 146 -136.57 48.28 -8.50
N ASP N 147 -135.70 48.01 -7.53
CA ASP N 147 -135.56 48.92 -6.39
C ASP N 147 -135.07 50.29 -6.84
N LYS N 148 -134.12 50.33 -7.77
CA LYS N 148 -133.63 51.62 -8.27
C LYS N 148 -134.76 52.40 -8.95
N ILE N 149 -135.57 51.74 -9.76
CA ILE N 149 -136.67 52.43 -10.44
C ILE N 149 -137.68 52.95 -9.42
N THR N 150 -138.00 52.14 -8.40
CA THR N 150 -138.93 52.60 -7.39
C THR N 150 -138.41 53.83 -6.65
N ASP N 151 -137.11 53.82 -6.31
CA ASP N 151 -136.53 54.98 -5.63
C ASP N 151 -136.57 56.21 -6.52
N LYS N 152 -136.27 56.04 -7.81
CA LYS N 152 -136.32 57.18 -8.73
C LYS N 152 -137.72 57.76 -8.82
N ILE N 153 -138.73 56.89 -8.91
CA ILE N 153 -140.11 57.36 -8.96
C ILE N 153 -140.46 58.13 -7.69
N ALA N 154 -140.09 57.58 -6.54
CA ALA N 154 -140.40 58.22 -5.27
C ALA N 154 -139.74 59.59 -5.14
N TYR N 155 -138.50 59.72 -5.60
CA TYR N 155 -137.83 61.02 -5.52
C TYR N 155 -138.43 62.01 -6.49
N LEU N 156 -138.69 61.58 -7.74
CA LEU N 156 -139.19 62.51 -8.73
C LEU N 156 -140.61 62.97 -8.42
N LYS N 157 -141.41 62.13 -7.77
CA LYS N 157 -142.74 62.57 -7.34
C LYS N 157 -142.63 63.68 -6.31
N TYR N 158 -141.69 63.56 -5.37
CA TYR N 158 -141.50 64.60 -4.37
C TYR N 158 -140.97 65.89 -5.01
N LYS N 159 -140.03 65.78 -5.96
CA LYS N 159 -139.41 66.97 -6.51
C LYS N 159 -140.43 67.88 -7.17
N ASP N 160 -141.23 67.34 -8.08
CA ASP N 160 -142.32 68.10 -8.69
C ASP N 160 -143.34 67.14 -9.31
N PRO N 161 -144.62 67.27 -8.95
CA PRO N 161 -145.64 66.35 -9.50
C PRO N 161 -146.03 66.65 -10.93
N GLN N 162 -145.59 67.77 -11.50
CA GLN N 162 -146.00 68.17 -12.84
C GLN N 162 -145.07 67.66 -13.93
N SER N 163 -144.05 66.88 -13.58
CA SER N 163 -143.13 66.36 -14.59
C SER N 163 -143.86 65.34 -15.48
N PRO N 164 -143.54 65.34 -16.78
CA PRO N 164 -144.16 64.36 -17.68
C PRO N 164 -143.51 62.98 -17.65
N LYS N 165 -142.54 62.76 -16.79
CA LYS N 165 -141.84 61.48 -16.69
C LYS N 165 -142.51 60.51 -15.73
N ILE N 166 -143.62 60.89 -15.11
CA ILE N 166 -144.29 60.00 -14.17
C ILE N 166 -144.86 58.78 -14.88
N GLU N 167 -145.51 59.00 -16.03
CA GLU N 167 -146.20 57.90 -16.70
C GLU N 167 -145.21 56.86 -17.24
N VAL N 168 -144.15 57.31 -17.89
CA VAL N 168 -143.17 56.38 -18.45
C VAL N 168 -142.47 55.61 -17.34
N LEU N 169 -142.12 56.30 -16.25
CA LEU N 169 -141.47 55.63 -15.13
C LEU N 169 -142.41 54.61 -14.48
N GLU N 170 -143.70 54.95 -14.36
CA GLU N 170 -144.66 54.01 -13.80
C GLU N 170 -144.81 52.78 -14.69
N GLN N 171 -144.84 52.98 -16.01
CA GLN N 171 -144.91 51.84 -16.92
C GLN N 171 -143.66 50.97 -16.81
N GLU N 172 -142.49 51.59 -16.71
CA GLU N 172 -141.27 50.82 -16.51
C GLU N 172 -141.30 50.05 -15.20
N LEU N 173 -141.84 50.66 -14.16
CA LEU N 173 -141.94 50.00 -12.87
C LEU N 173 -142.86 48.78 -12.93
N VAL N 174 -144.01 48.93 -13.60
CA VAL N 174 -144.93 47.80 -13.70
C VAL N 174 -144.33 46.69 -14.55
N ARG N 175 -143.57 47.06 -15.59
CA ARG N 175 -142.88 46.06 -16.40
C ARG N 175 -141.85 45.30 -15.58
N ALA N 176 -141.06 46.03 -14.77
CA ALA N 176 -140.07 45.39 -13.93
C ALA N 176 -140.72 44.49 -12.88
N GLU N 177 -141.85 44.92 -12.33
CA GLU N 177 -142.57 44.09 -11.38
C GLU N 177 -143.07 42.81 -12.04
N ALA N 178 -143.60 42.91 -13.25
CA ALA N 178 -144.06 41.73 -13.97
C ALA N 178 -142.91 40.77 -14.25
N GLU N 179 -141.72 41.32 -14.56
CA GLU N 179 -140.56 40.47 -14.77
C GLU N 179 -140.12 39.79 -13.47
N SER N 180 -140.04 40.55 -12.37
CA SER N 180 -139.59 39.99 -11.11
C SER N 180 -140.56 38.95 -10.56
N LEU N 181 -141.85 39.06 -10.91
CA LEU N 181 -142.83 38.10 -10.43
C LEU N 181 -142.49 36.69 -10.90
N VAL N 182 -142.02 36.55 -12.14
CA VAL N 182 -141.58 35.25 -12.62
C VAL N 182 -140.13 34.96 -12.26
N ALA N 183 -139.31 36.01 -12.10
CA ALA N 183 -137.91 35.79 -11.71
C ALA N 183 -137.81 35.13 -10.34
N GLU N 184 -138.60 35.61 -9.37
CA GLU N 184 -138.56 35.03 -8.04
C GLU N 184 -139.01 33.57 -8.06
N ALA N 185 -140.07 33.27 -8.82
CA ALA N 185 -140.56 31.90 -8.89
C ALA N 185 -139.52 30.97 -9.51
N GLN N 186 -138.89 31.41 -10.61
CA GLN N 186 -137.88 30.57 -11.24
C GLN N 186 -136.61 30.45 -10.40
N LEU N 187 -136.35 31.43 -9.53
CA LEU N 187 -135.23 31.30 -8.60
C LEU N 187 -135.54 30.28 -7.51
N SER N 188 -136.75 30.35 -6.94
CA SER N 188 -137.10 29.48 -5.83
C SER N 188 -137.45 28.06 -6.27
N ASN N 189 -137.72 27.85 -7.56
CA ASN N 189 -138.13 26.51 -8.00
C ASN N 189 -137.00 25.50 -7.88
N ILE N 190 -135.78 25.88 -8.24
CA ILE N 190 -134.71 24.90 -8.42
C ILE N 190 -133.82 24.70 -7.19
N THR N 191 -133.86 25.62 -6.22
CA THR N 191 -132.97 25.51 -5.07
C THR N 191 -133.30 24.28 -4.24
N ARG N 192 -134.58 24.11 -3.90
CA ARG N 192 -134.97 22.99 -3.04
C ARG N 192 -134.78 21.65 -3.71
N SER N 193 -134.64 21.63 -5.04
CA SER N 193 -134.38 20.38 -5.75
C SER N 193 -132.89 20.09 -5.84
N LYS N 194 -132.10 21.08 -6.26
CA LYS N 194 -130.67 20.85 -6.41
C LYS N 194 -129.99 20.60 -5.07
N LEU N 195 -130.39 21.33 -4.02
CA LEU N 195 -129.82 21.09 -2.71
C LEU N 195 -130.12 19.68 -2.23
N ARG N 196 -131.37 19.23 -2.40
CA ARG N 196 -131.75 17.90 -1.97
C ARG N 196 -130.97 16.84 -2.74
N ALA N 197 -130.85 17.00 -4.06
CA ALA N 197 -130.12 16.02 -4.86
C ALA N 197 -128.65 15.95 -4.45
N ALA N 198 -128.01 17.11 -4.28
CA ALA N 198 -126.60 17.13 -3.90
C ALA N 198 -126.38 16.49 -2.55
N PHE N 199 -127.24 16.79 -1.57
CA PHE N 199 -127.05 16.23 -0.24
C PHE N 199 -127.34 14.74 -0.21
N ASN N 200 -128.32 14.27 -0.99
CA ASN N 200 -128.55 12.83 -1.09
C ASN N 200 -127.34 12.12 -1.69
N TYR N 201 -126.75 12.70 -2.75
CA TYR N 201 -125.56 12.11 -3.35
C TYR N 201 -124.41 12.06 -2.36
N GLN N 202 -124.20 13.15 -1.62
CA GLN N 202 -123.12 13.19 -0.64
C GLN N 202 -123.31 12.15 0.45
N PHE N 203 -124.54 12.01 0.96
CA PHE N 203 -124.79 11.04 2.01
C PHE N 203 -124.62 9.62 1.52
N ASP N 204 -125.07 9.33 0.29
CA ASP N 204 -124.85 8.00 -0.27
C ASP N 204 -123.36 7.69 -0.40
N SER N 205 -122.58 8.65 -0.88
CA SER N 205 -121.14 8.45 -1.00
C SER N 205 -120.51 8.19 0.37
N ILE N 206 -120.92 8.96 1.38
CA ILE N 206 -120.36 8.78 2.73
C ILE N 206 -120.69 7.39 3.24
N ILE N 207 -121.93 6.95 3.07
CA ILE N 207 -122.33 5.63 3.56
C ILE N 207 -121.51 4.53 2.88
N GLU N 208 -121.37 4.62 1.55
CA GLU N 208 -120.62 3.60 0.82
C GLU N 208 -119.18 3.55 1.27
N HIS N 209 -118.53 4.72 1.38
CA HIS N 209 -117.13 4.75 1.77
C HIS N 209 -116.94 4.21 3.19
N SER N 210 -117.81 4.60 4.12
CA SER N 210 -117.68 4.12 5.49
C SER N 210 -117.86 2.61 5.58
N GLU N 211 -118.86 2.06 4.86
CA GLU N 211 -119.08 0.63 4.92
C GLU N 211 -117.90 -0.14 4.32
N LYS N 212 -117.35 0.35 3.20
CA LYS N 212 -116.20 -0.31 2.61
C LYS N 212 -115.01 -0.29 3.56
N ILE N 213 -114.77 0.85 4.21
CA ILE N 213 -113.66 0.96 5.15
C ILE N 213 -113.85 -0.02 6.32
N ALA N 214 -115.07 -0.10 6.84
CA ALA N 214 -115.34 -1.00 7.95
C ALA N 214 -115.12 -2.46 7.55
N LEU N 215 -115.56 -2.84 6.36
CA LEU N 215 -115.34 -4.22 5.90
C LEU N 215 -113.86 -4.52 5.75
N ILE N 216 -113.10 -3.57 5.18
CA ILE N 216 -111.66 -3.78 5.02
C ILE N 216 -110.99 -3.94 6.38
N ALA N 217 -111.37 -3.11 7.36
CA ALA N 217 -110.76 -3.21 8.68
C ALA N 217 -111.12 -4.53 9.35
N GLY N 218 -112.36 -4.99 9.21
CA GLY N 218 -112.73 -6.27 9.78
C GLY N 218 -111.94 -7.42 9.20
N TYR N 219 -111.77 -7.43 7.87
CA TYR N 219 -110.98 -8.51 7.27
C TYR N 219 -109.51 -8.39 7.63
N GLY N 220 -109.01 -7.16 7.82
CA GLY N 220 -107.65 -7.01 8.29
C GLY N 220 -107.44 -7.58 9.69
N LYS N 221 -108.40 -7.35 10.58
CA LYS N 221 -108.34 -7.98 11.90
C LYS N 221 -108.39 -9.50 11.79
N ALA N 222 -109.25 -10.01 10.90
CA ALA N 222 -109.32 -11.45 10.72
C ALA N 222 -107.99 -12.02 10.26
N LEU N 223 -107.31 -11.32 9.34
CA LEU N 223 -106.00 -11.78 8.88
C LEU N 223 -104.97 -11.71 10.00
N LEU N 224 -104.97 -10.60 10.75
CA LEU N 224 -104.00 -10.43 11.83
C LEU N 224 -104.20 -11.44 12.95
N GLU N 225 -105.40 -12.00 13.10
CA GLU N 225 -105.65 -12.98 14.14
C GLU N 225 -104.78 -14.22 13.96
N LEU N 226 -104.26 -14.42 12.76
CA LEU N 226 -103.44 -15.59 12.44
C LEU N 226 -102.02 -15.47 12.98
N LEU N 227 -101.55 -14.26 13.28
CA LEU N 227 -100.18 -14.04 13.73
C LEU N 227 -100.06 -14.59 15.15
N ASP N 228 -99.43 -15.76 15.25
CA ASP N 228 -99.25 -16.41 16.55
C ASP N 228 -98.06 -15.81 17.28
N ASP N 229 -98.21 -15.62 18.59
CA ASP N 229 -97.15 -15.12 19.44
C ASP N 229 -97.06 -15.97 20.70
N SER N 230 -95.83 -16.23 21.14
CA SER N 230 -95.58 -16.94 22.39
C SER N 230 -94.19 -16.56 22.88
N PRO N 231 -94.00 -16.40 24.18
CA PRO N 231 -92.66 -16.06 24.70
C PRO N 231 -91.68 -17.18 24.42
N VAL N 232 -90.45 -16.80 24.10
CA VAL N 232 -89.39 -17.74 23.77
C VAL N 232 -88.25 -17.56 24.77
N THR N 233 -87.74 -18.67 25.29
CA THR N 233 -86.62 -18.63 26.20
C THR N 233 -85.30 -18.50 25.43
N PRO N 234 -84.27 -17.93 26.06
CA PRO N 234 -82.99 -17.80 25.38
C PRO N 234 -82.44 -19.15 24.94
N GLY N 235 -81.86 -19.18 23.74
CA GLY N 235 -81.31 -20.40 23.18
C GLY N 235 -82.29 -21.25 22.40
N GLU N 236 -83.59 -20.98 22.52
CA GLU N 236 -84.58 -21.78 21.82
C GLU N 236 -84.77 -21.27 20.39
N THR N 237 -85.28 -22.16 19.54
CA THR N 237 -85.57 -21.84 18.15
C THR N 237 -87.06 -21.99 17.91
N ARG N 238 -87.69 -20.96 17.37
CA ARG N 238 -89.12 -21.02 17.09
C ARG N 238 -89.39 -22.01 15.95
N PRO N 239 -90.51 -22.71 15.99
CA PRO N 239 -90.84 -23.63 14.89
C PRO N 239 -91.05 -22.87 13.59
N ALA N 240 -90.73 -23.55 12.48
CA ALA N 240 -90.88 -22.93 11.17
C ALA N 240 -92.35 -22.56 10.92
N TYR N 241 -92.56 -21.33 10.48
CA TYR N 241 -93.91 -20.83 10.26
C TYR N 241 -94.40 -21.25 8.88
N ASP N 242 -95.57 -21.89 8.83
CA ASP N 242 -96.20 -22.32 7.59
C ASP N 242 -97.66 -21.85 7.59
N GLY N 243 -97.87 -20.63 7.11
CA GLY N 243 -99.21 -20.07 7.01
C GLY N 243 -99.39 -19.25 5.76
N TYR N 244 -98.61 -19.55 4.72
CA TYR N 244 -98.65 -18.77 3.50
C TYR N 244 -99.99 -18.86 2.80
N GLU N 245 -100.60 -20.05 2.78
CA GLU N 245 -101.82 -20.29 2.02
C GLU N 245 -103.01 -19.55 2.62
N ALA N 246 -103.13 -19.55 3.95
CA ALA N 246 -104.28 -18.96 4.62
C ALA N 246 -104.39 -17.47 4.34
N SER N 247 -103.26 -16.76 4.36
CA SER N 247 -103.28 -15.32 4.10
C SER N 247 -103.75 -15.02 2.68
N LYS N 248 -103.32 -15.84 1.71
CA LYS N 248 -103.75 -15.66 0.33
C LYS N 248 -105.26 -15.82 0.22
N GLN N 249 -105.82 -16.84 0.87
CA GLN N 249 -107.26 -17.03 0.87
C GLN N 249 -107.97 -15.86 1.53
N ILE N 250 -107.39 -15.33 2.61
CA ILE N 250 -108.02 -14.21 3.32
C ILE N 250 -108.07 -12.99 2.43
N ILE N 251 -106.97 -12.67 1.75
CA ILE N 251 -106.98 -11.47 0.91
C ILE N 251 -107.83 -11.68 -0.33
N ILE N 252 -107.90 -12.91 -0.85
CA ILE N 252 -108.80 -13.20 -1.96
C ILE N 252 -110.25 -12.99 -1.55
N ASP N 253 -110.60 -13.45 -0.34
CA ASP N 253 -111.95 -13.23 0.17
C ASP N 253 -112.23 -11.75 0.36
N ALA N 254 -111.22 -10.99 0.80
CA ALA N 254 -111.39 -9.55 0.94
C ALA N 254 -111.68 -8.90 -0.39
N GLU N 255 -110.93 -9.28 -1.43
CA GLU N 255 -111.18 -8.75 -2.76
C GLU N 255 -112.57 -9.11 -3.26
N SER N 256 -112.99 -10.36 -3.04
CA SER N 256 -114.32 -10.79 -3.49
C SER N 256 -115.41 -10.01 -2.77
N ALA N 257 -115.28 -9.83 -1.45
CA ALA N 257 -116.28 -9.09 -0.70
C ALA N 257 -116.32 -7.63 -1.12
N LEU N 258 -115.16 -7.02 -1.35
CA LEU N 258 -115.14 -5.62 -1.78
C LEU N 258 -115.77 -5.45 -3.15
N ASN N 259 -115.50 -6.38 -4.07
CA ASN N 259 -116.06 -6.26 -5.42
C ASN N 259 -117.56 -6.53 -5.42
N GLU N 260 -118.01 -7.51 -4.63
CA GLU N 260 -119.41 -7.92 -4.66
C GLU N 260 -120.33 -6.90 -4.01
N TRP N 261 -119.84 -6.11 -3.07
CA TRP N 261 -120.70 -5.21 -2.31
C TRP N 261 -121.40 -4.20 -3.22
N THR N 262 -122.69 -4.00 -2.99
CA THR N 262 -123.49 -3.02 -3.70
C THR N 262 -124.18 -2.11 -2.69
N LEU N 263 -124.67 -0.97 -3.19
CA LEU N 263 -125.37 -0.03 -2.31
C LEU N 263 -126.64 -0.64 -1.74
N ASP N 264 -127.38 -1.38 -2.57
CA ASP N 264 -128.62 -2.01 -2.11
C ASP N 264 -128.36 -3.10 -1.08
N SER N 265 -127.15 -3.64 -1.02
CA SER N 265 -126.79 -4.69 -0.07
C SER N 265 -126.05 -4.12 1.13
N ALA N 266 -126.42 -2.92 1.57
CA ALA N 266 -125.75 -2.29 2.71
C ALA N 266 -125.99 -3.09 3.98
N GLN N 267 -124.91 -3.35 4.72
CA GLN N 267 -125.02 -4.13 5.95
C GLN N 267 -125.63 -3.31 7.08
N VAL N 268 -125.30 -2.03 7.15
CA VAL N 268 -125.81 -1.17 8.23
C VAL N 268 -127.25 -0.80 7.92
N LYS N 269 -128.13 -1.04 8.88
CA LYS N 269 -129.55 -0.70 8.76
C LYS N 269 -129.93 0.27 9.85
N PRO N 270 -129.95 1.58 9.57
CA PRO N 270 -130.33 2.56 10.60
C PRO N 270 -131.75 2.33 11.09
N THR N 271 -131.95 2.56 12.39
CA THR N 271 -133.26 2.37 13.00
C THR N 271 -134.14 3.60 12.82
#